data_6NB7
#
_entry.id   6NB7
#
loop_
_entity.id
_entity.type
_entity.pdbx_description
1 polymer 'Spike glycoprotein'
2 polymer 'S230 heavy chain'
3 polymer 'S230 light chain'
4 branched beta-D-mannopyranose-(1-4)-2-acetamido-2-deoxy-beta-D-glucopyranose-(1-4)-2-acetamido-2-deoxy-beta-D-glucopyranose
5 branched alpha-D-mannopyranose-(1-3)-[alpha-D-mannopyranose-(1-6)]beta-D-mannopyranose-(1-4)-2-acetamido-2-deoxy-beta-D-glucopyranose-(1-4)-2-acetamido-2-deoxy-beta-D-glucopyranose
6 branched alpha-D-mannopyranose-(1-3)-beta-D-mannopyranose-(1-4)-2-acetamido-2-deoxy-beta-D-glucopyranose-(1-4)-2-acetamido-2-deoxy-beta-D-glucopyranose
7 branched 2-acetamido-2-deoxy-beta-D-glucopyranose-(1-4)-2-acetamido-2-deoxy-beta-D-glucopyranose
8 branched alpha-D-mannopyranose-(1-6)-beta-D-mannopyranose-(1-4)-2-acetamido-2-deoxy-beta-D-glucopyranose-(1-4)-2-acetamido-2-deoxy-beta-D-glucopyranose
9 non-polymer 2-acetamido-2-deoxy-beta-D-glucopyranose
#
loop_
_entity_poly.entity_id
_entity_poly.type
_entity_poly.pdbx_seq_one_letter_code
_entity_poly.pdbx_strand_id
1 'polypeptide(L)'
;MGILPSPGMPALLSLVSLLSVLLMGCVAETGTSDLDRCTTFDDVQAPNYTQHTSSMRGVYYPDEIFRSDTLYLTQDLFLP
FYSNVTGFHTINHTFDNPVIPFKDGIYFAATEKSNVVRGWVFGSTMNNKSQSVIIINNSTNVVIRACNFELCDNPFFAVS
KPMGTQTHTMIFDNAFNCTFEYISDAFSLDVSEKSGNFKHLREFVFKNKDGFLYVYKGYQPIDVVRDLPSGFNTLKPIFK
LPLGINITNFRAILTAFSPAQDTWGTSAAAYFVGYLKPTTFMLKYDENGTITDAVDCSQNPLAELKCSVKSFEIDKGIYQ
TSNFRVVPSGDVVRFPNITNLCPFGEVFNATKFPSVYAWERKKISNCVADYSVLYNSTFFSTFKCYGVSATKLNDLCFSN
VYADSFVVKGDDVRQIAPGQTGVIADYNYKLPDDFMGCVLAWNTRNIDATSTGNYNYKYRYLRHGKLRPFERDISNVPFS
PDGKPCTPPALNCYWPLNDYGFYTTTGIGYQPYRVVVLSFELLNAPATVCGPKLSTDLIKNQCVNFNFNGLTGTGVLTPS
SKRFQPFQQFGRDVSDFTDSVRDPKTSEILDISPCSFGGVSVITPGTNASSEVAVLYQDVNCTDVSTAIHADQLTPAWRI
YSTGNNVFQTQAGCLIGAEHVDTSYECDIPIGAGICASYHTVSLLRSTSQKSIVAYTMSLGADSSIAYSNNTIAIPTNFS
ISITTEVMPVSMAKTSVDCNMYICGDSTECANLLLQYGSFCTQLNRALSGIAAEQDRNTREVFAQVKQMYKTPTLKYFGG
FNFSQILPDPLKPTKRSFIEDLLFNKVTLADAGFMKQYGECLGDINARDLICAQKFNGLTVLPPLLTDDMIAAYTAALVS
GTATAGWTFGAGAALQIPFAMQMAYRFNGIGVTQNVLYENQKQIANQFNKAISQIQESLTTTSTALGKLQDVVNQNAQAL
NTLVKQLSSNFGAISSVLNDILSRLDPPEAEVQIDRLITGRLQSLQTYVTQQLIRAAEIRASANLAATKMSECVLGQSKR
VDFCGKGYHLMSFPQAAPHGVVFLHVTYVPSQERNFTTAPAICHEGKAYFPREGVFVFNGTSWFITQRNFFSPQIITTDN
TFVSGNCDVVIGIINNTVYDPLQPELDSFKEELDKYFKNHTSPDVDLGDISGINASVVNIQKEIDRLNEVAKNLNESLID
LQELGKYEQYIKGSGRENLYFQGGGGSGYIPEAPRDGQAYVRKDGEWVLLSTFLGHHHHHHHH
;
A,B,C
2 'polypeptide(L)'
;QAQLVESGGALVQPGRSLRLSCAASGFTFRNYAMHWVRQAPATGLQWLAVITSDGRNKFYADSVKGRFTISREDSKNTLY
LQMDSLRGEDTAVYYCVTQRDNSRDYFPHYFHDMDVWGQGTTVAVSS
;
D,G,H
3 'polypeptide(L)'
;DVVLTQSPLSLPVTLGQPASISCRSSQSLVYSDGDTYLNWFQQRPGQSPRRLIYQVSNRDSGVPDRFSGSGSGTDFTLKI
SRVEAEDVGVYYCMQGSHWPPTFGQGTKVEIK
;
E,I,L
#
loop_
_chem_comp.id
_chem_comp.type
_chem_comp.name
_chem_comp.formula
BMA D-saccharide, beta linking beta-D-mannopyranose 'C6 H12 O6'
MAN D-saccharide, alpha linking alpha-D-mannopyranose 'C6 H12 O6'
NAG D-saccharide, beta linking 2-acetamido-2-deoxy-beta-D-glucopyranose 'C8 H15 N O6'
#
# COMPACT_ATOMS: atom_id res chain seq x y z
N ARG A 37 5.07 65.99 -10.84
CA ARG A 37 5.07 65.92 -12.29
C ARG A 37 6.17 64.99 -12.79
N CYS A 38 6.11 64.62 -14.06
CA CYS A 38 7.13 63.76 -14.65
C CYS A 38 7.77 64.42 -15.86
N THR A 39 9.07 64.23 -16.01
CA THR A 39 9.80 64.78 -17.16
C THR A 39 10.34 63.68 -18.05
N THR A 40 9.92 63.68 -19.30
CA THR A 40 10.32 62.66 -20.26
C THR A 40 11.07 63.26 -21.42
N THR A 50 26.69 45.95 -25.21
CA THR A 50 27.98 45.47 -24.74
C THR A 50 27.81 44.43 -23.65
N GLN A 51 28.33 43.24 -23.87
CA GLN A 51 28.27 42.17 -22.89
C GLN A 51 29.54 42.09 -22.06
N HIS A 52 29.40 41.63 -20.84
CA HIS A 52 30.51 41.48 -19.93
C HIS A 52 30.48 40.11 -19.28
N THR A 53 31.63 39.61 -18.84
CA THR A 53 31.68 38.29 -18.22
C THR A 53 31.49 38.37 -16.70
N SER A 54 30.50 37.62 -16.21
CA SER A 54 30.12 37.61 -14.79
C SER A 54 31.14 36.99 -13.86
N SER A 55 32.10 36.28 -14.42
CA SER A 55 33.11 35.59 -13.61
C SER A 55 32.48 34.70 -12.56
N MET A 56 32.96 34.80 -11.33
CA MET A 56 32.46 33.98 -10.23
C MET A 56 31.59 34.75 -9.26
N ARG A 57 30.96 35.83 -9.73
CA ARG A 57 30.10 36.64 -8.88
C ARG A 57 28.65 36.14 -8.88
N GLY A 58 27.86 36.64 -7.93
CA GLY A 58 26.43 36.31 -7.86
C GLY A 58 26.10 35.22 -6.83
N VAL A 59 27.08 34.89 -5.99
CA VAL A 59 26.90 33.90 -4.94
C VAL A 59 26.39 34.55 -3.66
N TYR A 60 25.50 33.86 -2.96
CA TYR A 60 24.92 34.38 -1.73
C TYR A 60 24.58 33.26 -0.76
N TYR A 61 24.30 33.62 0.50
CA TYR A 61 23.92 32.64 1.51
C TYR A 61 22.47 32.17 1.30
N PRO A 62 22.26 30.88 0.97
CA PRO A 62 20.97 30.30 0.62
C PRO A 62 20.00 30.23 1.79
N ASP A 63 20.51 30.19 3.02
CA ASP A 63 19.65 30.10 4.18
C ASP A 63 20.31 30.65 5.45
N GLU A 64 19.48 30.83 6.48
CA GLU A 64 19.88 31.34 7.79
C GLU A 64 20.49 30.26 8.69
N ILE A 65 21.03 29.20 8.09
CA ILE A 65 21.57 28.11 8.88
C ILE A 65 23.08 28.18 8.99
N PHE A 66 23.58 28.07 10.21
CA PHE A 66 25.01 28.07 10.43
C PHE A 66 25.63 26.72 10.12
N ARG A 67 26.68 26.75 9.33
CA ARG A 67 27.46 25.58 8.97
C ARG A 67 28.92 25.95 9.06
N SER A 68 29.79 24.99 9.29
CA SER A 68 31.22 25.30 9.31
C SER A 68 32.06 24.09 8.99
N ASP A 69 33.27 24.35 8.47
CA ASP A 69 34.23 23.30 8.15
C ASP A 69 33.56 22.18 7.37
N THR A 70 32.91 22.53 6.26
CA THR A 70 32.15 21.56 5.51
C THR A 70 31.86 22.00 4.09
N LEU A 71 31.62 21.03 3.22
CA LEU A 71 31.18 21.31 1.88
C LEU A 71 29.71 20.99 1.73
N TYR A 72 28.93 21.99 1.34
CA TYR A 72 27.50 21.82 1.23
C TYR A 72 27.03 21.96 -0.20
N LEU A 73 26.35 20.94 -0.69
CA LEU A 73 25.87 20.92 -2.06
C LEU A 73 24.39 21.26 -2.09
N THR A 74 24.00 22.18 -2.97
CA THR A 74 22.59 22.55 -3.04
C THR A 74 22.18 23.17 -4.37
N GLN A 75 20.89 23.03 -4.70
CA GLN A 75 20.32 23.62 -5.92
C GLN A 75 19.42 24.80 -5.59
N ASP A 76 19.66 25.92 -6.27
CA ASP A 76 18.88 27.14 -6.08
C ASP A 76 19.16 28.11 -7.22
N LEU A 77 18.51 29.27 -7.19
CA LEU A 77 18.77 30.27 -8.20
C LEU A 77 20.08 30.99 -7.96
N PHE A 78 20.97 30.90 -8.94
CA PHE A 78 22.26 31.58 -8.86
C PHE A 78 22.64 32.12 -10.22
N LEU A 79 23.74 32.86 -10.27
CA LEU A 79 24.25 33.35 -11.54
C LEU A 79 25.36 32.38 -12.01
N PRO A 80 25.16 31.66 -13.14
CA PRO A 80 26.08 30.68 -13.67
C PRO A 80 27.46 31.31 -13.87
N PHE A 81 28.50 30.57 -13.50
CA PHE A 81 29.84 31.14 -13.57
C PHE A 81 30.26 31.40 -15.00
N TYR A 82 30.86 32.57 -15.20
CA TYR A 82 31.38 33.02 -16.48
C TYR A 82 30.30 33.21 -17.54
N SER A 83 29.05 33.31 -17.10
CA SER A 83 27.98 33.69 -18.00
C SER A 83 28.11 35.16 -18.34
N ASN A 84 27.48 35.61 -19.41
CA ASN A 84 27.53 37.02 -19.74
C ASN A 84 26.44 37.82 -19.04
N VAL A 85 26.70 39.10 -18.86
CA VAL A 85 25.72 40.06 -18.39
C VAL A 85 25.70 41.26 -19.31
N THR A 86 24.64 42.04 -19.25
CA THR A 86 24.53 43.21 -20.09
C THR A 86 24.97 44.46 -19.35
N GLY A 87 25.83 45.26 -19.98
CA GLY A 87 26.30 46.50 -19.38
C GLY A 87 25.38 47.66 -19.74
N PHE A 88 25.19 48.56 -18.77
CA PHE A 88 24.36 49.74 -18.93
C PHE A 88 25.12 50.97 -18.45
N HIS A 89 24.79 52.14 -18.98
CA HIS A 89 25.57 53.33 -18.64
C HIS A 89 24.73 54.56 -18.29
N THR A 90 25.36 55.50 -17.57
CA THR A 90 24.79 56.81 -17.28
C THR A 90 25.77 57.89 -17.73
N ILE A 91 26.06 57.93 -19.03
CA ILE A 91 27.14 58.75 -19.56
C ILE A 91 26.67 59.73 -20.62
N ASN A 92 27.01 61.00 -20.44
CA ASN A 92 26.69 62.02 -21.43
C ASN A 92 25.20 62.07 -21.72
N HIS A 93 24.80 61.51 -22.86
CA HIS A 93 23.40 61.54 -23.27
C HIS A 93 22.74 60.16 -23.16
N THR A 94 23.49 59.19 -22.64
CA THR A 94 22.98 57.83 -22.52
C THR A 94 22.63 57.50 -21.07
N PHE A 95 21.35 57.27 -20.83
CA PHE A 95 20.88 56.91 -19.51
C PHE A 95 19.93 55.73 -19.58
N ASP A 96 20.45 54.58 -19.24
CA ASP A 96 19.73 53.34 -19.42
C ASP A 96 18.75 53.05 -18.29
N ASN A 97 17.50 53.48 -18.45
CA ASN A 97 16.45 53.18 -17.48
C ASN A 97 15.19 52.50 -18.07
N PRO A 98 15.31 51.54 -19.01
CA PRO A 98 14.23 50.83 -19.67
C PRO A 98 13.61 49.81 -18.74
N VAL A 99 12.47 49.27 -19.14
CA VAL A 99 11.86 48.17 -18.39
C VAL A 99 12.58 46.88 -18.72
N ILE A 100 13.15 46.26 -17.69
CA ILE A 100 13.94 45.05 -17.85
C ILE A 100 13.23 43.85 -17.19
N PRO A 101 13.05 42.74 -17.92
CA PRO A 101 12.47 41.49 -17.45
C PRO A 101 13.18 41.00 -16.19
N PHE A 102 12.39 40.48 -15.26
CA PHE A 102 12.90 39.98 -13.99
C PHE A 102 13.14 38.47 -14.09
N LYS A 103 12.20 37.77 -14.70
CA LYS A 103 12.29 36.32 -14.88
C LYS A 103 12.52 35.58 -13.57
N ASP A 104 11.74 35.94 -12.56
CA ASP A 104 11.75 35.30 -11.24
C ASP A 104 13.03 35.53 -10.42
N GLY A 105 13.96 36.32 -10.93
CA GLY A 105 15.15 36.63 -10.16
C GLY A 105 16.32 37.06 -11.03
N ILE A 106 17.00 38.13 -10.59
CA ILE A 106 18.10 38.70 -11.34
C ILE A 106 19.31 39.00 -10.48
N TYR A 107 20.43 39.23 -11.15
CA TYR A 107 21.62 39.73 -10.51
C TYR A 107 21.91 41.14 -10.96
N PHE A 108 22.14 42.01 -10.00
CA PHE A 108 22.44 43.40 -10.30
C PHE A 108 23.75 43.83 -9.69
N ALA A 109 24.52 44.59 -10.44
CA ALA A 109 25.74 45.17 -9.88
C ALA A 109 25.97 46.54 -10.46
N ALA A 110 26.54 47.44 -9.67
CA ALA A 110 26.84 48.76 -10.17
C ALA A 110 28.14 49.30 -9.63
N THR A 111 28.84 50.03 -10.49
CA THR A 111 30.08 50.67 -10.15
C THR A 111 29.83 52.15 -9.93
N GLU A 112 30.22 52.64 -8.76
CA GLU A 112 29.90 53.99 -8.35
C GLU A 112 31.09 54.80 -7.87
N LYS A 113 30.93 56.11 -7.94
CA LYS A 113 31.87 57.04 -7.36
C LYS A 113 31.08 58.22 -6.79
N SER A 114 29.81 58.30 -7.16
CA SER A 114 28.95 59.42 -6.75
C SER A 114 27.51 58.98 -6.43
N ASN A 115 27.31 57.67 -6.24
CA ASN A 115 26.00 57.12 -5.90
C ASN A 115 24.92 57.53 -6.89
N VAL A 116 25.20 57.41 -8.18
CA VAL A 116 24.24 57.76 -9.22
C VAL A 116 23.00 56.89 -9.16
N VAL A 117 23.19 55.59 -9.00
CA VAL A 117 22.05 54.70 -8.89
C VAL A 117 21.49 54.82 -7.49
N ARG A 118 20.21 55.17 -7.40
CA ARG A 118 19.59 55.42 -6.11
C ARG A 118 18.70 54.25 -5.69
N GLY A 119 18.12 53.57 -6.65
CA GLY A 119 17.21 52.50 -6.31
C GLY A 119 16.62 51.78 -7.52
N TRP A 120 15.53 51.06 -7.27
CA TRP A 120 14.86 50.27 -8.29
C TRP A 120 13.36 50.33 -8.15
N VAL A 121 12.67 50.07 -9.25
CA VAL A 121 11.24 49.87 -9.22
C VAL A 121 10.93 48.47 -9.73
N PHE A 122 10.23 47.69 -8.93
CA PHE A 122 9.89 46.33 -9.34
C PHE A 122 8.39 46.18 -9.49
N GLY A 123 7.96 45.46 -10.52
CA GLY A 123 6.53 45.26 -10.73
C GLY A 123 6.22 44.65 -12.09
N SER A 124 4.98 44.83 -12.54
CA SER A 124 4.52 44.24 -13.79
C SER A 124 4.33 45.28 -14.88
N THR A 125 3.14 45.91 -14.87
CA THR A 125 2.72 46.85 -15.91
C THR A 125 3.35 48.24 -15.73
N MET A 126 4.07 48.42 -14.63
CA MET A 126 4.76 49.67 -14.36
C MET A 126 3.84 50.89 -14.42
N ASN A 127 2.69 50.78 -13.78
CA ASN A 127 1.74 51.89 -13.73
C ASN A 127 0.79 51.76 -12.55
N ASN A 128 -0.20 52.62 -12.49
CA ASN A 128 -1.12 52.69 -11.35
C ASN A 128 -2.26 51.68 -11.48
N LYS A 129 -2.14 50.76 -12.44
CA LYS A 129 -3.16 49.74 -12.61
C LYS A 129 -2.88 48.52 -11.75
N SER A 130 -1.70 48.47 -11.16
CA SER A 130 -1.33 47.34 -10.32
C SER A 130 -0.32 47.72 -9.25
N GLN A 131 -0.24 46.91 -8.21
CA GLN A 131 0.71 47.14 -7.12
C GLN A 131 2.13 46.97 -7.60
N SER A 132 2.99 47.90 -7.23
CA SER A 132 4.42 47.81 -7.56
C SER A 132 5.22 48.40 -6.42
N VAL A 133 6.51 48.05 -6.35
CA VAL A 133 7.31 48.51 -5.24
C VAL A 133 8.44 49.42 -5.66
N ILE A 134 8.57 50.51 -4.92
CA ILE A 134 9.68 51.42 -5.12
C ILE A 134 10.62 51.32 -3.96
N ILE A 135 11.86 51.00 -4.24
CA ILE A 135 12.89 50.94 -3.23
C ILE A 135 14.00 51.91 -3.57
N ILE A 136 14.19 52.91 -2.72
CA ILE A 136 15.13 53.96 -3.05
C ILE A 136 15.88 54.52 -1.86
N ASN A 137 17.18 54.75 -2.08
CA ASN A 137 18.00 55.50 -1.15
C ASN A 137 17.86 56.97 -1.50
N ASN A 138 17.14 57.70 -0.68
CA ASN A 138 16.78 59.08 -1.01
C ASN A 138 17.75 60.07 -0.40
N SER A 139 18.92 59.56 0.03
CA SER A 139 20.04 60.32 0.58
C SER A 139 20.02 60.51 2.09
N THR A 140 18.86 60.34 2.73
CA THR A 140 18.83 60.42 4.20
C THR A 140 18.23 59.15 4.78
N ASN A 141 17.38 58.50 4.00
CA ASN A 141 16.71 57.29 4.42
C ASN A 141 16.50 56.38 3.24
N VAL A 142 16.40 55.08 3.48
CA VAL A 142 15.98 54.18 2.44
C VAL A 142 14.52 53.85 2.64
N VAL A 143 13.73 54.10 1.63
CA VAL A 143 12.30 53.87 1.74
C VAL A 143 11.81 52.85 0.74
N ILE A 144 11.00 51.93 1.24
CA ILE A 144 10.39 50.90 0.42
C ILE A 144 8.87 51.01 0.53
N ARG A 145 8.21 51.19 -0.59
CA ARG A 145 6.75 51.26 -0.59
C ARG A 145 6.13 50.47 -1.71
N ALA A 146 5.05 49.76 -1.39
CA ALA A 146 4.29 49.04 -2.41
C ALA A 146 2.89 49.62 -2.53
N CYS A 147 2.62 50.23 -3.69
CA CYS A 147 1.36 50.93 -3.94
C CYS A 147 1.00 50.89 -5.43
N ASN A 148 -0.20 51.36 -5.76
CA ASN A 148 -0.58 51.51 -7.16
C ASN A 148 -0.02 52.84 -7.65
N PHE A 149 1.29 52.91 -7.76
CA PHE A 149 1.98 54.14 -8.03
C PHE A 149 1.70 54.71 -9.40
N GLU A 150 1.47 56.00 -9.44
CA GLU A 150 1.35 56.70 -10.70
C GLU A 150 2.75 57.05 -11.14
N LEU A 151 3.42 56.04 -11.71
CA LEU A 151 4.84 56.12 -12.03
C LEU A 151 5.09 57.01 -13.22
N CYS A 152 6.28 57.60 -13.24
CA CYS A 152 6.72 58.38 -14.38
C CYS A 152 7.21 57.46 -15.48
N ASP A 153 6.98 57.86 -16.74
CA ASP A 153 7.49 57.14 -17.89
C ASP A 153 9.02 57.17 -17.94
N ASN A 154 9.58 58.19 -17.30
CA ASN A 154 11.02 58.41 -17.28
C ASN A 154 11.46 58.89 -15.89
N PRO A 155 11.47 58.00 -14.90
CA PRO A 155 11.75 58.29 -13.51
C PRO A 155 13.23 58.59 -13.31
N PHE A 156 13.52 59.47 -12.36
CA PHE A 156 14.90 59.74 -11.95
C PHE A 156 14.97 60.56 -10.67
N PHE A 157 16.14 60.58 -10.08
CA PHE A 157 16.43 61.45 -8.96
C PHE A 157 17.19 62.68 -9.45
N ALA A 158 16.81 63.85 -8.98
CA ALA A 158 17.48 65.07 -9.36
C ALA A 158 18.36 65.56 -8.23
N THR A 167 17.71 67.24 -4.80
CA THR A 167 16.77 68.34 -5.02
C THR A 167 15.34 67.82 -5.16
N HIS A 168 15.13 66.88 -6.07
CA HIS A 168 13.81 66.28 -6.29
C HIS A 168 13.86 64.78 -6.46
N THR A 169 12.80 64.11 -6.06
CA THR A 169 12.64 62.69 -6.30
C THR A 169 11.48 62.44 -7.24
N MET A 170 11.78 62.32 -8.53
CA MET A 170 10.77 62.24 -9.58
C MET A 170 10.56 60.82 -10.05
N ILE A 171 9.93 60.00 -9.22
CA ILE A 171 9.72 58.60 -9.54
C ILE A 171 8.27 58.36 -9.93
N PHE A 172 7.39 59.03 -9.21
CA PHE A 172 5.97 58.93 -9.41
C PHE A 172 5.33 60.27 -9.15
N ASP A 173 4.17 60.50 -9.72
CA ASP A 173 3.46 61.75 -9.49
C ASP A 173 2.53 61.59 -8.30
N ASN A 174 2.01 60.38 -8.12
CA ASN A 174 1.09 60.12 -7.01
C ASN A 174 1.12 58.64 -6.60
N ALA A 175 0.33 58.29 -5.58
CA ALA A 175 0.26 56.92 -5.09
C ALA A 175 -1.04 56.67 -4.34
N PHE A 176 -1.53 55.45 -4.40
CA PHE A 176 -2.72 55.06 -3.66
C PHE A 176 -2.76 53.56 -3.40
N ASN A 177 -3.62 53.15 -2.47
CA ASN A 177 -3.80 51.73 -2.17
C ASN A 177 -2.49 51.08 -1.76
N CYS A 178 -1.73 51.75 -0.91
CA CYS A 178 -0.48 51.20 -0.43
C CYS A 178 -0.72 49.99 0.47
N THR A 179 0.09 48.95 0.28
CA THR A 179 -0.06 47.72 1.04
C THR A 179 1.17 47.44 1.91
N PHE A 180 2.29 48.08 1.59
CA PHE A 180 3.52 47.89 2.35
C PHE A 180 4.35 49.15 2.41
N GLU A 181 4.93 49.43 3.58
CA GLU A 181 5.84 50.54 3.72
C GLU A 181 6.90 50.30 4.79
N TYR A 182 8.14 50.61 4.46
CA TYR A 182 9.25 50.55 5.40
C TYR A 182 10.23 51.70 5.19
N ILE A 183 10.68 52.28 6.29
CA ILE A 183 11.70 53.33 6.22
C ILE A 183 12.87 52.99 7.14
N SER A 184 14.07 53.02 6.58
CA SER A 184 15.28 52.71 7.33
C SER A 184 15.69 53.86 8.23
N ASP A 185 16.62 53.57 9.14
CA ASP A 185 17.19 54.58 10.02
C ASP A 185 17.87 55.67 9.22
N ALA A 186 17.86 56.88 9.77
CA ALA A 186 18.47 58.04 9.13
C ALA A 186 19.98 57.88 9.00
N PHE A 187 20.53 58.44 7.93
CA PHE A 187 21.96 58.44 7.67
C PHE A 187 22.37 59.65 6.84
N SER A 188 23.67 59.81 6.63
CA SER A 188 24.18 60.90 5.82
C SER A 188 25.33 60.45 4.95
N PHE A 198 35.94 54.10 -11.00
CA PHE A 198 34.94 53.84 -9.98
C PHE A 198 35.60 53.24 -8.77
N LYS A 199 35.11 53.59 -7.59
CA LYS A 199 35.75 53.15 -6.35
C LYS A 199 34.87 52.22 -5.52
N HIS A 200 33.57 52.20 -5.79
CA HIS A 200 32.64 51.42 -4.98
C HIS A 200 31.84 50.43 -5.83
N LEU A 201 31.92 49.15 -5.50
CA LEU A 201 31.10 48.16 -6.20
C LEU A 201 30.01 47.65 -5.30
N ARG A 202 28.78 47.87 -5.73
CA ARG A 202 27.63 47.41 -4.96
C ARG A 202 26.94 46.29 -5.69
N GLU A 203 26.72 45.18 -4.99
CA GLU A 203 26.14 43.99 -5.59
C GLU A 203 24.82 43.63 -4.95
N PHE A 204 23.85 43.22 -5.76
CA PHE A 204 22.56 42.82 -5.24
C PHE A 204 21.96 41.61 -5.95
N VAL A 205 21.24 40.81 -5.19
CA VAL A 205 20.44 39.71 -5.75
C VAL A 205 19.00 39.85 -5.34
N PHE A 206 18.11 39.72 -6.32
CA PHE A 206 16.70 39.84 -6.09
C PHE A 206 15.96 38.58 -6.53
N LYS A 207 15.22 37.97 -5.61
CA LYS A 207 14.45 36.75 -5.93
C LYS A 207 12.99 36.85 -5.51
N ASN A 208 12.11 36.20 -6.27
CA ASN A 208 10.69 36.15 -5.90
C ASN A 208 10.25 34.78 -5.41
N LYS A 209 9.75 34.71 -4.17
CA LYS A 209 9.22 33.47 -3.64
C LYS A 209 8.08 33.72 -2.65
N ASP A 210 6.96 33.03 -2.86
CA ASP A 210 5.82 33.06 -1.94
C ASP A 210 5.35 34.47 -1.58
N GLY A 211 5.36 35.37 -2.54
CA GLY A 211 4.89 36.74 -2.30
C GLY A 211 5.97 37.64 -1.69
N PHE A 212 7.13 37.06 -1.40
CA PHE A 212 8.21 37.83 -0.81
C PHE A 212 9.29 38.19 -1.80
N LEU A 213 9.80 39.41 -1.67
CA LEU A 213 10.98 39.79 -2.41
C LEU A 213 12.20 39.67 -1.54
N TYR A 214 13.10 38.79 -1.93
CA TYR A 214 14.29 38.52 -1.15
C TYR A 214 15.43 39.32 -1.71
N VAL A 215 16.08 40.08 -0.84
CA VAL A 215 17.14 40.94 -1.29
C VAL A 215 18.44 40.67 -0.57
N TYR A 216 19.49 40.45 -1.34
CA TYR A 216 20.83 40.27 -0.82
C TYR A 216 21.71 41.43 -1.25
N LYS A 217 22.72 41.73 -0.45
CA LYS A 217 23.64 42.82 -0.74
C LYS A 217 25.10 42.42 -0.55
N GLY A 218 25.97 42.99 -1.37
CA GLY A 218 27.40 42.84 -1.22
C GLY A 218 28.11 44.14 -1.54
N TYR A 219 29.37 44.25 -1.11
CA TYR A 219 30.15 45.42 -1.41
C TYR A 219 31.64 45.17 -1.34
N GLN A 220 32.35 45.75 -2.29
CA GLN A 220 33.82 45.79 -2.22
C GLN A 220 34.32 47.09 -2.81
N PRO A 221 35.51 47.55 -2.38
CA PRO A 221 36.31 48.56 -3.03
C PRO A 221 36.73 48.10 -4.43
N ILE A 222 36.71 49.03 -5.36
CA ILE A 222 37.15 48.78 -6.74
C ILE A 222 38.02 49.90 -7.26
N ASP A 223 38.57 49.70 -8.46
CA ASP A 223 39.35 50.71 -9.15
C ASP A 223 39.30 50.43 -10.65
N VAL A 224 38.14 50.68 -11.25
CA VAL A 224 37.87 50.25 -12.64
C VAL A 224 37.20 51.34 -13.46
N VAL A 225 37.50 51.38 -14.76
CA VAL A 225 36.93 52.39 -15.64
C VAL A 225 35.57 52.01 -16.24
N ARG A 226 35.53 50.88 -16.95
CA ARG A 226 34.29 50.50 -17.65
C ARG A 226 33.83 49.08 -17.36
N ASP A 227 34.78 48.17 -17.20
CA ASP A 227 34.50 46.74 -17.13
C ASP A 227 33.97 46.35 -15.75
N LEU A 228 33.68 45.06 -15.60
CA LEU A 228 33.21 44.49 -14.34
C LEU A 228 34.32 43.62 -13.73
N PRO A 229 34.99 44.07 -12.66
CA PRO A 229 36.12 43.40 -12.04
C PRO A 229 35.80 41.96 -11.71
N SER A 230 36.73 41.07 -12.04
CA SER A 230 36.58 39.65 -11.75
C SER A 230 36.84 39.35 -10.28
N GLY A 231 36.13 38.37 -9.75
CA GLY A 231 36.34 37.97 -8.37
C GLY A 231 35.22 37.08 -7.87
N PHE A 232 35.31 36.70 -6.60
CA PHE A 232 34.32 35.86 -5.94
C PHE A 232 33.88 36.53 -4.65
N ASN A 233 32.58 36.65 -4.47
CA ASN A 233 32.05 37.30 -3.28
C ASN A 233 30.68 36.77 -2.92
N THR A 234 30.51 36.37 -1.67
CA THR A 234 29.23 35.91 -1.20
C THR A 234 28.43 37.08 -0.63
N LEU A 235 27.18 37.21 -1.07
CA LEU A 235 26.32 38.28 -0.61
C LEU A 235 25.51 37.85 0.60
N LYS A 236 25.17 38.82 1.44
CA LYS A 236 24.38 38.58 2.64
C LYS A 236 22.96 39.09 2.42
N PRO A 237 21.96 38.46 3.03
CA PRO A 237 20.58 38.86 2.99
C PRO A 237 20.39 40.16 3.74
N ILE A 238 19.49 41.00 3.25
CA ILE A 238 19.17 42.24 3.95
C ILE A 238 17.66 42.45 4.10
N PHE A 239 16.87 42.04 3.10
CA PHE A 239 15.42 42.20 3.21
C PHE A 239 14.66 40.94 2.86
N LYS A 240 13.52 40.78 3.54
CA LYS A 240 12.52 39.78 3.22
C LYS A 240 11.17 40.48 3.23
N LEU A 241 10.78 41.01 2.07
CA LEU A 241 9.66 41.93 2.01
C LEU A 241 8.36 41.25 1.62
N PRO A 242 7.32 41.27 2.48
CA PRO A 242 6.00 40.69 2.27
C PRO A 242 5.17 41.61 1.40
N LEU A 243 5.66 41.87 0.20
CA LEU A 243 5.05 42.82 -0.69
C LEU A 243 3.71 42.31 -1.21
N GLY A 244 3.66 41.02 -1.59
CA GLY A 244 2.44 40.45 -2.13
C GLY A 244 2.11 41.00 -3.51
N ILE A 245 3.14 41.30 -4.32
CA ILE A 245 2.93 41.86 -5.64
C ILE A 245 3.54 41.01 -6.74
N ASN A 246 3.14 41.28 -7.98
CA ASN A 246 3.65 40.56 -9.14
C ASN A 246 4.79 41.30 -9.81
N ILE A 247 6.00 40.80 -9.62
CA ILE A 247 7.17 41.40 -10.23
C ILE A 247 7.58 40.57 -11.44
N THR A 248 7.52 41.18 -12.61
CA THR A 248 7.84 40.47 -13.84
C THR A 248 8.93 41.22 -14.56
N ASN A 249 9.10 42.50 -14.20
CA ASN A 249 10.08 43.39 -14.79
C ASN A 249 10.58 44.35 -13.72
N PHE A 250 11.53 45.21 -14.09
CA PHE A 250 12.00 46.24 -13.18
C PHE A 250 12.62 47.41 -13.91
N ARG A 251 12.80 48.52 -13.20
CA ARG A 251 13.52 49.66 -13.74
C ARG A 251 14.54 50.17 -12.72
N ALA A 252 15.68 50.62 -13.21
CA ALA A 252 16.67 51.24 -12.33
C ALA A 252 16.31 52.70 -12.09
N ILE A 253 16.63 53.19 -10.92
CA ILE A 253 16.44 54.60 -10.63
C ILE A 253 17.78 55.31 -10.64
N LEU A 254 17.96 56.13 -11.65
CA LEU A 254 19.22 56.80 -11.91
C LEU A 254 19.15 58.24 -11.42
N THR A 255 20.30 58.91 -11.40
CA THR A 255 20.35 60.31 -11.03
C THR A 255 20.61 61.18 -12.25
N ALA A 256 19.81 62.22 -12.40
CA ALA A 256 19.96 63.18 -13.48
C ALA A 256 20.88 64.31 -13.05
N PHE A 257 21.72 64.75 -13.97
CA PHE A 257 22.64 65.86 -13.69
C PHE A 257 22.51 66.94 -14.74
N ALA A 269 28.58 56.73 -13.71
CA ALA A 269 28.31 55.40 -13.17
C ALA A 269 27.98 54.42 -14.28
N ALA A 270 27.89 53.16 -13.90
CA ALA A 270 27.52 52.10 -14.82
C ALA A 270 26.98 50.93 -14.04
N TYR A 271 26.24 50.05 -14.70
CA TYR A 271 25.72 48.88 -14.02
C TYR A 271 25.56 47.69 -14.95
N PHE A 272 25.31 46.53 -14.36
CA PHE A 272 25.20 45.31 -15.12
C PHE A 272 23.98 44.52 -14.68
N VAL A 273 23.36 43.81 -15.61
CA VAL A 273 22.24 42.94 -15.25
C VAL A 273 22.39 41.54 -15.82
N GLY A 274 22.27 40.55 -14.93
CA GLY A 274 22.29 39.15 -15.31
C GLY A 274 21.03 38.46 -14.82
N TYR A 275 20.89 37.19 -15.12
CA TYR A 275 19.72 36.42 -14.69
C TYR A 275 20.11 35.19 -13.92
N LEU A 276 19.22 34.73 -13.05
CA LEU A 276 19.52 33.58 -12.23
C LEU A 276 18.97 32.29 -12.84
N LYS A 277 19.66 31.19 -12.57
CA LYS A 277 19.24 29.88 -13.02
C LYS A 277 19.24 28.91 -11.85
N PRO A 278 18.29 27.96 -11.80
CA PRO A 278 18.13 26.97 -10.77
C PRO A 278 19.13 25.82 -10.89
N THR A 279 20.40 26.16 -10.76
CA THR A 279 21.46 25.16 -10.91
C THR A 279 22.06 24.77 -9.58
N THR A 280 23.06 23.90 -9.62
CA THR A 280 23.63 23.35 -8.40
C THR A 280 25.06 23.83 -8.17
N PHE A 281 25.31 24.25 -6.93
CA PHE A 281 26.62 24.65 -6.49
C PHE A 281 27.10 23.89 -5.28
N MET A 282 28.41 23.69 -5.21
CA MET A 282 29.04 23.16 -4.01
C MET A 282 29.72 24.30 -3.28
N LEU A 283 29.25 24.58 -2.07
CA LEU A 283 29.73 25.74 -1.31
C LEU A 283 30.69 25.32 -0.21
N LYS A 284 31.83 25.98 -0.14
CA LYS A 284 32.82 25.67 0.87
C LYS A 284 32.77 26.61 2.05
N TYR A 285 32.44 26.05 3.22
CA TYR A 285 32.35 26.79 4.48
C TYR A 285 33.61 26.57 5.29
N ASP A 286 34.27 27.65 5.69
CA ASP A 286 35.51 27.55 6.45
C ASP A 286 35.25 27.38 7.94
N GLU A 287 36.30 27.49 8.74
CA GLU A 287 36.21 27.30 10.18
C GLU A 287 35.30 28.31 10.88
N ASN A 288 35.07 29.46 10.25
CA ASN A 288 34.22 30.49 10.85
C ASN A 288 32.81 30.39 10.29
N GLY A 289 32.57 29.38 9.47
CA GLY A 289 31.28 29.21 8.82
C GLY A 289 31.09 30.19 7.68
N THR A 290 32.19 30.66 7.11
CA THR A 290 32.13 31.62 6.03
C THR A 290 32.29 30.92 4.70
N ILE A 291 31.48 31.29 3.72
CA ILE A 291 31.65 30.71 2.40
C ILE A 291 32.83 31.36 1.72
N THR A 292 33.85 30.56 1.45
CA THR A 292 35.08 31.09 0.89
C THR A 292 35.27 30.69 -0.56
N ASP A 293 34.58 29.64 -0.98
CA ASP A 293 34.70 29.19 -2.36
C ASP A 293 33.40 28.56 -2.85
N ALA A 294 33.38 28.16 -4.13
CA ALA A 294 32.21 27.50 -4.69
C ALA A 294 32.51 26.83 -6.04
N VAL A 295 31.82 25.72 -6.31
CA VAL A 295 31.94 25.07 -7.61
C VAL A 295 30.62 25.05 -8.36
N ASP A 296 30.67 25.54 -9.60
CA ASP A 296 29.51 25.49 -10.48
C ASP A 296 29.46 24.11 -11.13
N CYS A 297 28.52 23.30 -10.67
CA CYS A 297 28.53 21.88 -11.00
C CYS A 297 28.12 21.62 -12.44
N SER A 298 27.74 22.67 -13.17
CA SER A 298 27.34 22.52 -14.56
C SER A 298 28.22 23.31 -15.53
N GLN A 299 29.35 23.79 -15.04
CA GLN A 299 30.24 24.58 -15.89
C GLN A 299 30.98 23.73 -16.92
N ASN A 300 31.62 22.65 -16.47
CA ASN A 300 32.39 21.79 -17.35
C ASN A 300 32.53 20.39 -16.70
N PRO A 301 32.98 19.37 -17.45
CA PRO A 301 33.20 18.00 -16.98
C PRO A 301 34.07 17.89 -15.73
N LEU A 302 35.05 18.78 -15.58
CA LEU A 302 35.95 18.68 -14.44
C LEU A 302 35.23 19.13 -13.17
N ALA A 303 34.51 20.23 -13.29
CA ALA A 303 33.73 20.76 -12.18
C ALA A 303 32.69 19.74 -11.76
N GLU A 304 32.10 19.06 -12.74
CA GLU A 304 31.10 18.07 -12.44
C GLU A 304 31.67 17.00 -11.55
N LEU A 305 32.86 16.51 -11.89
CA LEU A 305 33.51 15.50 -11.08
C LEU A 305 33.77 16.02 -9.67
N LYS A 306 34.25 17.24 -9.55
CA LYS A 306 34.50 17.79 -8.22
C LYS A 306 33.23 17.74 -7.37
N CYS A 307 32.11 18.15 -7.96
CA CYS A 307 30.86 18.10 -7.24
C CYS A 307 30.46 16.65 -6.94
N SER A 308 30.68 15.77 -7.91
CA SER A 308 30.31 14.36 -7.79
C SER A 308 30.92 13.70 -6.58
N VAL A 309 32.18 14.01 -6.33
CA VAL A 309 32.89 13.37 -5.22
C VAL A 309 32.95 14.25 -3.98
N LYS A 310 32.19 15.35 -4.00
CA LYS A 310 32.14 16.27 -2.88
C LYS A 310 33.52 16.72 -2.42
N SER A 311 34.34 17.19 -3.35
CA SER A 311 35.66 17.66 -2.99
C SER A 311 36.21 18.66 -3.98
N PHE A 312 36.99 19.61 -3.49
CA PHE A 312 37.63 20.59 -4.35
C PHE A 312 38.96 20.07 -4.90
N GLU A 313 39.35 18.86 -4.49
CA GLU A 313 40.62 18.27 -4.93
C GLU A 313 40.41 16.87 -5.51
N ILE A 314 41.14 16.58 -6.57
CA ILE A 314 41.12 15.25 -7.19
C ILE A 314 42.53 14.72 -7.31
N ASP A 315 42.76 13.49 -6.86
CA ASP A 315 44.10 12.93 -6.88
C ASP A 315 44.52 12.44 -8.25
N LYS A 316 43.77 11.50 -8.82
CA LYS A 316 44.08 10.97 -10.17
C LYS A 316 43.11 9.90 -10.61
N GLY A 317 42.99 9.71 -11.93
CA GLY A 317 42.34 8.50 -12.44
C GLY A 317 41.08 8.78 -13.24
N ILE A 318 40.32 7.72 -13.47
CA ILE A 318 39.10 7.81 -14.27
C ILE A 318 37.88 7.62 -13.40
N TYR A 319 36.92 8.51 -13.54
CA TYR A 319 35.74 8.47 -12.69
C TYR A 319 34.45 8.61 -13.46
N GLN A 320 33.48 7.76 -13.12
CA GLN A 320 32.14 7.88 -13.65
C GLN A 320 31.36 8.87 -12.82
N THR A 321 30.74 9.83 -13.46
CA THR A 321 30.04 10.86 -12.71
C THR A 321 28.55 10.87 -12.99
N SER A 322 28.15 10.41 -14.15
CA SER A 322 26.75 10.44 -14.53
C SER A 322 26.52 9.58 -15.75
N ASN A 323 25.28 9.45 -16.15
CA ASN A 323 24.98 8.83 -17.42
C ASN A 323 24.63 9.90 -18.44
N PHE A 324 24.35 9.47 -19.66
CA PHE A 324 23.95 10.42 -20.68
C PHE A 324 23.02 9.77 -21.67
N ARG A 325 22.31 10.61 -22.41
CA ARG A 325 21.43 10.14 -23.44
C ARG A 325 21.19 11.17 -24.52
N VAL A 326 20.70 10.70 -25.66
CA VAL A 326 20.32 11.60 -26.73
C VAL A 326 18.84 12.00 -26.60
N VAL A 327 18.57 13.25 -26.89
CA VAL A 327 17.23 13.81 -26.83
C VAL A 327 16.54 13.65 -28.21
N PRO A 328 15.29 13.14 -28.24
CA PRO A 328 14.50 12.95 -29.44
C PRO A 328 14.13 14.28 -30.07
N SER A 329 13.93 14.26 -31.39
CA SER A 329 13.58 15.46 -32.14
C SER A 329 12.08 15.58 -32.41
N GLY A 330 11.68 15.25 -33.64
CA GLY A 330 10.30 15.47 -34.07
C GLY A 330 9.33 14.42 -33.59
N ASP A 331 8.07 14.56 -34.00
CA ASP A 331 6.96 13.71 -33.57
C ASP A 331 6.38 12.90 -34.73
N VAL A 332 6.48 11.59 -34.64
CA VAL A 332 5.95 10.70 -35.68
C VAL A 332 4.67 10.03 -35.18
N VAL A 333 3.55 10.52 -35.66
CA VAL A 333 2.26 10.02 -35.20
C VAL A 333 1.52 9.39 -36.34
N ARG A 334 1.10 8.15 -36.19
CA ARG A 334 0.48 7.45 -37.28
C ARG A 334 -0.89 6.93 -36.89
N PHE A 335 -1.82 7.04 -37.82
CA PHE A 335 -3.17 6.55 -37.62
C PHE A 335 -3.52 5.57 -38.76
N PRO A 336 -4.58 4.73 -38.56
CA PRO A 336 -5.08 3.77 -39.53
C PRO A 336 -5.45 4.40 -40.87
N ASN A 337 -5.60 3.58 -41.88
CA ASN A 337 -5.94 4.00 -43.26
C ASN A 337 -7.16 4.94 -43.25
N ILE A 338 -8.21 4.55 -42.52
CA ILE A 338 -9.50 5.27 -42.44
C ILE A 338 -10.24 5.29 -43.79
N THR A 339 -11.26 4.45 -43.88
CA THR A 339 -12.11 4.41 -45.07
C THR A 339 -13.58 4.71 -44.74
N ASN A 340 -13.96 4.41 -43.50
CA ASN A 340 -15.37 4.48 -43.08
C ASN A 340 -15.85 5.91 -42.83
N LEU A 341 -16.76 6.36 -43.69
CA LEU A 341 -17.29 7.73 -43.63
C LEU A 341 -18.81 7.73 -43.51
N CYS A 342 -19.38 8.81 -43.02
CA CYS A 342 -20.82 8.98 -42.89
C CYS A 342 -21.46 9.42 -44.20
N PRO A 343 -22.70 9.00 -44.47
CA PRO A 343 -23.48 9.26 -45.66
C PRO A 343 -24.01 10.70 -45.73
N PHE A 344 -23.09 11.65 -45.76
CA PHE A 344 -23.46 13.05 -45.89
C PHE A 344 -23.89 13.35 -47.33
N GLY A 345 -23.41 12.54 -48.28
CA GLY A 345 -23.81 12.69 -49.66
C GLY A 345 -25.33 12.57 -49.78
N GLU A 346 -25.93 11.76 -48.94
CA GLU A 346 -27.38 11.55 -48.95
C GLU A 346 -28.11 12.68 -48.23
N VAL A 347 -27.35 13.66 -47.77
CA VAL A 347 -27.90 14.83 -47.10
C VAL A 347 -27.82 16.06 -48.01
N PHE A 348 -26.65 16.25 -48.63
CA PHE A 348 -26.42 17.46 -49.43
C PHE A 348 -26.56 17.24 -50.93
N ASN A 349 -26.36 16.00 -51.40
CA ASN A 349 -26.53 15.69 -52.81
C ASN A 349 -27.86 15.00 -53.07
N ALA A 350 -28.70 14.99 -52.05
CA ALA A 350 -29.99 14.33 -52.12
C ALA A 350 -30.83 14.92 -53.25
N THR A 351 -31.51 14.04 -53.99
CA THR A 351 -32.34 14.44 -55.11
C THR A 351 -33.51 15.31 -54.67
N LYS A 352 -34.18 14.90 -53.58
CA LYS A 352 -35.37 15.60 -53.12
C LYS A 352 -35.28 16.02 -51.67
N PHE A 353 -35.83 17.21 -51.39
CA PHE A 353 -36.01 17.71 -50.05
C PHE A 353 -37.52 17.86 -49.76
N PRO A 354 -37.93 17.73 -48.50
CA PRO A 354 -39.28 17.92 -48.01
C PRO A 354 -39.65 19.38 -47.83
N SER A 355 -40.94 19.63 -47.67
CA SER A 355 -41.45 20.94 -47.29
C SER A 355 -41.00 21.31 -45.89
N VAL A 356 -40.91 22.60 -45.60
CA VAL A 356 -40.50 23.04 -44.28
C VAL A 356 -41.54 22.71 -43.22
N TYR A 357 -42.83 22.81 -43.55
CA TYR A 357 -43.86 22.48 -42.56
C TYR A 357 -43.73 21.02 -42.15
N ALA A 358 -43.16 20.23 -43.05
CA ALA A 358 -42.97 18.81 -42.84
C ALA A 358 -41.51 18.45 -42.97
N TRP A 359 -40.67 19.26 -42.33
CA TRP A 359 -39.24 19.00 -42.34
C TRP A 359 -38.97 17.60 -41.81
N GLU A 360 -37.90 16.98 -42.31
CA GLU A 360 -37.55 15.63 -41.92
C GLU A 360 -36.21 15.57 -41.21
N ARG A 361 -36.00 14.51 -40.43
CA ARG A 361 -34.73 14.31 -39.73
C ARG A 361 -34.17 12.91 -39.94
N LYS A 362 -32.85 12.83 -40.06
CA LYS A 362 -32.18 11.55 -40.10
C LYS A 362 -31.05 11.48 -39.08
N LYS A 363 -30.73 10.26 -38.64
CA LYS A 363 -29.63 10.05 -37.71
C LYS A 363 -28.37 9.58 -38.44
N ILE A 364 -27.27 10.25 -38.15
CA ILE A 364 -25.96 9.97 -38.71
C ILE A 364 -24.99 9.50 -37.62
N SER A 365 -24.33 8.37 -37.84
CA SER A 365 -23.45 7.81 -36.81
C SER A 365 -22.45 6.79 -37.35
N ASN A 366 -21.53 6.39 -36.46
CA ASN A 366 -20.57 5.30 -36.70
C ASN A 366 -19.67 5.51 -37.91
N CYS A 367 -18.80 6.52 -37.83
CA CYS A 367 -17.91 6.82 -38.94
C CYS A 367 -16.81 7.77 -38.57
N VAL A 368 -15.89 7.99 -39.51
CA VAL A 368 -14.95 9.08 -39.39
C VAL A 368 -15.41 10.20 -40.31
N ALA A 369 -15.71 11.34 -39.72
CA ALA A 369 -16.27 12.44 -40.49
C ALA A 369 -15.28 13.57 -40.66
N ASP A 370 -14.91 13.83 -41.91
CA ASP A 370 -14.03 14.95 -42.22
C ASP A 370 -14.89 16.17 -42.48
N TYR A 371 -14.96 17.03 -41.50
CA TYR A 371 -15.90 18.14 -41.54
C TYR A 371 -15.39 19.30 -42.37
N SER A 372 -14.18 19.17 -42.90
CA SER A 372 -13.62 20.24 -43.72
C SER A 372 -14.20 20.17 -45.12
N VAL A 373 -14.78 19.02 -45.49
CA VAL A 373 -15.25 18.80 -46.84
C VAL A 373 -16.29 19.83 -47.26
N LEU A 374 -17.19 20.13 -46.34
CA LEU A 374 -18.26 21.07 -46.60
C LEU A 374 -18.01 22.42 -45.94
N TYR A 375 -16.78 22.62 -45.47
CA TYR A 375 -16.42 23.83 -44.74
C TYR A 375 -15.30 24.63 -45.40
N ASN A 376 -14.22 23.98 -45.79
CA ASN A 376 -13.08 24.71 -46.35
C ASN A 376 -13.16 24.75 -47.86
N SER A 377 -14.31 24.34 -48.38
CA SER A 377 -14.64 24.41 -49.80
C SER A 377 -16.10 24.80 -49.94
N THR A 378 -16.35 26.02 -50.40
CA THR A 378 -17.70 26.56 -50.41
C THR A 378 -18.67 25.77 -51.28
N PHE A 379 -19.78 25.38 -50.66
CA PHE A 379 -20.88 24.70 -51.34
C PHE A 379 -22.19 25.32 -50.90
N PHE A 380 -22.10 26.44 -50.18
CA PHE A 380 -23.26 27.05 -49.57
C PHE A 380 -23.30 28.54 -49.75
N SER A 381 -24.51 29.09 -49.71
CA SER A 381 -24.68 30.53 -49.65
C SER A 381 -24.70 30.97 -48.20
N THR A 382 -25.16 30.06 -47.34
CA THR A 382 -25.20 30.28 -45.90
C THR A 382 -24.43 29.19 -45.18
N PHE A 383 -23.51 29.60 -44.32
CA PHE A 383 -22.76 28.67 -43.50
C PHE A 383 -22.60 29.23 -42.10
N LYS A 384 -23.42 28.77 -41.17
CA LYS A 384 -23.35 29.27 -39.80
C LYS A 384 -23.31 28.15 -38.78
N CYS A 385 -22.21 28.04 -38.05
CA CYS A 385 -22.06 27.01 -37.03
C CYS A 385 -21.97 27.62 -35.66
N TYR A 386 -22.43 26.90 -34.64
CA TYR A 386 -22.48 27.44 -33.30
C TYR A 386 -21.84 26.50 -32.29
N GLY A 387 -21.42 27.05 -31.16
CA GLY A 387 -20.86 26.24 -30.07
C GLY A 387 -19.42 25.82 -30.35
N VAL A 388 -19.25 25.08 -31.43
CA VAL A 388 -17.94 24.62 -31.85
C VAL A 388 -17.60 25.15 -33.25
N SER A 389 -16.40 25.71 -33.39
CA SER A 389 -15.96 26.20 -34.69
C SER A 389 -15.99 25.07 -35.70
N ALA A 390 -16.42 25.37 -36.92
CA ALA A 390 -16.49 24.33 -37.94
C ALA A 390 -15.15 23.65 -38.13
N THR A 391 -14.07 24.42 -38.05
CA THR A 391 -12.74 23.88 -38.21
C THR A 391 -12.49 22.80 -37.17
N LYS A 392 -12.91 23.07 -35.95
CA LYS A 392 -12.63 22.20 -34.82
C LYS A 392 -13.57 21.02 -34.73
N LEU A 393 -14.51 20.91 -35.66
CA LEU A 393 -15.37 19.74 -35.63
C LEU A 393 -14.54 18.49 -35.80
N ASN A 394 -13.42 18.60 -36.51
CA ASN A 394 -12.56 17.46 -36.74
C ASN A 394 -11.80 17.05 -35.48
N ASP A 395 -11.86 17.89 -34.45
CA ASP A 395 -11.18 17.61 -33.20
C ASP A 395 -12.16 17.13 -32.14
N LEU A 396 -13.43 17.00 -32.50
CA LEU A 396 -14.44 16.58 -31.54
C LEU A 396 -15.07 15.27 -31.91
N CYS A 397 -15.39 14.50 -30.89
CA CYS A 397 -16.17 13.30 -31.08
C CYS A 397 -17.61 13.53 -30.63
N PHE A 398 -18.53 12.87 -31.29
CA PHE A 398 -19.93 13.02 -30.96
C PHE A 398 -20.59 11.67 -30.78
N SER A 399 -21.64 11.64 -29.95
CA SER A 399 -22.37 10.41 -29.64
C SER A 399 -23.41 10.09 -30.68
N ASN A 400 -23.68 11.09 -31.52
CA ASN A 400 -24.64 11.03 -32.61
C ASN A 400 -24.65 12.35 -33.34
N VAL A 401 -24.96 12.29 -34.63
CA VAL A 401 -25.12 13.48 -35.43
C VAL A 401 -26.48 13.45 -36.10
N TYR A 402 -27.24 14.51 -35.97
CA TYR A 402 -28.55 14.56 -36.60
C TYR A 402 -28.58 15.61 -37.66
N ALA A 403 -29.42 15.41 -38.67
CA ALA A 403 -29.56 16.40 -39.72
C ALA A 403 -31.00 16.61 -40.11
N ASP A 404 -31.43 17.87 -40.05
CA ASP A 404 -32.78 18.24 -40.45
C ASP A 404 -32.76 18.79 -41.87
N SER A 405 -33.64 18.28 -42.71
CA SER A 405 -33.65 18.62 -44.13
C SER A 405 -34.98 19.21 -44.59
N PHE A 406 -34.91 20.35 -45.29
CA PHE A 406 -36.11 20.99 -45.84
C PHE A 406 -35.81 22.11 -46.86
N VAL A 407 -36.83 22.53 -47.62
CA VAL A 407 -36.72 23.68 -48.52
C VAL A 407 -37.54 24.88 -48.09
N VAL A 408 -36.89 26.05 -48.10
CA VAL A 408 -37.54 27.31 -47.77
C VAL A 408 -37.23 28.38 -48.81
N LYS A 409 -37.99 29.47 -48.74
CA LYS A 409 -37.72 30.67 -49.52
C LYS A 409 -36.44 31.33 -49.03
N GLY A 410 -35.65 31.85 -49.97
CA GLY A 410 -34.38 32.52 -49.64
C GLY A 410 -34.49 33.47 -48.46
N ASP A 411 -35.44 34.39 -48.50
CA ASP A 411 -35.59 35.35 -47.41
C ASP A 411 -35.88 34.69 -46.05
N ASP A 412 -36.42 33.47 -46.08
CA ASP A 412 -36.78 32.76 -44.86
C ASP A 412 -35.61 31.92 -44.33
N VAL A 413 -34.53 31.85 -45.08
CA VAL A 413 -33.36 31.08 -44.66
C VAL A 413 -32.83 31.64 -43.37
N ARG A 414 -32.88 32.95 -43.25
CA ARG A 414 -32.40 33.68 -42.09
C ARG A 414 -33.15 33.32 -40.81
N GLN A 415 -34.30 32.65 -40.93
CA GLN A 415 -35.09 32.30 -39.76
C GLN A 415 -34.64 30.99 -39.14
N ILE A 416 -33.74 30.28 -39.80
CA ILE A 416 -33.27 29.04 -39.23
C ILE A 416 -32.09 29.31 -38.33
N ALA A 417 -32.42 29.81 -37.16
CA ALA A 417 -31.47 30.17 -36.12
C ALA A 417 -32.22 30.25 -34.80
N PRO A 418 -31.54 30.11 -33.67
CA PRO A 418 -32.05 30.35 -32.34
C PRO A 418 -32.37 31.82 -32.15
N GLY A 419 -33.39 32.10 -31.33
CA GLY A 419 -33.76 33.47 -30.99
C GLY A 419 -34.45 34.20 -32.13
N GLN A 420 -35.12 33.46 -33.01
CA GLN A 420 -35.78 34.07 -34.15
C GLN A 420 -37.28 34.02 -34.03
N THR A 421 -37.95 34.92 -34.76
CA THR A 421 -39.41 34.92 -34.87
C THR A 421 -39.80 35.02 -36.32
N GLY A 422 -40.97 34.51 -36.67
CA GLY A 422 -41.43 34.57 -38.05
C GLY A 422 -42.23 33.33 -38.40
N VAL A 423 -42.72 33.25 -39.62
CA VAL A 423 -43.61 32.16 -39.97
C VAL A 423 -42.90 30.81 -39.83
N ILE A 424 -41.67 30.71 -40.33
CA ILE A 424 -40.97 29.44 -40.23
C ILE A 424 -40.55 29.17 -38.80
N ALA A 425 -39.91 30.16 -38.19
CA ALA A 425 -39.40 30.01 -36.85
C ALA A 425 -40.49 29.61 -35.85
N ASP A 426 -41.70 30.13 -36.04
CA ASP A 426 -42.77 29.88 -35.10
C ASP A 426 -43.72 28.73 -35.48
N TYR A 427 -44.00 28.56 -36.78
CA TYR A 427 -45.02 27.58 -37.17
C TYR A 427 -44.52 26.39 -38.01
N ASN A 428 -43.27 26.41 -38.47
CA ASN A 428 -42.80 25.30 -39.32
C ASN A 428 -41.63 24.56 -38.72
N TYR A 429 -40.63 25.32 -38.29
CA TYR A 429 -39.41 24.74 -37.77
C TYR A 429 -38.80 25.63 -36.71
N LYS A 430 -38.93 25.24 -35.46
CA LYS A 430 -38.43 26.03 -34.35
C LYS A 430 -37.15 25.43 -33.77
N LEU A 431 -36.25 26.29 -33.35
CA LEU A 431 -35.04 25.87 -32.69
C LEU A 431 -35.04 26.34 -31.23
N PRO A 432 -34.46 25.54 -30.32
CA PRO A 432 -34.34 25.79 -28.90
C PRO A 432 -33.29 26.85 -28.65
N ASP A 433 -33.33 27.46 -27.47
CA ASP A 433 -32.28 28.39 -27.15
C ASP A 433 -31.03 27.63 -26.74
N ASP A 434 -30.21 27.30 -27.73
CA ASP A 434 -29.01 26.53 -27.54
C ASP A 434 -28.14 26.64 -28.78
N PHE A 435 -26.99 26.00 -28.78
CA PHE A 435 -26.16 25.99 -29.97
C PHE A 435 -26.73 25.02 -30.97
N MET A 436 -26.52 25.30 -32.23
CA MET A 436 -26.81 24.35 -33.28
C MET A 436 -25.55 23.98 -33.99
N GLY A 437 -25.41 22.73 -34.36
CA GLY A 437 -24.19 22.30 -35.01
C GLY A 437 -23.83 23.23 -36.15
N CYS A 438 -24.64 23.18 -37.22
CA CYS A 438 -24.42 24.03 -38.39
C CYS A 438 -25.67 24.22 -39.21
N VAL A 439 -25.95 25.47 -39.58
CA VAL A 439 -27.03 25.77 -40.49
C VAL A 439 -26.46 26.02 -41.87
N LEU A 440 -26.75 25.11 -42.79
CA LEU A 440 -26.15 25.14 -44.10
C LEU A 440 -27.22 25.24 -45.17
N ALA A 441 -27.06 26.17 -46.10
CA ALA A 441 -28.06 26.30 -47.16
C ALA A 441 -27.46 26.76 -48.48
N TRP A 442 -28.07 26.30 -49.58
CA TRP A 442 -27.61 26.69 -50.90
C TRP A 442 -28.75 26.96 -51.87
N ASN A 443 -28.47 27.79 -52.86
CA ASN A 443 -29.44 28.20 -53.88
C ASN A 443 -29.80 27.05 -54.81
N THR A 444 -31.11 26.87 -55.02
CA THR A 444 -31.62 25.83 -55.89
C THR A 444 -32.50 26.36 -57.02
N ARG A 445 -32.18 27.55 -57.50
CA ARG A 445 -32.92 28.14 -58.61
C ARG A 445 -32.94 27.21 -59.82
N ASN A 446 -31.82 26.55 -60.07
CA ASN A 446 -31.71 25.68 -61.23
C ASN A 446 -32.02 24.21 -60.89
N ILE A 447 -32.52 23.98 -59.68
CA ILE A 447 -32.80 22.62 -59.23
C ILE A 447 -34.28 22.44 -58.88
N ASP A 448 -34.79 23.28 -57.98
CA ASP A 448 -36.16 23.17 -57.52
C ASP A 448 -37.10 24.15 -58.23
N ALA A 449 -36.63 25.36 -58.48
CA ALA A 449 -37.52 26.34 -59.10
C ALA A 449 -37.85 25.94 -60.53
N THR A 450 -39.03 26.32 -61.00
CA THR A 450 -39.43 26.05 -62.38
C THR A 450 -39.97 27.31 -63.04
N SER A 451 -39.97 27.32 -64.37
CA SER A 451 -40.41 28.50 -65.13
C SER A 451 -41.89 28.83 -64.94
N THR A 452 -42.65 27.86 -64.47
CA THR A 452 -44.08 28.03 -64.23
C THR A 452 -44.38 28.13 -62.75
N GLY A 453 -43.32 28.11 -61.95
CA GLY A 453 -43.44 28.14 -60.49
C GLY A 453 -43.51 26.74 -59.92
N ASN A 454 -42.57 26.42 -59.06
CA ASN A 454 -42.61 25.16 -58.33
C ASN A 454 -43.40 25.34 -57.05
N TYR A 455 -44.61 24.77 -57.04
CA TYR A 455 -45.53 24.91 -55.92
C TYR A 455 -45.64 23.60 -55.15
N ASN A 456 -44.59 22.79 -55.19
CA ASN A 456 -44.58 21.48 -54.53
C ASN A 456 -44.01 21.58 -53.11
N TYR A 457 -43.74 22.79 -52.67
CA TYR A 457 -43.22 23.02 -51.34
C TYR A 457 -44.20 23.87 -50.54
N LYS A 458 -44.48 23.44 -49.31
CA LYS A 458 -45.47 24.10 -48.46
C LYS A 458 -44.91 24.59 -47.14
N TYR A 459 -45.60 25.58 -46.58
CA TYR A 459 -45.29 26.09 -45.25
C TYR A 459 -46.57 26.37 -44.48
N ARG A 460 -46.47 26.35 -43.16
CA ARG A 460 -47.58 26.63 -42.27
C ARG A 460 -47.58 28.08 -41.85
N TYR A 461 -48.76 28.68 -41.78
CA TYR A 461 -48.88 30.06 -41.33
C TYR A 461 -49.98 30.24 -40.28
N LEU A 462 -50.92 29.29 -40.19
CA LEU A 462 -51.98 29.38 -39.16
C LEU A 462 -51.90 28.21 -38.20
N ARG A 463 -51.91 28.50 -36.91
CA ARG A 463 -51.93 27.47 -35.89
C ARG A 463 -52.40 28.05 -34.57
N HIS A 464 -53.08 27.23 -33.77
CA HIS A 464 -53.54 27.66 -32.46
C HIS A 464 -52.39 27.66 -31.46
N GLY A 465 -51.46 28.58 -31.67
CA GLY A 465 -50.26 28.67 -30.85
C GLY A 465 -49.03 28.22 -31.63
N LYS A 466 -47.87 28.57 -31.12
CA LYS A 466 -46.60 28.27 -31.78
C LYS A 466 -46.15 26.84 -31.55
N LEU A 467 -45.19 26.39 -32.36
CA LEU A 467 -44.60 25.07 -32.20
C LEU A 467 -43.53 25.05 -31.13
N ARG A 468 -43.25 23.85 -30.62
CA ARG A 468 -42.12 23.64 -29.74
C ARG A 468 -40.87 23.42 -30.61
N PRO A 469 -39.66 23.53 -30.05
CA PRO A 469 -38.41 23.22 -30.68
C PRO A 469 -38.45 21.83 -31.30
N PHE A 470 -38.01 21.74 -32.55
CA PHE A 470 -38.00 20.49 -33.30
C PHE A 470 -39.33 19.76 -33.27
N GLU A 471 -40.42 20.46 -33.59
CA GLU A 471 -41.72 19.81 -33.67
C GLU A 471 -42.18 19.65 -35.12
N ARG A 472 -42.49 18.41 -35.49
CA ARG A 472 -42.97 18.11 -36.84
C ARG A 472 -44.48 18.13 -36.92
N ASP A 473 -45.09 19.30 -36.80
CA ASP A 473 -46.53 19.38 -36.91
C ASP A 473 -46.91 19.38 -38.37
N ILE A 474 -47.38 18.23 -38.83
CA ILE A 474 -47.68 18.04 -40.23
C ILE A 474 -49.16 17.74 -40.43
N SER A 475 -49.97 18.19 -39.49
CA SER A 475 -51.41 18.03 -39.61
C SER A 475 -51.93 18.98 -40.69
N ASN A 476 -53.12 18.71 -41.20
CA ASN A 476 -53.70 19.58 -42.19
C ASN A 476 -55.22 19.52 -42.15
N VAL A 477 -55.79 20.37 -41.34
CA VAL A 477 -57.23 20.43 -41.17
C VAL A 477 -57.65 21.89 -41.37
N PRO A 478 -58.94 22.17 -41.62
CA PRO A 478 -59.49 23.50 -41.69
C PRO A 478 -59.19 24.26 -40.41
N PHE A 479 -58.78 25.50 -40.56
CA PHE A 479 -58.40 26.35 -39.44
C PHE A 479 -59.53 27.28 -39.04
N SER A 480 -59.65 27.47 -37.74
CA SER A 480 -60.61 28.41 -37.19
C SER A 480 -59.93 29.20 -36.07
N PRO A 481 -60.01 30.54 -36.12
CA PRO A 481 -59.30 31.49 -35.27
C PRO A 481 -59.62 31.33 -33.78
N ASP A 482 -60.74 30.67 -33.45
CA ASP A 482 -61.06 30.47 -32.05
C ASP A 482 -61.38 29.03 -31.69
N GLY A 483 -60.65 28.08 -32.30
CA GLY A 483 -60.67 26.69 -31.85
C GLY A 483 -61.90 25.91 -32.31
N LYS A 484 -62.79 26.55 -33.04
CA LYS A 484 -64.01 25.91 -33.48
C LYS A 484 -63.76 25.04 -34.71
N PRO A 485 -64.61 24.04 -34.96
CA PRO A 485 -64.66 23.29 -36.19
C PRO A 485 -65.12 24.20 -37.29
N CYS A 486 -64.67 23.95 -38.51
CA CYS A 486 -65.08 24.76 -39.65
C CYS A 486 -64.96 23.94 -40.92
N THR A 487 -65.86 24.14 -41.87
CA THR A 487 -65.82 23.38 -43.10
C THR A 487 -65.67 24.30 -44.34
N PRO A 488 -64.56 24.22 -45.07
CA PRO A 488 -64.25 25.02 -46.23
C PRO A 488 -65.12 24.57 -47.39
N PRO A 489 -65.37 25.47 -48.35
CA PRO A 489 -64.93 26.85 -48.44
C PRO A 489 -65.88 27.84 -47.76
N ALA A 490 -66.44 27.48 -46.60
CA ALA A 490 -67.30 28.40 -45.89
C ALA A 490 -66.51 29.60 -45.42
N LEU A 491 -67.21 30.72 -45.24
CA LEU A 491 -66.56 31.94 -44.82
C LEU A 491 -65.83 31.73 -43.51
N ASN A 492 -64.60 32.24 -43.43
CA ASN A 492 -63.77 32.16 -42.23
C ASN A 492 -63.19 30.78 -41.94
N CYS A 493 -63.27 29.87 -42.92
CA CYS A 493 -62.56 28.60 -42.81
C CYS A 493 -61.29 28.72 -43.64
N TYR A 494 -60.14 28.56 -43.01
CA TYR A 494 -58.88 28.73 -43.74
C TYR A 494 -58.00 27.50 -43.68
N TRP A 495 -57.22 27.27 -44.72
CA TRP A 495 -56.21 26.23 -44.63
C TRP A 495 -54.91 26.83 -44.07
N PRO A 496 -54.29 26.19 -43.07
CA PRO A 496 -53.11 26.63 -42.36
C PRO A 496 -51.84 26.54 -43.18
N LEU A 497 -51.88 25.80 -44.29
CA LEU A 497 -50.70 25.66 -45.14
C LEU A 497 -50.82 26.50 -46.40
N ASN A 498 -49.67 26.86 -46.95
CA ASN A 498 -49.63 27.60 -48.22
C ASN A 498 -48.39 27.21 -49.03
N ASP A 499 -48.46 27.44 -50.33
CA ASP A 499 -47.40 27.03 -51.24
C ASP A 499 -46.36 28.13 -51.47
N TYR A 500 -45.15 27.71 -51.81
CA TYR A 500 -44.12 28.65 -52.24
C TYR A 500 -44.09 28.75 -53.76
N GLY A 501 -44.26 29.95 -54.28
CA GLY A 501 -44.19 30.15 -55.72
C GLY A 501 -42.75 30.28 -56.18
N PHE A 502 -42.05 29.16 -56.29
CA PHE A 502 -40.62 29.21 -56.64
C PHE A 502 -40.37 29.27 -58.14
N TYR A 503 -39.95 30.44 -58.61
CA TYR A 503 -39.70 30.68 -60.02
C TYR A 503 -38.22 30.81 -60.33
N THR A 504 -37.86 30.54 -61.59
CA THR A 504 -36.48 30.66 -62.04
C THR A 504 -36.18 32.07 -62.53
N THR A 505 -37.21 32.91 -62.54
CA THR A 505 -37.10 34.28 -63.03
C THR A 505 -37.45 35.33 -61.98
N THR A 506 -37.43 34.94 -60.70
CA THR A 506 -37.76 35.87 -59.64
C THR A 506 -36.51 36.32 -58.87
N GLY A 507 -36.72 37.17 -57.87
CA GLY A 507 -35.64 37.74 -57.09
C GLY A 507 -34.97 36.69 -56.22
N ILE A 508 -33.75 36.95 -55.78
CA ILE A 508 -33.01 35.98 -54.98
C ILE A 508 -33.77 35.61 -53.72
N GLY A 509 -34.34 36.60 -53.07
CA GLY A 509 -35.09 36.39 -51.83
C GLY A 509 -36.31 35.50 -52.03
N TYR A 510 -36.74 35.34 -53.28
CA TYR A 510 -37.92 34.53 -53.59
C TYR A 510 -37.56 33.19 -54.20
N GLN A 511 -36.26 32.93 -54.32
CA GLN A 511 -35.80 31.67 -54.87
C GLN A 511 -35.75 30.64 -53.76
N PRO A 512 -35.90 29.34 -54.08
CA PRO A 512 -35.80 28.24 -53.16
C PRO A 512 -34.37 28.01 -52.70
N TYR A 513 -34.24 27.61 -51.45
CA TYR A 513 -32.97 27.17 -50.90
C TYR A 513 -33.13 25.86 -50.16
N ARG A 514 -32.15 24.99 -50.31
CA ARG A 514 -32.15 23.74 -49.58
C ARG A 514 -31.39 23.91 -48.31
N VAL A 515 -32.05 23.62 -47.21
CA VAL A 515 -31.47 23.84 -45.91
C VAL A 515 -31.21 22.54 -45.17
N VAL A 516 -30.00 22.41 -44.68
CA VAL A 516 -29.60 21.30 -43.86
C VAL A 516 -29.11 21.82 -42.53
N VAL A 517 -29.72 21.36 -41.46
CA VAL A 517 -29.29 21.79 -40.15
C VAL A 517 -28.69 20.64 -39.38
N LEU A 518 -27.42 20.76 -39.04
CA LEU A 518 -26.76 19.72 -38.32
C LEU A 518 -26.87 19.98 -36.84
N SER A 519 -27.07 18.93 -36.08
CA SER A 519 -27.18 19.00 -34.63
C SER A 519 -26.41 17.88 -33.99
N PHE A 520 -25.57 18.22 -33.04
CA PHE A 520 -24.71 17.22 -32.45
C PHE A 520 -25.15 16.85 -31.05
N GLU A 521 -25.10 15.56 -30.75
CA GLU A 521 -25.32 15.10 -29.39
C GLU A 521 -23.95 15.12 -28.72
N LEU A 522 -23.80 15.99 -27.74
CA LEU A 522 -22.47 16.29 -27.21
C LEU A 522 -21.95 15.24 -26.23
N LEU A 523 -21.63 14.09 -26.78
CA LEU A 523 -20.98 12.99 -26.06
C LEU A 523 -21.74 12.54 -24.81
N ASN A 524 -23.05 12.35 -24.94
CA ASN A 524 -23.82 11.79 -23.85
C ASN A 524 -23.55 10.29 -23.79
N ALA A 525 -23.82 9.62 -24.90
CA ALA A 525 -23.49 8.22 -25.10
C ALA A 525 -22.04 8.17 -25.61
N PRO A 526 -21.37 7.02 -25.57
CA PRO A 526 -20.03 6.83 -26.11
C PRO A 526 -20.00 7.25 -27.57
N ALA A 527 -18.90 7.89 -27.96
CA ALA A 527 -18.79 8.48 -29.28
C ALA A 527 -18.99 7.48 -30.41
N THR A 528 -19.61 7.94 -31.49
CA THR A 528 -19.81 7.14 -32.67
C THR A 528 -19.16 7.80 -33.89
N VAL A 529 -18.98 9.11 -33.84
CA VAL A 529 -18.39 9.86 -34.93
C VAL A 529 -17.22 10.72 -34.44
N CYS A 530 -16.08 10.57 -35.10
CA CYS A 530 -14.90 11.34 -34.76
C CYS A 530 -14.19 11.83 -36.04
N GLY A 531 -13.23 12.76 -35.87
CA GLY A 531 -12.47 13.29 -37.03
C GLY A 531 -11.32 12.33 -37.43
N PRO A 532 -10.66 12.62 -38.57
CA PRO A 532 -9.56 11.86 -39.19
C PRO A 532 -8.21 11.89 -38.47
N LYS A 533 -7.66 13.10 -38.18
CA LYS A 533 -6.33 13.16 -37.58
C LYS A 533 -5.31 12.36 -38.39
N LEU A 534 -5.00 12.85 -39.58
CA LEU A 534 -4.17 12.11 -40.50
C LEU A 534 -3.09 12.91 -41.22
N SER A 535 -2.34 12.20 -42.07
CA SER A 535 -1.27 12.75 -42.99
C SER A 535 -0.03 13.29 -42.33
N THR A 536 0.70 12.45 -41.62
CA THR A 536 2.00 12.80 -41.06
C THR A 536 3.08 11.97 -41.77
N ASP A 537 4.32 12.40 -41.60
CA ASP A 537 5.43 11.71 -42.27
C ASP A 537 6.16 10.75 -41.35
N LEU A 538 7.15 10.08 -41.88
CA LEU A 538 8.01 9.25 -41.07
C LEU A 538 9.41 9.81 -41.02
N ILE A 539 9.87 10.17 -39.84
CA ILE A 539 11.20 10.70 -39.62
C ILE A 539 12.14 9.53 -39.30
N LYS A 540 13.19 9.35 -40.09
CA LYS A 540 14.03 8.17 -39.94
C LYS A 540 15.47 8.45 -39.49
N ASN A 541 16.12 7.40 -38.97
CA ASN A 541 17.53 7.40 -38.60
C ASN A 541 17.90 8.44 -37.55
N GLN A 542 17.01 8.64 -36.60
CA GLN A 542 17.25 9.55 -35.49
C GLN A 542 16.22 9.30 -34.41
N CYS A 543 16.55 9.71 -33.19
CA CYS A 543 15.58 9.61 -32.11
C CYS A 543 14.43 10.57 -32.30
N VAL A 544 13.22 10.03 -32.21
CA VAL A 544 12.01 10.80 -32.30
C VAL A 544 11.03 10.37 -31.23
N ASN A 545 9.99 11.15 -31.07
CA ASN A 545 8.85 10.74 -30.27
C ASN A 545 7.88 10.07 -31.22
N PHE A 546 7.45 8.86 -30.92
CA PHE A 546 6.52 8.20 -31.82
C PHE A 546 5.19 7.87 -31.18
N ASN A 547 4.18 7.74 -32.02
CA ASN A 547 2.86 7.35 -31.61
C ASN A 547 2.18 6.61 -32.76
N PHE A 548 2.33 5.29 -32.76
CA PHE A 548 1.78 4.45 -33.79
C PHE A 548 0.41 4.00 -33.38
N ASN A 549 -0.24 3.20 -34.20
CA ASN A 549 -1.60 2.80 -33.95
C ASN A 549 -1.72 1.85 -32.76
N GLY A 550 -1.52 2.42 -31.56
CA GLY A 550 -1.57 1.66 -30.31
C GLY A 550 -0.20 1.46 -29.67
N LEU A 551 0.83 2.17 -30.16
CA LEU A 551 2.17 2.02 -29.61
C LEU A 551 2.88 3.37 -29.46
N THR A 552 3.24 3.72 -28.24
CA THR A 552 3.89 5.01 -28.01
C THR A 552 5.22 4.86 -27.30
N GLY A 553 6.05 5.88 -27.44
CA GLY A 553 7.35 5.92 -26.78
C GLY A 553 8.35 6.69 -27.64
N THR A 554 9.62 6.52 -27.35
CA THR A 554 10.65 7.20 -28.11
C THR A 554 11.63 6.20 -28.65
N GLY A 555 12.39 6.59 -29.67
CA GLY A 555 13.41 5.70 -30.21
C GLY A 555 13.81 6.07 -31.63
N VAL A 556 14.63 5.20 -32.23
CA VAL A 556 15.16 5.41 -33.56
C VAL A 556 14.49 4.48 -34.53
N LEU A 557 13.85 5.05 -35.53
CA LEU A 557 13.10 4.26 -36.49
C LEU A 557 13.95 3.91 -37.69
N THR A 558 14.06 2.62 -37.97
CA THR A 558 14.82 2.16 -39.13
C THR A 558 14.03 1.04 -39.84
N PRO A 559 14.22 0.87 -41.15
CA PRO A 559 13.64 -0.20 -41.96
C PRO A 559 14.12 -1.55 -41.48
N SER A 560 13.26 -2.56 -41.57
CA SER A 560 13.61 -3.90 -41.12
C SER A 560 13.50 -4.93 -42.21
N SER A 561 14.03 -6.13 -41.94
CA SER A 561 13.89 -7.27 -42.85
C SER A 561 13.09 -8.38 -42.19
N LYS A 562 12.40 -8.05 -41.10
CA LYS A 562 11.62 -9.04 -40.36
C LYS A 562 10.46 -9.54 -41.20
N ARG A 563 10.26 -10.85 -41.20
CA ARG A 563 9.19 -11.45 -41.99
C ARG A 563 7.95 -11.68 -41.14
N PHE A 564 6.99 -10.77 -41.26
CA PHE A 564 5.74 -10.88 -40.51
C PHE A 564 4.73 -11.77 -41.20
N GLN A 565 3.85 -12.35 -40.41
CA GLN A 565 2.71 -13.08 -40.94
C GLN A 565 1.61 -12.10 -41.34
N PRO A 566 0.69 -12.50 -42.23
CA PRO A 566 -0.48 -11.76 -42.67
C PRO A 566 -1.36 -11.28 -41.52
N PHE A 567 -1.21 -11.87 -40.35
CA PHE A 567 -2.03 -11.49 -39.21
C PHE A 567 -1.19 -11.04 -38.04
N GLN A 568 -0.09 -10.35 -38.32
CA GLN A 568 0.73 -9.81 -37.25
C GLN A 568 0.88 -8.30 -37.37
N GLN A 569 0.76 -7.62 -36.24
CA GLN A 569 0.82 -6.17 -36.22
C GLN A 569 2.20 -5.65 -35.86
N PHE A 570 2.79 -6.27 -34.86
CA PHE A 570 4.10 -5.86 -34.39
C PHE A 570 4.80 -7.05 -33.75
N GLY A 571 6.10 -6.92 -33.52
CA GLY A 571 6.86 -8.00 -32.91
C GLY A 571 7.54 -7.56 -31.65
N ARG A 572 8.08 -8.54 -30.92
CA ARG A 572 8.80 -8.28 -29.68
C ARG A 572 10.12 -9.02 -29.61
N ASP A 573 10.99 -8.56 -28.72
CA ASP A 573 12.27 -9.20 -28.48
C ASP A 573 12.09 -10.40 -27.55
N VAL A 574 13.18 -11.08 -27.23
CA VAL A 574 13.11 -12.20 -26.31
C VAL A 574 12.44 -11.74 -25.03
N SER A 575 12.88 -10.59 -24.52
CA SER A 575 12.18 -9.92 -23.45
C SER A 575 10.99 -9.18 -24.02
N ASP A 576 9.88 -9.17 -23.31
CA ASP A 576 8.61 -8.64 -23.83
C ASP A 576 8.56 -7.12 -24.03
N PHE A 577 9.36 -6.63 -24.96
CA PHE A 577 9.34 -5.23 -25.37
C PHE A 577 9.19 -5.16 -26.88
N THR A 578 8.51 -4.13 -27.36
CA THR A 578 8.31 -3.97 -28.80
C THR A 578 9.62 -3.91 -29.53
N ASP A 579 9.74 -4.72 -30.57
CA ASP A 579 10.94 -4.77 -31.38
C ASP A 579 10.74 -4.05 -32.72
N SER A 580 9.63 -4.35 -33.37
CA SER A 580 9.34 -3.81 -34.69
C SER A 580 7.85 -3.63 -34.87
N VAL A 581 7.47 -2.69 -35.72
CA VAL A 581 6.07 -2.33 -35.92
C VAL A 581 5.67 -2.22 -37.39
N ARG A 582 4.49 -2.75 -37.73
CA ARG A 582 3.93 -2.55 -39.05
C ARG A 582 3.32 -1.16 -39.17
N ASP A 583 3.69 -0.44 -40.22
CA ASP A 583 3.14 0.88 -40.44
C ASP A 583 1.66 0.80 -40.87
N PRO A 584 0.73 1.45 -40.14
CA PRO A 584 -0.71 1.39 -40.33
C PRO A 584 -1.15 1.87 -41.71
N LYS A 585 -0.31 2.67 -42.35
CA LYS A 585 -0.62 3.22 -43.66
C LYS A 585 0.03 2.39 -44.76
N THR A 586 1.36 2.36 -44.77
CA THR A 586 2.12 1.78 -45.88
C THR A 586 2.35 0.28 -45.74
N SER A 587 2.01 -0.28 -44.58
CA SER A 587 2.16 -1.70 -44.28
C SER A 587 3.62 -2.17 -44.33
N GLU A 588 4.55 -1.24 -44.18
CA GLU A 588 5.97 -1.56 -44.13
C GLU A 588 6.35 -2.00 -42.74
N ILE A 589 7.40 -2.82 -42.62
CA ILE A 589 7.85 -3.24 -41.32
C ILE A 589 9.14 -2.53 -40.95
N LEU A 590 9.11 -1.81 -39.83
CA LEU A 590 10.28 -1.08 -39.38
C LEU A 590 10.65 -1.45 -37.95
N ASP A 591 11.95 -1.45 -37.67
CA ASP A 591 12.46 -1.75 -36.32
C ASP A 591 12.53 -0.49 -35.49
N ILE A 592 12.45 -0.64 -34.16
CA ILE A 592 12.65 0.51 -33.29
C ILE A 592 13.79 0.27 -32.32
N SER A 593 14.88 1.02 -32.49
CA SER A 593 16.02 0.89 -31.59
C SER A 593 15.87 1.91 -30.47
N PRO A 594 16.31 1.60 -29.25
CA PRO A 594 16.28 2.49 -28.12
C PRO A 594 17.21 3.65 -28.38
N CYS A 595 16.87 4.82 -27.89
CA CYS A 595 17.75 5.94 -28.03
C CYS A 595 19.02 5.69 -27.27
N SER A 596 20.14 5.91 -27.93
CA SER A 596 21.42 5.59 -27.33
C SER A 596 21.63 6.29 -26.01
N PHE A 597 22.16 5.54 -25.07
CA PHE A 597 22.55 6.09 -23.80
C PHE A 597 23.66 5.25 -23.22
N GLY A 598 24.28 5.76 -22.17
CA GLY A 598 25.33 5.01 -21.49
C GLY A 598 25.92 5.84 -20.35
N GLY A 599 26.93 5.30 -19.70
CA GLY A 599 27.61 6.01 -18.64
C GLY A 599 28.64 6.95 -19.22
N VAL A 600 28.87 8.07 -18.54
CA VAL A 600 29.93 8.98 -18.94
C VAL A 600 30.92 9.15 -17.80
N SER A 601 32.19 9.04 -18.15
CA SER A 601 33.27 9.15 -17.19
C SER A 601 34.33 10.07 -17.72
N VAL A 602 35.14 10.60 -16.82
CA VAL A 602 36.18 11.52 -17.23
C VAL A 602 37.56 11.06 -16.77
N ILE A 603 38.56 11.46 -17.53
CA ILE A 603 39.94 11.12 -17.24
C ILE A 603 40.70 12.34 -16.82
N THR A 604 41.30 12.30 -15.65
CA THR A 604 42.05 13.44 -15.19
C THR A 604 43.40 13.05 -14.60
N PRO A 605 44.40 13.94 -14.70
CA PRO A 605 45.60 13.96 -13.93
C PRO A 605 45.23 14.59 -12.61
N GLY A 606 46.11 14.55 -11.64
CA GLY A 606 45.78 15.20 -10.38
C GLY A 606 45.66 16.71 -10.56
N THR A 607 44.80 17.32 -9.76
CA THR A 607 44.57 18.75 -9.80
C THR A 607 45.73 19.50 -9.17
N ASN A 608 46.59 18.74 -8.49
CA ASN A 608 47.80 19.29 -7.90
C ASN A 608 48.88 19.44 -8.97
N ALA A 609 48.66 18.84 -10.13
CA ALA A 609 49.63 18.88 -11.21
C ALA A 609 49.16 19.79 -12.32
N SER A 610 47.90 19.64 -12.71
CA SER A 610 47.33 20.43 -13.80
C SER A 610 45.82 20.39 -13.80
N SER A 611 45.20 21.29 -14.57
CA SER A 611 43.76 21.26 -14.74
C SER A 611 43.40 20.90 -16.16
N GLU A 612 42.97 19.67 -16.36
CA GLU A 612 42.67 19.14 -17.67
C GLU A 612 41.73 17.96 -17.54
N VAL A 613 40.97 17.68 -18.59
CA VAL A 613 40.08 16.52 -18.57
C VAL A 613 39.73 15.99 -19.95
N ALA A 614 39.70 14.67 -20.08
CA ALA A 614 39.20 14.02 -21.29
C ALA A 614 37.90 13.29 -20.96
N VAL A 615 36.99 13.22 -21.94
CA VAL A 615 35.70 12.59 -21.72
C VAL A 615 35.54 11.23 -22.41
N LEU A 616 35.13 10.23 -21.63
CA LEU A 616 34.88 8.89 -22.15
C LEU A 616 33.41 8.52 -22.13
N TYR A 617 32.91 8.08 -23.27
CA TYR A 617 31.53 7.61 -23.33
C TYR A 617 31.47 6.10 -23.38
N GLN A 618 30.57 5.52 -22.58
CA GLN A 618 30.35 4.08 -22.57
C GLN A 618 29.98 3.62 -23.96
N ASP A 619 30.28 2.37 -24.27
CA ASP A 619 30.13 1.84 -25.62
C ASP A 619 28.90 2.38 -26.36
N VAL A 620 29.13 3.37 -27.20
CA VAL A 620 28.16 3.91 -28.15
C VAL A 620 28.88 4.18 -29.46
N ASN A 621 28.11 4.45 -30.51
CA ASN A 621 28.75 4.92 -31.73
C ASN A 621 29.04 6.41 -31.62
N CYS A 622 30.32 6.73 -31.62
CA CYS A 622 30.77 8.08 -31.34
C CYS A 622 30.39 9.05 -32.47
N THR A 623 30.14 8.51 -33.65
CA THR A 623 29.77 9.34 -34.79
C THR A 623 28.46 10.05 -34.48
N ASP A 624 27.54 9.30 -33.87
CA ASP A 624 26.23 9.80 -33.54
C ASP A 624 26.28 10.79 -32.38
N VAL A 625 27.08 10.49 -31.36
CA VAL A 625 27.13 11.40 -30.23
C VAL A 625 27.78 12.71 -30.67
N SER A 626 28.76 12.60 -31.57
CA SER A 626 29.43 13.78 -32.09
C SER A 626 28.44 14.70 -32.77
N THR A 627 27.60 14.13 -33.62
CA THR A 627 26.59 14.92 -34.30
C THR A 627 25.74 15.66 -33.29
N ALA A 628 25.36 14.96 -32.23
CA ALA A 628 24.49 15.51 -31.19
C ALA A 628 25.23 16.49 -30.26
N ILE A 629 26.53 16.68 -30.45
CA ILE A 629 27.24 17.70 -29.70
C ILE A 629 27.13 19.03 -30.41
N HIS A 630 27.36 19.00 -31.72
CA HIS A 630 27.24 20.19 -32.53
C HIS A 630 25.78 20.58 -32.63
N ALA A 631 24.96 19.58 -32.92
CA ALA A 631 23.51 19.74 -32.89
C ALA A 631 23.04 19.37 -31.50
N ASP A 632 23.20 20.29 -30.55
CA ASP A 632 23.04 19.92 -29.16
C ASP A 632 21.70 19.26 -28.88
N GLN A 633 21.75 17.96 -28.73
CA GLN A 633 20.62 17.16 -28.32
C GLN A 633 21.05 16.19 -27.24
N LEU A 634 21.93 16.65 -26.36
CA LEU A 634 22.45 15.76 -25.32
C LEU A 634 22.10 16.18 -23.92
N THR A 635 21.77 15.18 -23.10
CA THR A 635 21.55 15.38 -21.69
C THR A 635 22.39 14.38 -20.89
N PRO A 636 23.16 14.86 -19.92
CA PRO A 636 23.43 16.24 -19.54
C PRO A 636 24.40 16.88 -20.51
N ALA A 637 24.60 18.16 -20.36
CA ALA A 637 25.59 18.88 -21.13
C ALA A 637 26.12 20.03 -20.30
N TRP A 638 27.31 20.50 -20.64
CA TRP A 638 27.92 21.54 -19.85
C TRP A 638 27.85 22.88 -20.57
N ARG A 639 27.81 23.94 -19.78
CA ARG A 639 27.77 25.28 -20.32
C ARG A 639 29.00 25.60 -21.16
N ILE A 640 30.18 25.24 -20.66
CA ILE A 640 31.40 25.48 -21.40
C ILE A 640 32.04 24.16 -21.84
N TYR A 641 31.79 23.78 -23.08
CA TYR A 641 32.28 22.52 -23.60
C TYR A 641 32.39 22.56 -25.11
N SER A 642 33.45 21.98 -25.64
CA SER A 642 33.61 21.88 -27.08
C SER A 642 34.34 20.61 -27.45
N THR A 643 34.21 20.22 -28.71
CA THR A 643 34.89 19.04 -29.22
C THR A 643 36.00 19.43 -30.18
N GLY A 644 37.20 18.92 -29.92
CA GLY A 644 38.35 19.21 -30.76
C GLY A 644 38.56 18.10 -31.78
N ASN A 645 39.78 17.95 -32.25
CA ASN A 645 40.07 16.93 -33.25
C ASN A 645 40.50 15.65 -32.58
N ASN A 646 40.63 15.70 -31.27
CA ASN A 646 41.04 14.55 -30.49
C ASN A 646 39.86 13.64 -30.19
N VAL A 647 39.34 13.03 -31.24
CA VAL A 647 38.22 12.11 -31.08
C VAL A 647 38.52 10.79 -31.74
N PHE A 648 38.43 9.71 -30.97
CA PHE A 648 38.70 8.39 -31.50
C PHE A 648 37.96 7.30 -30.74
N GLN A 649 37.20 6.49 -31.47
CA GLN A 649 36.42 5.42 -30.86
C GLN A 649 37.13 4.10 -30.78
N THR A 650 37.09 3.50 -29.59
CA THR A 650 37.59 2.16 -29.36
C THR A 650 36.45 1.27 -28.90
N GLN A 651 36.71 -0.03 -28.81
CA GLN A 651 35.69 -0.98 -28.37
C GLN A 651 35.13 -0.61 -27.00
N ALA A 652 35.98 -0.09 -26.13
CA ALA A 652 35.57 0.25 -24.76
C ALA A 652 34.85 1.60 -24.66
N GLY A 653 34.67 2.27 -25.78
CA GLY A 653 34.02 3.58 -25.77
C GLY A 653 34.90 4.61 -26.45
N CYS A 654 34.34 5.76 -26.81
CA CYS A 654 35.15 6.76 -27.46
C CYS A 654 35.62 7.84 -26.52
N LEU A 655 36.81 8.34 -26.79
CA LEU A 655 37.37 9.43 -26.02
C LEU A 655 37.29 10.71 -26.79
N ILE A 656 37.02 11.79 -26.06
CA ILE A 656 37.07 13.12 -26.62
C ILE A 656 37.98 14.02 -25.79
N GLY A 657 39.01 14.57 -26.43
CA GLY A 657 39.95 15.45 -25.75
C GLY A 657 41.29 14.78 -25.51
N ALA A 658 41.32 13.46 -25.58
CA ALA A 658 42.57 12.71 -25.42
C ALA A 658 43.19 12.46 -26.78
N GLU A 659 44.48 12.72 -26.89
CA GLU A 659 45.18 12.49 -28.14
C GLU A 659 45.47 11.00 -28.27
N HIS A 660 46.08 10.60 -29.37
CA HIS A 660 46.30 9.19 -29.65
C HIS A 660 47.66 9.00 -30.29
N VAL A 661 48.48 8.17 -29.66
CA VAL A 661 49.84 7.98 -30.13
C VAL A 661 50.05 6.59 -30.70
N ASP A 662 51.13 6.43 -31.44
CA ASP A 662 51.47 5.17 -32.08
C ASP A 662 52.50 4.38 -31.29
N THR A 663 52.73 4.79 -30.06
CA THR A 663 53.68 4.13 -29.19
C THR A 663 52.98 3.46 -28.03
N SER A 664 53.75 3.02 -27.06
CA SER A 664 53.21 2.30 -25.92
C SER A 664 53.94 2.63 -24.64
N TYR A 665 53.25 2.44 -23.53
CA TYR A 665 53.80 2.70 -22.21
C TYR A 665 53.18 1.75 -21.21
N GLU A 666 53.62 1.83 -19.97
CA GLU A 666 52.95 1.10 -18.91
C GLU A 666 51.55 1.65 -18.76
N CYS A 667 50.57 0.79 -18.58
CA CYS A 667 49.21 1.25 -18.42
C CYS A 667 49.05 2.05 -17.13
N ASP A 668 48.64 3.31 -17.25
CA ASP A 668 48.48 4.16 -16.08
C ASP A 668 47.00 4.21 -15.69
N ILE A 669 46.19 4.85 -16.54
CA ILE A 669 44.77 4.90 -16.32
C ILE A 669 44.05 4.09 -17.40
N PRO A 670 43.56 2.91 -17.10
CA PRO A 670 43.03 1.96 -18.05
C PRO A 670 41.73 2.45 -18.63
N ILE A 671 41.50 2.13 -19.90
CA ILE A 671 40.22 2.39 -20.54
C ILE A 671 39.53 1.07 -20.81
N GLY A 672 40.22 0.19 -21.53
CA GLY A 672 39.68 -1.13 -21.87
C GLY A 672 40.17 -1.58 -23.24
N ALA A 673 40.05 -2.88 -23.51
CA ALA A 673 40.41 -3.44 -24.81
C ALA A 673 41.83 -3.09 -25.21
N GLY A 674 42.76 -3.17 -24.27
CA GLY A 674 44.18 -2.93 -24.53
C GLY A 674 44.56 -1.46 -24.54
N ILE A 675 43.60 -0.58 -24.30
CA ILE A 675 43.85 0.85 -24.33
C ILE A 675 43.89 1.49 -22.95
N CYS A 676 44.91 2.30 -22.74
CA CYS A 676 45.07 3.07 -21.51
C CYS A 676 45.34 4.53 -21.82
N ALA A 677 45.19 5.37 -20.80
CA ALA A 677 45.47 6.78 -20.94
C ALA A 677 46.49 7.25 -19.91
N SER A 678 47.23 8.30 -20.26
CA SER A 678 48.20 8.89 -19.36
C SER A 678 48.52 10.31 -19.76
N TYR A 679 49.31 10.99 -18.94
CA TYR A 679 49.65 12.39 -19.16
C TYR A 679 51.13 12.53 -19.50
N HIS A 680 51.41 12.95 -20.74
CA HIS A 680 52.79 13.00 -21.24
C HIS A 680 53.11 14.32 -21.90
N THR A 681 54.39 14.55 -22.11
CA THR A 681 54.86 15.76 -22.77
C THR A 681 54.57 15.69 -24.26
N VAL A 682 54.62 16.84 -24.91
CA VAL A 682 54.42 16.92 -26.34
C VAL A 682 55.54 17.73 -26.99
N GLN A 690 55.04 21.44 -22.03
CA GLN A 690 53.79 21.17 -22.73
C GLN A 690 53.38 19.72 -22.58
N LYS A 691 52.32 19.49 -21.80
CA LYS A 691 51.82 18.15 -21.56
C LYS A 691 50.36 18.03 -21.94
N SER A 692 49.92 16.80 -22.22
CA SER A 692 48.53 16.54 -22.57
C SER A 692 48.13 15.10 -22.28
N ILE A 693 46.83 14.85 -22.26
CA ILE A 693 46.31 13.50 -22.08
C ILE A 693 46.36 12.75 -23.40
N VAL A 694 46.97 11.57 -23.38
CA VAL A 694 47.06 10.76 -24.58
C VAL A 694 46.53 9.37 -24.34
N ALA A 695 46.09 8.73 -25.41
CA ALA A 695 45.70 7.34 -25.38
C ALA A 695 46.75 6.51 -26.08
N TYR A 696 46.97 5.30 -25.59
CA TYR A 696 47.97 4.43 -26.16
C TYR A 696 47.66 2.98 -25.95
N THR A 697 48.30 2.12 -26.73
CA THR A 697 48.21 0.69 -26.50
C THR A 697 49.17 0.33 -25.40
N MET A 698 48.67 -0.34 -24.37
CA MET A 698 49.49 -0.64 -23.22
C MET A 698 50.57 -1.67 -23.51
N SER A 699 51.71 -1.51 -22.85
CA SER A 699 52.78 -2.48 -22.89
C SER A 699 52.43 -3.66 -22.00
N LEU A 700 52.79 -4.87 -22.44
CA LEU A 700 52.52 -6.06 -21.63
C LEU A 700 53.66 -6.32 -20.66
N GLY A 701 54.87 -5.92 -21.04
CA GLY A 701 56.04 -6.16 -20.21
C GLY A 701 57.30 -5.77 -20.96
N ALA A 702 58.44 -5.89 -20.30
CA ALA A 702 59.74 -5.55 -20.90
C ALA A 702 60.03 -6.45 -22.08
N ASP A 703 60.77 -5.92 -23.04
CA ASP A 703 61.18 -6.69 -24.22
C ASP A 703 62.53 -7.39 -23.98
N SER A 704 62.51 -8.70 -23.80
CA SER A 704 63.74 -9.42 -23.50
C SER A 704 63.75 -10.81 -24.13
N SER A 705 64.94 -11.27 -24.49
CA SER A 705 65.07 -12.59 -25.09
C SER A 705 66.44 -13.17 -24.83
N ILE A 706 66.46 -14.45 -24.53
CA ILE A 706 67.72 -15.14 -24.31
C ILE A 706 67.86 -16.30 -25.28
N ALA A 707 69.08 -16.51 -25.76
CA ALA A 707 69.33 -17.61 -26.68
C ALA A 707 69.39 -18.90 -25.91
N TYR A 708 68.91 -19.97 -26.53
CA TYR A 708 68.99 -21.29 -25.93
C TYR A 708 70.31 -21.95 -26.23
N SER A 709 70.85 -22.65 -25.25
CA SER A 709 72.04 -23.45 -25.45
C SER A 709 71.93 -24.77 -24.72
N ASN A 710 72.22 -25.84 -25.41
CA ASN A 710 72.25 -27.16 -24.83
C ASN A 710 73.65 -27.52 -24.36
N ASN A 711 74.57 -26.58 -24.56
CA ASN A 711 75.98 -26.82 -24.25
C ASN A 711 76.44 -26.01 -23.04
N THR A 712 75.95 -24.79 -22.91
CA THR A 712 76.42 -23.92 -21.85
C THR A 712 75.37 -23.66 -20.81
N ILE A 713 75.81 -23.18 -19.66
CA ILE A 713 74.93 -22.84 -18.57
C ILE A 713 75.32 -21.49 -17.98
N ALA A 714 74.33 -20.72 -17.56
CA ALA A 714 74.63 -19.46 -16.88
C ALA A 714 74.36 -19.59 -15.40
N ILE A 715 75.31 -19.13 -14.59
CA ILE A 715 75.16 -19.19 -13.14
C ILE A 715 75.61 -17.86 -12.51
N PRO A 716 75.05 -17.47 -11.35
CA PRO A 716 75.38 -16.27 -10.61
C PRO A 716 76.78 -16.35 -10.05
N THR A 717 77.50 -15.23 -10.01
CA THR A 717 78.80 -15.21 -9.35
C THR A 717 78.86 -14.08 -8.35
N ASN A 718 77.70 -13.75 -7.79
CA ASN A 718 77.54 -12.73 -6.78
C ASN A 718 76.09 -12.75 -6.27
N PHE A 719 75.80 -11.98 -5.24
CA PHE A 719 74.43 -11.88 -4.74
C PHE A 719 74.18 -10.57 -4.02
N SER A 720 72.91 -10.31 -3.76
CA SER A 720 72.51 -9.15 -2.98
C SER A 720 71.34 -9.48 -2.08
N ILE A 721 71.14 -8.66 -1.07
CA ILE A 721 70.05 -8.85 -0.12
C ILE A 721 69.17 -7.63 -0.07
N SER A 722 67.87 -7.84 -0.07
CA SER A 722 66.93 -6.73 -0.02
C SER A 722 65.73 -7.06 0.83
N ILE A 723 64.99 -6.02 1.22
CA ILE A 723 63.85 -6.21 2.08
C ILE A 723 62.56 -5.67 1.45
N THR A 724 61.55 -6.52 1.39
CA THR A 724 60.26 -6.17 0.79
C THR A 724 59.22 -5.85 1.87
N THR A 725 58.41 -4.82 1.62
CA THR A 725 57.37 -4.44 2.56
C THR A 725 56.00 -4.90 2.07
N GLU A 726 55.24 -5.55 2.94
CA GLU A 726 53.90 -6.02 2.60
C GLU A 726 52.90 -5.76 3.72
N VAL A 727 51.71 -5.28 3.35
CA VAL A 727 50.68 -4.97 4.34
C VAL A 727 49.36 -5.66 4.06
N MET A 728 48.72 -6.14 5.12
CA MET A 728 47.39 -6.72 5.03
C MET A 728 46.54 -6.20 6.20
N PRO A 729 45.26 -5.90 5.98
CA PRO A 729 44.28 -5.57 6.99
C PRO A 729 43.84 -6.84 7.69
N VAL A 730 43.53 -6.76 8.99
CA VAL A 730 42.99 -7.94 9.65
C VAL A 730 41.87 -7.60 10.61
N SER A 731 41.14 -6.51 10.34
CA SER A 731 40.03 -6.11 11.21
C SER A 731 39.24 -4.93 10.64
N MET A 732 38.07 -4.71 11.20
CA MET A 732 37.30 -3.49 10.93
C MET A 732 36.61 -3.00 12.19
N ALA A 733 36.14 -1.76 12.15
CA ALA A 733 35.47 -1.14 13.28
C ALA A 733 34.27 -1.94 13.75
N LYS A 734 34.12 -2.05 15.06
CA LYS A 734 33.00 -2.76 15.65
C LYS A 734 31.73 -1.93 15.64
N THR A 735 31.08 -1.89 14.49
CA THR A 735 29.87 -1.10 14.34
C THR A 735 28.78 -1.57 15.30
N SER A 736 28.09 -0.63 15.92
CA SER A 736 26.96 -0.95 16.79
C SER A 736 25.92 0.15 16.72
N VAL A 737 24.66 -0.23 16.53
CA VAL A 737 23.58 0.75 16.42
C VAL A 737 22.38 0.37 17.26
N ASP A 738 21.77 1.37 17.91
CA ASP A 738 20.52 1.14 18.59
C ASP A 738 19.39 1.24 17.59
N CYS A 739 18.86 0.09 17.20
CA CYS A 739 17.90 0.00 16.11
C CYS A 739 16.58 0.68 16.47
N ASN A 740 16.33 0.86 17.76
CA ASN A 740 15.10 1.49 18.18
C ASN A 740 15.24 2.97 18.00
N MET A 741 16.33 3.51 18.51
CA MET A 741 16.58 4.94 18.40
C MET A 741 16.73 5.34 16.94
N TYR A 742 17.39 4.50 16.16
CA TYR A 742 17.63 4.79 14.76
C TYR A 742 16.32 4.95 13.99
N ILE A 743 15.40 4.00 14.15
CA ILE A 743 14.15 4.03 13.41
C ILE A 743 13.13 4.99 14.02
N CYS A 744 12.91 4.87 15.32
CA CYS A 744 11.86 5.59 16.03
C CYS A 744 12.42 6.56 17.05
N GLY A 745 13.47 7.26 16.70
CA GLY A 745 14.10 8.18 17.63
C GLY A 745 13.08 9.14 18.21
N ASP A 746 12.96 9.10 19.53
CA ASP A 746 12.08 9.97 20.29
C ASP A 746 10.63 9.97 19.81
N SER A 747 10.11 8.81 19.43
CA SER A 747 8.70 8.73 19.02
C SER A 747 8.00 7.48 19.55
N THR A 748 7.01 7.70 20.42
CA THR A 748 6.25 6.62 21.01
C THR A 748 5.35 5.98 19.98
N GLU A 749 4.71 6.80 19.17
CA GLU A 749 3.77 6.32 18.17
C GLU A 749 4.49 5.43 17.17
N CYS A 750 5.70 5.84 16.80
CA CYS A 750 6.50 5.04 15.89
C CYS A 750 6.78 3.69 16.53
N ALA A 751 7.20 3.70 17.79
CA ALA A 751 7.52 2.46 18.48
C ALA A 751 6.31 1.54 18.54
N ASN A 752 5.13 2.11 18.78
CA ASN A 752 3.91 1.32 18.87
C ASN A 752 3.66 0.57 17.56
N LEU A 753 4.01 1.20 16.45
CA LEU A 753 3.87 0.57 15.15
C LEU A 753 5.04 -0.37 14.87
N LEU A 754 6.22 0.00 15.38
CA LEU A 754 7.40 -0.83 15.21
C LEU A 754 7.19 -2.19 15.85
N LEU A 755 6.46 -2.21 16.97
CA LEU A 755 6.15 -3.44 17.68
C LEU A 755 5.36 -4.44 16.84
N GLN A 756 4.79 -4.00 15.73
CA GLN A 756 3.99 -4.88 14.89
C GLN A 756 4.91 -5.77 14.07
N TYR A 757 6.20 -5.50 14.17
CA TYR A 757 7.21 -6.26 13.47
C TYR A 757 7.95 -7.17 14.47
N GLY A 758 7.40 -7.25 15.69
CA GLY A 758 7.87 -8.15 16.72
C GLY A 758 9.32 -7.94 17.13
N SER A 759 10.07 -9.04 17.12
CA SER A 759 11.45 -9.05 17.55
C SER A 759 12.43 -8.82 16.41
N PHE A 760 11.91 -8.42 15.25
CA PHE A 760 12.74 -8.22 14.09
C PHE A 760 13.93 -7.32 14.43
N CYS A 761 13.65 -6.22 15.13
CA CYS A 761 14.67 -5.23 15.48
C CYS A 761 15.73 -5.88 16.37
N THR A 762 15.29 -6.74 17.29
CA THR A 762 16.18 -7.42 18.22
C THR A 762 17.10 -8.40 17.50
N GLN A 763 16.53 -9.19 16.60
CA GLN A 763 17.31 -10.18 15.87
C GLN A 763 18.38 -9.48 15.05
N LEU A 764 18.00 -8.35 14.48
CA LEU A 764 18.89 -7.55 13.66
C LEU A 764 20.06 -7.04 14.49
N ASN A 765 19.77 -6.53 15.68
CA ASN A 765 20.81 -6.08 16.58
C ASN A 765 21.79 -7.21 16.90
N ARG A 766 21.26 -8.37 17.28
CA ARG A 766 22.11 -9.49 17.63
C ARG A 766 23.00 -9.91 16.48
N ALA A 767 22.44 -9.93 15.28
CA ALA A 767 23.20 -10.35 14.11
C ALA A 767 24.42 -9.47 13.91
N LEU A 768 24.27 -8.17 14.11
CA LEU A 768 25.39 -7.25 13.95
C LEU A 768 26.47 -7.53 14.99
N SER A 769 26.06 -7.72 16.23
CA SER A 769 27.02 -7.97 17.30
C SER A 769 27.85 -9.21 17.01
N GLY A 770 27.19 -10.24 16.49
CA GLY A 770 27.84 -11.51 16.17
C GLY A 770 29.01 -11.35 15.18
N ILE A 771 29.02 -10.26 14.43
CA ILE A 771 30.10 -10.02 13.47
C ILE A 771 31.24 -9.32 14.16
N ALA A 772 30.91 -8.30 14.94
CA ALA A 772 31.91 -7.56 15.67
C ALA A 772 32.70 -8.51 16.57
N ALA A 773 32.02 -9.51 17.09
CA ALA A 773 32.61 -10.49 17.97
C ALA A 773 33.83 -11.17 17.36
N GLU A 774 33.82 -11.40 16.05
CA GLU A 774 34.93 -12.13 15.44
C GLU A 774 36.08 -11.23 15.06
N GLN A 775 35.91 -9.93 15.21
CA GLN A 775 36.97 -9.02 14.86
C GLN A 775 38.09 -9.17 15.86
N ASP A 776 37.71 -9.46 17.10
CA ASP A 776 38.68 -9.65 18.15
C ASP A 776 39.43 -10.95 17.90
N ARG A 777 38.71 -11.97 17.44
CA ARG A 777 39.33 -13.25 17.13
C ARG A 777 40.34 -13.11 16.02
N ASN A 778 39.99 -12.37 14.98
CA ASN A 778 40.89 -12.18 13.85
C ASN A 778 42.20 -11.61 14.33
N THR A 779 42.12 -10.57 15.16
CA THR A 779 43.32 -9.93 15.66
C THR A 779 44.14 -10.89 16.50
N ARG A 780 43.48 -11.55 17.45
CA ARG A 780 44.21 -12.42 18.36
C ARG A 780 44.89 -13.56 17.64
N GLU A 781 44.18 -14.22 16.73
CA GLU A 781 44.73 -15.36 16.01
C GLU A 781 46.00 -15.02 15.26
N VAL A 782 46.05 -13.82 14.70
CA VAL A 782 47.22 -13.41 13.96
C VAL A 782 48.40 -13.08 14.87
N PHE A 783 48.17 -12.28 15.89
CA PHE A 783 49.26 -11.79 16.72
C PHE A 783 49.71 -12.72 17.84
N ALA A 784 48.76 -13.29 18.57
CA ALA A 784 49.09 -14.05 19.77
C ALA A 784 49.53 -15.47 19.43
N GLN A 785 50.66 -15.57 18.72
CA GLN A 785 51.17 -16.86 18.29
C GLN A 785 52.39 -17.29 19.08
N VAL A 786 52.77 -16.47 20.05
CA VAL A 786 53.95 -16.74 20.85
C VAL A 786 53.53 -17.26 22.22
N LYS A 787 54.12 -18.36 22.63
CA LYS A 787 53.75 -19.04 23.87
C LYS A 787 53.86 -18.14 25.09
N GLN A 788 54.86 -17.27 25.11
CA GLN A 788 55.06 -16.37 26.23
C GLN A 788 55.81 -15.13 25.80
N MET A 789 55.78 -14.10 26.63
CA MET A 789 56.43 -12.84 26.31
C MET A 789 57.85 -12.82 26.81
N TYR A 790 58.72 -12.17 26.05
CA TYR A 790 60.12 -12.08 26.42
C TYR A 790 60.57 -10.63 26.50
N LYS A 791 61.66 -10.42 27.24
CA LYS A 791 62.22 -9.08 27.39
C LYS A 791 63.00 -8.67 26.17
N THR A 792 62.94 -7.38 25.85
CA THR A 792 63.72 -6.82 24.77
C THR A 792 65.15 -6.56 25.25
N PRO A 793 66.18 -7.04 24.53
CA PRO A 793 67.58 -6.94 24.88
C PRO A 793 68.05 -5.50 24.89
N THR A 794 69.05 -5.23 25.72
CA THR A 794 69.66 -3.91 25.80
C THR A 794 70.34 -3.53 24.50
N LEU A 795 71.08 -4.46 23.94
CA LEU A 795 71.82 -4.19 22.72
C LEU A 795 70.98 -4.56 21.50
N LYS A 796 71.11 -3.75 20.46
CA LYS A 796 70.39 -3.99 19.21
C LYS A 796 71.38 -4.35 18.10
N TYR A 797 72.62 -4.63 18.52
CA TYR A 797 73.71 -4.93 17.61
C TYR A 797 74.08 -6.41 17.64
N PHE A 798 73.74 -7.12 16.58
CA PHE A 798 74.01 -8.55 16.53
C PHE A 798 74.84 -8.97 15.33
N GLY A 799 76.12 -9.19 15.55
CA GLY A 799 76.99 -9.66 14.48
C GLY A 799 77.12 -8.65 13.36
N GLY A 800 76.93 -7.37 13.68
CA GLY A 800 76.98 -6.32 12.68
C GLY A 800 75.59 -5.91 12.20
N PHE A 801 74.57 -6.67 12.56
CA PHE A 801 73.20 -6.40 12.14
C PHE A 801 72.51 -5.43 13.08
N ASN A 802 71.98 -4.36 12.51
CA ASN A 802 71.35 -3.26 13.23
C ASN A 802 69.84 -3.44 13.32
N PHE A 803 69.31 -3.75 14.50
CA PHE A 803 67.88 -3.98 14.69
C PHE A 803 67.21 -2.84 15.46
N SER A 804 67.92 -1.73 15.63
CA SER A 804 67.44 -0.65 16.47
C SER A 804 66.15 0.01 15.97
N GLN A 805 65.89 -0.10 14.68
CA GLN A 805 64.72 0.55 14.12
C GLN A 805 63.51 -0.38 14.10
N ILE A 806 63.74 -1.63 14.49
CA ILE A 806 62.70 -2.66 14.48
C ILE A 806 62.12 -2.87 15.87
N LEU A 807 63.00 -2.89 16.88
CA LEU A 807 62.57 -3.06 18.27
C LEU A 807 62.51 -1.69 18.97
N PRO A 808 61.58 -1.52 19.93
CA PRO A 808 61.38 -0.31 20.71
C PRO A 808 62.57 0.04 21.59
N ASP A 809 62.80 1.33 21.76
CA ASP A 809 63.87 1.86 22.60
C ASP A 809 63.29 2.53 23.86
N PRO A 810 63.50 1.94 25.06
CA PRO A 810 62.99 2.39 26.36
C PRO A 810 63.31 3.85 26.69
N LEU A 811 64.28 4.43 26.00
CA LEU A 811 64.62 5.82 26.25
C LEU A 811 63.43 6.75 26.06
N LYS A 812 62.57 6.44 25.10
CA LYS A 812 61.43 7.29 24.82
C LYS A 812 60.16 6.68 25.44
N PRO A 813 59.16 7.51 25.81
CA PRO A 813 57.91 7.14 26.45
C PRO A 813 57.00 6.20 25.65
N THR A 814 57.20 6.12 24.35
CA THR A 814 56.36 5.26 23.54
C THR A 814 56.85 3.82 23.62
N LYS A 815 55.99 2.88 23.24
CA LYS A 815 56.37 1.48 23.26
C LYS A 815 56.52 0.92 21.85
N ARG A 816 56.33 1.78 20.86
CA ARG A 816 56.47 1.38 19.46
C ARG A 816 57.91 1.57 18.99
N SER A 817 58.31 0.78 18.01
CA SER A 817 59.61 0.95 17.38
C SER A 817 59.58 2.15 16.48
N PHE A 818 60.76 2.60 16.06
CA PHE A 818 60.83 3.75 15.18
C PHE A 818 59.94 3.56 13.97
N ILE A 819 60.12 2.42 13.31
CA ILE A 819 59.34 2.14 12.12
C ILE A 819 57.86 2.07 12.43
N GLU A 820 57.49 1.37 13.51
CA GLU A 820 56.09 1.24 13.85
C GLU A 820 55.44 2.59 14.10
N ASP A 821 56.16 3.48 14.77
CA ASP A 821 55.60 4.79 15.05
C ASP A 821 55.41 5.56 13.77
N LEU A 822 56.44 5.51 12.91
CA LEU A 822 56.38 6.15 11.61
C LEU A 822 55.19 5.61 10.82
N LEU A 823 55.00 4.30 10.90
CA LEU A 823 53.97 3.62 10.16
C LEU A 823 52.58 4.09 10.62
N PHE A 824 52.34 4.06 11.93
CA PHE A 824 51.04 4.47 12.47
C PHE A 824 50.71 5.90 12.14
N ASN A 825 51.70 6.78 12.22
CA ASN A 825 51.51 8.20 11.99
C ASN A 825 51.22 8.53 10.54
N LYS A 826 51.31 7.54 9.67
CA LYS A 826 51.03 7.74 8.27
C LYS A 826 49.55 7.96 8.02
N VAL A 827 48.71 7.29 8.80
CA VAL A 827 47.27 7.39 8.59
C VAL A 827 46.57 7.99 9.81
N GLN A 837 28.83 12.07 12.70
CA GLN A 837 29.30 10.76 12.26
C GLN A 837 28.78 9.64 13.15
N TYR A 838 29.38 9.50 14.33
CA TYR A 838 28.97 8.45 15.26
C TYR A 838 29.45 8.76 16.68
N GLY A 839 28.86 8.10 17.67
CA GLY A 839 29.29 8.25 19.04
C GLY A 839 30.61 7.53 19.28
N GLU A 840 31.41 8.06 20.18
CA GLU A 840 32.71 7.47 20.49
C GLU A 840 33.15 7.92 21.87
N CYS A 841 34.30 7.45 22.33
CA CYS A 841 34.84 7.88 23.60
C CYS A 841 36.35 7.66 23.65
N LEU A 842 37.07 8.69 24.08
CA LEU A 842 38.52 8.65 24.09
C LEU A 842 39.09 8.91 25.49
N ILE A 851 36.93 11.45 27.82
CA ILE A 851 35.61 12.03 27.57
C ILE A 851 34.86 11.29 26.47
N CYS A 852 33.53 11.25 26.60
CA CYS A 852 32.68 10.55 25.65
C CYS A 852 31.76 11.52 24.94
N ALA A 853 31.28 11.13 23.76
CA ALA A 853 30.30 11.94 23.01
C ALA A 853 29.37 11.03 22.22
N GLN A 854 28.13 11.49 22.03
CA GLN A 854 27.15 10.69 21.30
C GLN A 854 26.46 11.51 20.22
N LYS A 855 25.91 10.82 19.22
CA LYS A 855 25.19 11.47 18.13
C LYS A 855 23.74 11.02 18.07
N PHE A 856 22.88 11.91 17.56
CA PHE A 856 21.45 11.69 17.48
C PHE A 856 21.04 10.59 16.49
N ASN A 857 21.99 10.06 15.74
CA ASN A 857 21.67 9.02 14.79
C ASN A 857 21.63 7.63 15.44
N GLY A 858 22.06 7.53 16.70
CA GLY A 858 21.99 6.26 17.44
C GLY A 858 23.12 5.28 17.11
N LEU A 859 24.12 5.72 16.36
CA LEU A 859 25.22 4.82 15.95
C LEU A 859 26.50 5.07 16.74
N THR A 860 27.23 4.00 17.00
CA THR A 860 28.55 4.10 17.63
C THR A 860 29.52 3.02 17.17
N VAL A 861 30.71 3.05 17.77
CA VAL A 861 31.76 2.07 17.50
C VAL A 861 32.34 1.54 18.80
N LEU A 862 32.41 0.23 18.94
CA LEU A 862 32.92 -0.37 20.15
C LEU A 862 34.45 -0.55 20.06
N PRO A 863 35.17 -0.47 21.18
CA PRO A 863 36.60 -0.66 21.30
C PRO A 863 36.99 -2.15 21.17
N PRO A 864 38.24 -2.41 20.76
CA PRO A 864 38.89 -3.71 20.73
C PRO A 864 39.29 -4.14 22.13
N LEU A 865 39.47 -5.45 22.35
CA LEU A 865 40.04 -5.91 23.60
C LEU A 865 41.51 -5.55 23.66
N LEU A 866 42.19 -5.73 22.54
CA LEU A 866 43.62 -5.49 22.48
C LEU A 866 43.93 -4.14 21.87
N THR A 867 44.48 -3.25 22.68
CA THR A 867 44.80 -1.90 22.26
C THR A 867 46.09 -1.90 21.45
N ASP A 868 46.39 -0.78 20.80
CA ASP A 868 47.59 -0.69 19.98
C ASP A 868 48.85 -1.02 20.76
N ASP A 869 48.90 -0.58 22.02
CA ASP A 869 50.07 -0.85 22.85
C ASP A 869 50.24 -2.34 23.09
N MET A 870 49.13 -3.03 23.28
CA MET A 870 49.15 -4.45 23.56
C MET A 870 49.61 -5.20 22.32
N ILE A 871 49.18 -4.72 21.16
CA ILE A 871 49.61 -5.32 19.91
C ILE A 871 51.08 -5.11 19.72
N ALA A 872 51.56 -3.90 20.00
CA ALA A 872 52.98 -3.61 19.88
C ALA A 872 53.78 -4.53 20.78
N ALA A 873 53.25 -4.79 21.98
CA ALA A 873 53.94 -5.68 22.91
C ALA A 873 54.12 -7.07 22.32
N TYR A 874 53.07 -7.58 21.67
CA TYR A 874 53.16 -8.89 21.05
C TYR A 874 54.21 -8.92 19.95
N THR A 875 54.20 -7.90 19.10
CA THR A 875 55.11 -7.88 17.97
C THR A 875 56.54 -7.69 18.40
N ALA A 876 56.75 -6.82 19.37
CA ALA A 876 58.10 -6.59 19.84
C ALA A 876 58.64 -7.83 20.47
N ALA A 877 57.84 -8.49 21.30
CA ALA A 877 58.26 -9.71 21.97
C ALA A 877 58.58 -10.78 20.96
N LEU A 878 57.76 -10.89 19.91
CA LEU A 878 57.98 -11.89 18.90
C LEU A 878 59.32 -11.69 18.24
N VAL A 879 59.56 -10.45 17.77
CA VAL A 879 60.80 -10.17 17.06
C VAL A 879 62.00 -10.38 17.95
N SER A 880 61.92 -9.89 19.17
CA SER A 880 63.01 -10.04 20.09
C SER A 880 63.31 -11.51 20.30
N GLY A 881 62.27 -12.29 20.51
CA GLY A 881 62.40 -13.72 20.72
C GLY A 881 63.05 -14.41 19.54
N THR A 882 62.44 -14.31 18.35
CA THR A 882 62.92 -15.07 17.19
C THR A 882 64.38 -14.76 16.85
N ALA A 883 64.79 -13.52 17.11
CA ALA A 883 66.14 -13.09 16.81
C ALA A 883 67.19 -13.98 17.46
N THR A 884 66.88 -14.56 18.62
CA THR A 884 67.84 -15.41 19.30
C THR A 884 67.29 -16.81 19.57
N ALA A 885 65.96 -16.95 19.52
CA ALA A 885 65.26 -18.19 19.86
C ALA A 885 65.36 -19.26 18.77
N GLY A 886 65.35 -18.82 17.51
CA GLY A 886 65.48 -19.75 16.40
C GLY A 886 64.28 -20.66 16.15
N TRP A 887 64.57 -21.84 15.63
CA TRP A 887 63.60 -22.78 15.06
C TRP A 887 62.57 -23.37 16.01
N THR A 888 62.87 -23.37 17.30
CA THR A 888 61.96 -23.95 18.27
C THR A 888 61.12 -22.87 18.93
N PHE A 889 61.35 -21.62 18.53
CA PHE A 889 60.73 -20.46 19.16
C PHE A 889 59.22 -20.60 19.31
N GLY A 890 58.55 -20.96 18.22
CA GLY A 890 57.10 -21.10 18.23
C GLY A 890 56.65 -22.57 18.30
N ALA A 891 57.58 -23.47 18.59
CA ALA A 891 57.26 -24.91 18.56
C ALA A 891 57.35 -25.53 19.94
N GLY A 892 58.42 -25.25 20.66
CA GLY A 892 58.66 -25.85 21.97
C GLY A 892 59.45 -24.91 22.85
N ALA A 893 60.38 -25.46 23.60
CA ALA A 893 61.23 -24.64 24.45
C ALA A 893 62.04 -23.71 23.58
N ALA A 894 62.25 -22.50 24.03
CA ALA A 894 63.11 -21.60 23.30
C ALA A 894 64.56 -21.97 23.58
N LEU A 895 65.38 -21.91 22.55
CA LEU A 895 66.80 -22.16 22.69
C LEU A 895 67.56 -20.87 22.47
N GLN A 896 68.81 -20.83 22.83
CA GLN A 896 69.61 -19.68 22.49
C GLN A 896 70.71 -20.04 21.51
N ILE A 897 70.67 -19.38 20.37
CA ILE A 897 71.61 -19.60 19.28
C ILE A 897 72.22 -18.26 18.88
N PRO A 898 73.54 -18.16 18.75
CA PRO A 898 74.24 -16.97 18.31
C PRO A 898 73.64 -16.52 17.01
N PHE A 899 73.46 -15.21 16.87
CA PHE A 899 72.79 -14.68 15.70
C PHE A 899 73.43 -15.15 14.40
N ALA A 900 74.73 -14.95 14.29
CA ALA A 900 75.43 -15.29 13.06
C ALA A 900 75.29 -16.77 12.75
N MET A 901 75.29 -17.61 13.79
CA MET A 901 75.16 -19.04 13.58
C MET A 901 73.80 -19.34 12.97
N GLN A 902 72.76 -18.70 13.50
CA GLN A 902 71.42 -18.91 13.00
C GLN A 902 71.36 -18.54 11.51
N MET A 903 71.93 -17.39 11.17
CA MET A 903 71.90 -16.93 9.80
C MET A 903 72.66 -17.85 8.87
N ALA A 904 73.82 -18.32 9.33
CA ALA A 904 74.63 -19.21 8.53
C ALA A 904 73.84 -20.43 8.13
N TYR A 905 73.11 -20.97 9.08
CA TYR A 905 72.27 -22.12 8.81
C TYR A 905 71.20 -21.80 7.78
N ARG A 906 70.51 -20.69 7.96
CA ARG A 906 69.45 -20.33 7.04
C ARG A 906 69.94 -20.20 5.61
N PHE A 907 71.19 -19.74 5.42
CA PHE A 907 71.78 -19.69 4.09
C PHE A 907 71.97 -21.08 3.50
N ASN A 908 72.47 -21.99 4.33
CA ASN A 908 72.63 -23.38 3.91
C ASN A 908 71.27 -23.95 3.51
N GLY A 909 70.22 -23.50 4.20
CA GLY A 909 68.86 -23.92 3.95
C GLY A 909 68.34 -23.52 2.57
N ILE A 910 69.03 -22.59 1.90
CA ILE A 910 68.65 -22.16 0.57
C ILE A 910 69.33 -23.03 -0.45
N GLY A 911 70.62 -23.28 -0.22
CA GLY A 911 71.38 -24.10 -1.14
C GLY A 911 72.76 -23.53 -1.41
N VAL A 912 73.18 -22.58 -0.58
CA VAL A 912 74.52 -22.03 -0.72
C VAL A 912 75.37 -22.49 0.43
N THR A 913 76.57 -22.97 0.12
CA THR A 913 77.44 -23.53 1.14
C THR A 913 77.58 -22.56 2.30
N GLN A 914 77.41 -23.08 3.51
CA GLN A 914 77.43 -22.30 4.73
C GLN A 914 78.59 -21.32 4.84
N ASN A 915 79.80 -21.75 4.45
CA ASN A 915 81.00 -20.94 4.63
C ASN A 915 80.90 -19.60 3.93
N VAL A 916 80.04 -19.51 2.92
CA VAL A 916 79.92 -18.30 2.13
C VAL A 916 79.47 -17.14 2.99
N LEU A 917 78.56 -17.39 3.92
CA LEU A 917 78.05 -16.32 4.75
C LEU A 917 79.13 -15.73 5.61
N TYR A 918 79.93 -16.58 6.23
CA TYR A 918 80.95 -16.09 7.11
C TYR A 918 81.92 -15.21 6.36
N GLU A 919 82.32 -15.67 5.17
CA GLU A 919 83.26 -14.91 4.35
C GLU A 919 82.69 -13.56 3.94
N ASN A 920 81.39 -13.53 3.68
CA ASN A 920 80.74 -12.31 3.26
C ASN A 920 79.93 -11.66 4.37
N GLN A 921 80.19 -12.04 5.62
CA GLN A 921 79.39 -11.52 6.72
C GLN A 921 79.38 -10.00 6.76
N LYS A 922 80.50 -9.38 6.44
CA LYS A 922 80.58 -7.93 6.51
C LYS A 922 79.68 -7.30 5.46
N GLN A 923 79.75 -7.83 4.24
CA GLN A 923 78.94 -7.31 3.15
C GLN A 923 77.46 -7.53 3.41
N ILE A 924 77.13 -8.67 3.99
CA ILE A 924 75.76 -9.01 4.29
C ILE A 924 75.18 -8.07 5.32
N ALA A 925 75.88 -7.89 6.43
CA ALA A 925 75.41 -7.02 7.49
C ALA A 925 75.24 -5.61 6.98
N ASN A 926 76.17 -5.17 6.13
CA ASN A 926 76.12 -3.83 5.60
C ASN A 926 74.88 -3.60 4.75
N GLN A 927 74.61 -4.51 3.84
CA GLN A 927 73.44 -4.36 2.98
C GLN A 927 72.17 -4.42 3.80
N PHE A 928 72.14 -5.29 4.79
CA PHE A 928 70.98 -5.44 5.65
C PHE A 928 70.64 -4.11 6.29
N ASN A 929 71.64 -3.48 6.89
CA ASN A 929 71.44 -2.24 7.59
C ASN A 929 70.96 -1.13 6.67
N LYS A 930 71.53 -1.06 5.47
CA LYS A 930 71.13 -0.04 4.53
C LYS A 930 69.72 -0.28 4.03
N ALA A 931 69.36 -1.53 3.78
CA ALA A 931 68.03 -1.86 3.29
C ALA A 931 66.99 -1.35 4.27
N ILE A 932 67.26 -1.51 5.56
CA ILE A 932 66.34 -1.03 6.56
C ILE A 932 66.21 0.48 6.48
N SER A 933 67.35 1.16 6.37
CA SER A 933 67.35 2.60 6.26
C SER A 933 66.56 3.05 5.04
N GLN A 934 66.71 2.33 3.93
CA GLN A 934 66.01 2.69 2.70
C GLN A 934 64.50 2.61 2.88
N ILE A 935 64.04 1.57 3.56
CA ILE A 935 62.61 1.45 3.82
C ILE A 935 62.12 2.57 4.71
N GLN A 936 62.88 2.86 5.76
CA GLN A 936 62.51 3.92 6.68
C GLN A 936 62.25 5.21 5.90
N GLU A 937 63.16 5.54 4.99
CA GLU A 937 63.01 6.75 4.18
C GLU A 937 61.80 6.64 3.26
N SER A 938 61.61 5.48 2.64
CA SER A 938 60.50 5.29 1.71
C SER A 938 59.17 5.55 2.39
N LEU A 939 59.02 5.02 3.59
CA LEU A 939 57.77 5.13 4.34
C LEU A 939 57.56 6.52 4.92
N THR A 940 58.51 7.41 4.69
CA THR A 940 58.41 8.77 5.19
C THR A 940 57.95 9.73 4.09
N THR A 941 58.04 9.31 2.83
CA THR A 941 57.73 10.22 1.73
C THR A 941 56.65 9.68 0.77
N THR A 942 56.34 8.39 0.87
CA THR A 942 55.37 7.79 -0.05
C THR A 942 53.95 8.08 0.36
N SER A 943 53.01 7.56 -0.41
CA SER A 943 51.60 7.79 -0.17
C SER A 943 50.74 6.57 -0.48
N THR A 944 51.37 5.47 -0.92
CA THR A 944 50.60 4.32 -1.37
C THR A 944 50.81 3.05 -0.53
N ALA A 945 51.84 3.05 0.31
CA ALA A 945 52.24 1.83 1.02
C ALA A 945 51.11 1.22 1.82
N LEU A 946 50.29 2.07 2.43
CA LEU A 946 49.20 1.59 3.27
C LEU A 946 47.85 1.82 2.63
N GLY A 947 47.83 1.96 1.31
CA GLY A 947 46.57 2.21 0.62
C GLY A 947 45.52 1.17 0.97
N LYS A 948 45.96 -0.07 1.16
CA LYS A 948 45.06 -1.16 1.52
C LYS A 948 44.34 -0.91 2.84
N LEU A 949 45.04 -0.32 3.80
CA LEU A 949 44.44 -0.13 5.12
C LEU A 949 43.50 1.05 5.07
N GLN A 950 43.91 2.09 4.36
CA GLN A 950 43.08 3.28 4.25
C GLN A 950 41.80 2.96 3.52
N ASP A 951 41.90 2.07 2.53
CA ASP A 951 40.75 1.65 1.76
C ASP A 951 39.68 1.04 2.65
N VAL A 952 40.09 0.13 3.53
CA VAL A 952 39.12 -0.49 4.43
C VAL A 952 38.43 0.56 5.29
N VAL A 953 39.22 1.49 5.82
CA VAL A 953 38.68 2.53 6.66
C VAL A 953 37.70 3.40 5.89
N ASN A 954 38.06 3.76 4.66
CA ASN A 954 37.20 4.61 3.85
C ASN A 954 35.88 3.91 3.58
N GLN A 955 35.93 2.62 3.31
CA GLN A 955 34.73 1.86 3.02
C GLN A 955 33.79 1.86 4.22
N ASN A 956 34.35 1.71 5.40
CA ASN A 956 33.55 1.72 6.61
C ASN A 956 32.86 3.06 6.77
N ALA A 957 33.60 4.14 6.57
CA ALA A 957 33.04 5.47 6.71
C ALA A 957 31.91 5.69 5.71
N GLN A 958 32.10 5.23 4.48
CA GLN A 958 31.10 5.41 3.45
C GLN A 958 29.82 4.68 3.80
N ALA A 959 29.96 3.46 4.28
CA ALA A 959 28.79 2.66 4.64
C ALA A 959 28.01 3.31 5.76
N LEU A 960 28.70 3.84 6.75
CA LEU A 960 28.04 4.47 7.88
C LEU A 960 27.30 5.72 7.46
N ASN A 961 27.95 6.53 6.63
CA ASN A 961 27.34 7.77 6.19
C ASN A 961 26.15 7.51 5.30
N THR A 962 26.23 6.47 4.49
CA THR A 962 25.14 6.13 3.60
C THR A 962 23.91 5.77 4.40
N LEU A 963 24.08 4.88 5.38
CA LEU A 963 22.95 4.44 6.18
C LEU A 963 22.28 5.59 6.89
N VAL A 964 23.08 6.41 7.57
CA VAL A 964 22.52 7.53 8.33
C VAL A 964 21.88 8.55 7.41
N LYS A 965 22.54 8.87 6.33
CA LYS A 965 22.02 9.85 5.38
C LYS A 965 20.59 9.53 4.97
N GLN A 966 20.31 8.24 4.76
CA GLN A 966 18.98 7.81 4.34
C GLN A 966 17.88 8.17 5.33
N LEU A 967 18.24 8.55 6.55
CA LEU A 967 17.21 8.96 7.51
C LEU A 967 16.41 10.14 6.99
N SER A 968 17.01 10.92 6.08
CA SER A 968 16.37 12.09 5.50
C SER A 968 15.56 11.73 4.24
N SER A 969 15.62 10.46 3.84
CA SER A 969 14.88 9.98 2.68
C SER A 969 13.39 10.05 2.92
N ASN A 970 12.62 10.31 1.87
CA ASN A 970 11.19 10.44 2.04
C ASN A 970 10.51 9.08 2.04
N PHE A 971 11.05 8.17 1.25
CA PHE A 971 10.51 6.81 1.14
C PHE A 971 9.05 6.79 0.73
N GLY A 972 8.63 7.80 -0.03
CA GLY A 972 7.26 7.85 -0.51
C GLY A 972 6.26 8.37 0.54
N ALA A 973 6.76 8.79 1.69
CA ALA A 973 5.89 9.32 2.74
C ALA A 973 5.60 10.80 2.49
N ILE A 974 4.60 11.35 3.19
CA ILE A 974 4.36 12.80 3.09
C ILE A 974 5.49 13.62 3.69
N SER A 975 6.30 12.99 4.54
CA SER A 975 7.40 13.66 5.19
C SER A 975 8.45 12.67 5.69
N SER A 976 9.71 13.09 5.66
CA SER A 976 10.82 12.29 6.17
C SER A 976 10.95 12.39 7.70
N VAL A 977 10.15 13.26 8.31
CA VAL A 977 10.22 13.51 9.74
C VAL A 977 8.93 13.13 10.46
N LEU A 978 9.07 12.30 11.49
CA LEU A 978 7.90 11.81 12.23
C LEU A 978 7.11 12.96 12.86
N ASN A 979 7.81 13.95 13.37
CA ASN A 979 7.15 15.07 14.04
C ASN A 979 6.29 15.87 13.07
N ASP A 980 6.72 15.91 11.81
CA ASP A 980 6.01 16.67 10.78
C ASP A 980 4.83 15.89 10.23
N ILE A 981 4.63 14.68 10.73
CA ILE A 981 3.49 13.88 10.38
C ILE A 981 2.48 13.95 11.51
N LEU A 982 2.91 13.61 12.70
CA LEU A 982 2.01 13.57 13.84
C LEU A 982 1.41 14.95 14.13
N SER A 983 2.23 15.98 14.03
CA SER A 983 1.81 17.33 14.38
C SER A 983 0.69 17.90 13.51
N ARG A 984 0.39 17.28 12.36
CA ARG A 984 -0.65 17.83 11.50
C ARG A 984 -1.60 16.78 10.92
N LEU A 985 -1.61 15.57 11.50
CA LEU A 985 -2.52 14.52 11.03
C LEU A 985 -3.19 13.78 12.16
N ASP A 986 -4.46 13.47 11.97
CA ASP A 986 -5.18 12.63 12.91
C ASP A 986 -4.46 11.27 12.95
N PRO A 987 -4.49 10.56 14.10
CA PRO A 987 -3.81 9.29 14.32
C PRO A 987 -3.93 8.24 13.19
N PRO A 988 -5.11 8.03 12.55
CA PRO A 988 -5.31 7.07 11.48
C PRO A 988 -4.32 7.32 10.35
N GLU A 989 -4.47 8.46 9.67
CA GLU A 989 -3.62 8.81 8.55
C GLU A 989 -2.17 8.97 8.97
N ALA A 990 -1.95 9.50 10.18
CA ALA A 990 -0.60 9.71 10.66
C ALA A 990 0.13 8.38 10.78
N GLU A 991 -0.55 7.37 11.33
CA GLU A 991 0.04 6.05 11.49
C GLU A 991 0.40 5.43 10.15
N VAL A 992 -0.44 5.67 9.14
CA VAL A 992 -0.16 5.14 7.82
C VAL A 992 1.14 5.72 7.28
N GLN A 993 1.28 7.03 7.40
CA GLN A 993 2.47 7.69 6.91
C GLN A 993 3.71 7.28 7.69
N ILE A 994 3.54 7.08 8.99
CA ILE A 994 4.64 6.62 9.81
C ILE A 994 5.06 5.22 9.40
N ASP A 995 4.07 4.34 9.20
CA ASP A 995 4.34 2.97 8.80
C ASP A 995 5.15 2.95 7.50
N ARG A 996 4.78 3.81 6.56
CA ARG A 996 5.54 3.91 5.31
C ARG A 996 6.99 4.27 5.60
N LEU A 997 7.17 5.27 6.46
CA LEU A 997 8.50 5.72 6.87
C LEU A 997 9.28 4.57 7.53
N ILE A 998 8.63 3.85 8.44
CA ILE A 998 9.29 2.75 9.15
C ILE A 998 9.76 1.70 8.18
N THR A 999 8.89 1.28 7.27
CA THR A 999 9.25 0.24 6.33
C THR A 999 10.50 0.64 5.58
N GLY A 1000 10.52 1.87 5.10
CA GLY A 1000 11.65 2.40 4.37
C GLY A 1000 12.93 2.28 5.19
N ARG A 1001 12.93 2.82 6.39
CA ARG A 1001 14.13 2.81 7.21
C ARG A 1001 14.59 1.39 7.57
N LEU A 1002 13.63 0.48 7.76
CA LEU A 1002 13.99 -0.90 8.08
C LEU A 1002 14.75 -1.53 6.94
N GLN A 1003 14.31 -1.28 5.71
CA GLN A 1003 15.00 -1.82 4.55
C GLN A 1003 16.41 -1.28 4.46
N SER A 1004 16.58 0.00 4.82
CA SER A 1004 17.91 0.60 4.77
C SER A 1004 18.85 -0.07 5.77
N LEU A 1005 18.36 -0.33 6.99
CA LEU A 1005 19.24 -0.95 7.98
C LEU A 1005 19.55 -2.39 7.57
N GLN A 1006 18.56 -3.11 7.06
CA GLN A 1006 18.78 -4.48 6.60
C GLN A 1006 19.82 -4.51 5.50
N THR A 1007 19.77 -3.54 4.61
CA THR A 1007 20.73 -3.49 3.55
C THR A 1007 22.13 -3.35 4.11
N TYR A 1008 22.28 -2.44 5.06
CA TYR A 1008 23.57 -2.20 5.69
C TYR A 1008 24.15 -3.47 6.28
N VAL A 1009 23.36 -4.18 7.09
CA VAL A 1009 23.92 -5.33 7.80
C VAL A 1009 24.31 -6.44 6.84
N THR A 1010 23.55 -6.61 5.75
CA THR A 1010 23.92 -7.61 4.77
C THR A 1010 25.29 -7.29 4.21
N GLN A 1011 25.49 -6.03 3.83
CA GLN A 1011 26.74 -5.60 3.27
C GLN A 1011 27.87 -5.77 4.28
N GLN A 1012 27.56 -5.54 5.55
CA GLN A 1012 28.53 -5.66 6.61
C GLN A 1012 29.04 -7.09 6.72
N LEU A 1013 28.14 -8.07 6.59
CA LEU A 1013 28.54 -9.46 6.65
C LEU A 1013 29.46 -9.81 5.49
N ILE A 1014 29.14 -9.29 4.31
CA ILE A 1014 29.96 -9.56 3.15
C ILE A 1014 31.36 -9.00 3.35
N ARG A 1015 31.46 -7.78 3.84
CA ARG A 1015 32.75 -7.18 4.13
C ARG A 1015 33.51 -8.01 5.15
N ALA A 1016 32.81 -8.46 6.19
CA ALA A 1016 33.44 -9.24 7.23
C ALA A 1016 34.08 -10.48 6.68
N ALA A 1017 33.38 -11.14 5.75
CA ALA A 1017 33.87 -12.37 5.19
C ALA A 1017 35.22 -12.18 4.51
N GLU A 1018 35.37 -11.07 3.80
CA GLU A 1018 36.61 -10.83 3.07
C GLU A 1018 37.75 -10.58 4.05
N ILE A 1019 37.48 -9.82 5.08
CA ILE A 1019 38.49 -9.53 6.08
C ILE A 1019 38.87 -10.79 6.83
N ARG A 1020 37.87 -11.59 7.19
CA ARG A 1020 38.12 -12.83 7.90
C ARG A 1020 39.13 -13.68 7.13
N ALA A 1021 38.92 -13.76 5.81
CA ALA A 1021 39.83 -14.51 4.95
C ALA A 1021 41.24 -13.92 4.99
N SER A 1022 41.31 -12.59 4.94
CA SER A 1022 42.61 -11.93 5.00
C SER A 1022 43.33 -12.25 6.29
N ALA A 1023 42.60 -12.19 7.40
CA ALA A 1023 43.19 -12.48 8.70
C ALA A 1023 43.75 -13.89 8.74
N ASN A 1024 43.03 -14.84 8.16
CA ASN A 1024 43.51 -16.22 8.16
C ASN A 1024 44.81 -16.32 7.39
N LEU A 1025 44.90 -15.61 6.28
CA LEU A 1025 46.12 -15.60 5.50
C LEU A 1025 47.25 -14.97 6.29
N ALA A 1026 46.97 -13.84 6.93
CA ALA A 1026 48.00 -13.15 7.68
C ALA A 1026 48.56 -14.04 8.77
N ALA A 1027 47.67 -14.79 9.44
CA ALA A 1027 48.10 -15.70 10.49
C ALA A 1027 49.03 -16.76 9.90
N THR A 1028 48.67 -17.23 8.71
CA THR A 1028 49.47 -18.24 8.02
C THR A 1028 50.84 -17.69 7.68
N LYS A 1029 50.87 -16.48 7.12
CA LYS A 1029 52.14 -15.88 6.72
C LYS A 1029 53.06 -15.68 7.90
N MET A 1030 52.54 -15.24 9.03
CA MET A 1030 53.41 -15.07 10.18
C MET A 1030 54.00 -16.42 10.57
N SER A 1031 53.15 -17.44 10.59
CA SER A 1031 53.58 -18.76 10.98
C SER A 1031 54.69 -19.30 10.06
N GLU A 1032 54.54 -19.09 8.75
CA GLU A 1032 55.48 -19.67 7.80
C GLU A 1032 56.68 -18.79 7.45
N CYS A 1033 56.51 -17.47 7.51
CA CYS A 1033 57.57 -16.55 7.10
C CYS A 1033 58.37 -16.03 8.28
N VAL A 1034 57.77 -15.99 9.46
CA VAL A 1034 58.42 -15.39 10.61
C VAL A 1034 58.87 -16.44 11.61
N LEU A 1035 57.96 -17.34 11.95
CA LEU A 1035 58.24 -18.33 12.98
C LEU A 1035 58.95 -19.56 12.40
N GLY A 1036 59.34 -19.47 11.14
CA GLY A 1036 60.05 -20.52 10.46
C GLY A 1036 60.68 -19.99 9.18
N GLN A 1037 61.01 -20.88 8.25
CA GLN A 1037 61.60 -20.45 6.99
C GLN A 1037 60.90 -21.15 5.84
N SER A 1038 60.20 -20.36 5.05
CA SER A 1038 59.41 -20.86 3.95
C SER A 1038 60.25 -21.50 2.87
N LYS A 1039 59.72 -22.58 2.31
CA LYS A 1039 60.36 -23.24 1.18
C LYS A 1039 59.56 -22.96 -0.09
N ARG A 1040 58.25 -22.78 0.06
CA ARG A 1040 57.37 -22.49 -1.06
C ARG A 1040 57.75 -21.15 -1.68
N VAL A 1041 57.72 -21.08 -3.00
CA VAL A 1041 58.13 -19.88 -3.71
C VAL A 1041 57.06 -18.81 -3.71
N ASP A 1042 57.49 -17.55 -3.81
CA ASP A 1042 56.61 -16.41 -3.97
C ASP A 1042 55.52 -16.34 -2.91
N PHE A 1043 55.88 -16.65 -1.67
CA PHE A 1043 54.92 -16.56 -0.59
C PHE A 1043 55.32 -15.49 0.40
N CYS A 1044 56.62 -15.43 0.71
CA CYS A 1044 57.14 -14.46 1.66
C CYS A 1044 57.88 -13.36 0.93
N GLY A 1045 57.90 -13.44 -0.39
CA GLY A 1045 58.65 -12.50 -1.22
C GLY A 1045 59.11 -13.16 -2.50
N LYS A 1046 59.61 -12.36 -3.43
CA LYS A 1046 60.04 -12.86 -4.74
C LYS A 1046 61.36 -13.62 -4.70
N GLY A 1047 62.24 -13.24 -3.78
CA GLY A 1047 63.55 -13.88 -3.70
C GLY A 1047 63.49 -15.12 -2.80
N TYR A 1048 64.66 -15.57 -2.36
CA TYR A 1048 64.72 -16.76 -1.52
C TYR A 1048 64.61 -16.35 -0.07
N HIS A 1049 63.60 -16.86 0.60
CA HIS A 1049 63.29 -16.40 1.95
C HIS A 1049 64.40 -16.66 2.96
N LEU A 1050 64.80 -15.60 3.67
CA LEU A 1050 65.80 -15.73 4.73
C LEU A 1050 65.20 -15.44 6.09
N MET A 1051 64.44 -14.35 6.17
CA MET A 1051 63.97 -13.83 7.45
C MET A 1051 62.80 -12.89 7.27
N SER A 1052 61.99 -12.70 8.30
CA SER A 1052 60.99 -11.64 8.26
C SER A 1052 60.61 -11.17 9.64
N PHE A 1053 60.10 -9.94 9.72
CA PHE A 1053 59.68 -9.37 10.98
C PHE A 1053 58.32 -8.69 10.85
N PRO A 1054 57.36 -9.00 11.73
CA PRO A 1054 56.12 -8.28 11.92
C PRO A 1054 56.35 -6.89 12.46
N GLN A 1055 55.47 -5.99 12.08
CA GLN A 1055 55.39 -4.66 12.66
C GLN A 1055 53.94 -4.33 12.93
N ALA A 1056 53.67 -3.70 14.07
CA ALA A 1056 52.32 -3.30 14.41
C ALA A 1056 51.82 -2.27 13.40
N ALA A 1057 50.53 -2.34 13.09
CA ALA A 1057 49.92 -1.41 12.15
C ALA A 1057 48.44 -1.24 12.48
N PRO A 1058 47.86 -0.07 12.20
CA PRO A 1058 46.48 0.23 12.44
C PRO A 1058 45.60 -0.68 11.61
N HIS A 1059 44.66 -1.35 12.29
CA HIS A 1059 43.72 -2.26 11.65
C HIS A 1059 44.38 -3.32 10.75
N GLY A 1060 45.67 -3.60 10.95
CA GLY A 1060 46.36 -4.51 10.06
C GLY A 1060 47.75 -4.89 10.53
N VAL A 1061 48.50 -5.53 9.64
CA VAL A 1061 49.83 -6.01 9.95
C VAL A 1061 50.79 -5.67 8.83
N VAL A 1062 51.96 -5.19 9.19
CA VAL A 1062 52.98 -4.93 8.20
C VAL A 1062 54.17 -5.85 8.38
N PHE A 1063 54.58 -6.50 7.31
CA PHE A 1063 55.71 -7.39 7.37
C PHE A 1063 56.88 -6.87 6.59
N LEU A 1064 58.07 -7.07 7.16
CA LEU A 1064 59.30 -6.79 6.46
C LEU A 1064 59.96 -8.11 6.11
N HIS A 1065 59.99 -8.43 4.81
CA HIS A 1065 60.48 -9.72 4.35
C HIS A 1065 61.88 -9.60 3.77
N VAL A 1066 62.80 -10.36 4.34
CA VAL A 1066 64.20 -10.33 3.93
C VAL A 1066 64.49 -11.50 3.03
N THR A 1067 64.94 -11.21 1.81
CA THR A 1067 65.21 -12.29 0.87
C THR A 1067 66.58 -12.21 0.25
N TYR A 1068 67.07 -13.37 -0.17
CA TYR A 1068 68.31 -13.52 -0.91
C TYR A 1068 68.03 -13.41 -2.40
N VAL A 1069 68.78 -12.56 -3.06
CA VAL A 1069 68.60 -12.37 -4.49
C VAL A 1069 69.92 -12.59 -5.22
N PRO A 1070 69.97 -13.47 -6.22
CA PRO A 1070 71.14 -13.75 -7.02
C PRO A 1070 71.48 -12.53 -7.86
N SER A 1071 72.76 -12.30 -8.10
CA SER A 1071 73.19 -11.16 -8.89
C SER A 1071 73.84 -11.58 -10.19
N GLN A 1072 74.59 -10.65 -10.78
CA GLN A 1072 75.22 -10.82 -12.09
C GLN A 1072 75.77 -12.22 -12.29
N GLU A 1073 75.50 -12.77 -13.47
CA GLU A 1073 75.94 -14.11 -13.81
C GLU A 1073 77.17 -14.13 -14.69
N ARG A 1074 77.61 -15.34 -14.98
CA ARG A 1074 78.73 -15.59 -15.87
C ARG A 1074 78.49 -16.85 -16.68
N ASN A 1075 78.98 -16.85 -17.91
CA ASN A 1075 78.82 -17.98 -18.81
C ASN A 1075 79.88 -19.05 -18.58
N PHE A 1076 79.44 -20.28 -18.47
CA PHE A 1076 80.34 -21.43 -18.42
C PHE A 1076 79.82 -22.55 -19.29
N THR A 1077 80.70 -23.41 -19.76
CA THR A 1077 80.26 -24.60 -20.50
C THR A 1077 79.99 -25.72 -19.51
N THR A 1078 78.97 -26.55 -19.78
CA THR A 1078 78.68 -27.65 -18.87
C THR A 1078 78.74 -29.02 -19.53
N ALA A 1079 78.45 -30.04 -18.73
CA ALA A 1079 78.47 -31.42 -19.19
C ALA A 1079 77.66 -32.31 -18.24
N PRO A 1080 76.68 -33.09 -18.76
CA PRO A 1080 75.86 -34.04 -18.02
C PRO A 1080 76.68 -34.98 -17.15
N ALA A 1081 77.83 -35.41 -17.66
CA ALA A 1081 78.71 -36.32 -16.93
C ALA A 1081 80.09 -36.31 -17.53
N ILE A 1082 81.04 -36.87 -16.79
CA ILE A 1082 82.39 -36.99 -17.32
C ILE A 1082 82.82 -38.45 -17.37
N CYS A 1083 83.66 -38.78 -18.35
CA CYS A 1083 84.14 -40.13 -18.53
C CYS A 1083 85.58 -40.27 -18.04
N HIS A 1084 85.80 -41.22 -17.14
CA HIS A 1084 87.12 -41.43 -16.58
C HIS A 1084 87.39 -42.91 -16.37
N GLU A 1085 88.50 -43.39 -16.91
CA GLU A 1085 88.85 -44.80 -16.86
C GLU A 1085 87.71 -45.69 -17.37
N GLY A 1086 87.00 -45.21 -18.39
CA GLY A 1086 85.94 -45.98 -19.02
C GLY A 1086 84.60 -45.95 -18.28
N LYS A 1087 84.54 -45.22 -17.17
CA LYS A 1087 83.31 -45.17 -16.38
C LYS A 1087 82.70 -43.77 -16.35
N ALA A 1088 81.37 -43.72 -16.26
CA ALA A 1088 80.67 -42.44 -16.22
C ALA A 1088 80.52 -41.92 -14.80
N TYR A 1089 81.03 -40.72 -14.57
CA TYR A 1089 80.93 -40.10 -13.27
C TYR A 1089 79.90 -38.97 -13.26
N PHE A 1090 79.02 -39.03 -12.29
CA PHE A 1090 77.95 -38.07 -12.16
C PHE A 1090 78.16 -37.20 -10.93
N PRO A 1091 77.75 -35.94 -10.99
CA PRO A 1091 77.89 -34.94 -9.96
C PRO A 1091 76.96 -35.22 -8.79
N ARG A 1092 77.28 -34.69 -7.62
CA ARG A 1092 76.39 -34.79 -6.49
C ARG A 1092 75.40 -33.63 -6.50
N GLU A 1093 75.48 -32.74 -5.52
CA GLU A 1093 74.53 -31.64 -5.46
C GLU A 1093 74.86 -30.51 -6.45
N GLY A 1094 76.06 -30.54 -7.01
CA GLY A 1094 76.51 -29.47 -7.89
C GLY A 1094 76.39 -29.83 -9.36
N VAL A 1095 76.96 -28.98 -10.20
CA VAL A 1095 76.95 -29.17 -11.64
C VAL A 1095 78.36 -29.04 -12.20
N PHE A 1096 78.70 -29.84 -13.21
CA PHE A 1096 80.01 -29.74 -13.83
C PHE A 1096 80.10 -28.47 -14.66
N VAL A 1097 81.09 -27.65 -14.36
CA VAL A 1097 81.23 -26.34 -14.96
C VAL A 1097 82.63 -26.14 -15.56
N PHE A 1098 82.71 -25.55 -16.75
CA PHE A 1098 83.98 -25.35 -17.43
C PHE A 1098 84.38 -23.90 -17.57
N ASN A 1099 85.48 -23.54 -16.94
CA ASN A 1099 86.05 -22.20 -17.01
C ASN A 1099 87.19 -22.16 -18.01
N GLY A 1100 88.00 -21.12 -17.95
CA GLY A 1100 89.12 -20.95 -18.86
C GLY A 1100 90.08 -22.13 -18.83
N THR A 1101 89.72 -23.16 -19.58
CA THR A 1101 90.48 -24.39 -19.73
C THR A 1101 90.60 -25.21 -18.46
N SER A 1102 89.53 -25.30 -17.68
CA SER A 1102 89.54 -26.20 -16.52
C SER A 1102 88.13 -26.55 -16.03
N TRP A 1103 87.92 -27.83 -15.76
CA TRP A 1103 86.63 -28.30 -15.25
C TRP A 1103 86.58 -28.33 -13.74
N PHE A 1104 85.43 -27.95 -13.21
CA PHE A 1104 85.17 -27.96 -11.79
C PHE A 1104 83.74 -28.36 -11.52
N ILE A 1105 83.39 -28.45 -10.25
CA ILE A 1105 82.00 -28.69 -9.88
C ILE A 1105 81.53 -27.66 -8.85
N THR A 1106 80.33 -27.13 -9.04
CA THR A 1106 79.84 -26.12 -8.10
C THR A 1106 78.33 -26.10 -8.00
N GLN A 1107 77.81 -25.51 -6.92
CA GLN A 1107 76.37 -25.37 -6.73
C GLN A 1107 75.74 -24.43 -7.75
N ARG A 1108 74.55 -24.77 -8.21
CA ARG A 1108 73.85 -23.98 -9.20
C ARG A 1108 73.55 -22.54 -8.77
N ASN A 1109 73.29 -22.33 -7.49
CA ASN A 1109 72.85 -21.01 -7.03
C ASN A 1109 73.99 -20.09 -6.60
N PHE A 1110 75.22 -20.49 -6.84
CA PHE A 1110 76.37 -19.65 -6.49
C PHE A 1110 77.56 -20.09 -7.31
N PHE A 1111 78.69 -19.42 -7.14
CA PHE A 1111 79.86 -19.87 -7.86
C PHE A 1111 81.05 -20.11 -6.98
N SER A 1112 81.41 -21.37 -6.88
CA SER A 1112 82.61 -21.75 -6.16
C SER A 1112 83.11 -23.06 -6.76
N PRO A 1113 84.05 -22.99 -7.71
CA PRO A 1113 84.54 -24.06 -8.56
C PRO A 1113 85.42 -25.04 -7.79
N GLN A 1114 84.85 -26.17 -7.39
CA GLN A 1114 85.61 -27.14 -6.62
C GLN A 1114 86.28 -28.13 -7.53
N ILE A 1115 87.38 -28.70 -7.06
CA ILE A 1115 88.05 -29.75 -7.79
C ILE A 1115 87.16 -30.97 -7.87
N ILE A 1116 87.08 -31.58 -9.04
CA ILE A 1116 86.29 -32.78 -9.18
C ILE A 1116 87.07 -33.96 -8.64
N THR A 1117 86.60 -34.48 -7.52
CA THR A 1117 87.28 -35.54 -6.82
C THR A 1117 86.36 -36.72 -6.67
N THR A 1118 86.93 -37.88 -6.39
CA THR A 1118 86.17 -39.13 -6.29
C THR A 1118 85.11 -39.10 -5.20
N ASP A 1119 85.35 -38.36 -4.12
CA ASP A 1119 84.42 -38.30 -3.01
C ASP A 1119 83.41 -37.16 -3.11
N ASN A 1120 83.40 -36.46 -4.23
CA ASN A 1120 82.41 -35.41 -4.46
C ASN A 1120 81.57 -35.75 -5.68
N THR A 1121 81.63 -37.01 -6.07
CA THR A 1121 80.90 -37.53 -7.22
C THR A 1121 80.53 -38.97 -6.99
N PHE A 1122 79.96 -39.62 -8.00
CA PHE A 1122 79.73 -41.05 -7.91
C PHE A 1122 79.80 -41.65 -9.30
N VAL A 1123 80.03 -42.95 -9.36
CA VAL A 1123 80.15 -43.59 -10.65
C VAL A 1123 79.04 -44.59 -10.87
N SER A 1124 78.45 -44.53 -12.06
CA SER A 1124 77.37 -45.44 -12.41
C SER A 1124 77.20 -45.57 -13.90
N GLY A 1125 77.36 -46.78 -14.41
CA GLY A 1125 77.24 -47.03 -15.84
C GLY A 1125 78.53 -46.69 -16.57
N ASN A 1126 78.64 -47.16 -17.80
CA ASN A 1126 79.79 -46.87 -18.63
C ASN A 1126 79.62 -45.55 -19.37
N CYS A 1127 80.57 -45.21 -20.21
CA CYS A 1127 80.55 -43.92 -20.89
C CYS A 1127 79.79 -43.96 -22.21
N ASP A 1128 79.30 -45.14 -22.58
CA ASP A 1128 78.63 -45.33 -23.87
C ASP A 1128 77.12 -45.30 -23.74
N VAL A 1129 76.65 -44.97 -22.55
CA VAL A 1129 75.21 -44.88 -22.29
C VAL A 1129 74.82 -43.50 -21.83
N VAL A 1130 75.70 -42.53 -22.10
CA VAL A 1130 75.47 -41.16 -21.68
C VAL A 1130 75.55 -40.21 -22.88
N ILE A 1131 74.60 -39.30 -22.95
CA ILE A 1131 74.57 -38.32 -24.02
C ILE A 1131 75.27 -37.04 -23.60
N GLY A 1132 76.24 -36.61 -24.38
CA GLY A 1132 76.97 -35.37 -24.10
C GLY A 1132 78.15 -35.57 -23.15
N ILE A 1133 78.46 -36.82 -22.84
CA ILE A 1133 79.55 -37.12 -21.93
C ILE A 1133 80.89 -36.72 -22.53
N ILE A 1134 81.77 -36.18 -21.71
CA ILE A 1134 83.08 -35.75 -22.17
C ILE A 1134 84.18 -36.49 -21.43
N ASN A 1135 85.39 -36.45 -21.96
CA ASN A 1135 86.53 -37.05 -21.29
C ASN A 1135 87.11 -36.10 -20.25
N ASN A 1136 87.40 -36.62 -19.08
CA ASN A 1136 87.92 -35.82 -17.99
C ASN A 1136 88.64 -36.71 -16.99
N THR A 1137 89.17 -36.12 -15.93
CA THR A 1137 89.80 -36.92 -14.89
C THR A 1137 89.14 -36.70 -13.55
N VAL A 1138 89.32 -37.66 -12.65
CA VAL A 1138 88.79 -37.56 -11.30
C VAL A 1138 89.91 -37.76 -10.29
N TYR A 1139 90.07 -36.81 -9.38
CA TYR A 1139 91.11 -36.90 -8.36
C TYR A 1139 90.80 -37.97 -7.33
N ASP A 1140 91.81 -38.76 -7.00
CA ASP A 1140 91.68 -39.77 -5.98
C ASP A 1140 92.88 -39.71 -5.02
N PRO A 1141 92.67 -39.30 -3.75
CA PRO A 1141 93.70 -39.04 -2.76
C PRO A 1141 94.53 -40.29 -2.49
N LEU A 1142 94.00 -41.45 -2.86
CA LEU A 1142 94.74 -42.69 -2.69
C LEU A 1142 96.15 -42.57 -3.23
N GLN A 1143 96.30 -41.90 -4.37
CA GLN A 1143 97.59 -41.84 -5.05
C GLN A 1143 98.71 -41.15 -4.22
N PRO A 1144 98.52 -39.89 -3.75
CA PRO A 1144 99.45 -39.21 -2.85
C PRO A 1144 99.57 -39.86 -1.47
N GLU A 1145 98.54 -40.60 -1.04
CA GLU A 1145 98.60 -41.30 0.23
C GLU A 1145 99.50 -42.52 0.12
N LEU A 1146 99.29 -43.30 -0.95
CA LEU A 1146 100.04 -44.51 -1.18
C LEU A 1146 101.50 -44.20 -1.50
N ARG B 37 -31.86 -3.63 55.98
CA ARG B 37 -31.40 -2.67 56.98
C ARG B 37 -29.88 -2.58 56.98
N CYS B 38 -29.36 -1.72 57.85
CA CYS B 38 -27.91 -1.52 57.94
C CYS B 38 -27.51 -1.12 59.36
N THR B 39 -26.48 -1.77 59.88
CA THR B 39 -25.98 -1.47 61.21
C THR B 39 -24.56 -0.95 61.16
N THR B 40 -24.39 0.31 61.54
CA THR B 40 -23.10 0.97 61.47
C THR B 40 -22.59 1.33 62.86
N ASN B 48 -5.03 -2.48 59.58
CA ASN B 48 -4.06 -1.49 59.97
C ASN B 48 -3.20 -1.07 58.77
N TYR B 49 -3.46 -1.71 57.63
CA TYR B 49 -2.70 -1.48 56.40
C TYR B 49 -1.22 -1.85 56.56
N THR B 50 -0.95 -2.92 57.30
CA THR B 50 0.39 -3.45 57.46
C THR B 50 0.93 -3.91 56.12
N GLN B 51 2.17 -3.56 55.81
CA GLN B 51 2.74 -3.97 54.53
C GLN B 51 3.50 -5.28 54.67
N HIS B 52 3.34 -6.12 53.66
CA HIS B 52 3.97 -7.43 53.59
C HIS B 52 4.57 -7.65 52.22
N THR B 53 5.22 -8.79 52.04
CA THR B 53 5.81 -9.11 50.75
C THR B 53 4.99 -10.13 50.00
N SER B 54 4.84 -9.91 48.69
CA SER B 54 4.07 -10.80 47.82
C SER B 54 4.77 -12.11 47.49
N SER B 55 6.05 -12.20 47.82
CA SER B 55 6.81 -13.40 47.48
C SER B 55 6.68 -13.66 45.99
N MET B 56 6.33 -14.89 45.64
CA MET B 56 6.13 -15.26 44.24
C MET B 56 4.68 -15.66 43.97
N ARG B 57 3.75 -15.14 44.77
CA ARG B 57 2.34 -15.43 44.62
C ARG B 57 1.67 -14.54 43.58
N GLY B 58 0.46 -14.90 43.17
CA GLY B 58 -0.30 -14.09 42.23
C GLY B 58 -0.18 -14.57 40.79
N VAL B 59 0.42 -15.73 40.61
CA VAL B 59 0.58 -16.35 39.30
C VAL B 59 -0.69 -17.09 38.91
N TYR B 60 -1.07 -17.02 37.66
CA TYR B 60 -2.26 -17.71 37.18
C TYR B 60 -2.12 -18.10 35.72
N TYR B 61 -3.01 -18.98 35.26
CA TYR B 61 -2.99 -19.38 33.86
C TYR B 61 -3.62 -18.28 32.99
N PRO B 62 -2.83 -17.61 32.14
CA PRO B 62 -3.24 -16.47 31.34
C PRO B 62 -4.26 -16.82 30.27
N ASP B 63 -4.31 -18.08 29.86
CA ASP B 63 -5.23 -18.49 28.81
C ASP B 63 -5.61 -19.96 28.90
N GLU B 64 -6.72 -20.29 28.24
CA GLU B 64 -7.26 -21.64 28.16
C GLU B 64 -6.52 -22.53 27.14
N ILE B 65 -5.25 -22.22 26.87
CA ILE B 65 -4.50 -22.98 25.89
C ILE B 65 -3.59 -24.00 26.55
N PHE B 66 -3.69 -25.24 26.08
CA PHE B 66 -2.85 -26.30 26.59
C PHE B 66 -1.45 -26.25 25.99
N ARG B 67 -0.46 -26.34 26.86
CA ARG B 67 0.94 -26.38 26.48
C ARG B 67 1.58 -27.54 27.22
N SER B 68 2.77 -27.96 26.80
CA SER B 68 3.48 -29.02 27.52
C SER B 68 4.98 -28.92 27.37
N ASP B 69 5.68 -29.08 28.50
CA ASP B 69 7.14 -29.15 28.52
C ASP B 69 7.77 -27.98 27.74
N THR B 70 7.56 -26.75 28.21
CA THR B 70 8.03 -25.59 27.47
C THR B 70 8.11 -24.33 28.32
N LEU B 71 8.91 -23.37 27.86
CA LEU B 71 8.94 -22.06 28.51
C LEU B 71 8.19 -21.04 27.66
N TYR B 72 7.23 -20.38 28.27
CA TYR B 72 6.41 -19.42 27.55
C TYR B 72 6.56 -18.02 28.11
N LEU B 73 6.92 -17.08 27.24
CA LEU B 73 7.13 -15.72 27.66
C LEU B 73 5.96 -14.84 27.25
N THR B 74 5.38 -14.13 28.21
CA THR B 74 4.27 -13.22 27.90
C THR B 74 4.16 -12.06 28.87
N GLN B 75 3.12 -11.28 28.70
CA GLN B 75 2.87 -10.10 29.53
C GLN B 75 1.40 -9.97 29.86
N ASP B 76 1.10 -9.73 31.13
CA ASP B 76 -0.28 -9.57 31.57
C ASP B 76 -0.35 -8.94 32.94
N LEU B 77 -1.56 -8.73 33.43
CA LEU B 77 -1.77 -8.18 34.75
C LEU B 77 -1.52 -9.23 35.82
N PHE B 78 -0.27 -9.37 36.18
CA PHE B 78 0.16 -10.33 37.19
C PHE B 78 0.62 -9.56 38.40
N LEU B 79 0.65 -10.23 39.54
CA LEU B 79 1.21 -9.59 40.72
C LEU B 79 2.74 -9.69 40.60
N PRO B 80 3.48 -8.56 40.66
CA PRO B 80 4.93 -8.50 40.61
C PRO B 80 5.51 -9.29 41.76
N PHE B 81 6.69 -9.85 41.58
CA PHE B 81 7.31 -10.60 42.67
C PHE B 81 7.84 -9.66 43.74
N TYR B 82 7.69 -10.07 44.98
CA TYR B 82 8.15 -9.32 46.15
C TYR B 82 7.62 -7.89 46.18
N SER B 83 6.36 -7.73 45.79
CA SER B 83 5.71 -6.43 45.82
C SER B 83 5.19 -6.12 47.22
N ASN B 84 4.72 -4.90 47.42
CA ASN B 84 4.16 -4.48 48.70
C ASN B 84 2.66 -4.84 48.80
N VAL B 85 2.39 -5.80 49.68
CA VAL B 85 1.03 -6.30 49.87
C VAL B 85 0.41 -5.71 51.14
N THR B 86 -0.80 -5.20 51.03
CA THR B 86 -1.45 -4.59 52.19
C THR B 86 -2.29 -5.59 52.97
N GLY B 87 -2.01 -5.72 54.26
CA GLY B 87 -2.76 -6.63 55.13
C GLY B 87 -3.90 -5.93 55.84
N PHE B 88 -4.97 -6.67 56.05
CA PHE B 88 -6.16 -6.19 56.75
C PHE B 88 -6.56 -7.24 57.79
N HIS B 89 -7.17 -6.81 58.89
CA HIS B 89 -7.49 -7.77 59.94
C HIS B 89 -8.89 -7.62 60.51
N THR B 90 -9.40 -8.73 61.06
CA THR B 90 -10.66 -8.75 61.79
C THR B 90 -10.41 -9.33 63.17
N ILE B 91 -10.09 -8.45 64.12
CA ILE B 91 -9.67 -8.86 65.46
C ILE B 91 -10.41 -8.10 66.54
N ASN B 92 -11.06 -8.83 67.43
CA ASN B 92 -11.80 -8.22 68.53
C ASN B 92 -12.79 -7.18 68.03
N HIS B 93 -12.56 -5.92 68.38
CA HIS B 93 -13.47 -4.83 68.02
C HIS B 93 -13.16 -4.17 66.67
N THR B 94 -12.03 -4.53 66.07
CA THR B 94 -11.61 -3.87 64.84
C THR B 94 -11.81 -4.75 63.62
N PHE B 95 -12.58 -4.23 62.66
CA PHE B 95 -12.87 -4.96 61.44
C PHE B 95 -12.60 -4.11 60.22
N ASP B 96 -11.60 -4.48 59.45
CA ASP B 96 -11.25 -3.72 58.27
C ASP B 96 -12.14 -4.07 57.08
N ASN B 97 -12.99 -3.13 56.69
CA ASN B 97 -13.86 -3.30 55.54
C ASN B 97 -13.99 -2.00 54.70
N PRO B 98 -12.88 -1.29 54.42
CA PRO B 98 -12.82 -0.04 53.71
C PRO B 98 -13.07 -0.25 52.24
N VAL B 99 -13.38 0.83 51.53
CA VAL B 99 -13.46 0.77 50.08
C VAL B 99 -12.06 0.93 49.51
N ILE B 100 -11.66 -0.06 48.73
CA ILE B 100 -10.34 -0.15 48.17
C ILE B 100 -10.40 0.03 46.65
N PRO B 101 -9.56 0.90 46.07
CA PRO B 101 -9.41 1.12 44.64
C PRO B 101 -9.10 -0.19 43.92
N PHE B 102 -9.68 -0.37 42.74
CA PHE B 102 -9.49 -1.58 41.96
C PHE B 102 -8.29 -1.46 41.00
N LYS B 103 -8.14 -0.30 40.38
CA LYS B 103 -7.04 -0.07 39.44
C LYS B 103 -6.99 -1.11 38.32
N ASP B 104 -8.13 -1.42 37.75
CA ASP B 104 -8.27 -2.35 36.62
C ASP B 104 -7.91 -3.81 36.94
N GLY B 105 -7.63 -4.09 38.20
CA GLY B 105 -7.35 -5.46 38.59
C GLY B 105 -6.51 -5.56 39.85
N ILE B 106 -6.94 -6.45 40.73
CA ILE B 106 -6.27 -6.61 42.01
C ILE B 106 -5.96 -8.05 42.35
N TYR B 107 -5.10 -8.22 43.33
CA TYR B 107 -4.82 -9.52 43.90
C TYR B 107 -5.43 -9.60 45.27
N PHE B 108 -6.09 -10.70 45.57
CA PHE B 108 -6.69 -10.87 46.87
C PHE B 108 -6.33 -12.21 47.48
N ALA B 109 -6.07 -12.19 48.77
CA ALA B 109 -5.86 -13.44 49.49
C ALA B 109 -6.37 -13.31 50.91
N ALA B 110 -6.75 -14.42 51.49
CA ALA B 110 -7.20 -14.36 52.88
C ALA B 110 -6.89 -15.63 53.62
N THR B 111 -6.59 -15.46 54.90
CA THR B 111 -6.32 -16.56 55.80
C THR B 111 -7.49 -16.73 56.75
N GLU B 112 -8.03 -17.95 56.78
CA GLU B 112 -9.24 -18.23 57.54
C GLU B 112 -9.16 -19.42 58.46
N LYS B 113 -9.97 -19.36 59.51
CA LYS B 113 -10.21 -20.50 60.37
C LYS B 113 -11.70 -20.58 60.70
N SER B 114 -12.42 -19.51 60.34
CA SER B 114 -13.84 -19.41 60.67
C SER B 114 -14.67 -18.79 59.53
N ASN B 115 -14.08 -18.70 58.34
CA ASN B 115 -14.77 -18.16 57.16
C ASN B 115 -15.37 -16.77 57.39
N VAL B 116 -14.58 -15.87 57.97
CA VAL B 116 -15.04 -14.51 58.23
C VAL B 116 -15.32 -13.77 56.93
N VAL B 117 -14.44 -13.89 55.96
CA VAL B 117 -14.64 -13.23 54.67
C VAL B 117 -15.64 -14.03 53.86
N ARG B 118 -16.70 -13.36 53.40
CA ARG B 118 -17.74 -14.03 52.65
C ARG B 118 -17.77 -13.61 51.20
N GLY B 119 -17.36 -12.39 50.90
CA GLY B 119 -17.44 -11.92 49.53
C GLY B 119 -16.94 -10.52 49.33
N TRP B 120 -17.29 -9.93 48.19
CA TRP B 120 -16.85 -8.61 47.80
C TRP B 120 -17.94 -7.82 47.09
N VAL B 121 -17.82 -6.51 47.10
CA VAL B 121 -18.66 -5.67 46.26
C VAL B 121 -17.78 -4.87 45.32
N PHE B 122 -18.04 -4.97 44.03
CA PHE B 122 -17.25 -4.23 43.04
C PHE B 122 -18.14 -3.25 42.30
N GLY B 123 -17.65 -2.03 42.07
CA GLY B 123 -18.43 -1.05 41.33
C GLY B 123 -17.79 0.33 41.27
N SER B 124 -18.61 1.34 41.00
CA SER B 124 -18.15 2.71 40.84
C SER B 124 -18.51 3.55 42.05
N THR B 125 -19.74 4.06 42.07
CA THR B 125 -20.22 4.93 43.13
C THR B 125 -20.61 4.15 44.38
N MET B 126 -20.66 2.83 44.26
CA MET B 126 -20.97 1.94 45.38
C MET B 126 -22.29 2.33 46.06
N ASN B 127 -23.32 2.55 45.25
CA ASN B 127 -24.66 2.88 45.74
C ASN B 127 -25.70 2.65 44.64
N ASN B 128 -26.94 3.03 44.91
CA ASN B 128 -28.06 2.75 43.98
C ASN B 128 -28.12 3.78 42.87
N LYS B 129 -27.06 4.55 42.68
CA LYS B 129 -27.00 5.50 41.58
C LYS B 129 -26.63 4.79 40.28
N SER B 130 -25.87 3.71 40.40
CA SER B 130 -25.43 2.99 39.21
C SER B 130 -25.20 1.54 39.52
N GLN B 131 -24.64 0.83 38.56
CA GLN B 131 -24.48 -0.60 38.68
C GLN B 131 -23.29 -0.99 39.55
N SER B 132 -23.48 -2.05 40.32
CA SER B 132 -22.40 -2.67 41.08
C SER B 132 -22.70 -4.15 41.23
N VAL B 133 -21.68 -4.95 41.46
CA VAL B 133 -21.88 -6.38 41.59
C VAL B 133 -21.52 -6.88 42.96
N ILE B 134 -22.40 -7.71 43.51
CA ILE B 134 -22.17 -8.32 44.80
C ILE B 134 -21.86 -9.79 44.62
N ILE B 135 -20.67 -10.19 45.05
CA ILE B 135 -20.22 -11.57 44.92
C ILE B 135 -20.01 -12.18 46.29
N ILE B 136 -20.88 -13.10 46.68
CA ILE B 136 -20.79 -13.67 48.02
C ILE B 136 -20.93 -15.18 48.10
N ASN B 137 -20.30 -15.73 49.12
CA ASN B 137 -20.59 -17.06 49.57
C ASN B 137 -21.78 -16.95 50.49
N ASN B 138 -22.93 -17.41 50.02
CA ASN B 138 -24.18 -17.16 50.70
C ASN B 138 -24.51 -18.27 51.70
N SER B 139 -23.50 -19.12 51.93
CA SER B 139 -23.50 -20.23 52.91
C SER B 139 -24.07 -21.54 52.35
N THR B 140 -24.87 -21.46 51.29
CA THR B 140 -25.33 -22.68 50.64
C THR B 140 -25.05 -22.61 49.16
N ASN B 141 -24.96 -21.40 48.64
CA ASN B 141 -24.72 -21.18 47.22
C ASN B 141 -23.82 -19.95 47.05
N VAL B 142 -23.12 -19.88 45.94
CA VAL B 142 -22.45 -18.63 45.61
C VAL B 142 -23.42 -17.78 44.82
N VAL B 143 -23.62 -16.56 45.28
CA VAL B 143 -24.59 -15.68 44.66
C VAL B 143 -23.93 -14.45 44.10
N ILE B 144 -24.19 -14.20 42.82
CA ILE B 144 -23.67 -13.04 42.15
C ILE B 144 -24.79 -12.23 41.51
N ARG B 145 -24.88 -10.96 41.88
CA ARG B 145 -25.90 -10.09 41.31
C ARG B 145 -25.35 -8.71 40.96
N ALA B 146 -25.74 -8.19 39.79
CA ALA B 146 -25.38 -6.83 39.40
C ALA B 146 -26.63 -5.98 39.30
N CYS B 147 -26.71 -4.99 40.17
CA CYS B 147 -27.87 -4.12 40.26
C CYS B 147 -27.47 -2.75 40.79
N ASN B 148 -28.43 -1.84 40.82
CA ASN B 148 -28.23 -0.58 41.48
C ASN B 148 -28.57 -0.77 42.95
N PHE B 149 -27.59 -1.19 43.72
CA PHE B 149 -27.83 -1.61 45.09
C PHE B 149 -27.77 -0.48 46.07
N GLU B 150 -28.72 -0.45 46.97
CA GLU B 150 -28.68 0.45 48.11
C GLU B 150 -27.91 -0.25 49.21
N LEU B 151 -26.61 -0.07 49.19
CA LEU B 151 -25.68 -0.83 50.02
C LEU B 151 -25.66 -0.35 51.45
N CYS B 152 -25.38 -1.27 52.35
CA CYS B 152 -25.11 -0.95 53.73
C CYS B 152 -23.72 -0.32 53.84
N ASP B 153 -23.62 0.75 54.63
CA ASP B 153 -22.36 1.46 54.84
C ASP B 153 -21.36 0.62 55.62
N ASN B 154 -21.87 -0.37 56.33
CA ASN B 154 -21.07 -1.25 57.16
C ASN B 154 -21.60 -2.68 57.09
N PRO B 155 -21.54 -3.32 55.92
CA PRO B 155 -22.23 -4.54 55.56
C PRO B 155 -21.70 -5.74 56.33
N PHE B 156 -22.59 -6.72 56.53
CA PHE B 156 -22.24 -8.00 57.14
C PHE B 156 -23.46 -8.89 57.24
N HIS B 168 -27.92 -13.50 59.18
CA HIS B 168 -28.60 -12.51 58.36
C HIS B 168 -27.66 -11.92 57.32
N THR B 169 -28.17 -11.73 56.11
CA THR B 169 -27.39 -11.11 55.06
C THR B 169 -27.67 -9.62 54.99
N MET B 170 -26.74 -8.83 55.53
CA MET B 170 -26.88 -7.38 55.59
C MET B 170 -25.96 -6.71 54.59
N ILE B 171 -26.29 -6.78 53.32
CA ILE B 171 -25.41 -6.21 52.31
C ILE B 171 -26.03 -4.97 51.71
N PHE B 172 -27.31 -5.08 51.38
CA PHE B 172 -28.06 -3.99 50.79
C PHE B 172 -29.49 -4.06 51.26
N ASP B 173 -30.18 -2.92 51.22
CA ASP B 173 -31.59 -2.88 51.59
C ASP B 173 -32.44 -3.07 50.35
N ASN B 174 -31.97 -2.51 49.23
CA ASN B 174 -32.72 -2.58 47.98
C ASN B 174 -31.83 -2.85 46.77
N ALA B 175 -32.44 -3.36 45.70
CA ALA B 175 -31.75 -3.60 44.45
C ALA B 175 -32.64 -3.24 43.29
N PHE B 176 -32.16 -2.34 42.44
CA PHE B 176 -32.94 -1.86 41.31
C PHE B 176 -32.22 -2.11 40.00
N ASN B 177 -32.96 -2.18 38.91
CA ASN B 177 -32.31 -2.23 37.60
C ASN B 177 -31.28 -3.35 37.53
N CYS B 178 -31.65 -4.54 38.00
CA CYS B 178 -30.72 -5.66 37.94
C CYS B 178 -30.47 -6.09 36.50
N THR B 179 -29.20 -6.26 36.16
CA THR B 179 -28.82 -6.65 34.80
C THR B 179 -28.17 -8.03 34.74
N PHE B 180 -27.71 -8.54 35.88
CA PHE B 180 -27.07 -9.86 35.91
C PHE B 180 -27.36 -10.60 37.20
N GLU B 181 -27.73 -11.87 37.09
CA GLU B 181 -27.92 -12.70 38.26
C GLU B 181 -27.41 -14.11 38.02
N TYR B 182 -26.70 -14.65 39.00
CA TYR B 182 -26.21 -16.02 38.96
C TYR B 182 -26.15 -16.67 40.33
N ILE B 183 -26.58 -17.92 40.41
CA ILE B 183 -26.46 -18.70 41.64
C ILE B 183 -25.81 -20.05 41.35
N SER B 184 -24.74 -20.36 42.09
CA SER B 184 -24.01 -21.61 41.89
C SER B 184 -24.72 -22.79 42.52
N ASP B 185 -24.19 -23.98 42.26
CA ASP B 185 -24.73 -25.20 42.83
C ASP B 185 -24.68 -25.17 44.35
N ALA B 186 -25.62 -25.87 44.97
CA ALA B 186 -25.71 -25.94 46.42
C ALA B 186 -24.53 -26.67 47.04
N PHE B 187 -24.15 -26.24 48.23
CA PHE B 187 -23.11 -26.87 49.02
C PHE B 187 -23.37 -26.70 50.50
N SER B 188 -22.64 -27.44 51.32
CA SER B 188 -22.76 -27.29 52.77
C SER B 188 -21.54 -27.89 53.47
N PHE B 198 -4.06 -20.04 61.36
CA PHE B 198 -5.13 -20.22 60.40
C PHE B 198 -4.99 -21.57 59.74
N LYS B 199 -6.07 -22.05 59.13
CA LYS B 199 -6.05 -23.37 58.52
C LYS B 199 -6.09 -23.32 57.00
N HIS B 200 -6.76 -22.32 56.44
CA HIS B 200 -6.98 -22.29 55.00
C HIS B 200 -6.57 -20.97 54.37
N LEU B 201 -5.79 -21.05 53.29
CA LEU B 201 -5.48 -19.86 52.50
C LEU B 201 -6.23 -19.86 51.20
N ARG B 202 -7.03 -18.82 51.01
CA ARG B 202 -7.78 -18.68 49.78
C ARG B 202 -7.16 -17.57 48.96
N GLU B 203 -7.01 -17.81 47.66
CA GLU B 203 -6.39 -16.84 46.78
C GLU B 203 -7.28 -16.53 45.59
N PHE B 204 -7.35 -15.26 45.24
CA PHE B 204 -8.14 -14.82 44.10
C PHE B 204 -7.45 -13.76 43.28
N VAL B 205 -7.79 -13.71 42.00
CA VAL B 205 -7.37 -12.60 41.13
C VAL B 205 -8.57 -12.05 40.41
N PHE B 206 -8.72 -10.73 40.47
CA PHE B 206 -9.84 -10.06 39.82
C PHE B 206 -9.36 -9.10 38.75
N LYS B 207 -9.80 -9.31 37.51
CA LYS B 207 -9.38 -8.47 36.38
C LYS B 207 -10.57 -8.00 35.54
N ASN B 208 -10.50 -6.76 35.06
CA ASN B 208 -11.52 -6.27 34.13
C ASN B 208 -11.08 -6.40 32.68
N LYS B 209 -11.92 -7.00 31.85
CA LYS B 209 -11.61 -7.11 30.43
C LYS B 209 -12.85 -7.11 29.55
N ASP B 210 -12.95 -6.12 28.68
CA ASP B 210 -14.05 -6.03 27.72
C ASP B 210 -15.43 -6.14 28.39
N GLY B 211 -15.57 -5.53 29.57
CA GLY B 211 -16.84 -5.55 30.29
C GLY B 211 -16.98 -6.77 31.20
N PHE B 212 -16.02 -7.69 31.13
CA PHE B 212 -16.08 -8.89 31.93
C PHE B 212 -15.23 -8.81 33.17
N LEU B 213 -15.72 -9.40 34.24
CA LEU B 213 -14.90 -9.54 35.42
C LEU B 213 -14.34 -10.94 35.47
N TYR B 214 -13.05 -11.04 35.26
CA TYR B 214 -12.37 -12.32 35.22
C TYR B 214 -11.90 -12.66 36.61
N VAL B 215 -12.25 -13.84 37.06
CA VAL B 215 -11.92 -14.23 38.41
C VAL B 215 -11.16 -15.54 38.43
N TYR B 216 -10.02 -15.53 39.10
CA TYR B 216 -9.23 -16.74 39.33
C TYR B 216 -9.34 -17.14 40.78
N LYS B 217 -9.18 -18.43 41.05
CA LYS B 217 -9.23 -18.94 42.40
C LYS B 217 -8.14 -19.98 42.67
N GLY B 218 -7.69 -20.05 43.90
CA GLY B 218 -6.77 -21.09 44.33
C GLY B 218 -6.87 -21.35 45.83
N TYR B 219 -6.16 -22.37 46.29
CA TYR B 219 -6.21 -22.76 47.70
C TYR B 219 -5.03 -23.61 48.14
N GLN B 220 -4.60 -23.39 49.37
CA GLN B 220 -3.65 -24.28 50.02
C GLN B 220 -3.88 -24.28 51.55
N PRO B 221 -3.56 -25.39 52.24
CA PRO B 221 -3.44 -25.51 53.69
C PRO B 221 -2.37 -24.57 54.24
N ILE B 222 -2.65 -23.96 55.39
CA ILE B 222 -1.69 -23.08 56.06
C ILE B 222 -1.57 -23.33 57.55
N ASP B 223 -0.54 -22.72 58.15
CA ASP B 223 -0.29 -22.78 59.59
C ASP B 223 0.33 -21.47 60.12
N VAL B 224 -0.24 -20.33 59.72
CA VAL B 224 0.30 -19.01 60.07
C VAL B 224 -0.67 -18.21 60.93
N VAL B 225 -0.15 -17.36 61.82
CA VAL B 225 -1.02 -16.59 62.71
C VAL B 225 -1.42 -15.22 62.12
N ARG B 226 -0.43 -14.41 61.71
CA ARG B 226 -0.72 -13.06 61.22
C ARG B 226 -0.19 -12.80 59.81
N ASP B 227 0.90 -13.47 59.46
CA ASP B 227 1.62 -13.18 58.22
C ASP B 227 1.02 -13.92 57.02
N LEU B 228 1.63 -13.70 55.86
CA LEU B 228 1.25 -14.40 54.63
C LEU B 228 2.49 -15.17 54.13
N PRO B 229 2.55 -16.49 54.34
CA PRO B 229 3.69 -17.36 54.09
C PRO B 229 4.26 -17.21 52.68
N SER B 230 5.58 -17.17 52.59
CA SER B 230 6.27 -17.07 51.32
C SER B 230 6.11 -18.34 50.51
N GLY B 231 6.07 -18.17 49.20
CA GLY B 231 5.93 -19.28 48.28
C GLY B 231 5.29 -18.82 46.99
N PHE B 232 4.68 -19.75 46.26
CA PHE B 232 4.02 -19.44 45.01
C PHE B 232 2.92 -20.44 44.72
N ASN B 233 1.99 -20.04 43.87
CA ASN B 233 0.90 -20.90 43.44
C ASN B 233 0.25 -20.36 42.19
N THR B 234 0.02 -21.22 41.23
CA THR B 234 -0.69 -20.84 40.03
C THR B 234 -2.19 -21.03 40.23
N LEU B 235 -2.96 -19.98 39.99
CA LEU B 235 -4.40 -20.04 40.19
C LEU B 235 -5.12 -20.42 38.91
N LYS B 236 -6.30 -21.00 39.08
CA LYS B 236 -7.12 -21.42 37.96
C LYS B 236 -8.34 -20.53 37.85
N PRO B 237 -8.84 -20.28 36.64
CA PRO B 237 -9.98 -19.45 36.36
C PRO B 237 -11.24 -20.07 36.93
N ILE B 238 -12.19 -19.23 37.33
CA ILE B 238 -13.47 -19.71 37.81
C ILE B 238 -14.65 -18.96 37.20
N PHE B 239 -14.53 -17.64 37.07
CA PHE B 239 -15.62 -16.88 36.46
C PHE B 239 -15.15 -15.90 35.41
N LYS B 240 -16.02 -15.68 34.44
CA LYS B 240 -15.87 -14.60 33.46
C LYS B 240 -17.22 -13.94 33.33
N LEU B 241 -17.49 -12.98 34.21
CA LEU B 241 -18.84 -12.44 34.35
C LEU B 241 -19.08 -11.27 33.40
N PRO B 242 -20.08 -11.36 32.50
CA PRO B 242 -20.44 -10.36 31.51
C PRO B 242 -21.25 -9.27 32.18
N LEU B 243 -20.65 -8.63 33.17
CA LEU B 243 -21.35 -7.67 33.98
C LEU B 243 -21.67 -6.40 33.21
N GLY B 244 -20.69 -5.90 32.46
CA GLY B 244 -20.88 -4.67 31.70
C GLY B 244 -20.97 -3.45 32.61
N ILE B 245 -20.27 -3.50 33.75
CA ILE B 245 -20.36 -2.42 34.72
C ILE B 245 -19.00 -1.76 34.93
N ASN B 246 -19.04 -0.58 35.53
CA ASN B 246 -17.83 0.19 35.82
C ASN B 246 -17.30 -0.12 37.21
N ILE B 247 -16.18 -0.84 37.26
CA ILE B 247 -15.56 -1.18 38.54
C ILE B 247 -14.29 -0.39 38.73
N THR B 248 -14.30 0.47 39.73
CA THR B 248 -13.17 1.32 40.01
C THR B 248 -12.78 1.17 41.47
N ASN B 249 -13.74 0.69 42.25
CA ASN B 249 -13.60 0.54 43.69
C ASN B 249 -14.25 -0.76 44.15
N PHE B 250 -13.82 -1.27 45.30
CA PHE B 250 -14.49 -2.41 45.86
C PHE B 250 -14.41 -2.48 47.38
N ARG B 251 -15.26 -3.29 47.96
CA ARG B 251 -15.24 -3.51 49.41
C ARG B 251 -15.30 -5.00 49.74
N ALA B 252 -14.61 -5.40 50.81
CA ALA B 252 -14.69 -6.78 51.28
C ALA B 252 -15.91 -6.95 52.17
N ILE B 253 -16.58 -8.09 52.02
CA ILE B 253 -17.74 -8.43 52.83
C ILE B 253 -17.37 -9.39 53.92
N LEU B 254 -17.51 -8.94 55.17
CA LEU B 254 -17.15 -9.74 56.33
C LEU B 254 -18.38 -10.27 57.05
N THR B 255 -18.23 -11.39 57.73
CA THR B 255 -19.29 -11.94 58.56
C THR B 255 -19.69 -10.96 59.64
N ALA B 269 -9.95 -13.17 61.55
CA ALA B 269 -9.34 -13.49 60.27
C ALA B 269 -8.42 -12.38 59.79
N ALA B 270 -7.84 -12.58 58.62
CA ALA B 270 -7.01 -11.56 58.00
C ALA B 270 -7.05 -11.71 56.49
N TYR B 271 -6.80 -10.62 55.79
CA TYR B 271 -6.76 -10.69 54.34
C TYR B 271 -5.76 -9.72 53.76
N PHE B 272 -5.45 -9.91 52.50
CA PHE B 272 -4.40 -9.16 51.87
C PHE B 272 -4.81 -8.69 50.49
N VAL B 273 -4.40 -7.47 50.15
CA VAL B 273 -4.68 -6.94 48.83
C VAL B 273 -3.42 -6.42 48.14
N GLY B 274 -3.22 -6.86 46.92
CA GLY B 274 -2.13 -6.39 46.10
C GLY B 274 -2.69 -5.81 44.82
N TYR B 275 -1.82 -5.30 43.97
CA TYR B 275 -2.26 -4.74 42.70
C TYR B 275 -1.53 -5.37 41.55
N LEU B 276 -2.23 -5.58 40.46
CA LEU B 276 -1.66 -6.24 39.30
C LEU B 276 -1.01 -5.25 38.36
N LYS B 277 0.04 -5.69 37.67
CA LYS B 277 0.72 -4.85 36.72
C LYS B 277 0.97 -5.61 35.42
N PRO B 278 1.01 -4.90 34.27
CA PRO B 278 1.28 -5.43 32.95
C PRO B 278 2.76 -5.74 32.85
N THR B 279 3.15 -6.81 33.50
CA THR B 279 4.54 -7.18 33.67
C THR B 279 4.87 -8.42 32.87
N THR B 280 6.09 -8.46 32.35
CA THR B 280 6.54 -9.58 31.56
C THR B 280 7.07 -10.71 32.44
N PHE B 281 6.54 -11.91 32.21
CA PHE B 281 6.94 -13.11 32.93
C PHE B 281 7.30 -14.25 32.00
N MET B 282 8.27 -15.04 32.42
CA MET B 282 8.57 -16.29 31.75
C MET B 282 8.01 -17.44 32.57
N LEU B 283 7.10 -18.19 32.00
CA LEU B 283 6.42 -19.25 32.72
C LEU B 283 6.90 -20.63 32.31
N LYS B 284 7.21 -21.46 33.30
CA LYS B 284 7.70 -22.80 33.03
C LYS B 284 6.58 -23.83 33.10
N TYR B 285 6.27 -24.43 31.94
CA TYR B 285 5.23 -25.44 31.82
C TYR B 285 5.82 -26.83 31.87
N ASP B 286 5.25 -27.67 32.73
CA ASP B 286 5.69 -29.03 32.94
C ASP B 286 5.03 -29.98 31.94
N GLU B 287 5.35 -31.26 32.05
CA GLU B 287 4.82 -32.28 31.15
C GLU B 287 3.30 -32.27 31.05
N ASN B 288 2.60 -32.10 32.18
CA ASN B 288 1.15 -32.12 32.15
C ASN B 288 0.56 -30.76 31.79
N GLY B 289 1.41 -29.81 31.42
CA GLY B 289 0.94 -28.51 31.01
C GLY B 289 0.68 -27.57 32.18
N THR B 290 1.07 -27.98 33.37
CA THR B 290 0.90 -27.13 34.53
C THR B 290 2.08 -26.20 34.67
N ILE B 291 1.94 -25.16 35.46
CA ILE B 291 3.03 -24.21 35.64
C ILE B 291 3.74 -24.48 36.96
N THR B 292 5.02 -24.74 36.88
CA THR B 292 5.79 -25.14 38.06
C THR B 292 6.82 -24.10 38.48
N ASP B 293 7.10 -23.14 37.60
CA ASP B 293 8.04 -22.08 37.95
C ASP B 293 7.77 -20.81 37.15
N ALA B 294 8.51 -19.74 37.44
CA ALA B 294 8.33 -18.49 36.72
C ALA B 294 9.47 -17.49 36.99
N VAL B 295 9.69 -16.60 36.03
CA VAL B 295 10.65 -15.51 36.20
C VAL B 295 10.00 -14.15 36.00
N ASP B 296 10.17 -13.27 36.98
CA ASP B 296 9.73 -11.88 36.87
C ASP B 296 10.83 -11.11 36.16
N CYS B 297 10.58 -10.78 34.91
CA CYS B 297 11.63 -10.28 34.03
C CYS B 297 12.06 -8.87 34.41
N SER B 298 11.38 -8.27 35.39
CA SER B 298 11.71 -6.92 35.82
C SER B 298 12.18 -6.88 37.28
N GLN B 299 12.41 -8.04 37.87
CA GLN B 299 12.83 -8.09 39.26
C GLN B 299 14.28 -7.65 39.44
N ASN B 300 15.18 -8.15 38.59
CA ASN B 300 16.60 -7.83 38.68
C ASN B 300 17.29 -8.13 37.33
N PRO B 301 18.53 -7.64 37.11
CA PRO B 301 19.35 -7.89 35.93
C PRO B 301 19.48 -9.37 35.58
N LEU B 302 19.57 -10.23 36.59
CA LEU B 302 19.69 -11.65 36.32
C LEU B 302 18.45 -12.19 35.67
N ALA B 303 17.30 -11.83 36.21
CA ALA B 303 16.03 -12.27 35.66
C ALA B 303 15.88 -11.79 34.24
N GLU B 304 16.28 -10.54 33.99
CA GLU B 304 16.15 -10.00 32.66
C GLU B 304 16.91 -10.88 31.68
N LEU B 305 18.13 -11.26 32.06
CA LEU B 305 18.94 -12.12 31.21
C LEU B 305 18.26 -13.46 31.00
N LYS B 306 17.77 -14.07 32.09
CA LYS B 306 17.10 -15.36 31.96
C LYS B 306 15.95 -15.30 30.98
N CYS B 307 15.15 -14.26 31.08
CA CYS B 307 14.04 -14.09 30.17
C CYS B 307 14.55 -13.90 28.75
N SER B 308 15.60 -13.10 28.60
CA SER B 308 16.18 -12.81 27.30
C SER B 308 16.65 -14.07 26.58
N VAL B 309 17.27 -14.98 27.32
CA VAL B 309 17.84 -16.18 26.71
C VAL B 309 16.87 -17.35 26.76
N LYS B 310 15.64 -17.10 27.17
CA LYS B 310 14.61 -18.12 27.22
C LYS B 310 15.07 -19.35 28.00
N SER B 311 15.61 -19.14 29.20
CA SER B 311 16.07 -20.27 29.99
C SER B 311 16.14 -19.98 31.47
N PHE B 312 15.90 -21.00 32.28
CA PHE B 312 16.03 -20.89 33.73
C PHE B 312 17.45 -21.24 34.19
N GLU B 313 18.35 -21.49 33.23
CA GLU B 313 19.74 -21.79 33.54
C GLU B 313 20.69 -21.17 32.53
N ILE B 314 21.74 -20.53 33.03
CA ILE B 314 22.73 -19.85 32.20
C ILE B 314 24.12 -20.43 32.43
N ASP B 315 24.84 -20.71 31.35
CA ASP B 315 26.13 -21.35 31.45
C ASP B 315 27.24 -20.40 31.92
N LYS B 316 27.48 -19.32 31.17
CA LYS B 316 28.51 -18.33 31.55
C LYS B 316 28.67 -17.22 30.51
N GLY B 317 29.17 -16.05 30.92
CA GLY B 317 29.70 -15.09 29.96
C GLY B 317 29.09 -13.69 30.07
N ILE B 318 29.32 -12.90 29.02
CA ILE B 318 28.82 -11.53 28.95
C ILE B 318 27.75 -11.44 27.87
N TYR B 319 26.62 -10.84 28.21
CA TYR B 319 25.50 -10.77 27.29
C TYR B 319 24.91 -9.38 27.20
N GLN B 320 24.33 -9.07 26.05
CA GLN B 320 23.53 -7.86 25.93
C GLN B 320 22.08 -8.22 26.16
N THR B 321 21.37 -7.42 26.94
CA THR B 321 19.97 -7.73 27.21
C THR B 321 19.04 -6.58 26.88
N SER B 322 19.54 -5.37 26.92
CA SER B 322 18.69 -4.21 26.70
C SER B 322 19.50 -2.98 26.39
N ASN B 323 18.82 -1.91 26.01
CA ASN B 323 19.42 -0.60 25.89
C ASN B 323 19.00 0.25 27.07
N PHE B 324 19.47 1.49 27.11
CA PHE B 324 19.02 2.41 28.15
C PHE B 324 19.04 3.83 27.67
N ARG B 325 18.33 4.67 28.40
CA ARG B 325 18.35 6.10 28.15
C ARG B 325 17.90 6.88 29.38
N VAL B 326 18.30 8.14 29.44
CA VAL B 326 17.87 9.01 30.53
C VAL B 326 16.68 9.86 30.11
N VAL B 327 15.72 9.96 31.02
CA VAL B 327 14.48 10.70 30.80
C VAL B 327 14.66 12.20 31.09
N PRO B 328 14.24 13.09 30.18
CA PRO B 328 14.29 14.54 30.31
C PRO B 328 13.37 15.01 31.42
N SER B 329 13.72 16.13 32.03
CA SER B 329 12.93 16.67 33.12
C SER B 329 11.85 17.66 32.66
N GLY B 330 12.12 18.95 32.83
CA GLY B 330 11.15 19.99 32.54
C GLY B 330 11.19 20.45 31.10
N ASP B 331 10.65 21.65 30.86
CA ASP B 331 10.54 22.20 29.52
C ASP B 331 11.32 23.51 29.36
N VAL B 332 11.73 23.81 28.12
CA VAL B 332 12.32 25.11 27.79
C VAL B 332 11.50 25.86 26.75
N VAL B 333 11.00 27.02 27.13
CA VAL B 333 10.22 27.83 26.20
C VAL B 333 10.77 29.25 26.13
N ARG B 334 11.13 29.70 24.93
CA ARG B 334 11.67 31.05 24.78
C ARG B 334 11.15 31.74 23.51
N PHE B 335 10.73 32.99 23.67
CA PHE B 335 10.22 33.78 22.56
C PHE B 335 10.95 35.13 22.49
N PRO B 336 10.94 35.80 21.32
CA PRO B 336 11.41 37.15 21.06
C PRO B 336 10.77 38.20 21.96
N ASN B 337 11.48 39.30 22.18
CA ASN B 337 11.09 40.39 23.09
C ASN B 337 9.87 41.17 22.56
N ILE B 338 9.51 41.00 21.32
CA ILE B 338 8.41 41.77 20.74
C ILE B 338 7.13 40.97 20.60
N THR B 339 6.10 41.41 21.30
CA THR B 339 4.83 40.70 21.33
C THR B 339 3.78 41.33 20.40
N ASN B 340 3.93 42.62 20.09
CA ASN B 340 2.97 43.29 19.21
C ASN B 340 1.53 43.12 19.70
N LEU B 341 1.22 43.71 20.84
CA LEU B 341 -0.08 43.53 21.47
C LEU B 341 -1.21 44.22 20.72
N CYS B 342 -2.40 43.61 20.80
CA CYS B 342 -3.61 44.16 20.22
C CYS B 342 -4.04 45.43 20.92
N PRO B 343 -4.60 46.40 20.18
CA PRO B 343 -5.05 47.71 20.65
C PRO B 343 -6.35 47.61 21.42
N PHE B 344 -6.31 46.93 22.56
CA PHE B 344 -7.47 46.79 23.41
C PHE B 344 -7.69 48.04 24.26
N GLY B 345 -6.65 48.47 24.97
CA GLY B 345 -6.77 49.63 25.84
C GLY B 345 -7.27 50.85 25.06
N GLU B 346 -6.85 50.93 23.79
CA GLU B 346 -7.25 52.02 22.90
C GLU B 346 -8.76 52.09 22.69
N VAL B 347 -9.44 50.99 22.95
CA VAL B 347 -10.89 50.91 22.78
C VAL B 347 -11.60 51.08 24.11
N PHE B 348 -11.13 50.39 25.13
CA PHE B 348 -11.79 50.37 26.43
C PHE B 348 -11.56 51.65 27.23
N ASN B 349 -10.35 52.19 27.10
CA ASN B 349 -9.99 53.40 27.86
C ASN B 349 -10.09 54.63 26.97
N ALA B 350 -10.79 54.51 25.85
CA ALA B 350 -11.00 55.62 24.94
C ALA B 350 -11.75 56.74 25.65
N THR B 351 -11.44 57.98 25.30
CA THR B 351 -12.06 59.14 25.94
C THR B 351 -13.43 59.44 25.37
N LYS B 352 -13.73 58.92 24.18
CA LYS B 352 -15.01 59.18 23.54
C LYS B 352 -15.62 57.94 22.94
N PHE B 353 -16.89 57.72 23.27
CA PHE B 353 -17.69 56.63 22.73
C PHE B 353 -18.86 57.19 21.91
N PRO B 354 -19.33 56.46 20.89
CA PRO B 354 -20.49 56.75 20.07
C PRO B 354 -21.80 56.33 20.73
N SER B 355 -22.89 56.75 20.14
CA SER B 355 -24.23 56.28 20.50
C SER B 355 -24.41 54.82 20.10
N VAL B 356 -25.39 54.14 20.68
CA VAL B 356 -25.60 52.74 20.38
C VAL B 356 -26.04 52.57 18.93
N TYR B 357 -27.01 53.38 18.51
CA TYR B 357 -27.54 53.29 17.15
C TYR B 357 -26.43 53.55 16.13
N ALA B 358 -25.39 54.24 16.58
CA ALA B 358 -24.26 54.59 15.76
C ALA B 358 -23.00 53.94 16.30
N TRP B 359 -23.14 52.70 16.76
CA TRP B 359 -22.02 51.95 17.32
C TRP B 359 -20.86 51.87 16.33
N GLU B 360 -19.63 51.96 16.84
CA GLU B 360 -18.46 51.91 15.98
C GLU B 360 -17.73 50.57 16.09
N ARG B 361 -17.20 50.09 14.97
CA ARG B 361 -16.50 48.82 14.93
C ARG B 361 -15.00 48.93 14.73
N LYS B 362 -14.24 48.54 15.76
CA LYS B 362 -12.79 48.51 15.67
C LYS B 362 -12.32 47.09 15.33
N LYS B 363 -11.53 46.95 14.28
CA LYS B 363 -11.04 45.64 13.92
C LYS B 363 -9.68 45.35 14.53
N ILE B 364 -9.59 44.26 15.26
CA ILE B 364 -8.35 43.79 15.86
C ILE B 364 -7.82 42.59 15.06
N SER B 365 -6.58 42.72 14.60
CA SER B 365 -5.97 41.66 13.80
C SER B 365 -4.44 41.80 13.80
N ASN B 366 -3.76 40.76 13.34
CA ASN B 366 -2.29 40.79 13.24
C ASN B 366 -1.64 41.22 14.53
N CYS B 367 -2.02 40.59 15.64
CA CYS B 367 -1.55 41.01 16.95
C CYS B 367 -1.74 39.97 18.04
N VAL B 368 -1.18 40.28 19.21
CA VAL B 368 -1.33 39.44 20.41
C VAL B 368 -2.36 39.99 21.37
N ALA B 369 -3.39 39.23 21.60
CA ALA B 369 -4.54 39.63 22.38
C ALA B 369 -4.39 39.26 23.85
N ASP B 370 -3.99 40.23 24.66
CA ASP B 370 -3.80 39.97 26.08
C ASP B 370 -5.10 40.20 26.83
N TYR B 371 -5.73 39.11 27.27
CA TYR B 371 -7.03 39.20 27.90
C TYR B 371 -6.91 39.12 29.42
N SER B 372 -5.68 39.08 29.92
CA SER B 372 -5.48 38.95 31.36
C SER B 372 -5.74 40.29 32.03
N VAL B 373 -5.35 41.35 31.34
CA VAL B 373 -5.57 42.70 31.82
C VAL B 373 -7.03 42.97 31.98
N LEU B 374 -7.82 42.47 31.05
CA LEU B 374 -9.26 42.67 31.04
C LEU B 374 -9.91 41.68 31.96
N TYR B 375 -9.53 40.41 31.87
CA TYR B 375 -10.16 39.32 32.60
C TYR B 375 -10.30 39.57 34.08
N ASN B 376 -9.19 39.84 34.77
CA ASN B 376 -9.34 39.91 36.20
C ASN B 376 -9.25 41.38 36.73
N SER B 377 -9.47 42.31 35.83
CA SER B 377 -9.52 43.74 36.26
C SER B 377 -10.84 44.12 36.88
N THR B 378 -10.80 45.14 37.71
CA THR B 378 -12.02 45.66 38.36
C THR B 378 -12.59 46.84 37.61
N PHE B 379 -12.00 47.11 36.43
CA PHE B 379 -12.44 48.15 35.53
C PHE B 379 -13.90 47.90 35.10
N PHE B 380 -14.20 46.66 34.75
CA PHE B 380 -15.51 46.29 34.22
C PHE B 380 -16.49 45.95 35.33
N SER B 381 -17.74 46.38 35.16
CA SER B 381 -18.80 46.00 36.07
C SER B 381 -19.45 44.73 35.57
N THR B 382 -19.41 44.55 34.26
CA THR B 382 -19.93 43.35 33.61
C THR B 382 -18.88 42.75 32.69
N PHE B 383 -18.68 41.45 32.83
CA PHE B 383 -17.78 40.71 31.95
C PHE B 383 -18.49 39.43 31.53
N LYS B 384 -19.26 39.51 30.45
CA LYS B 384 -20.09 38.38 30.07
C LYS B 384 -19.70 37.78 28.74
N CYS B 385 -19.39 36.49 28.75
CA CYS B 385 -19.02 35.78 27.54
C CYS B 385 -20.05 34.69 27.23
N TYR B 386 -20.28 34.41 25.94
CA TYR B 386 -21.33 33.45 25.58
C TYR B 386 -20.79 32.21 24.88
N GLY B 387 -20.63 31.13 25.63
CA GLY B 387 -20.07 29.90 25.08
C GLY B 387 -18.55 29.94 25.10
N VAL B 388 -18.02 31.03 25.62
CA VAL B 388 -16.60 31.24 25.70
C VAL B 388 -16.19 31.45 27.15
N SER B 389 -15.21 30.69 27.59
CA SER B 389 -14.72 30.83 28.95
C SER B 389 -13.75 31.99 29.04
N ALA B 390 -14.10 33.01 29.82
CA ALA B 390 -13.29 34.23 29.90
C ALA B 390 -11.85 33.91 30.31
N THR B 391 -11.70 32.94 31.20
CA THR B 391 -10.40 32.52 31.69
C THR B 391 -9.50 32.04 30.55
N LYS B 392 -10.09 31.44 29.53
CA LYS B 392 -9.36 30.79 28.48
C LYS B 392 -9.22 31.64 27.23
N LEU B 393 -9.58 32.92 27.31
CA LEU B 393 -9.51 33.77 26.13
C LEU B 393 -8.12 33.82 25.55
N ASN B 394 -7.11 33.79 26.42
CA ASN B 394 -5.71 33.83 26.00
C ASN B 394 -5.32 32.63 25.15
N ASP B 395 -6.08 31.54 25.24
CA ASP B 395 -5.75 30.32 24.54
C ASP B 395 -6.54 30.16 23.24
N LEU B 396 -7.28 31.20 22.85
CA LEU B 396 -8.09 31.11 21.66
C LEU B 396 -7.58 31.99 20.53
N CYS B 397 -7.45 31.40 19.35
CA CYS B 397 -7.08 32.14 18.16
C CYS B 397 -8.28 32.39 17.26
N PHE B 398 -8.26 33.55 16.61
CA PHE B 398 -9.35 33.94 15.73
C PHE B 398 -8.79 34.52 14.44
N SER B 399 -9.61 34.55 13.40
CA SER B 399 -9.23 35.25 12.18
C SER B 399 -9.12 36.73 12.51
N ASN B 400 -10.11 37.22 13.25
CA ASN B 400 -10.10 38.58 13.74
C ASN B 400 -11.04 38.75 14.92
N VAL B 401 -10.95 39.91 15.57
CA VAL B 401 -11.87 40.29 16.63
C VAL B 401 -12.43 41.67 16.37
N TYR B 402 -13.74 41.82 16.47
CA TYR B 402 -14.34 43.12 16.28
C TYR B 402 -14.83 43.69 17.60
N ALA B 403 -14.31 44.86 17.95
CA ALA B 403 -14.68 45.50 19.21
C ALA B 403 -15.68 46.61 18.96
N ASP B 404 -16.95 46.31 19.20
CA ASP B 404 -18.02 47.26 18.92
C ASP B 404 -18.28 48.17 20.11
N SER B 405 -17.98 49.45 19.94
CA SER B 405 -17.98 50.44 21.01
C SER B 405 -19.20 51.36 20.99
N PHE B 406 -19.82 51.55 22.16
CA PHE B 406 -20.97 52.48 22.32
C PHE B 406 -21.35 52.76 23.78
N VAL B 407 -22.15 53.82 24.00
CA VAL B 407 -22.69 54.10 25.34
C VAL B 407 -24.20 53.89 25.42
N VAL B 408 -24.60 53.05 26.36
CA VAL B 408 -26.00 52.69 26.56
C VAL B 408 -26.38 52.85 28.03
N LYS B 409 -27.63 53.19 28.31
CA LYS B 409 -28.06 53.26 29.70
C LYS B 409 -27.91 51.89 30.34
N GLY B 410 -27.40 51.88 31.58
CA GLY B 410 -27.16 50.65 32.32
C GLY B 410 -28.32 49.66 32.21
N ASP B 411 -29.53 50.17 32.34
CA ASP B 411 -30.73 49.34 32.29
C ASP B 411 -30.78 48.48 31.03
N ASP B 412 -30.32 49.04 29.91
CA ASP B 412 -30.42 48.37 28.62
C ASP B 412 -29.15 47.63 28.23
N VAL B 413 -28.19 47.56 29.13
CA VAL B 413 -26.96 46.82 28.82
C VAL B 413 -27.30 45.37 28.54
N ARG B 414 -28.28 44.85 29.29
CA ARG B 414 -28.74 43.48 29.17
C ARG B 414 -29.26 43.15 27.77
N GLN B 415 -29.59 44.18 26.98
CA GLN B 415 -30.11 43.95 25.65
C GLN B 415 -29.00 43.64 24.66
N ILE B 416 -27.76 43.84 25.07
CA ILE B 416 -26.63 43.52 24.22
C ILE B 416 -26.21 42.10 24.49
N ALA B 417 -26.97 41.18 23.91
CA ALA B 417 -26.78 39.76 24.09
C ALA B 417 -27.58 39.06 22.99
N PRO B 418 -27.25 37.80 22.68
CA PRO B 418 -28.02 36.92 21.84
C PRO B 418 -29.35 36.60 22.49
N GLY B 419 -30.39 36.48 21.65
CA GLY B 419 -31.71 36.06 22.11
C GLY B 419 -32.46 37.15 22.87
N GLN B 420 -32.15 38.42 22.58
CA GLN B 420 -32.79 39.52 23.30
C GLN B 420 -33.74 40.31 22.42
N THR B 421 -34.68 40.97 23.08
CA THR B 421 -35.58 41.92 22.44
C THR B 421 -35.55 43.24 23.21
N GLY B 422 -36.06 44.30 22.58
CA GLY B 422 -36.10 45.60 23.26
C GLY B 422 -35.70 46.72 22.33
N VAL B 423 -35.80 47.95 22.81
CA VAL B 423 -35.53 49.10 21.98
C VAL B 423 -34.11 49.06 21.43
N ILE B 424 -33.15 48.61 22.23
CA ILE B 424 -31.79 48.55 21.75
C ILE B 424 -31.57 47.28 20.95
N ALA B 425 -31.94 46.14 21.53
CA ALA B 425 -31.74 44.86 20.86
C ALA B 425 -32.39 44.85 19.48
N ASP B 426 -33.54 45.50 19.33
CA ASP B 426 -34.26 45.48 18.07
C ASP B 426 -33.98 46.67 17.14
N TYR B 427 -33.77 47.86 17.69
CA TYR B 427 -33.64 49.03 16.80
C TYR B 427 -32.27 49.71 16.79
N ASN B 428 -31.39 49.38 17.73
CA ASN B 428 -30.12 50.11 17.81
C ASN B 428 -28.91 49.23 17.56
N TYR B 429 -28.90 48.06 18.17
CA TYR B 429 -27.75 47.18 18.07
C TYR B 429 -28.10 45.75 18.49
N LYS B 430 -28.01 44.84 17.53
CA LYS B 430 -28.41 43.47 17.76
C LYS B 430 -27.25 42.49 17.72
N LEU B 431 -27.30 41.51 18.60
CA LEU B 431 -26.37 40.38 18.55
C LEU B 431 -27.13 39.15 18.03
N PRO B 432 -26.49 38.34 17.17
CA PRO B 432 -27.04 37.16 16.50
C PRO B 432 -27.29 36.06 17.49
N ASP B 433 -28.23 35.18 17.17
CA ASP B 433 -28.46 34.03 18.01
C ASP B 433 -27.38 32.99 17.70
N ASP B 434 -26.27 33.11 18.40
CA ASP B 434 -25.08 32.30 18.17
C ASP B 434 -24.14 32.45 19.34
N PHE B 435 -23.00 31.78 19.28
CA PHE B 435 -21.97 31.98 20.28
C PHE B 435 -21.50 33.41 20.16
N MET B 436 -20.97 33.94 21.25
CA MET B 436 -20.43 35.28 21.19
C MET B 436 -19.22 35.39 22.06
N GLY B 437 -18.35 36.30 21.71
CA GLY B 437 -17.20 36.59 22.52
C GLY B 437 -17.68 37.25 23.78
N CYS B 438 -17.11 38.38 24.11
CA CYS B 438 -17.43 38.95 25.41
C CYS B 438 -17.96 40.37 25.34
N VAL B 439 -19.00 40.60 26.13
CA VAL B 439 -19.60 41.92 26.28
C VAL B 439 -19.09 42.54 27.56
N LEU B 440 -18.26 43.55 27.41
CA LEU B 440 -17.60 44.13 28.55
C LEU B 440 -18.11 45.54 28.78
N ALA B 441 -18.50 45.84 30.02
CA ALA B 441 -19.09 47.16 30.30
C ALA B 441 -18.72 47.68 31.67
N TRP B 442 -18.73 49.01 31.79
CA TRP B 442 -18.46 49.65 33.08
C TRP B 442 -19.29 50.92 33.28
N ASN B 443 -19.50 51.27 34.56
CA ASN B 443 -20.28 52.45 34.92
C ASN B 443 -19.55 53.73 34.56
N THR B 444 -20.25 54.65 33.92
CA THR B 444 -19.67 55.90 33.44
C THR B 444 -20.40 57.13 33.97
N ARG B 445 -21.02 56.99 35.14
CA ARG B 445 -21.75 58.11 35.72
C ARG B 445 -20.84 59.33 35.93
N ASN B 446 -19.57 59.10 36.20
CA ASN B 446 -18.64 60.20 36.42
C ASN B 446 -17.84 60.52 35.15
N ILE B 447 -18.26 59.98 34.01
CA ILE B 447 -17.60 60.22 32.74
C ILE B 447 -18.56 60.82 31.72
N ASP B 448 -19.64 60.09 31.43
CA ASP B 448 -20.59 60.50 30.40
C ASP B 448 -21.82 61.21 30.97
N ALA B 449 -22.28 60.81 32.15
CA ALA B 449 -23.49 61.44 32.71
C ALA B 449 -23.22 62.86 33.14
N THR B 450 -24.25 63.69 33.09
CA THR B 450 -24.17 65.07 33.58
C THR B 450 -25.35 65.38 34.48
N SER B 451 -25.22 66.43 35.30
CA SER B 451 -26.25 66.77 36.28
C SER B 451 -27.60 67.14 35.65
N THR B 452 -27.58 67.61 34.41
CA THR B 452 -28.80 67.99 33.71
C THR B 452 -29.20 66.94 32.70
N GLY B 453 -28.45 65.84 32.64
CA GLY B 453 -28.67 64.80 31.65
C GLY B 453 -27.79 65.02 30.42
N ASN B 454 -26.97 64.02 30.09
CA ASN B 454 -26.15 64.12 28.89
C ASN B 454 -26.90 63.58 27.70
N TYR B 455 -27.45 64.48 26.90
CA TYR B 455 -28.31 64.09 25.80
C TYR B 455 -27.56 64.07 24.48
N ASN B 456 -26.24 64.05 24.56
CA ASN B 456 -25.41 63.98 23.36
C ASN B 456 -25.51 62.60 22.72
N TYR B 457 -25.90 61.61 23.52
CA TYR B 457 -26.05 60.24 23.05
C TYR B 457 -27.50 59.99 22.66
N LYS B 458 -27.71 59.34 21.52
CA LYS B 458 -29.05 59.08 21.02
C LYS B 458 -29.31 57.60 20.81
N TYR B 459 -30.57 57.27 20.57
CA TYR B 459 -30.96 55.91 20.23
C TYR B 459 -32.20 55.89 19.35
N ARG B 460 -32.42 54.77 18.68
CA ARG B 460 -33.55 54.58 17.80
C ARG B 460 -34.68 53.86 18.53
N TYR B 461 -35.91 54.25 18.23
CA TYR B 461 -37.06 53.59 18.85
C TYR B 461 -38.16 53.30 17.84
N LEU B 462 -38.10 53.97 16.68
CA LEU B 462 -39.05 53.69 15.59
C LEU B 462 -38.28 53.28 14.35
N ARG B 463 -38.69 52.19 13.72
CA ARG B 463 -38.05 51.75 12.48
C ARG B 463 -38.97 50.82 11.73
N HIS B 464 -38.90 50.87 10.41
CA HIS B 464 -39.70 49.99 9.58
C HIS B 464 -39.10 48.59 9.53
N GLY B 465 -39.15 47.92 10.67
CA GLY B 465 -38.57 46.60 10.84
C GLY B 465 -37.37 46.63 11.77
N LYS B 466 -37.01 45.48 12.30
CA LYS B 466 -35.91 45.37 13.25
C LYS B 466 -34.57 45.29 12.53
N LEU B 467 -33.50 45.55 13.29
CA LEU B 467 -32.15 45.43 12.75
C LEU B 467 -31.69 43.99 12.69
N ARG B 468 -30.83 43.72 11.73
CA ARG B 468 -30.13 42.46 11.64
C ARG B 468 -28.95 42.49 12.62
N PRO B 469 -28.38 41.35 12.97
CA PRO B 469 -27.21 41.22 13.80
C PRO B 469 -26.10 42.11 13.26
N PHE B 470 -25.50 42.87 14.16
CA PHE B 470 -24.47 43.83 13.83
C PHE B 470 -24.82 44.66 12.59
N GLU B 471 -26.05 45.15 12.53
CA GLU B 471 -26.42 46.13 11.52
C GLU B 471 -26.37 47.51 12.11
N ARG B 472 -25.91 48.48 11.32
CA ARG B 472 -25.81 49.84 11.80
C ARG B 472 -26.69 50.77 11.00
N ASP B 473 -27.70 51.35 11.64
CA ASP B 473 -28.61 52.26 11.00
C ASP B 473 -28.51 53.64 11.63
N ILE B 474 -27.88 54.56 10.92
CA ILE B 474 -27.65 55.89 11.44
C ILE B 474 -28.36 56.94 10.62
N SER B 475 -29.42 56.53 9.93
CA SER B 475 -30.24 57.46 9.19
C SER B 475 -31.12 58.25 10.15
N ASN B 476 -31.66 59.37 9.69
CA ASN B 476 -32.55 60.16 10.53
C ASN B 476 -33.67 60.77 9.71
N VAL B 477 -34.62 59.94 9.35
CA VAL B 477 -35.76 60.35 8.54
C VAL B 477 -37.02 60.17 9.37
N PRO B 478 -37.88 61.21 9.50
CA PRO B 478 -39.08 61.19 10.29
C PRO B 478 -39.85 59.92 10.02
N PHE B 479 -40.24 59.24 11.08
CA PHE B 479 -40.91 57.97 10.98
C PHE B 479 -42.36 58.11 10.58
N SER B 480 -42.78 57.25 9.67
CA SER B 480 -44.17 57.19 9.27
C SER B 480 -44.67 55.76 9.38
N PRO B 481 -45.70 55.51 10.20
CA PRO B 481 -46.21 54.23 10.64
C PRO B 481 -46.73 53.35 9.49
N ASP B 482 -47.02 53.94 8.34
CA ASP B 482 -47.54 53.18 7.21
C ASP B 482 -46.82 53.48 5.90
N GLY B 483 -45.55 53.85 6.00
CA GLY B 483 -44.71 53.99 4.81
C GLY B 483 -44.96 55.29 4.04
N LYS B 484 -45.89 56.11 4.50
CA LYS B 484 -46.22 57.35 3.82
C LYS B 484 -45.16 58.40 4.09
N PRO B 485 -45.01 59.41 3.21
CA PRO B 485 -44.22 60.59 3.43
C PRO B 485 -44.85 61.34 4.60
N CYS B 486 -44.03 62.02 5.39
CA CYS B 486 -44.56 62.68 6.57
C CYS B 486 -43.62 63.81 6.98
N THR B 487 -44.16 64.88 7.57
CA THR B 487 -43.34 65.98 8.03
C THR B 487 -43.67 66.35 9.49
N PRO B 488 -42.69 66.32 10.40
CA PRO B 488 -42.86 66.63 11.80
C PRO B 488 -43.04 68.13 11.98
N PRO B 489 -43.70 68.54 13.05
CA PRO B 489 -44.38 67.76 14.07
C PRO B 489 -45.85 67.48 13.75
N ALA B 490 -46.15 67.11 12.51
CA ALA B 490 -47.53 66.81 12.13
C ALA B 490 -47.94 65.47 12.71
N LEU B 491 -49.24 65.21 12.73
CA LEU B 491 -49.74 63.98 13.28
C LEU B 491 -49.15 62.76 12.58
N ASN B 492 -48.77 61.77 13.38
CA ASN B 492 -48.15 60.52 12.94
C ASN B 492 -46.73 60.72 12.39
N CYS B 493 -46.16 61.91 12.55
CA CYS B 493 -44.80 62.17 12.09
C CYS B 493 -43.83 62.27 13.26
N TYR B 494 -43.07 61.20 13.51
CA TYR B 494 -42.19 61.19 14.67
C TYR B 494 -40.76 60.88 14.31
N TRP B 495 -39.81 61.55 14.94
CA TRP B 495 -38.42 61.25 14.69
C TRP B 495 -38.10 59.88 15.28
N PRO B 496 -37.41 59.00 14.54
CA PRO B 496 -37.05 57.65 14.91
C PRO B 496 -36.03 57.61 16.02
N LEU B 497 -35.32 58.72 16.22
CA LEU B 497 -34.29 58.80 17.23
C LEU B 497 -34.76 59.59 18.44
N ASN B 498 -34.21 59.25 19.59
CA ASN B 498 -34.46 59.97 20.84
C ASN B 498 -33.15 60.15 21.59
N ASP B 499 -33.20 60.82 22.73
CA ASP B 499 -31.99 61.08 23.49
C ASP B 499 -31.94 60.27 24.78
N TYR B 500 -30.73 59.98 25.26
CA TYR B 500 -30.55 59.30 26.54
C TYR B 500 -30.53 60.25 27.72
N GLY B 501 -31.32 59.95 28.74
CA GLY B 501 -31.35 60.75 29.97
C GLY B 501 -30.21 60.37 30.91
N PHE B 502 -28.98 60.55 30.45
CA PHE B 502 -27.81 60.16 31.22
C PHE B 502 -27.52 61.17 32.33
N GLN B 511 -28.19 55.71 34.69
CA GLN B 511 -26.78 56.00 34.50
C GLN B 511 -26.26 55.26 33.26
N PRO B 512 -25.37 55.90 32.47
CA PRO B 512 -24.73 55.37 31.29
C PRO B 512 -23.67 54.34 31.60
N TYR B 513 -23.51 53.39 30.69
CA TYR B 513 -22.41 52.46 30.71
C TYR B 513 -21.70 52.44 29.37
N ARG B 514 -20.40 52.33 29.41
CA ARG B 514 -19.64 52.16 28.18
C ARG B 514 -19.47 50.70 27.92
N VAL B 515 -19.92 50.29 26.74
CA VAL B 515 -19.94 48.89 26.40
C VAL B 515 -19.08 48.64 25.19
N VAL B 516 -18.24 47.63 25.30
CA VAL B 516 -17.44 47.19 24.18
C VAL B 516 -17.68 45.70 23.96
N VAL B 517 -18.17 45.36 22.79
CA VAL B 517 -18.47 43.97 22.48
C VAL B 517 -17.42 43.37 21.58
N LEU B 518 -16.80 42.30 22.04
CA LEU B 518 -15.78 41.64 21.26
C LEU B 518 -16.33 40.44 20.52
N SER B 519 -16.61 40.63 19.24
CA SER B 519 -17.17 39.61 18.38
C SER B 519 -16.06 38.85 17.70
N PHE B 520 -16.11 37.53 17.79
CA PHE B 520 -15.02 36.70 17.31
C PHE B 520 -15.34 36.06 15.97
N GLU B 521 -14.37 36.13 15.05
CA GLU B 521 -14.49 35.44 13.78
C GLU B 521 -13.49 34.29 13.72
N THR B 528 -5.64 35.89 12.39
CA THR B 528 -4.30 36.42 12.58
C THR B 528 -4.13 37.02 13.97
N VAL B 529 -5.07 36.74 14.84
CA VAL B 529 -4.98 37.21 16.22
C VAL B 529 -5.08 36.07 17.22
N CYS B 530 -4.14 36.04 18.14
CA CYS B 530 -4.07 35.01 19.18
C CYS B 530 -3.65 35.62 20.47
N GLY B 531 -3.74 34.85 21.55
CA GLY B 531 -3.29 35.34 22.84
C GLY B 531 -1.78 35.23 22.93
N PRO B 532 -1.21 35.60 24.09
CA PRO B 532 0.20 35.64 24.41
C PRO B 532 0.76 34.26 24.65
N LYS B 533 2.07 34.13 24.47
CA LYS B 533 2.75 32.90 24.80
C LYS B 533 3.61 33.14 26.03
N LEU B 534 3.80 32.11 26.83
CA LEU B 534 4.59 32.26 28.03
C LEU B 534 5.96 31.63 27.91
N SER B 535 6.99 32.44 28.10
CA SER B 535 8.34 31.94 28.12
C SER B 535 8.67 31.39 29.50
N THR B 536 9.70 30.57 29.58
CA THR B 536 10.15 30.02 30.85
C THR B 536 11.66 30.14 30.97
N ASP B 537 12.17 29.79 32.12
CA ASP B 537 13.60 29.69 32.27
C ASP B 537 14.04 28.33 31.76
N LEU B 538 15.33 28.06 31.82
CA LEU B 538 15.83 26.76 31.39
C LEU B 538 16.90 26.21 32.31
N ILE B 539 17.05 24.89 32.31
CA ILE B 539 18.12 24.26 33.06
C ILE B 539 19.24 23.87 32.12
N LYS B 540 20.40 24.45 32.32
CA LYS B 540 21.54 24.17 31.47
C LYS B 540 22.22 22.89 31.91
N ASN B 541 22.89 22.24 30.97
CA ASN B 541 23.67 21.04 31.26
C ASN B 541 22.80 19.93 31.85
N GLN B 542 21.57 19.81 31.35
CA GLN B 542 20.65 18.76 31.79
C GLN B 542 19.77 18.30 30.64
N CYS B 543 19.37 17.03 30.68
CA CYS B 543 18.42 16.52 29.69
C CYS B 543 17.03 17.10 29.94
N VAL B 544 16.58 17.92 28.98
CA VAL B 544 15.34 18.67 29.11
C VAL B 544 14.59 18.68 27.77
N ASN B 545 13.27 18.90 27.83
CA ASN B 545 12.45 19.02 26.63
C ASN B 545 12.41 20.48 26.18
N PHE B 546 12.82 20.79 24.96
CA PHE B 546 12.80 22.19 24.56
C PHE B 546 11.77 22.50 23.49
N ASN B 547 11.30 23.74 23.52
CA ASN B 547 10.34 24.25 22.57
C ASN B 547 10.64 25.69 22.22
N PHE B 548 11.86 25.95 21.77
CA PHE B 548 12.25 27.29 21.39
C PHE B 548 11.32 27.77 20.30
N ASN B 549 11.04 29.06 20.24
CA ASN B 549 10.18 29.55 19.19
C ASN B 549 10.61 28.99 17.83
N GLY B 550 9.77 28.15 17.24
CA GLY B 550 10.01 27.57 15.91
C GLY B 550 10.91 26.31 15.92
N LEU B 551 11.34 25.89 17.09
CA LEU B 551 12.22 24.73 17.24
C LEU B 551 11.86 23.87 18.44
N THR B 552 11.60 22.59 18.19
CA THR B 552 11.24 21.68 19.26
C THR B 552 12.09 20.41 19.22
N GLY B 553 12.20 19.75 20.37
CA GLY B 553 12.93 18.48 20.46
C GLY B 553 13.45 18.30 21.87
N THR B 554 14.30 17.30 22.07
CA THR B 554 14.85 17.03 23.38
C THR B 554 16.35 16.95 23.31
N GLY B 555 17.02 17.17 24.45
CA GLY B 555 18.46 17.05 24.51
C GLY B 555 19.06 17.83 25.67
N VAL B 556 20.37 17.96 25.65
CA VAL B 556 21.10 18.65 26.70
C VAL B 556 21.67 19.94 26.13
N LEU B 557 21.23 21.06 26.67
CA LEU B 557 21.61 22.35 26.13
C LEU B 557 22.83 22.91 26.86
N THR B 558 23.89 23.21 26.12
CA THR B 558 25.12 23.70 26.72
C THR B 558 25.65 24.91 25.94
N PRO B 559 26.32 25.87 26.58
CA PRO B 559 26.86 27.08 25.98
C PRO B 559 27.94 26.74 24.97
N SER B 560 28.04 27.55 23.92
CA SER B 560 29.04 27.34 22.89
C SER B 560 29.64 28.65 22.38
N SER B 561 30.48 28.54 21.36
CA SER B 561 31.20 29.69 20.80
C SER B 561 31.13 29.75 19.27
N LYS B 562 30.16 29.05 18.70
CA LYS B 562 30.01 29.02 17.25
C LYS B 562 29.84 30.43 16.69
N ARG B 563 30.57 30.74 15.63
CA ARG B 563 30.55 32.06 15.04
C ARG B 563 29.35 32.28 14.14
N PHE B 564 28.18 32.39 14.75
CA PHE B 564 26.96 32.65 13.99
C PHE B 564 27.02 34.00 13.33
N GLN B 565 26.41 34.11 12.17
CA GLN B 565 26.30 35.37 11.49
C GLN B 565 25.09 36.14 12.00
N PRO B 566 25.06 37.47 11.82
CA PRO B 566 23.97 38.37 12.14
C PRO B 566 22.64 37.96 11.52
N PHE B 567 22.69 37.08 10.53
CA PHE B 567 21.48 36.63 9.86
C PHE B 567 21.34 35.12 9.95
N GLN B 568 21.70 34.55 11.09
CA GLN B 568 21.51 33.14 11.31
C GLN B 568 20.83 32.87 12.64
N GLN B 569 19.97 31.85 12.65
CA GLN B 569 19.20 31.53 13.84
C GLN B 569 19.72 30.30 14.56
N PHE B 570 20.07 29.29 13.79
CA PHE B 570 20.56 28.04 14.35
C PHE B 570 21.47 27.37 13.34
N GLY B 571 22.19 26.35 13.77
CA GLY B 571 23.11 25.64 12.89
C GLY B 571 22.85 24.15 12.90
N ARG B 572 23.51 23.44 11.98
CA ARG B 572 23.38 21.99 11.87
C ARG B 572 24.72 21.28 11.82
N ASP B 573 24.68 20.00 12.13
CA ASP B 573 25.84 19.12 12.06
C ASP B 573 26.05 18.69 10.63
N VAL B 574 27.06 17.88 10.37
CA VAL B 574 27.27 17.38 9.02
C VAL B 574 26.05 16.55 8.59
N SER B 575 25.46 15.86 9.55
CA SER B 575 24.23 15.12 9.34
C SER B 575 23.02 16.04 9.49
N ASP B 576 21.85 15.58 9.10
CA ASP B 576 20.66 16.43 9.12
C ASP B 576 20.03 16.54 10.52
N PHE B 577 20.77 17.16 11.43
CA PHE B 577 20.32 17.39 12.79
C PHE B 577 20.72 18.78 13.27
N THR B 578 19.86 19.39 14.09
CA THR B 578 20.20 20.67 14.69
C THR B 578 21.42 20.50 15.59
N ASP B 579 22.40 21.38 15.43
CA ASP B 579 23.62 21.33 16.23
C ASP B 579 23.54 22.28 17.39
N SER B 580 23.05 23.49 17.11
CA SER B 580 23.00 24.54 18.12
C SER B 580 21.94 25.56 17.76
N VAL B 581 21.50 26.31 18.76
CA VAL B 581 20.50 27.37 18.57
C VAL B 581 20.87 28.64 19.29
N ARG B 582 20.58 29.79 18.69
CA ARG B 582 20.74 31.06 19.38
C ARG B 582 19.44 31.43 20.08
N ASP B 583 19.52 31.73 21.37
CA ASP B 583 18.34 32.01 22.16
C ASP B 583 17.54 33.21 21.62
N PRO B 584 16.22 33.04 21.41
CA PRO B 584 15.27 34.03 20.93
C PRO B 584 15.32 35.39 21.65
N LYS B 585 15.73 35.41 22.93
CA LYS B 585 15.74 36.67 23.66
C LYS B 585 17.09 37.00 24.29
N THR B 586 17.83 36.00 24.73
CA THR B 586 19.10 36.28 25.40
C THR B 586 20.23 36.33 24.39
N SER B 587 19.94 35.92 23.15
CA SER B 587 20.92 35.87 22.07
C SER B 587 22.15 35.07 22.44
N GLU B 588 21.97 34.00 23.20
CA GLU B 588 23.08 33.15 23.59
C GLU B 588 23.10 31.95 22.69
N ILE B 589 24.29 31.54 22.26
CA ILE B 589 24.41 30.38 21.40
C ILE B 589 24.78 29.16 22.21
N LEU B 590 23.93 28.15 22.17
CA LEU B 590 24.13 26.94 22.93
C LEU B 590 23.98 25.71 22.05
N ASP B 591 24.86 24.73 22.25
CA ASP B 591 24.83 23.46 21.52
C ASP B 591 23.78 22.54 22.10
N ILE B 592 23.27 21.63 21.27
CA ILE B 592 22.32 20.64 21.77
C ILE B 592 22.88 19.23 21.63
N SER B 593 23.16 18.60 22.77
CA SER B 593 23.66 17.23 22.76
C SER B 593 22.49 16.28 22.98
N PRO B 594 22.57 15.04 22.50
CA PRO B 594 21.61 14.01 22.75
C PRO B 594 21.65 13.62 24.21
N CYS B 595 20.51 13.23 24.75
CA CYS B 595 20.45 12.70 26.09
C CYS B 595 21.12 11.34 26.13
N SER B 596 21.99 11.13 27.10
CA SER B 596 22.79 9.92 27.18
C SER B 596 21.97 8.65 27.00
N PHE B 597 22.50 7.75 26.18
CA PHE B 597 21.89 6.46 25.91
C PHE B 597 22.96 5.43 25.58
N GLY B 598 22.58 4.17 25.53
CA GLY B 598 23.53 3.13 25.13
C GLY B 598 23.01 1.74 25.41
N GLY B 599 23.86 0.75 25.18
CA GLY B 599 23.50 -0.64 25.46
C GLY B 599 23.72 -1.00 26.92
N VAL B 600 23.02 -2.04 27.37
CA VAL B 600 23.20 -2.57 28.71
C VAL B 600 23.64 -4.01 28.64
N SER B 601 24.81 -4.28 29.20
CA SER B 601 25.33 -5.63 29.20
C SER B 601 25.43 -6.18 30.61
N VAL B 602 25.37 -7.49 30.72
CA VAL B 602 25.47 -8.18 31.98
C VAL B 602 26.60 -9.19 31.99
N ILE B 603 27.35 -9.21 33.08
CA ILE B 603 28.46 -10.13 33.25
C ILE B 603 28.15 -11.11 34.35
N THR B 604 28.24 -12.40 34.06
CA THR B 604 27.91 -13.36 35.07
C THR B 604 28.69 -14.68 34.91
N PRO B 605 29.02 -15.36 36.02
CA PRO B 605 29.47 -16.72 36.09
C PRO B 605 28.27 -17.61 35.88
N GLY B 606 28.47 -18.89 35.71
CA GLY B 606 27.33 -19.76 35.50
C GLY B 606 26.44 -19.81 36.71
N THR B 607 25.15 -20.05 36.46
CA THR B 607 24.15 -20.12 37.53
C THR B 607 24.27 -21.43 38.26
N ASN B 608 25.03 -22.34 37.68
CA ASN B 608 25.30 -23.63 38.29
C ASN B 608 26.50 -23.53 39.23
N ALA B 609 27.16 -22.37 39.20
CA ALA B 609 28.32 -22.13 40.03
C ALA B 609 27.96 -21.20 41.18
N SER B 610 27.30 -20.09 40.85
CA SER B 610 26.93 -19.10 41.85
C SER B 610 25.83 -18.19 41.34
N SER B 611 25.56 -17.13 42.10
CA SER B 611 24.54 -16.16 41.71
C SER B 611 24.95 -14.74 42.02
N GLU B 612 25.22 -13.98 40.96
CA GLU B 612 25.64 -12.59 41.04
C GLU B 612 25.82 -12.04 39.64
N VAL B 613 25.49 -10.77 39.45
CA VAL B 613 25.62 -10.14 38.15
C VAL B 613 26.23 -8.75 38.24
N ALA B 614 27.22 -8.49 37.40
CA ALA B 614 27.77 -7.14 37.27
C ALA B 614 27.21 -6.55 36.00
N VAL B 615 27.00 -5.24 35.97
CA VAL B 615 26.45 -4.64 34.78
C VAL B 615 27.33 -3.56 34.23
N LEU B 616 27.14 -3.24 32.96
CA LEU B 616 27.87 -2.15 32.34
C LEU B 616 26.97 -1.21 31.56
N TYR B 617 27.19 0.08 31.76
CA TYR B 617 26.49 1.11 31.01
C TYR B 617 27.38 1.62 29.91
N GLN B 618 27.05 1.22 28.70
CA GLN B 618 27.86 1.40 27.52
C GLN B 618 28.01 2.84 27.05
N ASP B 619 29.25 3.21 26.74
CA ASP B 619 29.62 4.48 26.10
C ASP B 619 29.07 5.75 26.75
N VAL B 620 29.02 5.79 28.07
CA VAL B 620 28.54 6.98 28.77
C VAL B 620 29.42 7.38 29.91
N ASN B 621 29.24 8.61 30.37
CA ASN B 621 29.88 9.09 31.58
C ASN B 621 29.17 8.52 32.80
N CYS B 622 29.90 7.73 33.56
CA CYS B 622 29.28 7.00 34.67
C CYS B 622 28.71 7.96 35.70
N THR B 623 29.16 9.21 35.69
CA THR B 623 28.68 10.21 36.64
C THR B 623 27.20 10.49 36.39
N ASP B 624 26.78 10.40 35.13
CA ASP B 624 25.40 10.66 34.79
C ASP B 624 24.58 9.42 35.07
N VAL B 625 25.21 8.27 34.89
CA VAL B 625 24.55 7.02 35.17
C VAL B 625 24.20 6.96 36.64
N SER B 626 25.20 7.23 37.50
CA SER B 626 24.98 7.22 38.92
C SER B 626 23.92 8.22 39.33
N THR B 627 24.03 9.45 38.83
CA THR B 627 23.09 10.49 39.19
C THR B 627 21.66 10.06 38.93
N ALA B 628 21.42 9.50 37.74
CA ALA B 628 20.09 9.11 37.31
C ALA B 628 19.63 7.79 37.94
N ILE B 629 20.47 7.18 38.78
CA ILE B 629 20.06 6.00 39.53
C ILE B 629 19.48 6.44 40.85
N HIS B 630 20.17 7.37 41.51
CA HIS B 630 19.68 7.91 42.76
C HIS B 630 18.45 8.75 42.48
N ALA B 631 18.56 9.61 41.48
CA ALA B 631 17.44 10.37 40.97
C ALA B 631 16.83 9.58 39.84
N ASP B 632 16.03 8.58 40.17
CA ASP B 632 15.63 7.63 39.16
C ASP B 632 14.98 8.29 37.97
N GLN B 633 15.75 8.39 36.89
CA GLN B 633 15.29 8.90 35.62
C GLN B 633 15.74 7.98 34.52
N LEU B 634 15.88 6.70 34.84
CA LEU B 634 16.39 5.76 33.85
C LEU B 634 15.38 4.72 33.42
N THR B 635 15.43 4.41 32.14
CA THR B 635 14.71 3.30 31.58
C THR B 635 15.69 2.38 30.87
N PRO B 636 15.65 1.07 31.16
CA PRO B 636 14.83 0.35 32.12
C PRO B 636 15.34 0.47 33.53
N ALA B 637 14.60 -0.09 34.47
CA ALA B 637 15.01 -0.18 35.85
C ALA B 637 14.39 -1.41 36.48
N TRP B 638 14.96 -1.89 37.58
CA TRP B 638 14.47 -3.09 38.22
C TRP B 638 13.91 -2.82 39.59
N ARG B 639 12.98 -3.67 40.02
CA ARG B 639 12.42 -3.55 41.36
C ARG B 639 13.44 -3.74 42.46
N ILE B 640 14.33 -4.72 42.29
CA ILE B 640 15.34 -4.96 43.30
C ILE B 640 16.72 -4.65 42.76
N TYR B 641 17.21 -3.45 43.05
CA TYR B 641 18.49 -3.01 42.54
C TYR B 641 19.06 -1.87 43.36
N SER B 642 20.38 -1.89 43.55
CA SER B 642 21.05 -0.81 44.25
C SER B 642 22.47 -0.65 43.72
N THR B 643 23.06 0.51 43.97
CA THR B 643 24.42 0.77 43.56
C THR B 643 25.35 0.84 44.77
N GLY B 644 26.38 0.01 44.74
CA GLY B 644 27.36 -0.03 45.83
C GLY B 644 28.60 0.77 45.48
N ASN B 645 29.71 0.48 46.15
CA ASN B 645 30.96 1.19 45.92
C ASN B 645 31.73 0.60 44.77
N ASN B 646 31.23 -0.50 44.24
CA ASN B 646 31.91 -1.21 43.17
C ASN B 646 31.61 -0.56 41.83
N VAL B 647 32.14 0.63 41.63
CA VAL B 647 31.92 1.35 40.39
C VAL B 647 33.26 1.73 39.75
N PHE B 648 33.46 1.30 38.53
CA PHE B 648 34.72 1.53 37.82
C PHE B 648 34.50 1.80 36.35
N GLN B 649 34.92 2.99 35.90
CA GLN B 649 34.67 3.41 34.53
C GLN B 649 35.77 3.01 33.57
N THR B 650 35.38 2.44 32.44
CA THR B 650 36.30 2.09 31.37
C THR B 650 35.84 2.69 30.05
N GLN B 651 36.64 2.51 29.02
CA GLN B 651 36.35 3.07 27.71
C GLN B 651 35.06 2.52 27.09
N ALA B 652 34.74 1.27 27.39
CA ALA B 652 33.55 0.65 26.82
C ALA B 652 32.27 1.11 27.53
N GLY B 653 32.44 1.77 28.68
CA GLY B 653 31.33 2.10 29.55
C GLY B 653 31.75 1.77 30.96
N CYS B 654 30.89 2.04 31.94
CA CYS B 654 31.33 1.78 33.30
C CYS B 654 30.69 0.56 33.91
N LEU B 655 31.46 -0.11 34.77
CA LEU B 655 31.03 -1.30 35.48
C LEU B 655 30.44 -0.96 36.81
N ILE B 656 29.38 -1.65 37.15
CA ILE B 656 28.79 -1.54 38.48
C ILE B 656 28.56 -2.91 39.07
N GLY B 657 29.14 -3.15 40.24
CA GLY B 657 29.01 -4.43 40.94
C GLY B 657 30.28 -5.26 40.85
N ALA B 658 31.16 -4.92 39.92
CA ALA B 658 32.43 -5.61 39.78
C ALA B 658 33.50 -4.90 40.61
N GLU B 659 34.25 -5.67 41.40
CA GLU B 659 35.29 -5.06 42.22
C GLU B 659 36.58 -4.93 41.42
N HIS B 660 37.07 -3.71 41.30
CA HIS B 660 38.30 -3.48 40.57
C HIS B 660 39.52 -3.81 41.40
N VAL B 661 40.48 -4.48 40.79
CA VAL B 661 41.73 -4.82 41.45
C VAL B 661 42.91 -4.36 40.63
N ASP B 662 44.08 -4.30 41.26
CA ASP B 662 45.30 -3.84 40.61
C ASP B 662 46.19 -4.98 40.12
N THR B 663 45.65 -6.19 40.06
CA THR B 663 46.40 -7.33 39.59
C THR B 663 46.00 -7.73 38.17
N SER B 664 46.48 -8.88 37.73
CA SER B 664 46.25 -9.35 36.37
C SER B 664 46.15 -10.85 36.29
N TYR B 665 45.45 -11.31 35.26
CA TYR B 665 45.26 -12.73 35.00
C TYR B 665 45.04 -12.95 33.53
N GLU B 666 44.87 -14.20 33.14
CA GLU B 666 44.43 -14.51 31.80
C GLU B 666 43.03 -13.91 31.62
N CYS B 667 42.66 -13.57 30.40
CA CYS B 667 41.33 -13.00 30.19
C CYS B 667 40.28 -14.08 30.06
N ASP B 668 39.33 -14.08 31.01
CA ASP B 668 38.26 -15.07 30.98
C ASP B 668 37.06 -14.51 30.23
N ILE B 669 36.41 -13.50 30.80
CA ILE B 669 35.31 -12.83 30.12
C ILE B 669 35.73 -11.42 29.72
N PRO B 670 35.99 -11.16 28.44
CA PRO B 670 36.54 -9.92 27.94
C PRO B 670 35.51 -8.81 28.02
N ILE B 671 35.98 -7.59 28.27
CA ILE B 671 35.12 -6.43 28.24
C ILE B 671 35.59 -5.46 27.17
N GLY B 672 36.86 -5.06 27.25
CA GLY B 672 37.43 -4.15 26.25
C GLY B 672 38.58 -3.33 26.83
N ALA B 673 39.42 -2.81 25.94
CA ALA B 673 40.53 -1.94 26.32
C ALA B 673 41.43 -2.57 27.39
N GLY B 674 41.71 -3.86 27.23
CA GLY B 674 42.61 -4.56 28.14
C GLY B 674 41.93 -5.03 29.43
N ILE B 675 40.64 -4.75 29.57
CA ILE B 675 39.92 -5.10 30.78
C ILE B 675 39.07 -6.34 30.59
N CYS B 676 39.18 -7.25 31.54
CA CYS B 676 38.41 -8.48 31.54
C CYS B 676 37.82 -8.77 32.91
N ALA B 677 36.88 -9.69 32.96
CA ALA B 677 36.27 -10.10 34.21
C ALA B 677 36.47 -11.59 34.47
N SER B 678 36.50 -11.94 35.75
CA SER B 678 36.58 -13.33 36.19
C SER B 678 35.98 -13.46 37.57
N TYR B 679 35.84 -14.68 38.05
CA TYR B 679 35.21 -14.92 39.34
C TYR B 679 36.17 -15.63 40.28
N HIS B 680 36.59 -14.94 41.35
CA HIS B 680 37.59 -15.45 42.28
C HIS B 680 37.30 -15.01 43.69
N THR B 681 38.10 -15.51 44.63
CA THR B 681 38.02 -15.04 46.00
C THR B 681 38.88 -13.79 46.15
N VAL B 682 38.66 -13.05 47.23
CA VAL B 682 39.44 -11.84 47.46
C VAL B 682 39.94 -11.79 48.89
N GLN B 690 34.16 -16.96 49.75
CA GLN B 690 33.70 -15.60 49.43
C GLN B 690 34.20 -15.16 48.06
N LYS B 691 33.61 -15.72 47.02
CA LYS B 691 33.97 -15.37 45.65
C LYS B 691 33.20 -14.15 45.18
N SER B 692 33.77 -13.44 44.20
CA SER B 692 33.12 -12.26 43.65
C SER B 692 33.58 -11.99 42.22
N ILE B 693 32.87 -11.10 41.55
CA ILE B 693 33.25 -10.71 40.20
C ILE B 693 34.36 -9.69 40.27
N VAL B 694 35.47 -10.00 39.61
CA VAL B 694 36.66 -9.19 39.66
C VAL B 694 36.98 -8.54 38.33
N ALA B 695 37.23 -7.22 38.38
CA ALA B 695 37.63 -6.47 37.19
C ALA B 695 39.14 -6.25 37.23
N TYR B 696 39.84 -6.73 36.20
CA TYR B 696 41.30 -6.70 36.21
C TYR B 696 41.89 -6.48 34.83
N THR B 697 43.21 -6.28 34.79
CA THR B 697 43.90 -6.10 33.53
C THR B 697 44.40 -7.45 33.03
N MET B 698 44.12 -7.75 31.77
CA MET B 698 44.51 -9.04 31.24
C MET B 698 46.01 -9.14 31.02
N SER B 699 46.53 -10.34 31.23
CA SER B 699 47.93 -10.64 30.94
C SER B 699 48.10 -10.99 29.48
N LEU B 700 49.28 -10.70 28.92
CA LEU B 700 49.56 -11.04 27.54
C LEU B 700 50.29 -12.38 27.43
N GLY B 701 50.50 -13.03 28.57
CA GLY B 701 51.21 -14.30 28.60
C GLY B 701 52.27 -14.30 29.70
N ALA B 702 52.90 -15.46 29.90
CA ALA B 702 53.92 -15.60 30.92
C ALA B 702 55.07 -14.65 30.64
N ASP B 703 55.69 -14.16 31.71
CA ASP B 703 56.81 -13.25 31.59
C ASP B 703 58.15 -13.96 31.78
N SER B 704 58.92 -14.10 30.70
CA SER B 704 60.20 -14.80 30.77
C SER B 704 61.31 -14.05 30.04
N SER B 705 62.45 -14.71 29.88
CA SER B 705 63.60 -14.07 29.26
C SER B 705 64.59 -15.08 28.70
N ILE B 706 65.10 -14.80 27.50
CA ILE B 706 66.10 -15.65 26.86
C ILE B 706 67.44 -14.96 26.85
N ALA B 707 68.41 -15.56 27.53
CA ALA B 707 69.75 -15.00 27.57
C ALA B 707 70.38 -15.09 26.19
N TYR B 708 71.23 -14.13 25.85
CA TYR B 708 71.94 -14.20 24.59
C TYR B 708 73.42 -14.35 24.77
N SER B 709 74.02 -15.16 23.92
CA SER B 709 75.45 -15.36 23.91
C SER B 709 75.94 -15.55 22.49
N ASN B 710 77.09 -14.99 22.19
CA ASN B 710 77.72 -15.15 20.89
C ASN B 710 78.73 -16.29 20.93
N ASN B 711 78.79 -16.98 22.08
CA ASN B 711 79.73 -18.07 22.27
C ASN B 711 79.06 -19.41 22.52
N THR B 712 77.95 -19.38 23.27
CA THR B 712 77.32 -20.62 23.65
C THR B 712 76.10 -20.92 22.81
N ILE B 713 75.61 -22.15 22.93
CA ILE B 713 74.42 -22.59 22.23
C ILE B 713 73.67 -23.64 23.04
N ALA B 714 72.34 -23.58 22.98
CA ALA B 714 71.54 -24.61 23.64
C ALA B 714 71.13 -25.68 22.66
N ILE B 715 71.27 -26.94 23.08
CA ILE B 715 70.90 -28.08 22.25
C ILE B 715 70.07 -29.06 23.07
N PRO B 716 68.88 -29.48 22.60
CA PRO B 716 67.99 -30.42 23.27
C PRO B 716 68.67 -31.77 23.39
N THR B 717 68.43 -32.45 24.51
CA THR B 717 69.01 -33.76 24.76
C THR B 717 67.93 -34.83 24.75
N ASN B 718 66.80 -34.52 25.37
CA ASN B 718 65.68 -35.47 25.38
C ASN B 718 64.50 -34.89 24.61
N PHE B 719 63.49 -35.73 24.42
CA PHE B 719 62.29 -35.34 23.70
C PHE B 719 61.10 -36.15 24.15
N SER B 720 59.92 -35.73 23.70
CA SER B 720 58.72 -36.49 23.96
C SER B 720 57.82 -36.51 22.75
N ILE B 721 56.95 -37.51 22.69
CA ILE B 721 55.98 -37.62 21.63
C ILE B 721 54.60 -37.36 22.19
N SER B 722 53.85 -36.49 21.54
CA SER B 722 52.53 -36.15 22.02
C SER B 722 51.56 -36.01 20.87
N ILE B 723 50.27 -36.08 21.20
CA ILE B 723 49.24 -35.99 20.19
C ILE B 723 48.26 -34.88 20.52
N THR B 724 47.99 -34.01 19.55
CA THR B 724 47.03 -32.93 19.73
C THR B 724 45.83 -33.14 18.83
N THR B 725 44.66 -32.66 19.27
CA THR B 725 43.43 -32.86 18.51
C THR B 725 42.88 -31.58 17.94
N GLU B 726 42.48 -31.62 16.67
CA GLU B 726 41.88 -30.49 16.00
C GLU B 726 40.66 -30.89 15.17
N VAL B 727 39.60 -30.10 15.25
CA VAL B 727 38.36 -30.41 14.53
C VAL B 727 37.86 -29.24 13.70
N MET B 728 37.31 -29.56 12.53
CA MET B 728 36.67 -28.56 11.68
C MET B 728 35.37 -29.12 11.11
N PRO B 729 34.34 -28.29 10.91
CA PRO B 729 33.10 -28.62 10.24
C PRO B 729 33.30 -28.71 8.75
N VAL B 730 32.56 -29.60 8.10
CA VAL B 730 32.63 -29.67 6.64
C VAL B 730 31.26 -29.83 6.01
N SER B 731 30.23 -29.34 6.69
CA SER B 731 28.87 -29.44 6.19
C SER B 731 27.88 -28.71 7.06
N MET B 732 26.70 -28.46 6.51
CA MET B 732 25.56 -28.01 7.29
C MET B 732 24.29 -28.64 6.74
N ALA B 733 23.19 -28.52 7.47
CA ALA B 733 21.94 -29.16 7.10
C ALA B 733 21.48 -28.76 5.70
N LYS B 734 21.02 -29.75 4.94
CA LYS B 734 20.48 -29.53 3.62
C LYS B 734 19.02 -29.11 3.71
N THR B 735 18.79 -27.87 4.08
CA THR B 735 17.43 -27.43 4.33
C THR B 735 16.67 -27.23 3.03
N SER B 736 15.35 -27.20 3.14
CA SER B 736 14.47 -26.92 2.01
C SER B 736 13.20 -26.25 2.49
N VAL B 737 12.68 -25.33 1.67
CA VAL B 737 11.50 -24.58 2.04
C VAL B 737 10.44 -24.62 0.95
N ASP B 738 9.20 -24.93 1.33
CA ASP B 738 8.10 -24.86 0.40
C ASP B 738 7.52 -23.44 0.40
N CYS B 739 7.87 -22.67 -0.63
CA CYS B 739 7.53 -21.26 -0.71
C CYS B 739 6.04 -21.03 -0.58
N ASN B 740 5.25 -21.78 -1.33
CA ASN B 740 3.82 -21.59 -1.31
C ASN B 740 3.24 -21.90 0.06
N MET B 741 3.73 -22.97 0.67
CA MET B 741 3.23 -23.36 1.99
C MET B 741 3.54 -22.28 3.01
N TYR B 742 4.75 -21.74 2.94
CA TYR B 742 5.20 -20.71 3.89
C TYR B 742 4.37 -19.44 3.76
N ILE B 743 4.22 -18.95 2.53
CA ILE B 743 3.53 -17.69 2.31
C ILE B 743 2.02 -17.83 2.49
N CYS B 744 1.45 -18.83 1.79
CA CYS B 744 -0.01 -18.96 1.71
C CYS B 744 -0.49 -20.24 2.40
N GLY B 745 -0.92 -20.09 3.64
CA GLY B 745 -1.40 -21.22 4.43
C GLY B 745 -2.77 -21.69 3.94
N ASP B 746 -2.77 -22.41 2.83
CA ASP B 746 -3.99 -22.94 2.22
C ASP B 746 -5.00 -21.86 1.87
N SER B 747 -4.50 -20.77 1.28
CA SER B 747 -5.35 -19.66 0.88
C SER B 747 -5.27 -19.39 -0.62
N THR B 748 -6.40 -19.55 -1.29
CA THR B 748 -6.49 -19.33 -2.74
C THR B 748 -6.21 -17.88 -3.08
N GLU B 749 -6.79 -16.97 -2.32
CA GLU B 749 -6.64 -15.55 -2.56
C GLU B 749 -5.19 -15.16 -2.39
N CYS B 750 -4.55 -15.72 -1.38
CA CYS B 750 -3.14 -15.46 -1.16
C CYS B 750 -2.33 -15.92 -2.36
N ALA B 751 -2.61 -17.14 -2.84
CA ALA B 751 -1.86 -17.68 -3.96
C ALA B 751 -1.96 -16.77 -5.17
N ASN B 752 -3.15 -16.27 -5.45
CA ASN B 752 -3.32 -15.37 -6.58
C ASN B 752 -2.48 -14.11 -6.37
N LEU B 753 -2.41 -13.67 -5.12
CA LEU B 753 -1.67 -12.47 -4.75
C LEU B 753 -0.18 -12.76 -4.57
N LEU B 754 0.22 -13.99 -4.83
CA LEU B 754 1.62 -14.37 -4.79
C LEU B 754 2.12 -14.52 -6.21
N LEU B 755 1.28 -15.09 -7.07
CA LEU B 755 1.61 -15.30 -8.47
C LEU B 755 1.89 -13.97 -9.16
N GLN B 756 1.22 -12.93 -8.71
CA GLN B 756 1.41 -11.58 -9.25
C GLN B 756 2.86 -11.06 -9.09
N TYR B 757 3.66 -11.76 -8.27
CA TYR B 757 5.04 -11.34 -8.03
C TYR B 757 6.06 -12.12 -8.87
N GLY B 758 5.58 -12.94 -9.78
CA GLY B 758 6.45 -13.62 -10.73
C GLY B 758 7.21 -14.82 -10.17
N SER B 759 8.50 -14.87 -10.47
CA SER B 759 9.36 -16.01 -10.20
C SER B 759 9.95 -16.01 -8.81
N PHE B 760 9.39 -15.21 -7.93
CA PHE B 760 9.88 -15.11 -6.55
C PHE B 760 10.19 -16.48 -5.94
N CYS B 761 9.21 -17.36 -5.94
CA CYS B 761 9.39 -18.67 -5.32
C CYS B 761 10.43 -19.49 -6.04
N THR B 762 10.44 -19.41 -7.36
CA THR B 762 11.36 -20.18 -8.18
C THR B 762 12.80 -19.80 -7.86
N GLN B 763 13.06 -18.52 -7.77
CA GLN B 763 14.41 -18.04 -7.48
C GLN B 763 14.90 -18.57 -6.15
N LEU B 764 14.04 -18.52 -5.13
CA LEU B 764 14.41 -19.00 -3.82
C LEU B 764 14.74 -20.48 -3.85
N ASN B 765 13.94 -21.24 -4.60
CA ASN B 765 14.13 -22.67 -4.68
C ASN B 765 15.48 -23.01 -5.27
N ARG B 766 15.86 -22.32 -6.35
CA ARG B 766 17.15 -22.58 -6.96
C ARG B 766 18.28 -22.30 -6.00
N ALA B 767 18.18 -21.19 -5.26
CA ALA B 767 19.24 -20.83 -4.33
C ALA B 767 19.43 -21.90 -3.26
N LEU B 768 18.34 -22.37 -2.68
CA LEU B 768 18.44 -23.38 -1.64
C LEU B 768 18.97 -24.69 -2.18
N SER B 769 18.55 -25.05 -3.38
CA SER B 769 19.02 -26.27 -4.00
C SER B 769 20.52 -26.19 -4.21
N GLY B 770 20.98 -25.04 -4.71
CA GLY B 770 22.39 -24.83 -4.97
C GLY B 770 23.21 -25.06 -3.71
N ILE B 771 22.73 -24.58 -2.58
CA ILE B 771 23.46 -24.76 -1.33
C ILE B 771 23.57 -26.24 -1.00
N ALA B 772 22.45 -26.94 -1.07
CA ALA B 772 22.45 -28.36 -0.74
C ALA B 772 23.43 -29.12 -1.62
N ALA B 773 23.51 -28.73 -2.89
CA ALA B 773 24.41 -29.38 -3.80
C ALA B 773 25.85 -29.22 -3.33
N GLU B 774 26.19 -28.03 -2.85
CA GLU B 774 27.53 -27.77 -2.36
C GLU B 774 27.80 -28.57 -1.10
N GLN B 775 26.79 -28.75 -0.27
CA GLN B 775 26.96 -29.50 0.96
C GLN B 775 27.39 -30.91 0.66
N ASP B 776 26.92 -31.45 -0.45
CA ASP B 776 27.29 -32.80 -0.84
C ASP B 776 28.76 -32.81 -1.28
N ARG B 777 29.14 -31.86 -2.13
CA ARG B 777 30.51 -31.80 -2.60
C ARG B 777 31.48 -31.60 -1.46
N ASN B 778 31.09 -30.77 -0.50
CA ASN B 778 31.96 -30.44 0.62
C ASN B 778 32.34 -31.66 1.42
N THR B 779 31.55 -32.72 1.33
CA THR B 779 31.85 -33.94 2.05
C THR B 779 32.73 -34.83 1.19
N ARG B 780 32.30 -35.07 -0.05
CA ARG B 780 33.04 -35.98 -0.92
C ARG B 780 34.45 -35.49 -1.20
N GLU B 781 34.59 -34.19 -1.40
CA GLU B 781 35.88 -33.56 -1.70
C GLU B 781 36.88 -33.70 -0.56
N VAL B 782 36.39 -33.99 0.64
CA VAL B 782 37.27 -34.11 1.80
C VAL B 782 37.59 -35.56 2.10
N PHE B 783 36.57 -36.39 2.18
CA PHE B 783 36.76 -37.77 2.61
C PHE B 783 37.25 -38.73 1.52
N ALA B 784 36.76 -38.58 0.30
CA ALA B 784 37.06 -39.55 -0.74
C ALA B 784 38.44 -39.31 -1.38
N GLN B 785 39.49 -39.48 -0.58
CA GLN B 785 40.84 -39.24 -1.08
C GLN B 785 41.52 -40.52 -1.54
N VAL B 786 40.85 -41.64 -1.35
CA VAL B 786 41.44 -42.92 -1.69
C VAL B 786 40.54 -43.65 -2.68
N LYS B 787 41.14 -44.22 -3.72
CA LYS B 787 40.38 -44.94 -4.72
C LYS B 787 40.06 -46.37 -4.29
N GLN B 788 40.95 -46.93 -3.47
CA GLN B 788 40.77 -48.29 -2.99
C GLN B 788 40.37 -48.30 -1.53
N MET B 789 39.41 -49.14 -1.21
CA MET B 789 39.02 -49.39 0.16
C MET B 789 39.82 -50.56 0.66
N TYR B 790 40.18 -50.54 1.94
CA TYR B 790 40.97 -51.62 2.48
C TYR B 790 40.30 -52.29 3.65
N LYS B 791 40.65 -53.54 3.87
CA LYS B 791 40.13 -54.31 4.99
C LYS B 791 40.87 -53.93 6.25
N THR B 792 40.15 -53.92 7.36
CA THR B 792 40.80 -53.70 8.64
C THR B 792 41.81 -54.83 8.86
N PRO B 793 43.06 -54.52 9.24
CA PRO B 793 44.11 -55.47 9.52
C PRO B 793 43.66 -56.47 10.57
N THR B 794 44.07 -57.72 10.39
CA THR B 794 43.75 -58.77 11.34
C THR B 794 44.32 -58.40 12.70
N LEU B 795 45.57 -57.98 12.69
CA LEU B 795 46.24 -57.56 13.90
C LEU B 795 46.49 -56.07 13.83
N LYS B 796 46.11 -55.37 14.89
CA LYS B 796 46.24 -53.92 14.92
C LYS B 796 47.54 -53.49 15.59
N TYR B 797 48.27 -54.46 16.11
CA TYR B 797 49.48 -54.19 16.88
C TYR B 797 50.71 -54.24 15.99
N PHE B 798 51.33 -53.08 15.78
CA PHE B 798 52.45 -52.99 14.85
C PHE B 798 53.70 -52.42 15.50
N GLY B 799 54.67 -53.28 15.78
CA GLY B 799 55.95 -52.83 16.32
C GLY B 799 55.80 -52.20 17.70
N GLY B 800 54.80 -52.64 18.46
CA GLY B 800 54.55 -52.08 19.78
C GLY B 800 53.49 -50.99 19.78
N PHE B 801 53.10 -50.53 18.60
CA PHE B 801 52.10 -49.48 18.49
C PHE B 801 50.69 -50.07 18.51
N ASN B 802 49.93 -49.65 19.51
CA ASN B 802 48.57 -50.09 19.72
C ASN B 802 47.78 -49.00 19.06
N PHE B 803 46.92 -49.40 18.14
CA PHE B 803 46.13 -48.40 17.36
C PHE B 803 44.70 -48.88 17.65
N SER B 804 44.47 -49.57 18.75
CA SER B 804 43.20 -50.27 18.92
C SER B 804 42.00 -49.35 19.04
N GLN B 805 42.21 -48.13 19.49
CA GLN B 805 41.11 -47.20 19.70
C GLN B 805 40.86 -46.33 18.49
N ILE B 806 41.71 -46.48 17.47
CA ILE B 806 41.63 -45.67 16.26
C ILE B 806 40.84 -46.41 15.19
N LEU B 807 41.12 -47.71 15.06
CA LEU B 807 40.42 -48.57 14.10
C LEU B 807 39.09 -49.09 14.67
N PRO B 808 38.12 -49.41 13.81
CA PRO B 808 36.90 -50.14 14.12
C PRO B 808 37.23 -51.50 14.70
N ASP B 809 36.38 -51.98 15.60
CA ASP B 809 36.56 -53.30 16.20
C ASP B 809 35.43 -54.24 15.78
N PRO B 810 35.68 -55.18 14.85
CA PRO B 810 34.72 -56.05 14.18
C PRO B 810 33.98 -56.96 15.16
N LEU B 811 34.52 -57.09 16.37
CA LEU B 811 33.85 -57.89 17.40
C LEU B 811 32.49 -57.29 17.72
N LYS B 812 32.41 -55.96 17.68
CA LYS B 812 31.18 -55.26 17.99
C LYS B 812 30.36 -55.10 16.69
N PRO B 813 29.01 -55.13 16.77
CA PRO B 813 28.08 -54.89 15.67
C PRO B 813 28.28 -53.54 14.94
N THR B 814 28.94 -52.59 15.58
CA THR B 814 29.16 -51.28 15.00
C THR B 814 30.33 -51.27 14.01
N LYS B 815 30.40 -50.21 13.20
CA LYS B 815 31.47 -50.08 12.22
C LYS B 815 32.39 -48.89 12.51
N ARG B 816 32.29 -48.36 13.71
CA ARG B 816 33.13 -47.23 14.11
C ARG B 816 34.17 -47.64 15.13
N SER B 817 35.19 -46.80 15.30
CA SER B 817 36.22 -47.01 16.31
C SER B 817 35.73 -46.52 17.66
N PHE B 818 36.45 -46.88 18.71
CA PHE B 818 36.08 -46.45 20.05
C PHE B 818 36.00 -44.93 20.14
N ILE B 819 37.04 -44.27 19.65
CA ILE B 819 37.09 -42.81 19.72
C ILE B 819 35.91 -42.20 19.01
N GLU B 820 35.61 -42.70 17.82
CA GLU B 820 34.52 -42.17 17.03
C GLU B 820 33.19 -42.29 17.78
N ASP B 821 32.95 -43.42 18.42
CA ASP B 821 31.72 -43.57 19.18
C ASP B 821 31.58 -42.47 20.22
N LEU B 822 32.68 -42.08 20.83
CA LEU B 822 32.64 -41.02 21.81
C LEU B 822 32.37 -39.68 21.16
N LEU B 823 33.00 -39.44 20.01
CA LEU B 823 32.82 -38.17 19.33
C LEU B 823 31.37 -37.95 18.96
N PHE B 824 30.71 -39.02 18.52
CA PHE B 824 29.33 -38.94 18.07
C PHE B 824 28.32 -38.84 19.21
N ASN B 825 28.80 -38.86 20.45
CA ASN B 825 27.89 -38.78 21.58
C ASN B 825 27.86 -37.39 22.21
N LYS B 826 28.61 -36.43 21.64
CA LYS B 826 28.65 -35.10 22.24
C LYS B 826 28.06 -33.98 21.40
N VAL B 827 27.75 -34.24 20.13
CA VAL B 827 27.21 -33.20 19.27
C VAL B 827 25.78 -33.51 18.89
N GLN B 837 9.42 -27.57 14.54
CA GLN B 837 10.70 -27.22 13.96
C GLN B 837 10.68 -27.37 12.44
N TYR B 838 10.75 -28.59 11.97
CA TYR B 838 10.76 -28.89 10.55
C TYR B 838 10.41 -30.35 10.28
N GLY B 839 10.06 -30.67 9.05
CA GLY B 839 9.76 -32.06 8.68
C GLY B 839 11.03 -32.89 8.57
N GLU B 840 10.92 -34.15 8.97
CA GLU B 840 12.04 -35.09 8.93
C GLU B 840 11.48 -36.51 8.95
N CYS B 841 12.36 -37.50 8.88
CA CYS B 841 11.95 -38.89 8.93
C CYS B 841 13.10 -39.79 9.36
N LEU B 842 12.81 -40.72 10.26
CA LEU B 842 13.84 -41.61 10.79
C LEU B 842 13.50 -43.07 10.50
N ILE B 851 9.53 -44.09 10.60
CA ILE B 851 8.36 -43.21 10.64
C ILE B 851 8.71 -41.76 10.32
N CYS B 852 7.79 -41.06 9.68
CA CYS B 852 8.02 -39.68 9.25
C CYS B 852 7.05 -38.72 9.94
N ALA B 853 7.41 -37.43 9.97
CA ALA B 853 6.52 -36.40 10.50
C ALA B 853 6.79 -35.06 9.81
N GLN B 854 5.75 -34.24 9.67
CA GLN B 854 5.88 -32.94 9.01
C GLN B 854 5.28 -31.82 9.83
N LYS B 855 5.70 -30.59 9.53
CA LYS B 855 5.21 -29.41 10.22
C LYS B 855 4.46 -28.46 9.28
N PHE B 856 3.63 -27.61 9.87
CA PHE B 856 2.78 -26.69 9.12
C PHE B 856 3.54 -25.45 8.65
N ASN B 857 4.82 -25.37 8.94
CA ASN B 857 5.62 -24.22 8.56
C ASN B 857 6.29 -24.37 7.19
N GLY B 858 6.09 -25.50 6.53
CA GLY B 858 6.62 -25.69 5.18
C GLY B 858 8.13 -25.98 5.13
N LEU B 859 8.73 -26.24 6.29
CA LEU B 859 10.17 -26.46 6.35
C LEU B 859 10.50 -27.95 6.46
N THR B 860 11.64 -28.33 5.88
CA THR B 860 12.14 -29.71 6.00
C THR B 860 13.64 -29.79 5.77
N VAL B 861 14.26 -30.86 6.25
CA VAL B 861 15.68 -31.10 6.01
C VAL B 861 15.93 -32.43 5.30
N LEU B 862 16.68 -32.38 4.21
CA LEU B 862 16.98 -33.55 3.42
C LEU B 862 18.23 -34.27 3.94
N PRO B 863 18.30 -35.60 3.79
CA PRO B 863 19.43 -36.44 4.13
C PRO B 863 20.59 -36.25 3.14
N PRO B 864 21.83 -36.54 3.57
CA PRO B 864 23.06 -36.56 2.80
C PRO B 864 23.13 -37.80 1.91
N LEU B 865 23.97 -37.74 0.88
CA LEU B 865 24.27 -38.93 0.10
C LEU B 865 25.02 -39.96 0.93
N LEU B 866 26.02 -39.49 1.67
CA LEU B 866 26.86 -40.38 2.44
C LEU B 866 26.46 -40.41 3.90
N THR B 867 26.07 -41.57 4.38
CA THR B 867 25.68 -41.74 5.76
C THR B 867 26.91 -41.85 6.64
N ASP B 868 26.72 -41.77 7.94
CA ASP B 868 27.85 -41.82 8.87
C ASP B 868 28.67 -43.08 8.73
N ASP B 869 28.01 -44.20 8.46
CA ASP B 869 28.72 -45.47 8.32
C ASP B 869 29.63 -45.45 7.11
N MET B 870 29.17 -44.81 6.05
CA MET B 870 29.94 -44.71 4.82
C MET B 870 31.16 -43.83 5.06
N ILE B 871 30.97 -42.78 5.85
CA ILE B 871 32.07 -41.91 6.21
C ILE B 871 33.06 -42.67 7.07
N ALA B 872 32.54 -43.44 8.02
CA ALA B 872 33.40 -44.22 8.88
C ALA B 872 34.23 -45.18 8.06
N ALA B 873 33.63 -45.77 7.04
CA ALA B 873 34.34 -46.69 6.17
C ALA B 873 35.52 -46.00 5.50
N TYR B 874 35.30 -44.78 5.03
CA TYR B 874 36.38 -44.05 4.40
C TYR B 874 37.50 -43.76 5.38
N THR B 875 37.14 -43.32 6.57
CA THR B 875 38.17 -43.00 7.54
C THR B 875 38.92 -44.25 7.97
N ALA B 876 38.20 -45.37 8.10
CA ALA B 876 38.84 -46.61 8.48
C ALA B 876 39.87 -47.01 7.44
N ALA B 877 39.52 -46.87 6.17
CA ALA B 877 40.44 -47.20 5.09
C ALA B 877 41.69 -46.34 5.16
N LEU B 878 41.51 -45.05 5.41
CA LEU B 878 42.63 -44.14 5.46
C LEU B 878 43.59 -44.49 6.60
N VAL B 879 43.03 -44.87 7.75
CA VAL B 879 43.87 -45.25 8.86
C VAL B 879 44.62 -46.53 8.57
N SER B 880 43.91 -47.53 8.04
CA SER B 880 44.55 -48.79 7.72
C SER B 880 45.66 -48.55 6.74
N GLY B 881 45.37 -47.75 5.72
CA GLY B 881 46.35 -47.39 4.73
C GLY B 881 47.56 -46.78 5.38
N THR B 882 47.33 -45.75 6.17
CA THR B 882 48.42 -45.06 6.81
C THR B 882 49.31 -46.06 7.55
N ALA B 883 48.69 -46.97 8.29
CA ALA B 883 49.42 -47.92 9.12
C ALA B 883 50.36 -48.85 8.32
N THR B 884 49.94 -49.32 7.14
CA THR B 884 50.77 -50.32 6.44
C THR B 884 51.10 -50.03 4.96
N ALA B 885 50.40 -49.09 4.35
CA ALA B 885 50.50 -48.86 2.90
C ALA B 885 51.70 -48.00 2.50
N GLY B 886 52.41 -47.47 3.48
CA GLY B 886 53.58 -46.67 3.21
C GLY B 886 53.27 -45.30 2.62
N TRP B 887 54.23 -44.77 1.89
CA TRP B 887 54.20 -43.39 1.41
C TRP B 887 53.43 -43.19 0.12
N THR B 888 53.24 -44.25 -0.65
CA THR B 888 52.58 -44.11 -1.94
C THR B 888 51.10 -44.38 -1.84
N PHE B 889 50.61 -44.55 -0.63
CA PHE B 889 49.21 -44.83 -0.41
C PHE B 889 48.30 -43.85 -1.15
N GLY B 890 48.58 -42.55 -1.02
CA GLY B 890 47.77 -41.52 -1.65
C GLY B 890 48.37 -41.03 -2.99
N ALA B 891 49.41 -41.70 -3.46
CA ALA B 891 50.09 -41.28 -4.68
C ALA B 891 49.83 -42.25 -5.83
N GLY B 892 49.71 -43.52 -5.51
CA GLY B 892 49.54 -44.57 -6.49
C GLY B 892 49.27 -45.89 -5.78
N ALA B 893 49.83 -46.97 -6.28
CA ALA B 893 49.65 -48.26 -5.62
C ALA B 893 50.26 -48.21 -4.24
N ALA B 894 49.59 -48.86 -3.29
CA ALA B 894 50.13 -49.00 -1.95
C ALA B 894 51.37 -49.87 -1.97
N LEU B 895 52.35 -49.53 -1.12
CA LEU B 895 53.56 -50.34 -1.00
C LEU B 895 53.77 -50.77 0.44
N GLN B 896 53.58 -52.05 0.70
CA GLN B 896 53.68 -52.54 2.06
C GLN B 896 55.03 -52.25 2.68
N ILE B 897 54.99 -51.78 3.90
CA ILE B 897 56.20 -51.48 4.66
C ILE B 897 55.95 -51.72 6.15
N PRO B 898 56.91 -52.29 6.88
CA PRO B 898 56.94 -52.39 8.32
C PRO B 898 56.75 -51.03 8.94
N PHE B 899 55.93 -50.96 9.97
CA PHE B 899 55.60 -49.70 10.61
C PHE B 899 56.82 -48.95 11.10
N ALA B 900 57.71 -49.66 11.79
CA ALA B 900 58.89 -49.02 12.36
C ALA B 900 59.73 -48.34 11.28
N MET B 901 59.83 -48.97 10.12
CA MET B 901 60.59 -48.39 9.02
C MET B 901 59.93 -47.14 8.51
N GLN B 902 58.61 -47.16 8.43
CA GLN B 902 57.86 -46.00 8.01
C GLN B 902 58.13 -44.86 8.97
N MET B 903 58.12 -45.16 10.27
CA MET B 903 58.38 -44.16 11.27
C MET B 903 59.80 -43.64 11.17
N ALA B 904 60.74 -44.53 10.87
CA ALA B 904 62.12 -44.13 10.75
C ALA B 904 62.25 -43.06 9.70
N TYR B 905 61.54 -43.23 8.59
CA TYR B 905 61.55 -42.25 7.54
C TYR B 905 61.00 -40.93 8.07
N ARG B 906 59.88 -41.01 8.78
CA ARG B 906 59.27 -39.81 9.33
C ARG B 906 60.24 -39.05 10.25
N PHE B 907 60.97 -39.78 11.08
CA PHE B 907 61.95 -39.15 11.96
C PHE B 907 63.07 -38.50 11.16
N ASN B 908 63.51 -39.18 10.11
CA ASN B 908 64.52 -38.62 9.23
C ASN B 908 64.06 -37.26 8.74
N GLY B 909 62.80 -37.19 8.29
CA GLY B 909 62.21 -35.93 7.82
C GLY B 909 62.24 -34.84 8.89
N ILE B 910 62.03 -35.21 10.14
CA ILE B 910 62.08 -34.26 11.25
C ILE B 910 63.47 -33.65 11.34
N GLY B 911 64.47 -34.49 11.14
CA GLY B 911 65.86 -34.09 11.28
C GLY B 911 66.49 -34.87 12.41
N VAL B 912 65.96 -36.07 12.64
CA VAL B 912 66.45 -36.95 13.68
C VAL B 912 67.11 -38.18 13.06
N THR B 913 68.36 -38.42 13.42
CA THR B 913 69.11 -39.52 12.85
C THR B 913 68.34 -40.82 13.03
N GLN B 914 68.25 -41.59 11.96
CA GLN B 914 67.47 -42.82 11.91
C GLN B 914 67.59 -43.69 13.16
N ASN B 915 68.82 -43.95 13.59
CA ASN B 915 69.06 -44.91 14.66
C ASN B 915 68.34 -44.54 15.94
N VAL B 916 68.02 -43.27 16.11
CA VAL B 916 67.42 -42.80 17.34
C VAL B 916 66.09 -43.50 17.59
N LEU B 917 65.30 -43.65 16.53
CA LEU B 917 64.00 -44.29 16.66
C LEU B 917 64.15 -45.71 17.13
N TYR B 918 64.99 -46.45 16.45
CA TYR B 918 65.14 -47.85 16.74
C TYR B 918 65.62 -48.07 18.16
N GLU B 919 66.61 -47.29 18.56
CA GLU B 919 67.18 -47.41 19.90
C GLU B 919 66.15 -47.13 20.97
N ASN B 920 65.27 -46.17 20.71
CA ASN B 920 64.26 -45.77 21.68
C ASN B 920 62.87 -46.23 21.25
N GLN B 921 62.80 -47.24 20.39
CA GLN B 921 61.51 -47.69 19.87
C GLN B 921 60.54 -48.05 20.98
N LYS B 922 61.03 -48.69 22.03
CA LYS B 922 60.15 -49.14 23.10
C LYS B 922 59.52 -47.95 23.80
N GLN B 923 60.34 -46.93 24.05
CA GLN B 923 59.87 -45.75 24.75
C GLN B 923 58.87 -44.99 23.90
N ILE B 924 59.19 -44.88 22.62
CA ILE B 924 58.35 -44.13 21.70
C ILE B 924 56.99 -44.79 21.54
N ALA B 925 56.99 -46.10 21.35
CA ALA B 925 55.73 -46.82 21.23
C ALA B 925 54.91 -46.66 22.50
N ASN B 926 55.58 -46.71 23.65
CA ASN B 926 54.89 -46.57 24.92
C ASN B 926 54.26 -45.19 25.07
N GLN B 927 55.01 -44.15 24.69
CA GLN B 927 54.48 -42.79 24.78
C GLN B 927 53.30 -42.61 23.84
N PHE B 928 53.40 -43.16 22.65
CA PHE B 928 52.33 -43.08 21.68
C PHE B 928 51.06 -43.67 22.24
N ASN B 929 51.18 -44.89 22.75
CA ASN B 929 50.04 -45.60 23.28
C ASN B 929 49.44 -44.85 24.45
N LYS B 930 50.30 -44.26 25.28
CA LYS B 930 49.85 -43.50 26.42
C LYS B 930 49.10 -42.26 25.98
N ALA B 931 49.63 -41.55 24.99
CA ALA B 931 49.00 -40.34 24.49
C ALA B 931 47.58 -40.62 24.02
N ILE B 932 47.39 -41.77 23.38
CA ILE B 932 46.05 -42.14 22.93
C ILE B 932 45.12 -42.31 24.12
N SER B 933 45.59 -43.02 25.13
CA SER B 933 44.78 -43.21 26.33
C SER B 933 44.45 -41.88 26.99
N GLN B 934 45.42 -40.98 27.03
CA GLN B 934 45.21 -39.67 27.62
C GLN B 934 44.12 -38.90 26.89
N ILE B 935 44.16 -38.91 25.56
CA ILE B 935 43.14 -38.24 24.77
C ILE B 935 41.79 -38.86 25.02
N GLN B 936 41.72 -40.19 25.04
CA GLN B 936 40.48 -40.85 25.30
C GLN B 936 39.83 -40.30 26.55
N GLU B 937 40.60 -40.23 27.63
CA GLU B 937 40.08 -39.72 28.89
C GLU B 937 39.64 -38.28 28.78
N SER B 938 40.46 -37.45 28.12
CA SER B 938 40.15 -36.04 27.95
C SER B 938 38.82 -35.86 27.23
N LEU B 939 38.64 -36.59 26.14
CA LEU B 939 37.40 -36.55 25.39
C LEU B 939 36.25 -37.06 26.22
N THR B 940 36.44 -38.20 26.83
CA THR B 940 35.38 -38.86 27.57
C THR B 940 34.72 -37.92 28.57
N THR B 941 35.52 -37.19 29.34
CA THR B 941 34.97 -36.39 30.43
C THR B 941 34.89 -34.89 30.16
N THR B 942 35.05 -34.47 28.91
CA THR B 942 34.97 -33.03 28.64
C THR B 942 33.63 -32.62 28.09
N SER B 943 33.51 -31.32 27.85
CA SER B 943 32.30 -30.72 27.33
C SER B 943 32.60 -29.63 26.34
N THR B 944 33.87 -29.45 26.01
CA THR B 944 34.27 -28.40 25.07
C THR B 944 34.68 -28.99 23.72
N ALA B 945 34.93 -30.29 23.71
CA ALA B 945 35.33 -30.96 22.49
C ALA B 945 34.25 -30.80 21.45
N LEU B 946 34.66 -30.56 20.22
CA LEU B 946 33.73 -30.45 19.10
C LEU B 946 32.77 -29.27 19.24
N GLY B 947 33.12 -28.32 20.11
CA GLY B 947 32.31 -27.13 20.28
C GLY B 947 32.09 -26.43 18.94
N LYS B 948 33.09 -26.48 18.06
CA LYS B 948 32.99 -25.87 16.75
C LYS B 948 31.88 -26.47 15.91
N LEU B 949 31.63 -27.77 16.08
CA LEU B 949 30.62 -28.43 15.27
C LEU B 949 29.26 -28.13 15.84
N GLN B 950 29.18 -28.09 17.16
CA GLN B 950 27.92 -27.78 17.81
C GLN B 950 27.51 -26.36 17.49
N ASP B 951 28.50 -25.47 17.37
CA ASP B 951 28.26 -24.09 17.03
C ASP B 951 27.51 -23.96 15.71
N VAL B 952 27.97 -24.67 14.69
CA VAL B 952 27.30 -24.64 13.40
C VAL B 952 25.86 -25.12 13.54
N VAL B 953 25.67 -26.21 14.27
CA VAL B 953 24.34 -26.75 14.47
C VAL B 953 23.42 -25.76 15.16
N ASN B 954 23.94 -25.11 16.20
CA ASN B 954 23.15 -24.16 16.95
C ASN B 954 22.72 -22.98 16.08
N GLN B 955 23.65 -22.49 15.26
CA GLN B 955 23.35 -21.36 14.40
C GLN B 955 22.29 -21.71 13.36
N ASN B 956 22.37 -22.93 12.83
CA ASN B 956 21.37 -23.39 11.89
C ASN B 956 20.00 -23.37 12.52
N ALA B 957 19.91 -23.91 13.73
CA ALA B 957 18.63 -23.96 14.43
C ALA B 957 18.07 -22.56 14.65
N GLN B 958 18.93 -21.60 14.97
CA GLN B 958 18.46 -20.24 15.20
C GLN B 958 17.87 -19.65 13.92
N ALA B 959 18.51 -19.93 12.79
CA ALA B 959 18.03 -19.41 11.52
C ALA B 959 16.65 -19.96 11.23
N LEU B 960 16.45 -21.24 11.47
CA LEU B 960 15.18 -21.88 11.20
C LEU B 960 14.11 -21.38 12.15
N ASN B 961 14.45 -21.31 13.44
CA ASN B 961 13.50 -20.88 14.43
C ASN B 961 13.04 -19.45 14.15
N THR B 962 13.98 -18.61 13.75
CA THR B 962 13.68 -17.23 13.46
C THR B 962 12.70 -17.14 12.31
N LEU B 963 12.97 -17.88 11.24
CA LEU B 963 12.10 -17.87 10.08
C LEU B 963 10.68 -18.27 10.44
N VAL B 964 10.55 -19.32 11.26
CA VAL B 964 9.24 -19.77 11.67
C VAL B 964 8.50 -18.73 12.48
N LYS B 965 9.18 -18.13 13.45
CA LYS B 965 8.52 -17.16 14.31
C LYS B 965 7.97 -16.00 13.52
N GLN B 966 8.66 -15.61 12.45
CA GLN B 966 8.24 -14.48 11.62
C GLN B 966 6.85 -14.67 11.04
N LEU B 967 6.39 -15.91 10.94
CA LEU B 967 5.07 -16.17 10.38
C LEU B 967 3.97 -15.51 11.21
N SER B 968 4.24 -15.29 12.49
CA SER B 968 3.25 -14.70 13.38
C SER B 968 3.31 -13.19 13.38
N SER B 969 4.26 -12.63 12.65
CA SER B 969 4.41 -11.18 12.56
C SER B 969 3.17 -10.56 11.95
N ASN B 970 2.73 -9.44 12.52
CA ASN B 970 1.53 -8.78 12.06
C ASN B 970 1.80 -7.86 10.88
N PHE B 971 2.93 -7.17 10.91
CA PHE B 971 3.30 -6.25 9.84
C PHE B 971 2.29 -5.13 9.67
N GLY B 972 1.65 -4.73 10.75
CA GLY B 972 0.67 -3.65 10.73
C GLY B 972 -0.71 -4.11 10.27
N ALA B 973 -0.85 -5.39 9.98
CA ALA B 973 -2.11 -5.95 9.50
C ALA B 973 -3.15 -6.05 10.61
N ILE B 974 -4.39 -6.30 10.21
CA ILE B 974 -5.45 -6.57 11.18
C ILE B 974 -5.11 -7.82 11.98
N SER B 975 -4.60 -8.83 11.30
CA SER B 975 -4.23 -10.10 11.91
C SER B 975 -3.13 -10.78 11.14
N SER B 976 -2.29 -11.52 11.85
CA SER B 976 -1.21 -12.29 11.23
C SER B 976 -1.72 -13.56 10.55
N VAL B 977 -2.98 -13.91 10.81
CA VAL B 977 -3.57 -15.12 10.26
C VAL B 977 -4.47 -14.81 9.08
N LEU B 978 -4.20 -15.45 7.94
CA LEU B 978 -4.97 -15.18 6.71
C LEU B 978 -6.46 -15.46 6.91
N ASN B 979 -6.77 -16.49 7.68
CA ASN B 979 -8.15 -16.86 7.90
C ASN B 979 -8.92 -15.77 8.64
N ASP B 980 -8.22 -14.97 9.45
CA ASP B 980 -8.86 -13.92 10.23
C ASP B 980 -8.92 -12.63 9.44
N ILE B 981 -8.48 -12.71 8.19
CA ILE B 981 -8.57 -11.61 7.26
C ILE B 981 -9.72 -11.88 6.31
N LEU B 982 -9.72 -13.06 5.72
CA LEU B 982 -10.75 -13.42 4.76
C LEU B 982 -12.13 -13.54 5.40
N SER B 983 -12.19 -14.22 6.55
CA SER B 983 -13.47 -14.54 7.18
C SER B 983 -14.30 -13.33 7.63
N ARG B 984 -13.68 -12.16 7.76
CA ARG B 984 -14.43 -11.00 8.26
C ARG B 984 -14.39 -9.79 7.33
N LEU B 985 -13.78 -9.93 6.16
CA LEU B 985 -13.63 -8.76 5.29
C LEU B 985 -14.19 -8.98 3.91
N ASP B 986 -14.78 -7.92 3.37
CA ASP B 986 -15.18 -7.92 1.97
C ASP B 986 -13.90 -8.05 1.13
N PRO B 987 -13.97 -8.64 -0.07
CA PRO B 987 -12.85 -8.89 -0.97
C PRO B 987 -11.86 -7.70 -1.17
N PRO B 988 -12.32 -6.42 -1.28
CA PRO B 988 -11.46 -5.26 -1.41
C PRO B 988 -10.41 -5.24 -0.32
N GLU B 989 -10.84 -5.05 0.93
CA GLU B 989 -9.91 -4.96 2.03
C GLU B 989 -9.19 -6.28 2.26
N ALA B 990 -9.90 -7.38 2.06
CA ALA B 990 -9.28 -8.66 2.30
C ALA B 990 -8.01 -8.81 1.46
N GLU B 991 -8.09 -8.43 0.19
CA GLU B 991 -6.91 -8.52 -0.67
C GLU B 991 -5.81 -7.57 -0.21
N VAL B 992 -6.19 -6.38 0.23
CA VAL B 992 -5.21 -5.41 0.72
C VAL B 992 -4.45 -5.94 1.91
N GLN B 993 -5.20 -6.50 2.86
CA GLN B 993 -4.60 -7.05 4.07
C GLN B 993 -3.68 -8.22 3.76
N ILE B 994 -4.13 -9.08 2.84
CA ILE B 994 -3.32 -10.21 2.46
C ILE B 994 -2.05 -9.76 1.79
N ASP B 995 -2.17 -8.80 0.87
CA ASP B 995 -1.01 -8.26 0.19
C ASP B 995 0.05 -7.79 1.17
N ARG B 996 -0.38 -7.08 2.22
CA ARG B 996 0.56 -6.63 3.23
C ARG B 996 1.24 -7.80 3.93
N LEU B 997 0.45 -8.81 4.30
CA LEU B 997 1.01 -9.98 4.97
C LEU B 997 1.98 -10.73 4.06
N ILE B 998 1.65 -10.81 2.77
CA ILE B 998 2.53 -11.44 1.82
C ILE B 998 3.83 -10.69 1.74
N THR B 999 3.76 -9.38 1.59
CA THR B 999 4.97 -8.57 1.46
C THR B 999 5.93 -8.91 2.59
N GLY B 1000 5.42 -8.93 3.81
CA GLY B 1000 6.24 -9.22 4.97
C GLY B 1000 6.90 -10.59 4.85
N ARG B 1001 6.09 -11.60 4.57
CA ARG B 1001 6.59 -12.95 4.47
C ARG B 1001 7.56 -13.14 3.29
N LEU B 1002 7.35 -12.41 2.19
CA LEU B 1002 8.26 -12.53 1.06
C LEU B 1002 9.65 -12.12 1.49
N GLN B 1003 9.71 -11.02 2.24
CA GLN B 1003 10.97 -10.48 2.71
C GLN B 1003 11.68 -11.45 3.63
N SER B 1004 10.92 -12.07 4.53
CA SER B 1004 11.54 -12.98 5.49
C SER B 1004 12.20 -14.15 4.79
N LEU B 1005 11.63 -14.60 3.67
CA LEU B 1005 12.25 -15.69 2.93
C LEU B 1005 13.49 -15.23 2.20
N GLN B 1006 13.42 -14.07 1.58
CA GLN B 1006 14.57 -13.58 0.84
C GLN B 1006 15.73 -13.37 1.79
N THR B 1007 15.42 -12.88 3.00
CA THR B 1007 16.43 -12.62 4.00
C THR B 1007 17.08 -13.92 4.43
N TYR B 1008 16.24 -14.93 4.72
CA TYR B 1008 16.71 -16.22 5.16
C TYR B 1008 17.68 -16.81 4.16
N VAL B 1009 17.29 -16.84 2.90
CA VAL B 1009 18.13 -17.43 1.88
C VAL B 1009 19.44 -16.67 1.75
N THR B 1010 19.37 -15.34 1.78
CA THR B 1010 20.58 -14.55 1.67
C THR B 1010 21.56 -14.95 2.76
N GLN B 1011 21.08 -15.08 3.99
CA GLN B 1011 21.94 -15.46 5.09
C GLN B 1011 22.50 -16.86 4.90
N GLN B 1012 21.69 -17.76 4.36
CA GLN B 1012 22.14 -19.12 4.11
C GLN B 1012 23.25 -19.15 3.06
N LEU B 1013 23.14 -18.30 2.05
CA LEU B 1013 24.16 -18.23 1.01
C LEU B 1013 25.49 -17.76 1.60
N ILE B 1014 25.41 -16.75 2.47
CA ILE B 1014 26.61 -16.25 3.12
C ILE B 1014 27.20 -17.33 4.01
N ARG B 1015 26.35 -17.97 4.79
CA ARG B 1015 26.78 -19.03 5.67
C ARG B 1015 27.44 -20.15 4.89
N ALA B 1016 26.86 -20.51 3.75
CA ALA B 1016 27.38 -21.57 2.93
C ALA B 1016 28.80 -21.26 2.49
N ALA B 1017 29.06 -20.00 2.18
CA ALA B 1017 30.39 -19.58 1.74
C ALA B 1017 31.42 -19.88 2.81
N GLU B 1018 31.05 -19.71 4.05
CA GLU B 1018 31.98 -19.97 5.14
C GLU B 1018 32.26 -21.47 5.27
N ILE B 1019 31.20 -22.27 5.14
CA ILE B 1019 31.35 -23.72 5.21
C ILE B 1019 32.24 -24.21 4.07
N ARG B 1020 32.05 -23.64 2.88
CA ARG B 1020 32.85 -23.97 1.70
C ARG B 1020 34.32 -23.82 2.01
N ALA B 1021 34.69 -22.67 2.58
CA ALA B 1021 36.08 -22.42 2.90
C ALA B 1021 36.61 -23.43 3.90
N SER B 1022 35.80 -23.77 4.90
CA SER B 1022 36.22 -24.72 5.91
C SER B 1022 36.50 -26.07 5.27
N ALA B 1023 35.59 -26.51 4.40
CA ALA B 1023 35.74 -27.78 3.73
C ALA B 1023 37.01 -27.83 2.89
N ASN B 1024 37.33 -26.73 2.23
CA ASN B 1024 38.53 -26.69 1.39
C ASN B 1024 39.78 -26.91 2.23
N LEU B 1025 39.81 -26.30 3.41
CA LEU B 1025 40.94 -26.47 4.29
C LEU B 1025 41.02 -27.90 4.79
N ALA B 1026 39.88 -28.48 5.14
CA ALA B 1026 39.86 -29.84 5.64
C ALA B 1026 40.47 -30.80 4.62
N ALA B 1027 40.12 -30.61 3.35
CA ALA B 1027 40.68 -31.46 2.31
C ALA B 1027 42.18 -31.29 2.25
N THR B 1028 42.64 -30.04 2.35
CA THR B 1028 44.06 -29.75 2.30
C THR B 1028 44.82 -30.40 3.43
N LYS B 1029 44.30 -30.26 4.65
CA LYS B 1029 44.99 -30.85 5.78
C LYS B 1029 45.07 -32.34 5.68
N MET B 1030 43.99 -32.99 5.26
CA MET B 1030 44.06 -34.43 5.16
C MET B 1030 45.14 -34.83 4.19
N SER B 1031 45.20 -34.14 3.05
CA SER B 1031 46.18 -34.48 2.04
C SER B 1031 47.61 -34.34 2.56
N GLU B 1032 47.90 -33.22 3.23
CA GLU B 1032 49.27 -32.95 3.67
C GLU B 1032 49.63 -33.57 5.02
N CYS B 1033 48.65 -33.74 5.90
CA CYS B 1033 48.96 -34.20 7.25
C CYS B 1033 48.77 -35.71 7.40
N VAL B 1034 47.90 -36.31 6.60
CA VAL B 1034 47.57 -37.73 6.74
C VAL B 1034 48.23 -38.58 5.66
N LEU B 1035 48.09 -38.16 4.42
CA LEU B 1035 48.58 -38.97 3.30
C LEU B 1035 50.06 -38.79 3.05
N GLY B 1036 50.71 -38.00 3.90
CA GLY B 1036 52.14 -37.75 3.78
C GLY B 1036 52.68 -37.12 5.04
N GLN B 1037 53.76 -36.38 4.91
CA GLN B 1037 54.38 -35.70 6.04
C GLN B 1037 54.68 -34.26 5.70
N SER B 1038 53.83 -33.37 6.18
CA SER B 1038 53.97 -31.96 5.92
C SER B 1038 55.23 -31.43 6.61
N LYS B 1039 55.93 -30.50 5.97
CA LYS B 1039 57.10 -29.89 6.57
C LYS B 1039 56.86 -28.46 7.02
N ARG B 1040 55.85 -27.81 6.45
CA ARG B 1040 55.55 -26.43 6.80
C ARG B 1040 55.22 -26.36 8.29
N VAL B 1041 55.63 -25.28 8.94
CA VAL B 1041 55.45 -25.14 10.37
C VAL B 1041 54.04 -24.71 10.77
N ASP B 1042 53.60 -25.22 11.91
CA ASP B 1042 52.33 -24.83 12.54
C ASP B 1042 51.13 -25.07 11.63
N PHE B 1043 51.12 -26.20 10.93
CA PHE B 1043 49.99 -26.53 10.07
C PHE B 1043 49.30 -27.81 10.50
N CYS B 1044 50.08 -28.81 10.89
CA CYS B 1044 49.55 -30.12 11.28
C CYS B 1044 49.75 -30.35 12.78
N GLY B 1045 49.31 -29.41 13.59
CA GLY B 1045 49.51 -29.54 15.03
C GLY B 1045 50.49 -28.50 15.54
N LYS B 1046 51.02 -28.73 16.74
CA LYS B 1046 51.84 -27.73 17.43
C LYS B 1046 53.27 -28.20 17.67
N GLY B 1047 53.86 -28.87 16.69
CA GLY B 1047 55.24 -29.36 16.84
C GLY B 1047 55.79 -29.80 15.50
N TYR B 1048 56.85 -30.59 15.52
CA TYR B 1048 57.44 -31.03 14.26
C TYR B 1048 56.70 -32.29 13.83
N HIS B 1049 55.88 -32.15 12.81
CA HIS B 1049 54.93 -33.17 12.41
C HIS B 1049 55.53 -34.51 12.02
N LEU B 1050 54.97 -35.58 12.58
CA LEU B 1050 55.34 -36.94 12.20
C LEU B 1050 54.25 -37.54 11.33
N MET B 1051 53.03 -37.61 11.86
CA MET B 1051 51.91 -38.26 11.18
C MET B 1051 50.58 -37.86 11.81
N SER B 1052 49.49 -38.23 11.16
CA SER B 1052 48.17 -37.97 11.72
C SER B 1052 47.15 -38.98 11.26
N PHE B 1053 46.03 -39.02 11.97
CA PHE B 1053 44.94 -39.90 11.60
C PHE B 1053 43.62 -39.15 11.64
N PRO B 1054 42.76 -39.35 10.65
CA PRO B 1054 41.41 -38.84 10.58
C PRO B 1054 40.47 -39.67 11.44
N GLN B 1055 39.43 -39.03 11.97
CA GLN B 1055 38.33 -39.70 12.64
C GLN B 1055 37.00 -39.10 12.17
N ALA B 1056 36.00 -39.95 12.03
CA ALA B 1056 34.66 -39.50 11.65
C ALA B 1056 34.05 -38.63 12.75
N ALA B 1057 33.26 -37.65 12.35
CA ALA B 1057 32.62 -36.76 13.30
C ALA B 1057 31.32 -36.19 12.70
N PRO B 1058 30.32 -35.85 13.53
CA PRO B 1058 29.03 -35.35 13.15
C PRO B 1058 29.12 -33.97 12.48
N HIS B 1059 29.12 -34.00 11.15
CA HIS B 1059 29.22 -32.80 10.31
C HIS B 1059 30.61 -32.18 10.35
N GLY B 1060 31.64 -33.00 10.52
CA GLY B 1060 32.99 -32.47 10.57
C GLY B 1060 34.05 -33.54 10.51
N VAL B 1061 35.29 -33.10 10.63
CA VAL B 1061 36.44 -33.98 10.58
C VAL B 1061 37.34 -33.76 11.77
N VAL B 1062 37.72 -34.83 12.43
CA VAL B 1062 38.65 -34.72 13.55
C VAL B 1062 39.99 -35.30 13.20
N PHE B 1063 41.03 -34.51 13.40
CA PHE B 1063 42.37 -34.96 13.12
C PHE B 1063 43.17 -35.15 14.39
N LEU B 1064 43.85 -36.27 14.46
CA LEU B 1064 44.78 -36.54 15.55
C LEU B 1064 46.18 -36.32 15.03
N HIS B 1065 46.83 -35.27 15.49
CA HIS B 1065 48.14 -34.90 14.98
C HIS B 1065 49.25 -35.36 15.91
N VAL B 1066 50.09 -36.24 15.39
CA VAL B 1066 51.18 -36.80 16.17
C VAL B 1066 52.45 -36.01 15.87
N THR B 1067 52.98 -35.34 16.89
CA THR B 1067 54.13 -34.47 16.65
C THR B 1067 55.30 -34.78 17.55
N TYR B 1068 56.49 -34.45 17.06
CA TYR B 1068 57.72 -34.56 17.81
C TYR B 1068 58.01 -33.27 18.54
N VAL B 1069 58.25 -33.36 19.83
CA VAL B 1069 58.56 -32.18 20.61
C VAL B 1069 59.82 -32.41 21.43
N PRO B 1070 60.87 -31.59 21.25
CA PRO B 1070 62.12 -31.65 21.99
C PRO B 1070 61.85 -31.13 23.39
N SER B 1071 62.63 -31.57 24.36
CA SER B 1071 62.43 -31.08 25.72
C SER B 1071 63.74 -30.66 26.38
N GLN B 1072 64.10 -31.35 27.45
CA GLN B 1072 65.26 -31.01 28.27
C GLN B 1072 66.51 -30.80 27.42
N GLU B 1073 67.18 -29.66 27.63
CA GLU B 1073 68.39 -29.32 26.88
C GLU B 1073 69.62 -29.12 27.78
N ARG B 1074 70.76 -28.82 27.13
CA ARG B 1074 72.00 -28.52 27.83
C ARG B 1074 72.73 -27.32 27.23
N ASN B 1075 73.57 -26.68 28.06
CA ASN B 1075 74.41 -25.55 27.65
C ASN B 1075 75.76 -26.01 27.12
N PHE B 1076 76.05 -25.67 25.87
CA PHE B 1076 77.34 -26.02 25.29
C PHE B 1076 78.01 -24.81 24.65
N THR B 1077 79.32 -24.86 24.50
CA THR B 1077 80.02 -23.79 23.78
C THR B 1077 80.22 -24.19 22.33
N THR B 1078 80.06 -23.25 21.40
CA THR B 1078 80.20 -23.57 19.98
C THR B 1078 81.26 -22.76 19.27
N ALA B 1079 81.37 -22.99 17.96
CA ALA B 1079 82.32 -22.31 17.12
C ALA B 1079 81.89 -22.41 15.64
N PRO B 1080 81.85 -21.29 14.90
CA PRO B 1080 81.58 -21.20 13.48
C PRO B 1080 82.41 -22.17 12.66
N ALA B 1081 83.66 -22.33 13.05
CA ALA B 1081 84.58 -23.22 12.35
C ALA B 1081 85.75 -23.56 13.25
N ILE B 1082 86.48 -24.59 12.88
CA ILE B 1082 87.69 -24.94 13.60
C ILE B 1082 88.89 -24.85 12.68
N CYS B 1083 90.02 -24.44 13.23
CA CYS B 1083 91.24 -24.26 12.48
C CYS B 1083 92.20 -25.42 12.66
N HIS B 1084 92.59 -26.04 11.57
CA HIS B 1084 93.49 -27.19 11.63
C HIS B 1084 94.50 -27.13 10.50
N GLU B 1085 95.78 -27.15 10.87
CA GLU B 1085 96.86 -26.98 9.91
C GLU B 1085 96.73 -25.64 9.18
N GLY B 1086 96.13 -24.67 9.85
CA GLY B 1086 95.95 -23.33 9.29
C GLY B 1086 94.76 -23.23 8.35
N LYS B 1087 94.03 -24.33 8.14
CA LYS B 1087 92.90 -24.33 7.22
C LYS B 1087 91.57 -24.25 7.94
N ALA B 1088 90.58 -23.61 7.32
CA ALA B 1088 89.28 -23.44 7.94
C ALA B 1088 88.35 -24.62 7.66
N TYR B 1089 88.04 -25.39 8.71
CA TYR B 1089 87.15 -26.54 8.58
C TYR B 1089 85.75 -26.23 9.08
N PHE B 1090 84.79 -26.45 8.22
CA PHE B 1090 83.40 -26.15 8.49
C PHE B 1090 82.61 -27.43 8.69
N PRO B 1091 81.58 -27.41 9.54
CA PRO B 1091 80.71 -28.51 9.82
C PRO B 1091 79.81 -28.75 8.63
N ARG B 1092 79.28 -29.96 8.51
CA ARG B 1092 78.38 -30.28 7.42
C ARG B 1092 76.93 -29.98 7.80
N GLU B 1093 76.18 -31.00 8.20
CA GLU B 1093 74.78 -30.81 8.57
C GLU B 1093 74.64 -30.39 10.02
N GLY B 1094 75.71 -30.54 10.79
CA GLY B 1094 75.66 -30.31 12.21
C GLY B 1094 76.36 -29.04 12.65
N VAL B 1095 76.64 -28.96 13.94
CA VAL B 1095 77.30 -27.82 14.55
C VAL B 1095 78.40 -28.30 15.48
N PHE B 1096 79.49 -27.53 15.56
CA PHE B 1096 80.57 -27.89 16.48
C PHE B 1096 80.15 -27.58 17.91
N VAL B 1097 80.36 -28.54 18.80
CA VAL B 1097 79.92 -28.42 20.18
C VAL B 1097 81.02 -28.77 21.17
N PHE B 1098 81.18 -27.94 22.18
CA PHE B 1098 82.20 -28.18 23.21
C PHE B 1098 81.57 -28.65 24.50
N ASN B 1099 81.88 -29.90 24.85
CA ASN B 1099 81.39 -30.55 26.06
C ASN B 1099 82.39 -30.32 27.19
N GLY B 1100 82.30 -31.14 28.24
CA GLY B 1100 83.22 -31.06 29.37
C GLY B 1100 84.67 -31.30 28.92
N THR B 1101 85.26 -30.28 28.32
CA THR B 1101 86.64 -30.26 27.83
C THR B 1101 86.90 -31.19 26.64
N SER B 1102 86.01 -31.18 25.67
CA SER B 1102 86.24 -31.91 24.40
C SER B 1102 85.29 -31.44 23.29
N TRP B 1103 85.82 -31.30 22.07
CA TRP B 1103 85.00 -30.89 20.94
C TRP B 1103 84.42 -32.05 20.16
N PHE B 1104 83.15 -31.90 19.78
CA PHE B 1104 82.42 -32.86 18.97
C PHE B 1104 81.58 -32.15 17.93
N ILE B 1105 80.93 -32.92 17.08
CA ILE B 1105 79.98 -32.36 16.13
C ILE B 1105 78.65 -33.11 16.21
N THR B 1106 77.54 -32.39 16.21
CA THR B 1106 76.24 -33.06 16.30
C THR B 1106 75.13 -32.29 15.60
N GLN B 1107 73.95 -32.91 15.53
CA GLN B 1107 72.79 -32.28 14.92
C GLN B 1107 72.07 -31.33 15.89
N ARG B 1108 71.56 -30.24 15.35
CA ARG B 1108 70.88 -29.23 16.14
C ARG B 1108 69.69 -29.76 16.92
N ASN B 1109 68.95 -30.69 16.35
CA ASN B 1109 67.71 -31.12 16.98
C ASN B 1109 67.87 -32.25 17.98
N PHE B 1110 69.10 -32.68 18.23
CA PHE B 1110 69.31 -33.76 19.19
C PHE B 1110 70.78 -33.90 19.58
N PHE B 1111 71.08 -33.65 20.84
CA PHE B 1111 72.47 -33.71 21.27
C PHE B 1111 73.03 -35.11 21.28
N SER B 1112 73.68 -35.47 20.20
CA SER B 1112 74.38 -36.73 20.12
C SER B 1112 75.77 -36.49 19.52
N PRO B 1113 76.78 -36.27 20.36
CA PRO B 1113 78.11 -35.82 20.00
C PRO B 1113 78.88 -36.86 19.24
N GLN B 1114 79.40 -36.47 18.08
CA GLN B 1114 80.21 -37.38 17.29
C GLN B 1114 81.63 -36.89 17.22
N ILE B 1115 82.56 -37.81 17.03
CA ILE B 1115 83.94 -37.43 16.80
C ILE B 1115 84.08 -36.60 15.53
N ILE B 1116 84.86 -35.54 15.60
CA ILE B 1116 85.07 -34.70 14.45
C ILE B 1116 86.12 -35.30 13.54
N THR B 1117 85.70 -35.70 12.36
CA THR B 1117 86.58 -36.36 11.41
C THR B 1117 86.55 -35.64 10.09
N THR B 1118 87.57 -35.86 9.28
CA THR B 1118 87.68 -35.20 8.00
C THR B 1118 86.45 -35.40 7.11
N ASP B 1119 85.93 -36.62 7.08
CA ASP B 1119 84.82 -36.96 6.18
C ASP B 1119 83.46 -36.42 6.65
N ASN B 1120 83.40 -35.88 7.86
CA ASN B 1120 82.14 -35.33 8.36
C ASN B 1120 82.20 -33.81 8.38
N THR B 1121 83.23 -33.28 7.76
CA THR B 1121 83.44 -31.85 7.67
C THR B 1121 83.90 -31.50 6.27
N PHE B 1122 84.22 -30.24 6.05
CA PHE B 1122 84.84 -29.86 4.79
C PHE B 1122 85.74 -28.67 5.00
N VAL B 1123 86.67 -28.48 4.09
CA VAL B 1123 87.60 -27.39 4.23
C VAL B 1123 87.46 -26.42 3.08
N SER B 1124 87.46 -25.15 3.40
CA SER B 1124 87.37 -24.13 2.36
C SER B 1124 87.92 -22.81 2.87
N GLY B 1125 89.01 -22.36 2.28
CA GLY B 1125 89.65 -21.13 2.72
C GLY B 1125 90.54 -21.40 3.91
N ASN B 1126 91.34 -20.40 4.28
CA ASN B 1126 92.25 -20.53 5.42
C ASN B 1126 91.62 -19.96 6.66
N CYS B 1127 92.33 -20.05 7.78
CA CYS B 1127 91.86 -19.47 9.02
C CYS B 1127 92.18 -17.98 9.05
N ASP B 1128 91.60 -17.24 8.11
CA ASP B 1128 91.94 -15.83 7.94
C ASP B 1128 90.74 -14.91 8.14
N VAL B 1129 89.61 -15.25 7.53
CA VAL B 1129 88.46 -14.34 7.53
C VAL B 1129 87.26 -14.89 8.26
N VAL B 1130 87.46 -15.94 9.05
CA VAL B 1130 86.35 -16.51 9.79
C VAL B 1130 86.33 -15.98 11.21
N ILE B 1131 85.31 -15.21 11.51
CA ILE B 1131 85.22 -14.55 12.79
C ILE B 1131 84.89 -15.56 13.87
N GLY B 1132 85.70 -15.59 14.91
CA GLY B 1132 85.48 -16.49 16.03
C GLY B 1132 86.06 -17.87 15.81
N ILE B 1133 86.80 -18.07 14.71
CA ILE B 1133 87.39 -19.38 14.44
C ILE B 1133 88.35 -19.76 15.56
N ILE B 1134 88.33 -21.03 15.96
CA ILE B 1134 89.19 -21.50 17.04
C ILE B 1134 90.10 -22.62 16.58
N ASN B 1135 91.13 -22.90 17.36
CA ASN B 1135 92.04 -24.00 17.03
C ASN B 1135 91.49 -25.34 17.47
N ASN B 1136 91.70 -26.35 16.64
CA ASN B 1136 91.26 -27.71 16.94
C ASN B 1136 92.02 -28.70 16.06
N THR B 1137 91.71 -29.97 16.21
CA THR B 1137 92.29 -30.98 15.35
C THR B 1137 91.19 -31.70 14.57
N VAL B 1138 91.57 -32.36 13.49
CA VAL B 1138 90.62 -33.13 12.69
C VAL B 1138 91.13 -34.55 12.49
N TYR B 1139 90.32 -35.53 12.88
CA TYR B 1139 90.71 -36.93 12.75
C TYR B 1139 90.80 -37.40 11.30
N ASP B 1140 91.87 -38.12 11.01
CA ASP B 1140 92.06 -38.70 9.69
C ASP B 1140 92.37 -40.20 9.80
N PRO B 1141 91.44 -41.08 9.39
CA PRO B 1141 91.52 -42.53 9.42
C PRO B 1141 92.86 -43.03 8.88
N LEU B 1142 93.44 -42.29 7.93
CA LEU B 1142 94.71 -42.68 7.35
C LEU B 1142 95.74 -43.06 8.39
N GLN B 1143 95.80 -42.31 9.49
CA GLN B 1143 96.86 -42.53 10.47
C GLN B 1143 96.87 -43.96 11.06
N PRO B 1144 95.78 -44.45 11.69
CA PRO B 1144 95.64 -45.82 12.15
C PRO B 1144 95.54 -46.87 11.04
N GLU B 1145 95.08 -46.46 9.85
CA GLU B 1145 94.97 -47.40 8.73
C GLU B 1145 96.33 -47.69 8.11
N LEU B 1146 97.13 -46.65 7.96
CA LEU B 1146 98.46 -46.75 7.38
C LEU B 1146 99.41 -47.47 8.32
N ARG C 37 -39.41 -23.30 -45.98
CA ARG C 37 -39.86 -24.52 -45.31
C ARG C 37 -38.68 -25.35 -44.84
N CYS C 38 -38.94 -26.33 -43.99
CA CYS C 38 -37.89 -27.21 -43.50
C CYS C 38 -38.23 -28.67 -43.79
N THR C 39 -37.20 -29.45 -44.15
CA THR C 39 -37.39 -30.87 -44.43
C THR C 39 -36.65 -31.73 -43.42
N THR C 40 -37.39 -32.56 -42.71
CA THR C 40 -36.83 -33.40 -41.67
C THR C 40 -37.02 -34.88 -41.99
N TYR C 49 -20.23 -41.94 -33.08
CA TYR C 49 -19.48 -41.42 -31.95
C TYR C 49 -18.20 -42.21 -31.71
N THR C 50 -17.55 -42.62 -32.79
CA THR C 50 -16.28 -43.35 -32.70
C THR C 50 -15.26 -42.47 -32.01
N GLN C 51 -14.52 -43.04 -31.06
CA GLN C 51 -13.55 -42.24 -30.34
C GLN C 51 -12.17 -42.32 -30.96
N HIS C 52 -11.50 -41.19 -30.98
CA HIS C 52 -10.18 -41.05 -31.58
C HIS C 52 -9.25 -40.28 -30.66
N THR C 53 -8.00 -40.11 -31.08
CA THR C 53 -7.04 -39.36 -30.28
C THR C 53 -6.77 -37.99 -30.89
N SER C 54 -6.73 -36.99 -30.04
CA SER C 54 -6.41 -35.63 -30.47
C SER C 54 -4.98 -35.47 -30.95
N SER C 55 -4.14 -36.45 -30.65
CA SER C 55 -2.73 -36.34 -31.02
C SER C 55 -2.16 -35.02 -30.56
N MET C 56 -1.53 -34.29 -31.48
CA MET C 56 -0.97 -32.98 -31.18
C MET C 56 -1.67 -31.86 -31.97
N ARG C 57 -2.96 -32.02 -32.22
CA ARG C 57 -3.72 -31.01 -32.96
C ARG C 57 -4.45 -30.03 -32.04
N GLY C 58 -4.95 -28.95 -32.61
CA GLY C 58 -5.71 -27.94 -31.85
C GLY C 58 -4.84 -26.74 -31.47
N VAL C 59 -3.65 -26.69 -32.06
CA VAL C 59 -2.71 -25.60 -31.83
C VAL C 59 -2.96 -24.45 -32.81
N TYR C 60 -2.86 -23.23 -32.31
CA TYR C 60 -3.06 -22.04 -33.12
C TYR C 60 -2.16 -20.93 -32.62
N TYR C 61 -2.00 -19.89 -33.44
CA TYR C 61 -1.20 -18.74 -33.04
C TYR C 61 -1.96 -17.91 -32.01
N PRO C 62 -1.51 -17.90 -30.74
CA PRO C 62 -2.20 -17.33 -29.62
C PRO C 62 -2.35 -15.80 -29.72
N ASP C 63 -1.47 -15.16 -30.47
CA ASP C 63 -1.51 -13.71 -30.61
C ASP C 63 -0.87 -13.20 -31.91
N GLU C 64 -1.19 -11.96 -32.26
CA GLU C 64 -0.70 -11.27 -33.46
C GLU C 64 0.71 -10.70 -33.28
N ILE C 65 1.49 -11.32 -32.41
CA ILE C 65 2.83 -10.85 -32.13
C ILE C 65 3.90 -11.66 -32.85
N PHE C 66 4.79 -10.96 -33.52
CA PHE C 66 5.90 -11.62 -34.20
C PHE C 66 7.01 -12.04 -33.24
N ARG C 67 7.42 -13.29 -33.37
CA ARG C 67 8.52 -13.87 -32.62
C ARG C 67 9.33 -14.74 -33.55
N SER C 68 10.59 -15.01 -33.22
CA SER C 68 11.35 -15.98 -33.99
C SER C 68 12.50 -16.56 -33.18
N ASP C 69 12.93 -17.78 -33.56
CA ASP C 69 14.07 -18.44 -32.92
C ASP C 69 13.93 -18.38 -31.40
N THR C 70 12.84 -18.92 -30.89
CA THR C 70 12.55 -18.77 -29.47
C THR C 70 11.50 -19.77 -28.99
N LEU C 71 11.45 -19.98 -27.67
CA LEU C 71 10.38 -20.75 -27.09
C LEU C 71 9.46 -19.83 -26.31
N TYR C 72 8.17 -20.12 -26.33
CA TYR C 72 7.21 -19.28 -25.61
C TYR C 72 6.24 -20.10 -24.79
N LEU C 73 6.17 -19.79 -23.50
CA LEU C 73 5.31 -20.52 -22.59
C LEU C 73 4.07 -19.71 -22.25
N THR C 74 2.90 -20.28 -22.47
CA THR C 74 1.65 -19.58 -22.14
C THR C 74 0.52 -20.53 -21.79
N GLN C 75 -0.67 -19.96 -21.58
CA GLN C 75 -1.85 -20.72 -21.19
C GLN C 75 -3.08 -20.19 -21.90
N ASP C 76 -3.88 -21.11 -22.44
CA ASP C 76 -5.10 -20.73 -23.15
C ASP C 76 -6.02 -21.92 -23.32
N LEU C 77 -7.17 -21.67 -23.92
CA LEU C 77 -8.11 -22.72 -24.25
C LEU C 77 -7.61 -23.54 -25.42
N PHE C 78 -6.76 -24.50 -25.11
CA PHE C 78 -6.14 -25.36 -26.11
C PHE C 78 -6.73 -26.75 -26.01
N LEU C 79 -6.59 -27.53 -27.06
CA LEU C 79 -7.00 -28.92 -27.02
C LEU C 79 -5.86 -29.74 -26.40
N PRO C 80 -6.07 -30.41 -25.25
CA PRO C 80 -5.08 -31.20 -24.54
C PRO C 80 -4.57 -32.28 -25.45
N PHE C 81 -3.29 -32.64 -25.32
CA PHE C 81 -2.71 -33.66 -26.18
C PHE C 81 -3.16 -35.04 -25.80
N TYR C 82 -3.40 -35.86 -26.82
CA TYR C 82 -3.84 -37.24 -26.69
C TYR C 82 -5.16 -37.36 -25.91
N SER C 83 -6.02 -36.38 -26.06
CA SER C 83 -7.32 -36.38 -25.43
C SER C 83 -8.37 -37.13 -26.25
N ASN C 84 -9.54 -37.37 -25.62
CA ASN C 84 -10.67 -38.02 -26.27
C ASN C 84 -11.30 -37.11 -27.32
N VAL C 85 -11.43 -37.64 -28.55
CA VAL C 85 -12.11 -36.94 -29.63
C VAL C 85 -13.28 -37.76 -30.18
N THR C 86 -14.45 -37.13 -30.35
CA THR C 86 -15.61 -37.84 -30.86
C THR C 86 -15.80 -37.63 -32.36
N GLY C 87 -15.85 -38.75 -33.10
CA GLY C 87 -16.06 -38.71 -34.54
C GLY C 87 -17.53 -38.89 -34.89
N PHE C 88 -17.92 -38.31 -36.01
CA PHE C 88 -19.28 -38.41 -36.52
C PHE C 88 -19.22 -38.86 -37.97
N HIS C 89 -20.21 -39.63 -38.42
CA HIS C 89 -20.14 -40.20 -39.76
C HIS C 89 -21.45 -40.14 -40.54
N THR C 90 -21.34 -39.72 -41.79
CA THR C 90 -22.47 -39.70 -42.70
C THR C 90 -22.32 -40.82 -43.72
N ILE C 91 -23.29 -41.73 -43.75
CA ILE C 91 -23.22 -42.91 -44.62
C ILE C 91 -24.60 -43.57 -44.75
N ASN C 92 -24.88 -44.18 -45.90
CA ASN C 92 -26.16 -44.85 -46.10
C ASN C 92 -27.30 -43.86 -45.90
N HIS C 93 -28.00 -43.99 -44.78
CA HIS C 93 -29.14 -43.14 -44.46
C HIS C 93 -28.92 -42.45 -43.12
N THR C 94 -27.69 -42.51 -42.65
CA THR C 94 -27.31 -41.93 -41.37
C THR C 94 -26.68 -40.57 -41.58
N PHE C 95 -27.26 -39.56 -40.92
CA PHE C 95 -26.76 -38.21 -41.01
C PHE C 95 -26.58 -37.65 -39.60
N ASP C 96 -25.36 -37.36 -39.24
CA ASP C 96 -25.08 -36.88 -37.89
C ASP C 96 -25.05 -35.36 -37.82
N ASN C 97 -26.09 -34.78 -37.25
CA ASN C 97 -26.19 -33.35 -37.05
C ASN C 97 -26.90 -32.98 -35.74
N PRO C 98 -26.63 -33.68 -34.61
CA PRO C 98 -27.25 -33.52 -33.31
C PRO C 98 -26.79 -32.22 -32.66
N VAL C 99 -27.52 -31.78 -31.64
CA VAL C 99 -27.05 -30.64 -30.88
C VAL C 99 -25.89 -31.06 -30.00
N ILE C 100 -24.82 -30.29 -30.07
CA ILE C 100 -23.63 -30.57 -29.30
C ILE C 100 -23.30 -29.38 -28.40
N PRO C 101 -23.07 -29.60 -27.10
CA PRO C 101 -22.65 -28.61 -26.13
C PRO C 101 -21.38 -27.90 -26.58
N PHE C 102 -21.33 -26.60 -26.34
CA PHE C 102 -20.19 -25.77 -26.71
C PHE C 102 -19.12 -25.78 -25.62
N LYS C 103 -19.57 -25.73 -24.36
CA LYS C 103 -18.67 -25.75 -23.21
C LYS C 103 -17.57 -24.69 -23.29
N ASP C 104 -17.97 -23.46 -23.59
CA ASP C 104 -17.07 -22.30 -23.62
C ASP C 104 -15.95 -22.36 -24.66
N GLY C 105 -15.99 -23.32 -25.57
CA GLY C 105 -14.99 -23.38 -26.63
C GLY C 105 -14.71 -24.80 -27.08
N ILE C 106 -14.67 -24.98 -28.38
CA ILE C 106 -14.56 -26.30 -28.97
C ILE C 106 -13.48 -26.42 -30.02
N TYR C 107 -13.13 -27.66 -30.31
CA TYR C 107 -12.29 -28.00 -31.44
C TYR C 107 -13.13 -28.70 -32.50
N PHE C 108 -13.01 -28.27 -33.74
CA PHE C 108 -13.77 -28.91 -34.80
C PHE C 108 -12.92 -29.21 -36.00
N ALA C 109 -13.12 -30.37 -36.60
CA ALA C 109 -12.44 -30.69 -37.83
C ALA C 109 -13.28 -31.62 -38.69
N ALA C 110 -13.03 -31.62 -39.98
CA ALA C 110 -13.78 -32.50 -40.86
C ALA C 110 -12.97 -32.97 -42.07
N THR C 111 -13.25 -34.20 -42.47
CA THR C 111 -12.61 -34.78 -43.64
C THR C 111 -13.56 -34.75 -44.82
N GLU C 112 -13.10 -34.14 -45.90
CA GLU C 112 -13.94 -33.89 -47.06
C GLU C 112 -13.34 -34.39 -48.37
N LYS C 113 -14.21 -34.73 -49.29
CA LYS C 113 -13.86 -35.00 -50.67
C LYS C 113 -14.96 -34.46 -51.56
N SER C 114 -16.04 -34.01 -50.92
CA SER C 114 -17.21 -33.49 -51.63
C SER C 114 -17.81 -32.26 -50.94
N ASN C 115 -17.10 -31.69 -49.97
CA ASN C 115 -17.56 -30.49 -49.26
C ASN C 115 -18.97 -30.64 -48.68
N VAL C 116 -19.14 -31.64 -47.81
CA VAL C 116 -20.45 -31.90 -47.22
C VAL C 116 -20.81 -30.91 -46.11
N VAL C 117 -19.89 -30.65 -45.20
CA VAL C 117 -20.17 -29.70 -44.14
C VAL C 117 -20.00 -28.28 -44.65
N ARG C 118 -21.05 -27.47 -44.50
CA ARG C 118 -21.02 -26.12 -45.02
C ARG C 118 -20.90 -25.08 -43.92
N GLY C 119 -21.41 -25.38 -42.74
CA GLY C 119 -21.36 -24.39 -41.68
C GLY C 119 -21.80 -24.88 -40.32
N TRP C 120 -22.02 -23.93 -39.43
CA TRP C 120 -22.39 -24.20 -38.05
C TRP C 120 -23.42 -23.19 -37.55
N VAL C 121 -24.18 -23.59 -36.54
CA VAL C 121 -25.04 -22.63 -35.85
C VAL C 121 -24.65 -22.59 -34.39
N PHE C 122 -24.37 -21.40 -33.87
CA PHE C 122 -23.98 -21.27 -32.47
C PHE C 122 -24.97 -20.42 -31.69
N GLY C 123 -25.37 -20.91 -30.52
CA GLY C 123 -26.31 -20.19 -29.67
C GLY C 123 -26.54 -20.91 -28.35
N SER C 124 -27.63 -20.57 -27.68
CA SER C 124 -27.97 -21.15 -26.39
C SER C 124 -29.12 -22.15 -26.54
N THR C 125 -30.33 -21.63 -26.59
CA THR C 125 -31.55 -22.44 -26.73
C THR C 125 -31.73 -22.95 -28.17
N MET C 126 -30.90 -22.44 -29.08
CA MET C 126 -30.91 -22.84 -30.47
C MET C 126 -32.28 -22.72 -31.14
N ASN C 127 -32.91 -21.56 -31.00
CA ASN C 127 -34.23 -21.33 -31.60
C ASN C 127 -34.53 -19.83 -31.75
N ASN C 128 -35.78 -19.53 -32.14
CA ASN C 128 -36.15 -18.14 -32.48
C ASN C 128 -36.50 -17.35 -31.22
N LYS C 129 -36.29 -17.91 -30.05
CA LYS C 129 -36.58 -17.21 -28.81
C LYS C 129 -35.40 -16.37 -28.33
N SER C 130 -34.24 -16.57 -28.98
CA SER C 130 -33.04 -15.86 -28.57
C SER C 130 -32.08 -15.67 -29.75
N GLN C 131 -31.10 -14.79 -29.57
CA GLN C 131 -30.14 -14.52 -30.62
C GLN C 131 -29.19 -15.68 -30.82
N SER C 132 -28.92 -16.00 -32.08
CA SER C 132 -27.94 -17.03 -32.43
C SER C 132 -27.28 -16.69 -33.74
N VAL C 133 -26.11 -17.25 -33.99
CA VAL C 133 -25.39 -16.91 -35.21
C VAL C 133 -25.25 -18.08 -36.14
N ILE C 134 -25.52 -17.83 -37.40
CA ILE C 134 -25.37 -18.83 -38.44
C ILE C 134 -24.16 -18.51 -39.29
N ILE C 135 -23.22 -19.43 -39.33
CA ILE C 135 -22.01 -19.25 -40.11
C ILE C 135 -21.93 -20.30 -41.20
N ILE C 136 -22.05 -19.87 -42.45
CA ILE C 136 -22.03 -20.82 -43.55
C ILE C 136 -21.14 -20.43 -44.70
N ASN C 137 -20.54 -21.43 -45.32
CA ASN C 137 -19.94 -21.27 -46.62
C ASN C 137 -21.03 -21.47 -47.63
N ASN C 138 -21.49 -20.39 -48.24
CA ASN C 138 -22.67 -20.41 -49.06
C ASN C 138 -22.34 -20.75 -50.52
N SER C 139 -21.10 -21.18 -50.73
CA SER C 139 -20.56 -21.65 -52.01
C SER C 139 -20.14 -20.49 -52.93
N THR C 140 -20.67 -19.31 -52.69
CA THR C 140 -20.21 -18.13 -53.42
C THR C 140 -19.60 -17.14 -52.46
N ASN C 141 -20.19 -17.04 -51.27
CA ASN C 141 -19.69 -16.14 -50.24
C ASN C 141 -19.75 -16.82 -48.89
N VAL C 142 -18.94 -16.37 -47.95
CA VAL C 142 -19.14 -16.79 -46.57
C VAL C 142 -20.11 -15.82 -45.92
N VAL C 143 -21.17 -16.37 -45.36
CA VAL C 143 -22.23 -15.54 -44.82
C VAL C 143 -22.41 -15.78 -43.33
N ILE C 144 -22.37 -14.68 -42.58
CA ILE C 144 -22.55 -14.74 -41.14
C ILE C 144 -23.68 -13.83 -40.70
N ARG C 145 -24.66 -14.37 -40.01
CA ARG C 145 -25.79 -13.56 -39.52
C ARG C 145 -26.20 -13.95 -38.11
N ALA C 146 -26.51 -12.94 -37.28
CA ALA C 146 -27.00 -13.19 -35.94
C ALA C 146 -28.39 -12.60 -35.76
N CYS C 147 -29.36 -13.50 -35.52
CA CYS C 147 -30.78 -13.13 -35.44
C CYS C 147 -31.55 -14.11 -34.58
N ASN C 148 -32.83 -13.82 -34.34
CA ASN C 148 -33.71 -14.77 -33.68
C ASN C 148 -34.25 -15.71 -34.75
N PHE C 149 -33.42 -16.62 -35.22
CA PHE C 149 -33.73 -17.42 -36.40
C PHE C 149 -34.75 -18.51 -36.17
N GLU C 150 -35.68 -18.63 -37.11
CA GLU C 150 -36.64 -19.73 -37.08
C GLU C 150 -35.99 -20.96 -37.70
N LEU C 151 -35.08 -21.54 -36.95
CA LEU C 151 -34.21 -22.60 -37.42
C LEU C 151 -34.96 -23.87 -37.80
N CYS C 152 -34.42 -24.61 -38.84
CA CYS C 152 -34.93 -25.92 -39.16
C CYS C 152 -34.41 -26.96 -38.20
N ASP C 153 -35.20 -27.92 -37.96
CA ASP C 153 -34.73 -28.96 -37.04
C ASP C 153 -33.78 -29.93 -37.73
N ASN C 154 -33.66 -29.78 -39.04
CA ASN C 154 -32.80 -30.60 -39.86
C ASN C 154 -32.25 -29.79 -41.03
N PRO C 155 -31.33 -28.85 -40.76
CA PRO C 155 -30.79 -27.87 -41.69
C PRO C 155 -29.85 -28.49 -42.72
N PHE C 156 -29.78 -27.86 -43.88
CA PHE C 156 -28.85 -28.24 -44.94
C PHE C 156 -29.00 -27.34 -46.15
N HIS C 168 -29.91 -25.24 -52.94
CA HIS C 168 -30.92 -24.68 -52.03
C HIS C 168 -30.43 -24.64 -50.60
N THR C 169 -30.63 -23.49 -49.95
CA THR C 169 -30.21 -23.32 -48.57
C THR C 169 -31.42 -23.35 -47.61
N MET C 170 -31.56 -24.46 -46.90
CA MET C 170 -32.67 -24.68 -45.97
C MET C 170 -32.17 -24.67 -44.52
N ILE C 171 -31.93 -23.48 -43.97
CA ILE C 171 -31.38 -23.39 -42.62
C ILE C 171 -32.44 -22.89 -41.65
N PHE C 172 -33.22 -21.92 -42.10
CA PHE C 172 -34.27 -21.32 -41.31
C PHE C 172 -35.36 -20.84 -42.24
N ASP C 173 -36.58 -20.66 -41.70
CA ASP C 173 -37.68 -20.16 -42.50
C ASP C 173 -37.60 -18.65 -42.66
N ASN C 174 -37.34 -17.97 -41.54
CA ASN C 174 -37.26 -16.52 -41.54
C ASN C 174 -36.39 -16.05 -40.38
N ALA C 175 -36.22 -14.73 -40.27
CA ALA C 175 -35.42 -14.15 -39.21
C ALA C 175 -35.94 -12.79 -38.81
N PHE C 176 -35.68 -12.41 -37.57
CA PHE C 176 -36.08 -11.10 -37.08
C PHE C 176 -35.15 -10.62 -35.98
N ASN C 177 -35.22 -9.32 -35.69
CA ASN C 177 -34.39 -8.71 -34.66
C ASN C 177 -32.91 -9.06 -34.84
N CYS C 178 -32.44 -8.96 -36.07
CA CYS C 178 -31.04 -9.25 -36.38
C CYS C 178 -30.13 -8.21 -35.76
N THR C 179 -28.99 -8.66 -35.25
CA THR C 179 -28.03 -7.77 -34.62
C THR C 179 -26.71 -7.70 -35.37
N PHE C 180 -26.45 -8.69 -36.21
CA PHE C 180 -25.18 -8.72 -36.95
C PHE C 180 -25.31 -9.39 -38.30
N GLU C 181 -24.71 -8.78 -39.31
CA GLU C 181 -24.64 -9.38 -40.64
C GLU C 181 -23.28 -9.15 -41.28
N TYR C 182 -22.75 -10.19 -41.92
CA TYR C 182 -21.50 -10.09 -42.67
C TYR C 182 -21.48 -11.02 -43.87
N ILE C 183 -20.99 -10.50 -45.00
CA ILE C 183 -20.78 -11.32 -46.18
C ILE C 183 -19.36 -11.12 -46.71
N SER C 184 -18.66 -12.22 -46.93
CA SER C 184 -17.28 -12.17 -47.42
C SER C 184 -17.21 -11.89 -48.89
N ASP C 185 -15.98 -11.75 -49.38
CA ASP C 185 -15.74 -11.62 -50.80
C ASP C 185 -16.26 -12.86 -51.49
N ALA C 186 -16.62 -12.71 -52.76
CA ALA C 186 -17.17 -13.81 -53.54
C ALA C 186 -16.10 -14.78 -54.04
N PHE C 187 -16.52 -16.00 -54.28
CA PHE C 187 -15.69 -17.06 -54.82
C PHE C 187 -16.55 -18.13 -55.48
N PHE C 198 -10.46 -39.68 -48.22
CA PHE C 198 -10.79 -38.27 -48.41
C PHE C 198 -9.62 -37.53 -49.05
N LYS C 199 -9.79 -36.21 -49.26
CA LYS C 199 -8.76 -35.42 -49.92
C LYS C 199 -8.18 -34.34 -49.01
N HIS C 200 -9.04 -33.67 -48.25
CA HIS C 200 -8.58 -32.60 -47.37
C HIS C 200 -9.22 -32.64 -46.00
N LEU C 201 -8.44 -32.26 -44.99
CA LEU C 201 -8.90 -32.10 -43.62
C LEU C 201 -9.00 -30.65 -43.26
N ARG C 202 -10.20 -30.20 -42.93
CA ARG C 202 -10.38 -28.83 -42.53
C ARG C 202 -10.41 -28.74 -41.02
N GLU C 203 -9.70 -27.77 -40.47
CA GLU C 203 -9.60 -27.61 -39.02
C GLU C 203 -10.07 -26.23 -38.59
N PHE C 204 -10.84 -26.19 -37.50
CA PHE C 204 -11.32 -24.94 -36.94
C PHE C 204 -11.27 -24.91 -35.41
N VAL C 205 -11.13 -23.73 -34.86
CA VAL C 205 -11.25 -23.53 -33.43
C VAL C 205 -12.25 -22.43 -33.14
N PHE C 206 -13.20 -22.70 -32.25
CA PHE C 206 -14.22 -21.73 -31.91
C PHE C 206 -14.22 -21.42 -30.41
N LYS C 207 -14.03 -20.14 -30.08
CA LYS C 207 -14.04 -19.72 -28.67
C LYS C 207 -14.94 -18.52 -28.48
N ASN C 208 -15.66 -18.48 -27.36
CA ASN C 208 -16.54 -17.35 -27.09
C ASN C 208 -16.09 -16.63 -25.83
N LYS C 209 -15.51 -15.45 -25.99
CA LYS C 209 -14.93 -14.72 -24.87
C LYS C 209 -15.20 -13.23 -24.94
N ASP C 210 -15.70 -12.68 -23.84
CA ASP C 210 -15.98 -11.26 -23.74
C ASP C 210 -16.89 -10.76 -24.86
N GLY C 211 -17.86 -11.58 -25.24
CA GLY C 211 -18.82 -11.23 -26.28
C GLY C 211 -18.30 -11.47 -27.69
N PHE C 212 -17.05 -11.92 -27.81
CA PHE C 212 -16.47 -12.16 -29.12
C PHE C 212 -16.34 -13.64 -29.46
N LEU C 213 -16.74 -13.97 -30.67
CA LEU C 213 -16.53 -15.32 -31.16
C LEU C 213 -15.28 -15.34 -32.00
N TYR C 214 -14.28 -16.04 -31.50
CA TYR C 214 -12.99 -16.11 -32.14
C TYR C 214 -12.91 -17.35 -32.97
N VAL C 215 -12.46 -17.20 -34.20
CA VAL C 215 -12.36 -18.36 -35.08
C VAL C 215 -10.99 -18.47 -35.70
N TYR C 216 -10.40 -19.66 -35.60
CA TYR C 216 -9.13 -19.98 -36.23
C TYR C 216 -9.35 -21.04 -37.28
N LYS C 217 -8.51 -21.04 -38.32
CA LYS C 217 -8.64 -21.99 -39.42
C LYS C 217 -7.32 -22.52 -39.93
N GLY C 218 -7.36 -23.73 -40.47
CA GLY C 218 -6.25 -24.32 -41.19
C GLY C 218 -6.69 -25.63 -41.84
N TYR C 219 -5.81 -26.23 -42.62
CA TYR C 219 -6.15 -27.48 -43.28
C TYR C 219 -4.92 -28.19 -43.81
N GLN C 220 -5.09 -29.46 -44.14
CA GLN C 220 -4.03 -30.22 -44.81
C GLN C 220 -4.63 -31.24 -45.77
N PRO C 221 -3.90 -31.64 -46.81
CA PRO C 221 -4.14 -32.82 -47.63
C PRO C 221 -4.14 -34.07 -46.77
N ILE C 222 -5.06 -34.99 -47.07
CA ILE C 222 -5.15 -36.25 -46.36
C ILE C 222 -5.34 -37.44 -47.28
N ASP C 223 -5.13 -38.64 -46.73
CA ASP C 223 -5.34 -39.89 -47.43
C ASP C 223 -6.06 -40.92 -46.55
N VAL C 224 -6.75 -40.40 -45.54
CA VAL C 224 -7.44 -41.24 -44.56
C VAL C 224 -8.90 -41.44 -44.95
N VAL C 225 -9.44 -42.59 -44.57
CA VAL C 225 -10.83 -42.88 -44.85
C VAL C 225 -11.71 -42.80 -43.59
N ARG C 226 -11.30 -43.48 -42.52
CA ARG C 226 -12.13 -43.54 -41.31
C ARG C 226 -11.46 -42.94 -40.07
N ASP C 227 -10.13 -42.91 -40.06
CA ASP C 227 -9.40 -42.51 -38.86
C ASP C 227 -9.22 -41.00 -38.77
N LEU C 228 -8.57 -40.56 -37.70
CA LEU C 228 -8.24 -39.17 -37.47
C LEU C 228 -6.71 -39.00 -37.51
N PRO C 229 -6.15 -38.50 -38.63
CA PRO C 229 -4.72 -38.42 -38.89
C PRO C 229 -3.96 -37.72 -37.78
N SER C 230 -2.86 -38.31 -37.36
CA SER C 230 -1.99 -37.73 -36.34
C SER C 230 -1.00 -36.80 -36.99
N GLY C 231 -0.64 -35.71 -36.30
CA GLY C 231 0.33 -34.77 -36.80
C GLY C 231 0.30 -33.46 -36.04
N PHE C 232 1.02 -32.47 -36.54
CA PHE C 232 1.11 -31.17 -35.90
C PHE C 232 0.87 -30.06 -36.91
N ASN C 233 -0.05 -29.17 -36.59
CA ASN C 233 -0.39 -28.07 -37.49
C ASN C 233 -0.92 -26.89 -36.71
N THR C 234 -0.36 -25.72 -36.97
CA THR C 234 -0.79 -24.51 -36.28
C THR C 234 -1.82 -23.76 -37.12
N LEU C 235 -2.94 -23.42 -36.51
CA LEU C 235 -4.00 -22.70 -37.19
C LEU C 235 -3.85 -21.19 -37.04
N LYS C 236 -4.39 -20.45 -38.01
CA LYS C 236 -4.32 -19.00 -38.00
C LYS C 236 -5.69 -18.43 -37.68
N PRO C 237 -5.76 -17.23 -37.07
CA PRO C 237 -6.98 -16.51 -36.80
C PRO C 237 -7.61 -16.04 -38.08
N ILE C 238 -8.94 -16.03 -38.12
CA ILE C 238 -9.65 -15.51 -39.28
C ILE C 238 -10.77 -14.54 -38.90
N PHE C 239 -11.48 -14.82 -37.81
CA PHE C 239 -12.55 -13.92 -37.41
C PHE C 239 -12.54 -13.57 -35.93
N LYS C 240 -13.00 -12.36 -35.65
CA LYS C 240 -13.27 -11.86 -34.31
C LYS C 240 -14.59 -11.13 -34.33
N LEU C 241 -15.67 -11.85 -34.09
CA LEU C 241 -17.01 -11.31 -34.28
C LEU C 241 -17.61 -10.77 -32.99
N PRO C 242 -17.98 -9.46 -32.94
CA PRO C 242 -18.59 -8.78 -31.81
C PRO C 242 -20.07 -9.09 -31.74
N LEU C 243 -20.38 -10.37 -31.63
CA LEU C 243 -21.76 -10.82 -31.64
C LEU C 243 -22.49 -10.45 -30.36
N GLY C 244 -21.82 -10.58 -29.22
CA GLY C 244 -22.44 -10.28 -27.94
C GLY C 244 -23.49 -11.32 -27.58
N ILE C 245 -23.30 -12.58 -28.00
CA ILE C 245 -24.30 -13.61 -27.74
C ILE C 245 -23.80 -14.69 -26.81
N ASN C 246 -24.77 -15.39 -26.23
CA ASN C 246 -24.55 -16.46 -25.27
C ASN C 246 -24.60 -17.82 -25.97
N ILE C 247 -23.46 -18.49 -26.03
CA ILE C 247 -23.36 -19.76 -26.74
C ILE C 247 -23.13 -20.91 -25.77
N THR C 248 -24.03 -21.88 -25.79
CA THR C 248 -23.91 -23.06 -24.93
C THR C 248 -24.02 -24.32 -25.76
N ASN C 249 -24.57 -24.19 -26.96
CA ASN C 249 -24.81 -25.31 -27.87
C ASN C 249 -24.52 -24.92 -29.29
N PHE C 250 -24.26 -25.92 -30.13
CA PHE C 250 -24.13 -25.67 -31.55
C PHE C 250 -24.55 -26.87 -32.38
N ARG C 251 -24.79 -26.62 -33.66
CA ARG C 251 -25.08 -27.68 -34.62
C ARG C 251 -24.31 -27.50 -35.90
N ALA C 252 -23.96 -28.61 -36.53
CA ALA C 252 -23.30 -28.57 -37.83
C ALA C 252 -24.33 -28.50 -38.95
N ILE C 253 -23.96 -27.83 -40.03
CA ILE C 253 -24.80 -27.73 -41.21
C ILE C 253 -24.24 -28.58 -42.33
N LEU C 254 -24.95 -29.65 -42.66
CA LEU C 254 -24.51 -30.64 -43.63
C LEU C 254 -25.17 -30.43 -44.99
N THR C 255 -24.76 -31.23 -45.97
CA THR C 255 -25.31 -31.16 -47.31
C THR C 255 -26.14 -32.40 -47.60
N ALA C 256 -27.32 -32.21 -48.18
CA ALA C 256 -28.19 -33.32 -48.56
C ALA C 256 -27.86 -33.78 -49.97
N PHE C 257 -27.83 -35.10 -50.17
CA PHE C 257 -27.55 -35.67 -51.48
C PHE C 257 -28.59 -36.70 -51.87
N THR C 266 -24.18 -38.95 -52.84
CA THR C 266 -24.51 -39.63 -51.60
C THR C 266 -23.29 -40.34 -51.03
N SER C 267 -22.14 -39.68 -51.15
CA SER C 267 -20.88 -40.22 -50.64
C SER C 267 -20.79 -40.06 -49.13
N ALA C 268 -19.84 -40.76 -48.53
CA ALA C 268 -19.60 -40.66 -47.10
C ALA C 268 -18.84 -39.39 -46.75
N ALA C 269 -18.99 -38.95 -45.52
CA ALA C 269 -18.27 -37.80 -44.97
C ALA C 269 -18.13 -37.95 -43.47
N ALA C 270 -17.15 -37.27 -42.87
CA ALA C 270 -16.99 -37.40 -41.43
C ALA C 270 -16.46 -36.13 -40.80
N TYR C 271 -16.71 -35.97 -39.51
CA TYR C 271 -16.18 -34.84 -38.76
C TYR C 271 -15.93 -35.21 -37.32
N PHE C 272 -15.23 -34.33 -36.63
CA PHE C 272 -14.82 -34.61 -35.27
C PHE C 272 -15.03 -33.41 -34.37
N VAL C 273 -15.38 -33.68 -33.11
CA VAL C 273 -15.50 -32.62 -32.13
C VAL C 273 -14.73 -32.90 -30.85
N GLY C 274 -13.95 -31.92 -30.42
CA GLY C 274 -13.23 -31.98 -29.16
C GLY C 274 -13.54 -30.74 -28.34
N TYR C 275 -12.97 -30.66 -27.14
CA TYR C 275 -13.20 -29.50 -26.28
C TYR C 275 -11.90 -28.88 -25.80
N LEU C 276 -11.96 -27.60 -25.48
CA LEU C 276 -10.76 -26.87 -25.09
C LEU C 276 -10.65 -26.70 -23.58
N LYS C 277 -9.42 -26.60 -23.09
CA LYS C 277 -9.16 -26.40 -21.67
C LYS C 277 -8.10 -25.31 -21.46
N PRO C 278 -8.13 -24.55 -20.35
CA PRO C 278 -7.13 -23.59 -19.93
C PRO C 278 -5.83 -24.29 -19.54
N THR C 279 -5.12 -24.77 -20.55
CA THR C 279 -3.95 -25.60 -20.33
C THR C 279 -2.68 -24.87 -20.71
N THR C 280 -1.62 -25.14 -19.95
CA THR C 280 -0.33 -24.54 -20.19
C THR C 280 0.46 -25.31 -21.25
N PHE C 281 0.94 -24.57 -22.25
CA PHE C 281 1.75 -25.13 -23.32
C PHE C 281 3.01 -24.34 -23.58
N MET C 282 4.06 -25.06 -23.96
CA MET C 282 5.28 -24.41 -24.43
C MET C 282 5.40 -24.57 -25.93
N LEU C 283 5.53 -23.45 -26.64
CA LEU C 283 5.58 -23.46 -28.10
C LEU C 283 6.99 -23.21 -28.62
N LYS C 284 7.32 -23.87 -29.72
CA LYS C 284 8.61 -23.68 -30.37
C LYS C 284 8.50 -22.93 -31.68
N TYR C 285 9.15 -21.76 -31.74
CA TYR C 285 9.16 -20.92 -32.94
C TYR C 285 10.43 -21.09 -33.74
N ASP C 286 10.28 -21.28 -35.03
CA ASP C 286 11.41 -21.41 -35.94
C ASP C 286 11.94 -20.02 -36.30
N GLU C 287 12.98 -20.00 -37.14
CA GLU C 287 13.62 -18.75 -37.54
C GLU C 287 12.63 -17.79 -38.21
N ASN C 288 11.66 -18.35 -38.89
CA ASN C 288 10.73 -17.56 -39.66
C ASN C 288 9.52 -17.09 -38.82
N GLY C 289 9.53 -17.46 -37.54
CA GLY C 289 8.42 -17.12 -36.64
C GLY C 289 7.27 -18.12 -36.73
N THR C 290 7.50 -19.21 -37.44
CA THR C 290 6.52 -20.26 -37.58
C THR C 290 6.61 -21.24 -36.42
N ILE C 291 5.46 -21.59 -35.86
CA ILE C 291 5.44 -22.56 -34.77
C ILE C 291 5.57 -23.96 -35.33
N THR C 292 6.58 -24.70 -34.87
CA THR C 292 6.85 -26.02 -35.41
C THR C 292 6.64 -27.14 -34.40
N ASP C 293 6.58 -26.80 -33.11
CA ASP C 293 6.38 -27.85 -32.11
C ASP C 293 5.66 -27.31 -30.88
N ALA C 294 5.38 -28.19 -29.92
CA ALA C 294 4.71 -27.78 -28.69
C ALA C 294 4.77 -28.86 -27.60
N VAL C 295 4.73 -28.41 -26.34
CA VAL C 295 4.67 -29.31 -25.20
C VAL C 295 3.44 -29.09 -24.34
N ASP C 296 2.68 -30.15 -24.12
CA ASP C 296 1.55 -30.12 -23.19
C ASP C 296 2.10 -30.35 -21.80
N CYS C 297 2.13 -29.29 -21.00
CA CYS C 297 2.87 -29.30 -19.74
C CYS C 297 2.16 -30.13 -18.67
N SER C 298 1.00 -30.70 -19.00
CA SER C 298 0.26 -31.49 -18.02
C SER C 298 0.23 -32.98 -18.36
N GLN C 299 0.81 -33.36 -19.48
CA GLN C 299 0.71 -34.74 -19.95
C GLN C 299 1.41 -35.75 -19.01
N ASN C 300 2.66 -35.44 -18.62
CA ASN C 300 3.46 -36.38 -17.85
C ASN C 300 4.61 -35.65 -17.11
N PRO C 301 5.33 -36.31 -16.19
CA PRO C 301 6.47 -35.80 -15.45
C PRO C 301 7.53 -35.21 -16.38
N LEU C 302 7.72 -35.84 -17.54
CA LEU C 302 8.70 -35.34 -18.50
C LEU C 302 8.30 -33.98 -19.03
N ALA C 303 7.02 -33.82 -19.30
CA ALA C 303 6.50 -32.58 -19.83
C ALA C 303 6.72 -31.46 -18.84
N GLU C 304 6.51 -31.75 -17.55
CA GLU C 304 6.68 -30.72 -16.54
C GLU C 304 8.10 -30.22 -16.52
N LEU C 305 9.05 -31.15 -16.58
CA LEU C 305 10.44 -30.74 -16.54
C LEU C 305 10.79 -29.90 -17.75
N LYS C 306 10.36 -30.33 -18.93
CA LYS C 306 10.67 -29.58 -20.15
C LYS C 306 10.15 -28.16 -20.06
N CYS C 307 8.90 -28.02 -19.63
CA CYS C 307 8.32 -26.69 -19.53
C CYS C 307 9.04 -25.91 -18.44
N SER C 308 9.37 -26.56 -17.34
CA SER C 308 10.02 -25.93 -16.21
C SER C 308 11.36 -25.31 -16.58
N VAL C 309 12.16 -26.04 -17.34
CA VAL C 309 13.49 -25.55 -17.72
C VAL C 309 13.45 -24.79 -19.03
N LYS C 310 12.24 -24.59 -19.56
CA LYS C 310 12.07 -23.87 -20.81
C LYS C 310 12.96 -24.41 -21.91
N SER C 311 12.88 -25.71 -22.15
CA SER C 311 13.68 -26.32 -23.20
C SER C 311 13.05 -27.59 -23.74
N PHE C 312 13.27 -27.85 -25.02
CA PHE C 312 12.80 -29.07 -25.65
C PHE C 312 13.84 -30.19 -25.56
N GLU C 313 14.96 -29.90 -24.91
CA GLU C 313 16.02 -30.89 -24.74
C GLU C 313 16.63 -30.83 -23.35
N ILE C 314 16.74 -32.00 -22.72
CA ILE C 314 17.30 -32.10 -21.38
C ILE C 314 18.52 -33.01 -21.42
N ASP C 315 19.61 -32.58 -20.80
CA ASP C 315 20.85 -33.33 -20.86
C ASP C 315 20.88 -34.56 -19.97
N LYS C 316 20.67 -34.38 -18.66
CA LYS C 316 20.66 -35.52 -17.72
C LYS C 316 20.45 -35.07 -16.27
N GLY C 317 19.98 -36.00 -15.42
CA GLY C 317 20.07 -35.77 -13.97
C GLY C 317 18.72 -35.79 -13.26
N ILE C 318 18.74 -35.37 -12.00
CA ILE C 318 17.53 -35.33 -11.18
C ILE C 318 17.11 -33.89 -10.95
N TYR C 319 15.84 -33.62 -11.18
CA TYR C 319 15.35 -32.26 -11.08
C TYR C 319 14.06 -32.17 -10.29
N GLN C 320 13.99 -31.17 -9.41
CA GLN C 320 12.75 -30.89 -8.70
C GLN C 320 11.94 -29.93 -9.52
N THR C 321 10.71 -30.30 -9.85
CA THR C 321 9.91 -29.47 -10.76
C THR C 321 8.75 -28.82 -10.05
N SER C 322 8.31 -29.40 -8.96
CA SER C 322 7.18 -28.82 -8.23
C SER C 322 7.09 -29.43 -6.87
N ASN C 323 6.20 -28.89 -6.06
CA ASN C 323 5.82 -29.52 -4.84
C ASN C 323 4.63 -30.41 -5.11
N PHE C 324 4.12 -31.04 -4.07
CA PHE C 324 2.94 -31.87 -4.18
C PHE C 324 2.22 -31.90 -2.86
N ARG C 325 0.97 -32.33 -2.89
CA ARG C 325 0.22 -32.54 -1.65
C ARG C 325 -0.94 -33.51 -1.83
N VAL C 326 -1.41 -34.05 -0.72
CA VAL C 326 -2.60 -34.89 -0.74
C VAL C 326 -3.84 -34.04 -0.46
N VAL C 327 -4.89 -34.30 -1.23
CA VAL C 327 -6.15 -33.59 -1.14
C VAL C 327 -7.08 -34.25 -0.11
N PRO C 328 -7.66 -33.46 0.83
CA PRO C 328 -8.56 -33.90 1.89
C PRO C 328 -9.86 -34.42 1.30
N SER C 329 -10.54 -35.28 2.06
CA SER C 329 -11.78 -35.88 1.60
C SER C 329 -13.02 -35.13 2.05
N GLY C 330 -13.72 -35.68 3.03
CA GLY C 330 -14.99 -35.12 3.48
C GLY C 330 -14.82 -34.00 4.49
N ASP C 331 -15.94 -33.53 5.02
CA ASP C 331 -15.95 -32.45 6.00
C ASP C 331 -16.24 -33.00 7.39
N VAL C 332 -15.68 -32.36 8.40
CA VAL C 332 -15.98 -32.71 9.78
C VAL C 332 -16.32 -31.47 10.61
N VAL C 333 -17.59 -31.31 10.95
CA VAL C 333 -17.99 -30.12 11.70
C VAL C 333 -18.56 -30.49 13.07
N ARG C 334 -18.07 -29.84 14.12
CA ARG C 334 -18.49 -30.20 15.46
C ARG C 334 -18.94 -29.02 16.31
N PHE C 335 -20.12 -29.16 16.89
CA PHE C 335 -20.71 -28.14 17.75
C PHE C 335 -21.06 -28.73 19.11
N PRO C 336 -21.14 -27.89 20.14
CA PRO C 336 -21.43 -28.24 21.52
C PRO C 336 -22.73 -28.97 21.72
N ASN C 337 -22.69 -29.93 22.65
CA ASN C 337 -23.75 -30.82 23.02
C ASN C 337 -25.05 -30.07 23.43
N ILE C 338 -25.08 -29.62 24.66
CA ILE C 338 -26.27 -29.02 25.21
C ILE C 338 -26.16 -27.51 25.24
N THR C 339 -27.20 -26.87 24.75
CA THR C 339 -27.28 -25.42 24.78
C THR C 339 -28.54 -25.02 25.55
N ASN C 340 -28.70 -23.73 25.80
CA ASN C 340 -29.89 -23.24 26.47
C ASN C 340 -31.06 -23.12 25.51
N LEU C 341 -32.23 -23.53 25.96
CA LEU C 341 -33.45 -23.51 25.15
C LEU C 341 -34.61 -22.89 25.90
N CYS C 342 -35.63 -22.51 25.16
CA CYS C 342 -36.84 -21.95 25.79
C CYS C 342 -37.79 -23.07 26.22
N PRO C 343 -38.53 -22.83 27.32
CA PRO C 343 -39.50 -23.72 27.94
C PRO C 343 -40.80 -23.82 27.13
N PHE C 344 -40.71 -24.41 25.94
CA PHE C 344 -41.87 -24.58 25.08
C PHE C 344 -42.92 -25.46 25.77
N GLY C 345 -42.50 -26.22 26.78
CA GLY C 345 -43.42 -27.06 27.51
C GLY C 345 -44.52 -26.24 28.17
N GLU C 346 -44.21 -25.00 28.53
CA GLU C 346 -45.19 -24.14 29.17
C GLU C 346 -46.18 -23.57 28.17
N VAL C 347 -45.91 -23.77 26.90
CA VAL C 347 -46.77 -23.30 25.85
C VAL C 347 -47.72 -24.39 25.39
N PHE C 348 -47.18 -25.60 25.20
CA PHE C 348 -47.97 -26.69 24.64
C PHE C 348 -48.46 -27.72 25.65
N ASN C 349 -47.76 -27.83 26.78
CA ASN C 349 -48.14 -28.82 27.80
C ASN C 349 -48.74 -28.14 29.02
N ALA C 350 -49.22 -26.92 28.82
CA ALA C 350 -49.87 -26.14 29.87
C ALA C 350 -51.14 -26.83 30.34
N THR C 351 -51.45 -26.66 31.63
CA THR C 351 -52.65 -27.24 32.21
C THR C 351 -53.90 -26.71 31.53
N LYS C 352 -53.95 -25.39 31.32
CA LYS C 352 -55.11 -24.78 30.71
C LYS C 352 -54.74 -23.65 29.77
N PHE C 353 -55.57 -23.48 28.73
CA PHE C 353 -55.50 -22.35 27.82
C PHE C 353 -56.66 -21.40 28.12
N PRO C 354 -56.50 -20.11 27.81
CA PRO C 354 -57.50 -19.06 27.91
C PRO C 354 -58.49 -19.10 26.75
N SER C 355 -59.57 -18.33 26.89
CA SER C 355 -60.52 -18.12 25.81
C SER C 355 -59.90 -17.32 24.68
N VAL C 356 -60.49 -17.37 23.49
CA VAL C 356 -59.92 -16.69 22.34
C VAL C 356 -59.94 -15.18 22.55
N TYR C 357 -61.08 -14.65 22.97
CA TYR C 357 -61.24 -13.22 23.17
C TYR C 357 -60.25 -12.72 24.21
N ALA C 358 -59.79 -13.63 25.06
CA ALA C 358 -58.86 -13.32 26.13
C ALA C 358 -57.54 -14.04 25.92
N TRP C 359 -57.17 -14.23 24.66
CA TRP C 359 -55.93 -14.93 24.30
C TRP C 359 -54.74 -14.34 25.05
N GLU C 360 -53.79 -15.20 25.40
CA GLU C 360 -52.62 -14.77 26.16
C GLU C 360 -51.33 -14.91 25.37
N ARG C 361 -50.40 -13.98 25.61
CA ARG C 361 -49.13 -13.96 24.91
C ARG C 361 -47.93 -14.30 25.79
N LYS C 362 -47.10 -15.23 25.32
CA LYS C 362 -45.84 -15.56 25.98
C LYS C 362 -44.65 -15.25 25.07
N LYS C 363 -43.63 -14.62 25.62
CA LYS C 363 -42.45 -14.27 24.85
C LYS C 363 -41.38 -15.35 24.88
N ILE C 364 -40.92 -15.72 23.68
CA ILE C 364 -39.83 -16.67 23.50
C ILE C 364 -38.58 -15.90 23.05
N SER C 365 -37.54 -15.92 23.86
CA SER C 365 -36.35 -15.12 23.56
C SER C 365 -35.11 -15.63 24.27
N ASN C 366 -33.94 -15.16 23.82
CA ASN C 366 -32.67 -15.47 24.48
C ASN C 366 -32.48 -16.96 24.70
N CYS C 367 -32.70 -17.75 23.65
CA CYS C 367 -32.58 -19.18 23.75
C CYS C 367 -32.38 -19.81 22.39
N VAL C 368 -31.94 -21.05 22.37
CA VAL C 368 -31.86 -21.79 21.13
C VAL C 368 -33.23 -22.36 20.78
N ALA C 369 -33.66 -22.08 19.58
CA ALA C 369 -34.95 -22.54 19.10
C ALA C 369 -34.80 -23.92 18.50
N ASP C 370 -35.79 -24.77 18.72
CA ASP C 370 -35.81 -26.10 18.14
C ASP C 370 -37.23 -26.49 17.83
N TYR C 371 -37.57 -26.47 16.56
CA TYR C 371 -38.93 -26.69 16.14
C TYR C 371 -39.14 -28.11 15.68
N SER C 372 -38.09 -28.92 15.74
CA SER C 372 -38.23 -30.29 15.27
C SER C 372 -39.17 -31.02 16.20
N VAL C 373 -39.07 -30.69 17.48
CA VAL C 373 -39.89 -31.31 18.51
C VAL C 373 -41.36 -31.14 18.19
N LEU C 374 -41.72 -29.98 17.73
CA LEU C 374 -43.09 -29.66 17.42
C LEU C 374 -43.48 -30.24 16.07
N TYR C 375 -42.52 -30.38 15.16
CA TYR C 375 -42.78 -30.80 13.78
C TYR C 375 -42.90 -32.30 13.52
N ASN C 376 -41.84 -33.11 13.85
CA ASN C 376 -41.87 -34.54 13.49
C ASN C 376 -42.64 -35.35 14.53
N SER C 377 -43.92 -34.99 14.69
CA SER C 377 -44.76 -35.57 15.71
C SER C 377 -46.19 -35.69 15.26
N THR C 378 -46.94 -36.52 15.93
CA THR C 378 -48.35 -36.70 15.58
C THR C 378 -49.25 -35.92 16.54
N PHE C 379 -48.64 -35.12 17.40
CA PHE C 379 -49.37 -34.35 18.40
C PHE C 379 -50.40 -33.39 17.78
N PHE C 380 -49.96 -32.62 16.79
CA PHE C 380 -50.82 -31.58 16.24
C PHE C 380 -51.72 -32.09 15.13
N SER C 381 -52.95 -31.58 15.11
CA SER C 381 -53.88 -31.89 14.03
C SER C 381 -53.67 -30.91 12.88
N THR C 382 -53.23 -29.71 13.23
CA THR C 382 -52.90 -28.68 12.25
C THR C 382 -51.51 -28.15 12.49
N PHE C 383 -50.73 -28.09 11.42
CA PHE C 383 -49.41 -27.50 11.45
C PHE C 383 -49.22 -26.71 10.17
N LYS C 384 -49.47 -25.40 10.23
CA LYS C 384 -49.40 -24.60 9.01
C LYS C 384 -48.60 -23.33 9.22
N CYS C 385 -47.66 -23.09 8.31
CA CYS C 385 -46.77 -21.95 8.40
C CYS C 385 -47.05 -20.94 7.28
N TYR C 386 -46.82 -19.65 7.56
CA TYR C 386 -47.11 -18.61 6.58
C TYR C 386 -45.88 -17.88 6.06
N GLY C 387 -45.44 -18.25 4.85
CA GLY C 387 -44.24 -17.67 4.25
C GLY C 387 -42.99 -18.31 4.83
N VAL C 388 -43.19 -19.32 5.66
CA VAL C 388 -42.14 -20.01 6.36
C VAL C 388 -42.19 -21.51 6.11
N SER C 389 -41.06 -22.11 5.78
CA SER C 389 -40.99 -23.54 5.56
C SER C 389 -40.86 -24.30 6.87
N ALA C 390 -41.76 -25.24 7.12
CA ALA C 390 -41.81 -25.98 8.39
C ALA C 390 -40.51 -26.72 8.68
N THR C 391 -39.82 -27.17 7.63
CA THR C 391 -38.62 -27.96 7.81
C THR C 391 -37.36 -27.10 7.91
N LYS C 392 -37.51 -25.79 7.74
CA LYS C 392 -36.36 -24.89 7.77
C LYS C 392 -36.42 -23.98 8.97
N LEU C 393 -37.37 -24.22 9.86
CA LEU C 393 -37.63 -23.32 10.97
C LEU C 393 -36.40 -23.12 11.84
N ASN C 394 -35.63 -24.19 12.04
CA ASN C 394 -34.46 -24.12 12.90
C ASN C 394 -33.38 -23.19 12.32
N ASP C 395 -33.40 -22.99 11.02
CA ASP C 395 -32.37 -22.20 10.36
C ASP C 395 -32.79 -20.74 10.22
N LEU C 396 -33.93 -20.39 10.80
CA LEU C 396 -34.42 -19.03 10.70
C LEU C 396 -34.23 -18.29 12.02
N CYS C 397 -33.43 -17.24 11.97
CA CYS C 397 -33.12 -16.45 13.14
C CYS C 397 -34.06 -15.26 13.28
N PHE C 398 -34.60 -15.12 14.49
CA PHE C 398 -35.50 -14.02 14.80
C PHE C 398 -35.05 -13.29 16.05
N SER C 399 -35.50 -12.05 16.19
CA SER C 399 -35.24 -11.32 17.42
C SER C 399 -35.98 -12.03 18.52
N ASN C 400 -37.24 -12.36 18.27
CA ASN C 400 -38.01 -13.14 19.21
C ASN C 400 -39.22 -13.76 18.56
N VAL C 401 -39.91 -14.60 19.32
CA VAL C 401 -41.17 -15.18 18.89
C VAL C 401 -42.23 -15.05 19.97
N TYR C 402 -43.42 -14.65 19.57
CA TYR C 402 -44.50 -14.62 20.54
C TYR C 402 -45.46 -15.78 20.32
N ALA C 403 -45.76 -16.49 21.40
CA ALA C 403 -46.67 -17.62 21.32
C ALA C 403 -48.02 -17.24 21.91
N ASP C 404 -49.00 -17.08 21.03
CA ASP C 404 -50.34 -16.66 21.45
C ASP C 404 -51.23 -17.89 21.66
N SER C 405 -51.60 -18.10 22.92
CA SER C 405 -52.33 -19.30 23.36
C SER C 405 -53.81 -19.06 23.61
N PHE C 406 -54.65 -19.95 23.06
CA PHE C 406 -56.11 -19.89 23.31
C PHE C 406 -56.86 -21.17 22.91
N VAL C 407 -58.08 -21.34 23.44
CA VAL C 407 -58.97 -22.43 23.02
C VAL C 407 -60.06 -21.93 22.09
N VAL C 408 -60.14 -22.53 20.91
CA VAL C 408 -61.12 -22.13 19.91
C VAL C 408 -61.87 -23.34 19.36
N LYS C 409 -63.12 -23.13 18.99
CA LYS C 409 -63.93 -24.18 18.36
C LYS C 409 -63.28 -24.69 17.09
N GLY C 410 -63.30 -26.02 16.91
CA GLY C 410 -62.70 -26.65 15.74
C GLY C 410 -63.02 -25.93 14.43
N ASP C 411 -64.29 -25.72 14.14
CA ASP C 411 -64.67 -25.06 12.90
C ASP C 411 -64.11 -23.65 12.79
N ASP C 412 -63.82 -23.01 13.92
CA ASP C 412 -63.32 -21.64 13.90
C ASP C 412 -61.79 -21.60 13.87
N VAL C 413 -61.15 -22.77 13.84
CA VAL C 413 -59.70 -22.83 13.76
C VAL C 413 -59.26 -22.22 12.44
N ARG C 414 -60.05 -22.43 11.40
CA ARG C 414 -59.78 -21.91 10.07
C ARG C 414 -59.69 -20.39 10.04
N GLN C 415 -60.22 -19.72 11.07
CA GLN C 415 -60.17 -18.27 11.12
C GLN C 415 -58.85 -17.77 11.67
N ILE C 416 -58.02 -18.69 12.15
CA ILE C 416 -56.73 -18.29 12.70
C ILE C 416 -55.72 -18.25 11.57
N ALA C 417 -55.82 -17.20 10.75
CA ALA C 417 -55.01 -17.03 9.56
C ALA C 417 -55.09 -15.57 9.12
N PRO C 418 -54.13 -15.10 8.31
CA PRO C 418 -54.14 -13.83 7.61
C PRO C 418 -55.22 -13.82 6.54
N GLY C 419 -55.76 -12.64 6.25
CA GLY C 419 -56.73 -12.46 5.18
C GLY C 419 -58.08 -13.08 5.52
N GLN C 420 -58.40 -13.19 6.80
CA GLN C 420 -59.64 -13.82 7.21
C GLN C 420 -60.65 -12.85 7.77
N THR C 421 -61.91 -13.24 7.68
CA THR C 421 -63.02 -12.55 8.33
C THR C 421 -63.82 -13.56 9.12
N GLY C 422 -64.63 -13.10 10.05
CA GLY C 422 -65.46 -14.01 10.82
C GLY C 422 -65.58 -13.57 12.27
N VAL C 423 -66.39 -14.28 13.04
CA VAL C 423 -66.64 -13.91 14.41
C VAL C 423 -65.33 -13.87 15.21
N ILE C 424 -64.44 -14.81 14.96
CA ILE C 424 -63.18 -14.81 15.69
C ILE C 424 -62.20 -13.87 15.01
N ALA C 425 -62.03 -14.05 13.71
CA ALA C 425 -61.05 -13.26 12.98
C ALA C 425 -61.28 -11.75 13.18
N ASP C 426 -62.53 -11.33 13.28
CA ASP C 426 -62.84 -9.92 13.40
C ASP C 426 -63.06 -9.42 14.84
N TYR C 427 -63.66 -10.22 15.72
CA TYR C 427 -64.00 -9.70 17.05
C TYR C 427 -63.24 -10.33 18.23
N ASN C 428 -62.54 -11.44 18.00
CA ASN C 428 -61.86 -12.12 19.12
C ASN C 428 -60.36 -12.13 19.00
N TYR C 429 -59.87 -12.41 17.81
CA TYR C 429 -58.44 -12.53 17.58
C TYR C 429 -58.12 -12.43 16.11
N LYS C 430 -57.36 -11.40 15.75
CA LYS C 430 -57.02 -11.14 14.37
C LYS C 430 -55.54 -11.27 14.13
N LEU C 431 -55.18 -11.78 12.97
CA LEU C 431 -53.79 -11.82 12.55
C LEU C 431 -53.60 -10.85 11.39
N PRO C 432 -52.44 -10.18 11.32
CA PRO C 432 -52.06 -9.23 10.29
C PRO C 432 -51.82 -9.96 9.00
N ASP C 433 -51.99 -9.28 7.89
CA ASP C 433 -51.69 -9.94 6.65
C ASP C 433 -50.21 -9.77 6.33
N ASP C 434 -49.43 -10.71 6.86
CA ASP C 434 -47.97 -10.66 6.79
C ASP C 434 -47.42 -12.06 7.00
N PHE C 435 -46.09 -12.19 6.95
CA PHE C 435 -45.47 -13.47 7.24
C PHE C 435 -45.64 -13.80 8.72
N MET C 436 -45.69 -15.06 9.05
CA MET C 436 -45.84 -15.50 10.43
C MET C 436 -45.03 -16.74 10.65
N GLY C 437 -45.03 -17.22 11.88
CA GLY C 437 -44.44 -18.50 12.11
C GLY C 437 -45.48 -19.54 11.75
N CYS C 438 -45.73 -20.46 12.65
CA CYS C 438 -46.69 -21.48 12.36
C CYS C 438 -47.85 -21.43 13.33
N VAL C 439 -49.02 -21.81 12.83
CA VAL C 439 -50.19 -21.97 13.65
C VAL C 439 -50.35 -23.44 13.97
N LEU C 440 -50.27 -23.76 15.24
CA LEU C 440 -50.29 -25.14 15.67
C LEU C 440 -51.52 -25.42 16.49
N ALA C 441 -52.23 -26.49 16.17
CA ALA C 441 -53.44 -26.79 16.90
C ALA C 441 -53.65 -28.28 17.11
N TRP C 442 -54.30 -28.63 18.22
CA TRP C 442 -54.64 -30.02 18.48
C TRP C 442 -55.99 -30.15 19.19
N ASN C 443 -56.61 -31.32 19.02
CA ASN C 443 -57.90 -31.61 19.62
C ASN C 443 -57.80 -31.83 21.12
N THR C 444 -58.70 -31.20 21.87
CA THR C 444 -58.74 -31.31 23.31
C THR C 444 -60.07 -31.83 23.85
N ARG C 445 -60.69 -32.73 23.11
CA ARG C 445 -61.94 -33.34 23.53
C ARG C 445 -61.85 -33.97 24.92
N ASN C 446 -60.72 -34.60 25.22
CA ASN C 446 -60.55 -35.27 26.49
C ASN C 446 -59.85 -34.40 27.53
N ILE C 447 -59.71 -33.10 27.23
CA ILE C 447 -59.05 -32.17 28.14
C ILE C 447 -59.96 -31.00 28.49
N ASP C 448 -60.45 -30.29 27.47
CA ASP C 448 -61.26 -29.10 27.69
C ASP C 448 -62.76 -29.38 27.58
N ALA C 449 -63.15 -30.26 26.66
CA ALA C 449 -64.58 -30.52 26.49
C ALA C 449 -65.13 -31.31 27.66
N THR C 450 -66.42 -31.15 27.92
CA THR C 450 -67.09 -31.92 28.96
C THR C 450 -68.38 -32.54 28.43
N SER C 451 -68.92 -33.53 29.12
CA SER C 451 -70.16 -34.20 28.70
C SER C 451 -71.37 -33.27 28.73
N THR C 452 -71.26 -32.19 29.49
CA THR C 452 -72.34 -31.24 29.63
C THR C 452 -72.06 -29.96 28.85
N GLY C 453 -70.94 -29.95 28.13
CA GLY C 453 -70.53 -28.78 27.38
C GLY C 453 -69.66 -27.87 28.23
N ASN C 454 -68.42 -27.66 27.82
CA ASN C 454 -67.58 -26.75 28.58
C ASN C 454 -67.86 -25.33 28.15
N TYR C 455 -68.79 -24.72 28.84
CA TYR C 455 -69.24 -23.38 28.52
C TYR C 455 -68.46 -22.33 29.30
N ASN C 456 -67.31 -22.73 29.87
CA ASN C 456 -66.48 -21.79 30.61
C ASN C 456 -65.61 -21.00 29.65
N TYR C 457 -65.58 -21.43 28.39
CA TYR C 457 -64.84 -20.72 27.36
C TYR C 457 -65.78 -19.80 26.62
N LYS C 458 -65.35 -18.55 26.44
CA LYS C 458 -66.19 -17.55 25.81
C LYS C 458 -65.58 -16.95 24.56
N TYR C 459 -66.41 -16.29 23.78
CA TYR C 459 -65.96 -15.54 22.62
C TYR C 459 -66.84 -14.33 22.39
N ARG C 460 -66.34 -13.38 21.63
CA ARG C 460 -67.05 -12.16 21.32
C ARG C 460 -67.76 -12.28 19.98
N TYR C 461 -68.97 -11.75 19.90
CA TYR C 461 -69.69 -11.78 18.64
C TYR C 461 -70.26 -10.41 18.29
N LEU C 462 -70.32 -9.50 19.27
CA LEU C 462 -70.78 -8.12 19.00
C LEU C 462 -69.70 -7.13 19.39
N ARG C 463 -69.34 -6.24 18.47
CA ARG C 463 -68.34 -5.23 18.78
C ARG C 463 -68.48 -4.03 17.87
N HIS C 464 -68.25 -2.84 18.41
CA HIS C 464 -68.32 -1.61 17.63
C HIS C 464 -67.06 -1.43 16.79
N GLY C 465 -66.91 -2.31 15.80
CA GLY C 465 -65.75 -2.30 14.92
C GLY C 465 -64.89 -3.53 15.12
N LYS C 466 -64.04 -3.81 14.14
CA LYS C 466 -63.19 -4.99 14.16
C LYS C 466 -61.95 -4.75 14.99
N LEU C 467 -61.30 -5.84 15.39
CA LEU C 467 -60.03 -5.77 16.10
C LEU C 467 -58.88 -5.50 15.16
N ARG C 468 -57.84 -4.91 15.70
CA ARG C 468 -56.58 -4.78 15.01
C ARG C 468 -55.83 -6.11 15.16
N PRO C 469 -54.82 -6.36 14.33
CA PRO C 469 -53.92 -7.49 14.45
C PRO C 469 -53.38 -7.59 15.87
N PHE C 470 -53.45 -8.78 16.44
CA PHE C 470 -53.02 -9.04 17.80
C PHE C 470 -53.55 -8.03 18.81
N GLU C 471 -54.85 -7.77 18.76
CA GLU C 471 -55.50 -6.93 19.77
C GLU C 471 -56.29 -7.80 20.72
N ARG C 472 -56.27 -7.45 21.99
CA ARG C 472 -56.98 -8.21 23.00
C ARG C 472 -58.07 -7.39 23.66
N ASP C 473 -59.32 -7.70 23.35
CA ASP C 473 -60.46 -6.99 23.91
C ASP C 473 -61.19 -7.88 24.88
N ILE C 474 -61.02 -7.62 26.16
CA ILE C 474 -61.60 -8.43 27.21
C ILE C 474 -62.55 -7.61 28.06
N SER C 475 -63.12 -6.58 27.47
CA SER C 475 -64.12 -5.77 28.14
C SER C 475 -65.44 -6.52 28.19
N ASN C 476 -66.35 -6.08 29.05
CA ASN C 476 -67.66 -6.69 29.15
C ASN C 476 -68.73 -5.64 29.33
N VAL C 477 -68.97 -4.91 28.26
CA VAL C 477 -69.92 -3.82 28.26
C VAL C 477 -71.05 -4.18 27.31
N PRO C 478 -72.31 -4.19 27.77
CA PRO C 478 -73.45 -4.67 27.03
C PRO C 478 -73.53 -3.94 25.70
N PHE C 479 -73.68 -4.70 24.64
CA PHE C 479 -73.66 -4.16 23.30
C PHE C 479 -74.90 -3.37 22.94
N SER C 480 -74.68 -2.26 22.27
CA SER C 480 -75.75 -1.43 21.74
C SER C 480 -75.49 -1.15 20.25
N PRO C 481 -76.41 -1.56 19.36
CA PRO C 481 -76.35 -1.46 17.91
C PRO C 481 -75.90 -0.09 17.38
N ASP C 482 -76.29 0.99 18.06
CA ASP C 482 -75.89 2.30 17.59
C ASP C 482 -75.25 3.18 18.67
N GLY C 483 -74.41 2.57 19.51
CA GLY C 483 -73.55 3.32 20.42
C GLY C 483 -74.26 3.87 21.66
N LYS C 484 -75.52 3.52 21.84
CA LYS C 484 -76.29 4.03 22.97
C LYS C 484 -75.98 3.23 24.24
N PRO C 485 -76.22 3.81 25.42
CA PRO C 485 -76.29 3.11 26.69
C PRO C 485 -77.36 2.04 26.57
N CYS C 486 -77.14 0.89 27.20
CA CYS C 486 -78.11 -0.19 27.07
C CYS C 486 -77.93 -1.18 28.23
N THR C 487 -79.03 -1.80 28.67
CA THR C 487 -78.96 -2.80 29.73
C THR C 487 -79.79 -4.05 29.41
N PRO C 488 -79.16 -5.22 29.26
CA PRO C 488 -79.78 -6.51 29.06
C PRO C 488 -80.66 -6.85 30.26
N PRO C 489 -81.74 -7.60 30.03
CA PRO C 489 -82.24 -8.16 28.79
C PRO C 489 -83.23 -7.26 28.07
N ALA C 490 -83.02 -5.94 28.10
CA ALA C 490 -83.90 -5.02 27.41
C ALA C 490 -83.71 -5.15 25.91
N LEU C 491 -84.69 -4.68 25.14
CA LEU C 491 -84.61 -4.78 23.71
C LEU C 491 -83.38 -4.08 23.17
N ASN C 492 -82.72 -4.72 22.21
CA ASN C 492 -81.49 -4.24 21.58
C ASN C 492 -80.28 -4.26 22.52
N CYS C 493 -80.43 -4.85 23.70
CA CYS C 493 -79.32 -4.91 24.65
C CYS C 493 -78.80 -6.33 24.80
N TYR C 494 -77.62 -6.59 24.27
CA TYR C 494 -77.06 -7.94 24.29
C TYR C 494 -75.63 -7.95 24.77
N TRP C 495 -75.27 -8.94 25.55
CA TRP C 495 -73.88 -9.07 25.95
C TRP C 495 -73.07 -9.50 24.73
N PRO C 496 -71.91 -8.86 24.49
CA PRO C 496 -71.04 -9.07 23.36
C PRO C 496 -70.36 -10.42 23.38
N LEU C 497 -70.35 -11.06 24.55
CA LEU C 497 -69.71 -12.36 24.70
C LEU C 497 -70.73 -13.49 24.70
N ASN C 498 -70.28 -14.67 24.29
CA ASN C 498 -71.10 -15.87 24.27
C ASN C 498 -70.25 -17.10 24.59
N ASP C 499 -70.90 -18.15 25.04
CA ASP C 499 -70.20 -19.35 25.48
C ASP C 499 -70.06 -20.38 24.36
N TYR C 500 -69.03 -21.22 24.43
CA TYR C 500 -68.85 -22.32 23.49
C TYR C 500 -69.49 -23.62 23.94
N GLY C 501 -70.16 -24.30 23.02
CA GLY C 501 -70.75 -25.62 23.29
C GLY C 501 -69.72 -26.74 23.15
N PHE C 502 -68.71 -26.71 23.99
CA PHE C 502 -67.63 -27.68 23.90
C PHE C 502 -67.99 -29.01 24.54
N TYR C 503 -68.70 -29.84 23.77
CA TYR C 503 -69.16 -31.15 24.24
C TYR C 503 -68.23 -32.28 23.83
N THR C 504 -68.21 -33.33 24.64
CA THR C 504 -67.50 -34.57 24.31
C THR C 504 -68.42 -35.53 23.58
N THR C 505 -69.64 -35.08 23.31
CA THR C 505 -70.66 -35.90 22.69
C THR C 505 -71.16 -35.29 21.39
N THR C 506 -70.34 -34.45 20.78
CA THR C 506 -70.72 -33.78 19.54
C THR C 506 -69.68 -33.96 18.43
N GLY C 507 -69.93 -33.32 17.29
CA GLY C 507 -69.07 -33.42 16.12
C GLY C 507 -67.76 -32.69 16.34
N ILE C 508 -66.72 -33.07 15.59
CA ILE C 508 -65.40 -32.48 15.77
C ILE C 508 -65.37 -30.98 15.51
N GLY C 509 -66.26 -30.50 14.64
CA GLY C 509 -66.33 -29.08 14.35
C GLY C 509 -66.73 -28.25 15.57
N TYR C 510 -67.38 -28.89 16.54
CA TYR C 510 -67.85 -28.20 17.73
C TYR C 510 -66.97 -28.48 18.94
N GLN C 511 -65.93 -29.27 18.74
CA GLN C 511 -65.04 -29.63 19.81
C GLN C 511 -63.99 -28.52 19.94
N PRO C 512 -63.45 -28.30 21.13
CA PRO C 512 -62.39 -27.37 21.41
C PRO C 512 -61.08 -27.84 20.85
N TYR C 513 -60.30 -26.89 20.39
CA TYR C 513 -58.92 -27.11 20.00
C TYR C 513 -58.03 -26.12 20.70
N ARG C 514 -56.85 -26.56 21.08
CA ARG C 514 -55.89 -25.65 21.65
C ARG C 514 -54.97 -25.16 20.58
N VAL C 515 -54.93 -23.86 20.43
CA VAL C 515 -54.17 -23.26 19.37
C VAL C 515 -53.06 -22.39 19.89
N VAL C 516 -51.90 -22.57 19.32
CA VAL C 516 -50.76 -21.73 19.62
C VAL C 516 -50.28 -21.07 18.33
N VAL C 517 -50.31 -19.76 18.32
CA VAL C 517 -49.85 -19.03 17.15
C VAL C 517 -48.48 -18.49 17.40
N LEU C 518 -47.53 -18.85 16.56
CA LEU C 518 -46.17 -18.39 16.75
C LEU C 518 -45.87 -17.23 15.83
N SER C 519 -45.81 -16.05 16.41
CA SER C 519 -45.55 -14.83 15.66
C SER C 519 -44.08 -14.53 15.63
N PHE C 520 -43.49 -14.65 14.45
CA PHE C 520 -42.07 -14.47 14.29
C PHE C 520 -41.72 -13.02 14.09
N GLU C 521 -40.78 -12.51 14.89
CA GLU C 521 -40.42 -11.10 14.83
C GLU C 521 -39.03 -10.86 14.26
N LEU C 522 -38.98 -10.29 13.06
CA LEU C 522 -37.74 -9.91 12.41
C LEU C 522 -37.51 -8.42 12.64
N LEU C 523 -36.71 -8.13 13.65
CA LEU C 523 -36.49 -6.77 14.10
C LEU C 523 -35.08 -6.34 13.77
N ASN C 524 -34.79 -5.06 13.95
CA ASN C 524 -33.43 -4.55 13.75
C ASN C 524 -32.49 -5.05 14.84
N ALA C 525 -33.06 -5.50 15.94
CA ALA C 525 -32.30 -6.03 17.05
C ALA C 525 -31.60 -7.33 16.63
N PRO C 526 -30.43 -7.64 17.18
CA PRO C 526 -29.70 -8.87 17.00
C PRO C 526 -30.60 -10.05 17.31
N ALA C 527 -30.52 -11.09 16.49
CA ALA C 527 -31.35 -12.27 16.70
C ALA C 527 -31.02 -12.91 18.02
N THR C 528 -32.04 -13.43 18.70
CA THR C 528 -31.81 -14.12 19.96
C THR C 528 -32.36 -15.54 19.94
N VAL C 529 -33.14 -15.88 18.92
CA VAL C 529 -33.69 -17.23 18.83
C VAL C 529 -33.40 -17.89 17.49
N CYS C 530 -32.48 -18.85 17.51
CA CYS C 530 -32.08 -19.61 16.32
C CYS C 530 -31.84 -21.05 16.74
N GLY C 531 -31.85 -21.98 15.79
CA GLY C 531 -31.46 -23.34 16.11
C GLY C 531 -29.95 -23.46 15.98
N PRO C 532 -29.38 -24.60 16.37
CA PRO C 532 -27.98 -24.93 16.29
C PRO C 532 -27.64 -25.31 14.88
N LYS C 533 -26.40 -25.14 14.49
CA LYS C 533 -25.97 -25.75 13.25
C LYS C 533 -25.73 -27.22 13.51
N LEU C 534 -26.16 -28.06 12.58
CA LEU C 534 -26.06 -29.49 12.78
C LEU C 534 -24.64 -29.97 12.62
N SER C 535 -24.19 -30.75 13.59
CA SER C 535 -22.85 -31.31 13.57
C SER C 535 -22.81 -32.62 12.79
N THR C 536 -21.62 -33.09 12.50
CA THR C 536 -21.41 -34.34 11.80
C THR C 536 -20.47 -35.23 12.58
N ASP C 537 -20.47 -36.52 12.27
CA ASP C 537 -19.58 -37.47 12.92
C ASP C 537 -18.13 -37.14 12.64
N LEU C 538 -17.25 -37.54 13.54
CA LEU C 538 -15.83 -37.36 13.32
C LEU C 538 -15.32 -38.32 12.25
N ILE C 539 -14.54 -37.81 11.32
CA ILE C 539 -13.88 -38.63 10.33
C ILE C 539 -12.41 -38.66 10.64
N LYS C 540 -11.89 -39.82 11.01
CA LYS C 540 -10.55 -39.91 11.57
C LYS C 540 -9.56 -40.65 10.67
N ASN C 541 -8.28 -40.46 10.99
CA ASN C 541 -7.17 -41.14 10.33
C ASN C 541 -7.11 -40.89 8.83
N GLN C 542 -7.43 -39.68 8.44
CA GLN C 542 -7.36 -39.26 7.04
C GLN C 542 -7.47 -37.76 6.95
N CYS C 543 -7.00 -37.20 5.83
CA CYS C 543 -7.13 -35.76 5.65
C CYS C 543 -8.58 -35.37 5.39
N VAL C 544 -9.04 -34.43 6.21
CA VAL C 544 -10.39 -33.91 6.12
C VAL C 544 -10.40 -32.40 6.23
N ASN C 545 -11.53 -31.81 5.87
CA ASN C 545 -11.78 -30.40 6.10
C ASN C 545 -12.59 -30.25 7.38
N PHE C 546 -11.95 -29.79 8.44
CA PHE C 546 -12.64 -29.77 9.73
C PHE C 546 -13.10 -28.38 10.14
N ASN C 547 -14.12 -28.36 11.00
CA ASN C 547 -14.66 -27.13 11.54
C ASN C 547 -15.19 -27.36 12.95
N PHE C 548 -14.38 -27.04 13.93
CA PHE C 548 -14.75 -27.17 15.32
C PHE C 548 -15.27 -25.83 15.77
N ASN C 549 -15.98 -25.80 16.88
CA ASN C 549 -16.58 -24.55 17.32
C ASN C 549 -15.52 -23.56 17.77
N GLY C 550 -14.86 -22.92 16.79
CA GLY C 550 -13.79 -21.96 17.06
C GLY C 550 -12.47 -22.32 16.37
N LEU C 551 -12.41 -23.47 15.69
CA LEU C 551 -11.16 -23.88 15.02
C LEU C 551 -11.43 -24.52 13.66
N THR C 552 -10.84 -23.95 12.61
CA THR C 552 -11.08 -24.47 11.27
C THR C 552 -9.77 -24.74 10.55
N GLY C 553 -9.84 -25.59 9.53
CA GLY C 553 -8.69 -25.88 8.69
C GLY C 553 -8.76 -27.29 8.15
N THR C 554 -7.66 -27.76 7.58
CA THR C 554 -7.61 -29.10 7.04
C THR C 554 -6.50 -29.87 7.72
N GLY C 555 -6.61 -31.19 7.71
CA GLY C 555 -5.58 -32.01 8.31
C GLY C 555 -6.11 -33.37 8.72
N VAL C 556 -5.31 -34.09 9.50
CA VAL C 556 -5.65 -35.43 9.93
C VAL C 556 -5.93 -35.48 11.41
N LEU C 557 -7.10 -35.98 11.78
CA LEU C 557 -7.51 -36.05 13.18
C LEU C 557 -7.21 -37.42 13.77
N THR C 558 -6.48 -37.43 14.88
CA THR C 558 -6.17 -38.67 15.59
C THR C 558 -6.37 -38.45 17.09
N PRO C 559 -6.74 -39.48 17.85
CA PRO C 559 -6.92 -39.46 19.29
C PRO C 559 -5.61 -39.18 19.99
N SER C 560 -5.68 -38.54 21.16
CA SER C 560 -4.48 -38.21 21.92
C SER C 560 -4.70 -38.31 23.42
N SER C 561 -3.61 -38.24 24.18
CA SER C 561 -3.66 -38.32 25.64
C SER C 561 -3.21 -37.04 26.33
N LYS C 562 -3.14 -35.95 25.58
CA LYS C 562 -2.67 -34.68 26.13
C LYS C 562 -3.43 -34.32 27.40
N ARG C 563 -2.69 -34.03 28.47
CA ARG C 563 -3.28 -33.76 29.77
C ARG C 563 -3.89 -32.38 29.86
N PHE C 564 -5.02 -32.19 29.22
CA PHE C 564 -5.72 -30.91 29.27
C PHE C 564 -6.27 -30.64 30.65
N GLN C 565 -6.30 -29.37 31.01
CA GLN C 565 -6.94 -28.96 32.24
C GLN C 565 -8.44 -28.77 31.98
N PRO C 566 -9.27 -28.81 33.04
CA PRO C 566 -10.70 -28.56 33.03
C PRO C 566 -11.07 -27.22 32.38
N PHE C 567 -10.09 -26.34 32.23
CA PHE C 567 -10.34 -25.03 31.64
C PHE C 567 -9.48 -24.80 30.41
N GLN C 568 -9.26 -25.85 29.63
CA GLN C 568 -8.52 -25.72 28.38
C GLN C 568 -9.27 -26.35 27.22
N GLN C 569 -9.41 -25.59 26.14
CA GLN C 569 -10.21 -26.04 25.01
C GLN C 569 -9.35 -26.67 23.92
N PHE C 570 -8.18 -26.09 23.69
CA PHE C 570 -7.26 -26.61 22.69
C PHE C 570 -5.85 -26.27 23.10
N GLY C 571 -4.89 -26.91 22.46
CA GLY C 571 -3.49 -26.67 22.79
C GLY C 571 -2.70 -26.30 21.57
N ARG C 572 -1.45 -25.90 21.81
CA ARG C 572 -0.53 -25.53 20.74
C ARG C 572 0.83 -26.22 20.87
N ASP C 573 1.54 -26.23 19.75
CA ASP C 573 2.88 -26.78 19.66
C ASP C 573 3.87 -25.78 20.26
N VAL C 574 5.13 -26.13 20.25
CA VAL C 574 6.15 -25.20 20.73
C VAL C 574 6.08 -23.92 19.91
N SER C 575 5.95 -24.08 18.59
CA SER C 575 5.73 -22.95 17.70
C SER C 575 4.25 -22.59 17.69
N ASP C 576 3.92 -21.43 17.14
CA ASP C 576 2.55 -20.92 17.22
C ASP C 576 1.56 -21.58 16.26
N PHE C 577 1.34 -22.88 16.44
CA PHE C 577 0.38 -23.66 15.64
C PHE C 577 -0.50 -24.53 16.55
N THR C 578 -1.76 -24.71 16.15
CA THR C 578 -2.67 -25.58 16.91
C THR C 578 -2.14 -27.00 16.92
N ASP C 579 -2.12 -27.60 18.11
CA ASP C 579 -1.65 -28.98 18.29
C ASP C 579 -2.81 -29.94 18.37
N SER C 580 -3.77 -29.63 19.24
CA SER C 580 -4.87 -30.54 19.51
C SER C 580 -6.10 -29.79 19.98
N VAL C 581 -7.25 -30.41 19.80
CA VAL C 581 -8.53 -29.81 20.19
C VAL C 581 -9.41 -30.77 20.95
N ARG C 582 -10.12 -30.25 21.95
CA ARG C 582 -11.12 -31.04 22.62
C ARG C 582 -12.46 -30.91 21.89
N ASP C 583 -13.07 -32.03 21.58
CA ASP C 583 -14.32 -32.07 20.85
C ASP C 583 -15.49 -31.52 21.69
N PRO C 584 -16.18 -30.48 21.20
CA PRO C 584 -17.23 -29.73 21.90
C PRO C 584 -18.45 -30.60 22.25
N LYS C 585 -18.59 -31.74 21.58
CA LYS C 585 -19.72 -32.61 21.85
C LYS C 585 -19.35 -33.73 22.83
N THR C 586 -18.30 -34.48 22.49
CA THR C 586 -17.93 -35.67 23.26
C THR C 586 -16.86 -35.44 24.32
N SER C 587 -16.20 -34.28 24.28
CA SER C 587 -15.08 -33.95 25.16
C SER C 587 -13.86 -34.86 24.99
N GLU C 588 -13.76 -35.52 23.84
CA GLU C 588 -12.57 -36.29 23.52
C GLU C 588 -11.51 -35.37 22.94
N ILE C 589 -10.25 -35.72 23.11
CA ILE C 589 -9.19 -34.86 22.58
C ILE C 589 -8.44 -35.52 21.45
N LEU C 590 -8.36 -34.81 20.33
CA LEU C 590 -7.66 -35.30 19.15
C LEU C 590 -6.56 -34.34 18.72
N ASP C 591 -5.44 -34.90 18.27
CA ASP C 591 -4.35 -34.11 17.71
C ASP C 591 -4.61 -33.82 16.25
N ILE C 592 -4.06 -32.72 15.75
CA ILE C 592 -4.22 -32.39 14.35
C ILE C 592 -2.90 -32.45 13.60
N SER C 593 -2.79 -33.40 12.69
CA SER C 593 -1.58 -33.54 11.90
C SER C 593 -1.78 -32.89 10.54
N PRO C 594 -0.72 -32.35 9.93
CA PRO C 594 -0.71 -31.79 8.61
C PRO C 594 -0.88 -32.86 7.56
N CYS C 595 -1.51 -32.50 6.45
CA CYS C 595 -1.61 -33.40 5.32
C CYS C 595 -0.31 -33.49 4.57
N SER C 596 0.10 -34.71 4.26
CA SER C 596 1.38 -34.95 3.61
C SER C 596 1.61 -34.07 2.40
N PHE C 597 2.79 -33.46 2.34
CA PHE C 597 3.20 -32.61 1.24
C PHE C 597 4.71 -32.63 1.09
N GLY C 598 5.22 -32.07 0.02
CA GLY C 598 6.67 -31.98 -0.13
C GLY C 598 7.10 -31.69 -1.55
N GLY C 599 8.39 -31.86 -1.82
CA GLY C 599 8.93 -31.65 -3.15
C GLY C 599 8.89 -32.93 -3.97
N VAL C 600 8.58 -32.80 -5.25
CA VAL C 600 8.62 -33.96 -6.14
C VAL C 600 9.60 -33.72 -7.28
N SER C 601 10.46 -34.71 -7.48
CA SER C 601 11.50 -34.63 -8.47
C SER C 601 11.45 -35.77 -9.44
N VAL C 602 12.02 -35.54 -10.62
CA VAL C 602 12.08 -36.54 -11.65
C VAL C 602 13.51 -36.93 -11.98
N ILE C 603 13.71 -38.22 -12.19
CA ILE C 603 15.02 -38.74 -12.54
C ILE C 603 15.02 -39.18 -13.98
N THR C 604 15.88 -38.57 -14.79
CA THR C 604 15.92 -38.93 -16.20
C THR C 604 17.35 -39.09 -16.73
N PRO C 605 17.52 -39.97 -17.73
CA PRO C 605 18.58 -39.97 -18.71
C PRO C 605 18.36 -38.79 -19.63
N GLY C 606 19.35 -38.45 -20.44
CA GLY C 606 19.14 -37.37 -21.38
C GLY C 606 18.08 -37.73 -22.39
N THR C 607 17.40 -36.70 -22.91
CA THR C 607 16.33 -36.89 -23.88
C THR C 607 16.86 -37.27 -25.24
N ASN C 608 18.16 -37.10 -25.41
CA ASN C 608 18.83 -37.48 -26.64
C ASN C 608 19.26 -38.94 -26.59
N ALA C 609 19.08 -39.55 -25.41
CA ALA C 609 19.44 -40.93 -25.22
C ALA C 609 18.19 -41.80 -25.15
N SER C 610 17.20 -41.36 -24.38
CA SER C 610 15.97 -42.10 -24.21
C SER C 610 14.86 -41.24 -23.62
N SER C 611 13.63 -41.75 -23.65
CA SER C 611 12.52 -41.09 -22.99
C SER C 611 11.95 -41.96 -21.90
N GLU C 612 12.33 -41.67 -20.67
CA GLU C 612 11.94 -42.44 -19.50
C GLU C 612 12.07 -41.58 -18.26
N VAL C 613 11.30 -41.89 -17.22
CA VAL C 613 11.39 -41.12 -15.99
C VAL C 613 10.96 -41.88 -14.74
N ALA C 614 11.70 -41.69 -13.66
CA ALA C 614 11.29 -42.17 -12.35
C ALA C 614 10.92 -40.96 -11.47
N VAL C 615 9.91 -41.12 -10.63
CA VAL C 615 9.44 -39.99 -9.83
C VAL C 615 9.65 -40.19 -8.33
N LEU C 616 10.33 -39.23 -7.71
CA LEU C 616 10.61 -39.29 -6.28
C LEU C 616 9.78 -38.29 -5.48
N TYR C 617 9.04 -38.81 -4.51
CA TYR C 617 8.24 -37.98 -3.60
C TYR C 617 8.94 -37.83 -2.27
N GLN C 618 9.50 -36.66 -2.03
CA GLN C 618 10.32 -36.45 -0.86
C GLN C 618 9.52 -36.64 0.42
N ASP C 619 10.11 -37.35 1.37
CA ASP C 619 9.55 -37.50 2.73
C ASP C 619 8.13 -38.08 2.79
N VAL C 620 7.80 -39.06 1.95
CA VAL C 620 6.45 -39.65 2.04
C VAL C 620 6.45 -41.16 2.04
N ASN C 621 5.66 -41.73 2.93
CA ASN C 621 5.45 -43.18 3.00
C ASN C 621 4.77 -43.67 1.72
N CYS C 622 5.42 -44.62 1.03
CA CYS C 622 4.91 -45.12 -0.27
C CYS C 622 3.51 -45.68 -0.14
N THR C 623 3.07 -46.03 1.06
CA THR C 623 1.75 -46.57 1.24
C THR C 623 0.71 -45.50 0.95
N ASP C 624 1.04 -44.25 1.29
CA ASP C 624 0.12 -43.16 1.09
C ASP C 624 0.23 -42.65 -0.32
N VAL C 625 1.42 -42.75 -0.88
CA VAL C 625 1.62 -42.32 -2.24
C VAL C 625 0.79 -43.20 -3.16
N SER C 626 0.90 -44.51 -2.96
CA SER C 626 0.17 -45.45 -3.79
C SER C 626 -1.33 -45.27 -3.63
N THR C 627 -1.78 -45.15 -2.39
CA THR C 627 -3.21 -45.03 -2.11
C THR C 627 -3.80 -43.85 -2.85
N ALA C 628 -3.12 -42.72 -2.79
CA ALA C 628 -3.63 -41.48 -3.38
C ALA C 628 -3.43 -41.42 -4.90
N ILE C 629 -2.83 -42.45 -5.49
CA ILE C 629 -2.73 -42.51 -6.94
C ILE C 629 -3.92 -43.29 -7.47
N HIS C 630 -4.21 -44.41 -6.83
CA HIS C 630 -5.36 -45.21 -7.20
C HIS C 630 -6.63 -44.45 -6.86
N ALA C 631 -6.66 -43.94 -5.63
CA ALA C 631 -7.71 -43.04 -5.19
C ALA C 631 -7.23 -41.64 -5.45
N ASP C 632 -7.36 -41.18 -6.68
CA ASP C 632 -6.68 -39.95 -7.06
C ASP C 632 -7.03 -38.81 -6.14
N GLN C 633 -6.10 -38.51 -5.24
CA GLN C 633 -6.20 -37.39 -4.33
C GLN C 633 -4.91 -36.62 -4.33
N LEU C 634 -4.25 -36.56 -5.48
CA LEU C 634 -2.97 -35.88 -5.54
C LEU C 634 -2.98 -34.64 -6.39
N THR C 635 -2.29 -33.63 -5.90
CA THR C 635 -2.05 -32.43 -6.65
C THR C 635 -0.54 -32.18 -6.71
N PRO C 636 0.00 -31.98 -7.92
CA PRO C 636 -0.60 -32.06 -9.23
C PRO C 636 -0.83 -33.50 -9.63
N ALA C 637 -1.62 -33.69 -10.68
CA ALA C 637 -1.80 -35.01 -11.27
C ALA C 637 -1.60 -34.91 -12.76
N TRP C 638 -1.10 -35.98 -13.36
CA TRP C 638 -0.83 -35.99 -14.78
C TRP C 638 -1.96 -36.58 -15.57
N ARG C 639 -2.11 -36.14 -16.81
CA ARG C 639 -3.15 -36.66 -17.68
C ARG C 639 -2.94 -38.14 -17.95
N ILE C 640 -1.69 -38.53 -18.20
CA ILE C 640 -1.37 -39.92 -18.45
C ILE C 640 -0.40 -40.45 -17.41
N TYR C 641 -0.91 -41.14 -16.40
CA TYR C 641 -0.07 -41.63 -15.32
C TYR C 641 -0.72 -42.76 -14.53
N SER C 642 0.10 -43.72 -14.13
CA SER C 642 -0.33 -44.80 -13.25
C SER C 642 0.86 -45.31 -12.46
N THR C 643 0.59 -46.11 -11.43
CA THR C 643 1.67 -46.66 -10.63
C THR C 643 1.77 -48.18 -10.82
N GLY C 644 2.98 -48.62 -11.15
CA GLY C 644 3.25 -50.03 -11.40
C GLY C 644 3.89 -50.69 -10.19
N ASN C 645 4.64 -51.76 -10.44
CA ASN C 645 5.27 -52.52 -9.36
C ASN C 645 6.57 -51.90 -8.90
N ASN C 646 7.04 -50.90 -9.62
CA ASN C 646 8.33 -50.29 -9.32
C ASN C 646 8.24 -49.28 -8.19
N VAL C 647 7.89 -49.76 -7.00
CA VAL C 647 7.74 -48.89 -5.85
C VAL C 647 8.73 -49.27 -4.75
N PHE C 648 9.61 -48.34 -4.41
CA PHE C 648 10.65 -48.59 -3.43
C PHE C 648 10.89 -47.37 -2.57
N GLN C 649 10.94 -47.55 -1.26
CA GLN C 649 11.13 -46.41 -0.38
C GLN C 649 12.50 -46.33 0.23
N THR C 650 13.03 -45.12 0.28
CA THR C 650 14.27 -44.81 0.92
C THR C 650 14.07 -43.66 1.90
N GLN C 651 15.07 -43.35 2.69
CA GLN C 651 14.97 -42.24 3.63
C GLN C 651 14.63 -40.93 2.92
N ALA C 652 15.10 -40.78 1.69
CA ALA C 652 14.84 -39.60 0.89
C ALA C 652 13.35 -39.40 0.62
N GLY C 653 12.61 -40.49 0.44
CA GLY C 653 11.21 -40.41 0.05
C GLY C 653 10.79 -41.64 -0.76
N CYS C 654 9.63 -41.55 -1.39
CA CYS C 654 9.11 -42.68 -2.14
C CYS C 654 9.46 -42.59 -3.61
N LEU C 655 10.21 -43.56 -4.09
CA LEU C 655 10.64 -43.56 -5.48
C LEU C 655 9.84 -44.53 -6.31
N ILE C 656 9.16 -44.01 -7.33
CA ILE C 656 8.35 -44.85 -8.17
C ILE C 656 8.75 -44.81 -9.64
N GLY C 657 9.03 -45.98 -10.21
CA GLY C 657 9.38 -46.10 -11.62
C GLY C 657 10.75 -46.72 -11.85
N ALA C 658 11.62 -46.64 -10.85
CA ALA C 658 12.94 -47.23 -10.96
C ALA C 658 12.89 -48.69 -10.54
N GLU C 659 13.73 -49.51 -11.15
CA GLU C 659 13.81 -50.91 -10.75
C GLU C 659 14.90 -51.11 -9.71
N HIS C 660 14.53 -51.59 -8.54
CA HIS C 660 15.50 -51.83 -7.49
C HIS C 660 16.33 -53.07 -7.74
N VAL C 661 17.63 -52.97 -7.52
CA VAL C 661 18.52 -54.10 -7.64
C VAL C 661 19.38 -54.24 -6.39
N ASP C 662 19.94 -55.43 -6.19
CA ASP C 662 20.78 -55.69 -5.03
C ASP C 662 22.27 -55.62 -5.32
N THR C 663 22.62 -55.01 -6.44
CA THR C 663 24.01 -54.82 -6.82
C THR C 663 24.45 -53.39 -6.55
N SER C 664 25.62 -53.03 -7.06
CA SER C 664 26.18 -51.71 -6.81
C SER C 664 26.98 -51.21 -7.99
N TYR C 665 27.08 -49.89 -8.10
CA TYR C 665 27.85 -49.25 -9.16
C TYR C 665 28.44 -47.95 -8.66
N GLU C 666 29.21 -47.29 -9.52
CA GLU C 666 29.65 -45.94 -9.22
C GLU C 666 28.43 -45.04 -9.28
N CYS C 667 28.25 -44.20 -8.27
CA CYS C 667 27.06 -43.36 -8.21
C CYS C 667 27.02 -42.40 -9.39
N ASP C 668 25.96 -42.49 -10.18
CA ASP C 668 25.79 -41.62 -11.33
C ASP C 668 24.90 -40.43 -10.95
N ILE C 669 23.62 -40.70 -10.69
CA ILE C 669 22.71 -39.67 -10.24
C ILE C 669 22.30 -39.93 -8.79
N PRO C 670 22.82 -39.19 -7.83
CA PRO C 670 22.64 -39.41 -6.42
C PRO C 670 21.21 -39.16 -6.01
N ILE C 671 20.71 -39.96 -5.07
CA ILE C 671 19.38 -39.77 -4.52
C ILE C 671 19.49 -39.41 -3.05
N GLY C 672 20.16 -40.26 -2.29
CA GLY C 672 20.34 -40.03 -0.86
C GLY C 672 20.47 -41.31 -0.06
N ALA C 673 21.07 -41.22 1.12
CA ALA C 673 21.21 -42.36 2.03
C ALA C 673 21.86 -43.57 1.35
N GLY C 674 22.91 -43.31 0.57
CA GLY C 674 23.66 -44.37 -0.09
C GLY C 674 23.03 -44.86 -1.38
N ILE C 675 21.88 -44.31 -1.76
CA ILE C 675 21.19 -44.73 -2.95
C ILE C 675 21.40 -43.77 -4.10
N CYS C 676 21.70 -44.36 -5.26
CA CYS C 676 21.88 -43.60 -6.49
C CYS C 676 21.07 -44.23 -7.62
N ALA C 677 20.85 -43.46 -8.66
CA ALA C 677 20.15 -43.92 -9.84
C ALA C 677 21.07 -43.94 -11.04
N SER C 678 20.78 -44.84 -11.97
CA SER C 678 21.52 -44.92 -13.24
C SER C 678 20.70 -45.64 -14.29
N TYR C 679 21.19 -45.59 -15.53
CA TYR C 679 20.51 -46.20 -16.66
C TYR C 679 21.32 -47.37 -17.20
N HIS C 680 20.81 -48.59 -17.01
CA HIS C 680 21.55 -49.80 -17.38
C HIS C 680 20.74 -50.75 -18.21
N THR C 681 21.43 -51.62 -18.94
CA THR C 681 20.77 -52.66 -19.71
C THR C 681 20.32 -53.77 -18.77
N VAL C 682 19.03 -54.08 -18.79
CA VAL C 682 18.50 -55.10 -17.91
C VAL C 682 17.51 -55.98 -18.66
N GLN C 690 17.05 -54.36 -23.11
CA GLN C 690 16.34 -53.12 -22.85
C GLN C 690 16.93 -52.36 -21.67
N LYS C 691 17.29 -51.10 -21.89
CA LYS C 691 17.80 -50.27 -20.82
C LYS C 691 16.68 -49.66 -20.00
N SER C 692 16.94 -49.44 -18.72
CA SER C 692 15.96 -48.84 -17.84
C SER C 692 16.62 -48.19 -16.63
N ILE C 693 15.84 -47.37 -15.92
CA ILE C 693 16.32 -46.71 -14.73
C ILE C 693 16.31 -47.69 -13.56
N VAL C 694 17.44 -47.81 -12.88
CA VAL C 694 17.54 -48.71 -11.77
C VAL C 694 18.00 -48.00 -10.50
N ALA C 695 17.63 -48.57 -9.37
CA ALA C 695 18.02 -48.04 -8.06
C ALA C 695 18.97 -49.00 -7.37
N TYR C 696 20.11 -48.48 -6.92
CA TYR C 696 21.12 -49.33 -6.33
C TYR C 696 21.87 -48.61 -5.21
N THR C 697 22.56 -49.40 -4.39
CA THR C 697 23.42 -48.85 -3.37
C THR C 697 24.78 -48.59 -3.97
N MET C 698 25.26 -47.37 -3.83
CA MET C 698 26.51 -46.97 -4.46
C MET C 698 27.71 -47.68 -3.86
N SER C 699 28.70 -47.95 -4.70
CA SER C 699 29.97 -48.48 -4.26
C SER C 699 30.80 -47.37 -3.61
N LEU C 700 31.54 -47.71 -2.55
CA LEU C 700 32.38 -46.72 -1.88
C LEU C 700 33.73 -46.55 -2.58
N GLY C 701 34.22 -47.63 -3.17
CA GLY C 701 35.53 -47.64 -3.80
C GLY C 701 35.93 -49.07 -4.13
N ALA C 702 37.10 -49.22 -4.74
CA ALA C 702 37.58 -50.56 -5.13
C ALA C 702 37.80 -51.41 -3.91
N ASP C 703 37.55 -52.70 -4.04
CA ASP C 703 37.76 -53.64 -2.94
C ASP C 703 39.14 -54.28 -3.02
N SER C 704 40.07 -53.86 -2.14
CA SER C 704 41.42 -54.39 -2.20
C SER C 704 41.99 -54.69 -0.82
N SER C 705 43.25 -55.11 -0.80
CA SER C 705 43.94 -55.49 0.43
C SER C 705 45.42 -55.69 0.16
N ILE C 706 46.25 -55.37 1.13
CA ILE C 706 47.68 -55.63 0.99
C ILE C 706 48.20 -56.41 2.18
N ALA C 707 49.33 -57.06 1.99
CA ALA C 707 49.99 -57.79 3.06
C ALA C 707 50.81 -56.85 3.91
N TYR C 708 51.06 -57.25 5.14
CA TYR C 708 51.96 -56.51 6.02
C TYR C 708 52.97 -57.48 6.58
N SER C 709 54.10 -56.97 7.02
CA SER C 709 55.12 -57.81 7.60
C SER C 709 56.05 -57.01 8.47
N ASN C 710 56.96 -57.71 9.10
CA ASN C 710 58.00 -57.08 9.90
C ASN C 710 59.37 -57.29 9.25
N ASN C 711 59.37 -57.88 8.06
CA ASN C 711 60.64 -58.21 7.42
C ASN C 711 60.68 -58.09 5.89
N THR C 712 59.63 -57.55 5.27
CA THR C 712 59.68 -57.36 3.81
C THR C 712 59.34 -55.94 3.42
N ILE C 713 59.56 -55.62 2.15
CA ILE C 713 59.24 -54.30 1.64
C ILE C 713 58.93 -54.35 0.14
N ALA C 714 57.96 -53.54 -0.29
CA ALA C 714 57.66 -53.42 -1.71
C ALA C 714 58.35 -52.19 -2.31
N ILE C 715 59.10 -52.42 -3.38
CA ILE C 715 59.79 -51.33 -4.05
C ILE C 715 59.51 -51.37 -5.56
N PRO C 716 59.06 -50.26 -6.17
CA PRO C 716 58.85 -50.10 -7.60
C PRO C 716 60.12 -50.40 -8.36
N THR C 717 60.01 -51.08 -9.50
CA THR C 717 61.19 -51.37 -10.31
C THR C 717 60.96 -50.85 -11.71
N ASN C 718 60.14 -49.83 -11.80
CA ASN C 718 59.83 -49.11 -13.03
C ASN C 718 58.98 -47.90 -12.70
N PHE C 719 58.80 -47.02 -13.66
CA PHE C 719 57.93 -45.86 -13.49
C PHE C 719 57.50 -45.31 -14.82
N SER C 720 56.56 -44.39 -14.78
CA SER C 720 56.10 -43.72 -15.98
C SER C 720 55.81 -42.25 -15.71
N ILE C 721 55.80 -41.48 -16.77
CA ILE C 721 55.46 -40.08 -16.68
C ILE C 721 54.11 -39.84 -17.34
N SER C 722 53.24 -39.12 -16.66
CA SER C 722 51.92 -38.85 -17.19
C SER C 722 51.53 -37.40 -16.97
N ILE C 723 50.57 -36.93 -17.75
CA ILE C 723 50.13 -35.55 -17.63
C ILE C 723 48.64 -35.46 -17.41
N THR C 724 48.25 -34.71 -16.38
CA THR C 724 46.84 -34.49 -16.08
C THR C 724 46.51 -33.02 -16.24
N THR C 725 45.24 -32.68 -16.19
CA THR C 725 44.85 -31.29 -16.39
C THR C 725 44.01 -30.75 -15.26
N GLU C 726 44.02 -29.44 -15.12
CA GLU C 726 43.21 -28.74 -14.12
C GLU C 726 42.71 -27.41 -14.65
N VAL C 727 41.45 -27.10 -14.38
CA VAL C 727 40.88 -25.82 -14.80
C VAL C 727 40.21 -25.06 -13.67
N MET C 728 40.47 -23.76 -13.61
CA MET C 728 39.81 -22.89 -12.66
C MET C 728 39.35 -21.61 -13.36
N PRO C 729 38.16 -21.09 -13.05
CA PRO C 729 37.66 -19.80 -13.47
C PRO C 729 38.33 -18.74 -12.65
N VAL C 730 38.62 -17.58 -13.25
CA VAL C 730 39.17 -16.50 -12.43
C VAL C 730 38.55 -15.15 -12.77
N SER C 731 37.29 -15.15 -13.20
CA SER C 731 36.60 -13.90 -13.54
C SER C 731 35.14 -14.12 -13.88
N MET C 732 34.39 -13.03 -13.89
CA MET C 732 33.04 -13.03 -14.45
C MET C 732 32.80 -11.75 -15.23
N ALA C 733 31.73 -11.72 -16.01
CA ALA C 733 31.42 -10.58 -16.86
C ALA C 733 31.34 -9.29 -16.06
N LYS C 734 31.92 -8.24 -16.62
CA LYS C 734 31.88 -6.93 -16.01
C LYS C 734 30.57 -6.26 -16.33
N THR C 735 29.52 -6.68 -15.63
CA THR C 735 28.20 -6.21 -15.96
C THR C 735 27.97 -4.80 -15.46
N SER C 736 26.95 -4.16 -16.01
CA SER C 736 26.53 -2.82 -15.59
C SER C 736 25.05 -2.62 -15.86
N VAL C 737 24.37 -1.95 -14.94
CA VAL C 737 22.95 -1.70 -15.08
C VAL C 737 22.62 -0.25 -14.86
N ASP C 738 21.84 0.33 -15.78
CA ASP C 738 21.41 1.70 -15.59
C ASP C 738 20.21 1.72 -14.69
N CYS C 739 20.42 2.17 -13.45
CA CYS C 739 19.41 2.07 -12.42
C CYS C 739 18.21 2.95 -12.73
N ASN C 740 18.40 4.01 -13.51
CA ASN C 740 17.30 4.86 -13.88
C ASN C 740 16.44 4.14 -14.89
N MET C 741 17.07 3.70 -15.97
CA MET C 741 16.33 3.11 -17.07
C MET C 741 15.64 1.81 -16.68
N TYR C 742 16.24 1.08 -15.73
CA TYR C 742 15.64 -0.18 -15.26
C TYR C 742 14.35 0.06 -14.49
N ILE C 743 14.41 0.91 -13.46
CA ILE C 743 13.23 1.18 -12.64
C ILE C 743 12.13 1.86 -13.41
N CYS C 744 12.49 2.88 -14.19
CA CYS C 744 11.49 3.65 -14.90
C CYS C 744 12.06 4.44 -16.06
N GLY C 745 11.49 4.31 -17.23
CA GLY C 745 11.88 5.09 -18.39
C GLY C 745 10.64 5.53 -19.18
N ASP C 746 10.85 6.23 -20.28
CA ASP C 746 9.76 6.72 -21.13
C ASP C 746 8.74 7.56 -20.37
N SER C 747 9.20 8.29 -19.36
CA SER C 747 8.30 9.15 -18.60
C SER C 747 9.06 10.17 -17.78
N THR C 748 8.60 11.41 -17.82
CA THR C 748 9.21 12.47 -17.04
C THR C 748 8.43 12.70 -15.76
N GLU C 749 7.22 12.15 -15.71
CA GLU C 749 6.36 12.26 -14.55
C GLU C 749 6.81 11.26 -13.50
N CYS C 750 7.06 10.06 -13.97
CA CYS C 750 7.53 8.96 -13.14
C CYS C 750 8.82 9.30 -12.46
N ALA C 751 9.69 9.92 -13.21
CA ALA C 751 11.03 10.21 -12.77
C ALA C 751 11.03 11.09 -11.52
N ASN C 752 9.96 11.87 -11.35
CA ASN C 752 9.86 12.80 -10.24
C ASN C 752 9.71 12.04 -8.93
N LEU C 753 9.27 10.79 -9.01
CA LEU C 753 9.08 9.98 -7.81
C LEU C 753 10.38 9.34 -7.39
N LEU C 754 11.24 9.03 -8.36
CA LEU C 754 12.50 8.38 -8.04
C LEU C 754 13.36 9.31 -7.18
N LEU C 755 13.25 10.60 -7.47
CA LEU C 755 14.03 11.62 -6.78
C LEU C 755 13.76 11.66 -5.26
N GLN C 756 12.66 11.07 -4.83
CA GLN C 756 12.30 11.12 -3.41
C GLN C 756 13.12 10.09 -2.63
N TYR C 757 13.90 9.30 -3.36
CA TYR C 757 14.78 8.30 -2.78
C TYR C 757 16.23 8.77 -2.85
N GLY C 758 16.43 10.04 -3.22
CA GLY C 758 17.74 10.67 -3.18
C GLY C 758 18.82 10.00 -4.03
N SER C 759 19.91 9.63 -3.36
CA SER C 759 21.10 9.06 -4.00
C SER C 759 21.10 7.55 -4.07
N PHE C 760 19.98 6.92 -3.76
CA PHE C 760 19.91 5.46 -3.83
C PHE C 760 20.43 4.95 -5.16
N CYS C 761 19.98 5.56 -6.24
CA CYS C 761 20.32 5.11 -7.58
C CYS C 761 21.85 5.17 -7.75
N THR C 762 22.45 6.23 -7.20
CA THR C 762 23.88 6.43 -7.32
C THR C 762 24.70 5.36 -6.61
N GLN C 763 24.38 5.08 -5.35
CA GLN C 763 25.18 4.12 -4.60
C GLN C 763 25.02 2.72 -5.17
N LEU C 764 23.86 2.44 -5.74
CA LEU C 764 23.65 1.16 -6.39
C LEU C 764 24.62 1.03 -7.57
N ASN C 765 24.70 2.07 -8.39
CA ASN C 765 25.62 2.07 -9.51
C ASN C 765 27.07 1.89 -9.03
N ARG C 766 27.42 2.55 -7.94
CA ARG C 766 28.77 2.50 -7.41
C ARG C 766 29.19 1.07 -7.14
N ALA C 767 28.29 0.32 -6.50
CA ALA C 767 28.57 -1.06 -6.12
C ALA C 767 28.89 -1.94 -7.30
N LEU C 768 28.13 -1.81 -8.38
CA LEU C 768 28.36 -2.66 -9.55
C LEU C 768 29.72 -2.36 -10.16
N SER C 769 30.08 -1.08 -10.20
CA SER C 769 31.38 -0.67 -10.72
C SER C 769 32.50 -1.30 -9.91
N GLY C 770 32.37 -1.26 -8.59
CA GLY C 770 33.36 -1.85 -7.70
C GLY C 770 33.66 -3.30 -8.08
N ILE C 771 32.62 -4.07 -8.31
CA ILE C 771 32.82 -5.47 -8.68
C ILE C 771 33.59 -5.59 -9.98
N ALA C 772 33.21 -4.82 -10.98
CA ALA C 772 33.88 -4.91 -12.26
C ALA C 772 35.37 -4.64 -12.10
N ALA C 773 35.72 -3.68 -11.25
CA ALA C 773 37.11 -3.35 -11.01
C ALA C 773 37.86 -4.55 -10.45
N GLU C 774 37.20 -5.30 -9.58
CA GLU C 774 37.83 -6.46 -8.97
C GLU C 774 38.12 -7.53 -10.00
N GLN C 775 37.24 -7.64 -11.00
CA GLN C 775 37.43 -8.67 -12.02
C GLN C 775 38.74 -8.41 -12.76
N ASP C 776 39.04 -7.14 -12.98
CA ASP C 776 40.28 -6.78 -13.63
C ASP C 776 41.47 -7.21 -12.78
N ARG C 777 41.41 -6.89 -11.50
CA ARG C 777 42.50 -7.23 -10.60
C ARG C 777 42.76 -8.71 -10.59
N ASN C 778 41.70 -9.50 -10.52
CA ASN C 778 41.86 -10.95 -10.45
C ASN C 778 42.68 -11.44 -11.62
N THR C 779 42.33 -10.99 -12.81
CA THR C 779 43.03 -11.43 -14.01
C THR C 779 44.49 -11.03 -13.98
N ARG C 780 44.77 -9.78 -13.69
CA ARG C 780 46.14 -9.31 -13.73
C ARG C 780 47.03 -10.04 -12.74
N GLU C 781 46.55 -10.22 -11.52
CA GLU C 781 47.35 -10.88 -10.50
C GLU C 781 47.75 -12.29 -10.93
N VAL C 782 46.81 -13.04 -11.47
CA VAL C 782 47.09 -14.41 -11.85
C VAL C 782 48.10 -14.52 -12.97
N PHE C 783 47.93 -13.73 -14.03
CA PHE C 783 48.76 -13.85 -15.21
C PHE C 783 50.07 -13.07 -15.21
N ALA C 784 50.06 -11.85 -14.72
CA ALA C 784 51.24 -11.00 -14.81
C ALA C 784 52.27 -11.32 -13.73
N GLN C 785 52.83 -12.53 -13.79
CA GLN C 785 53.81 -12.98 -12.82
C GLN C 785 55.25 -12.82 -13.32
N VAL C 786 55.40 -12.33 -14.53
CA VAL C 786 56.73 -12.13 -15.10
C VAL C 786 56.92 -10.67 -15.51
N LYS C 787 58.07 -10.10 -15.15
CA LYS C 787 58.38 -8.71 -15.45
C LYS C 787 58.57 -8.46 -16.95
N GLN C 788 59.27 -9.37 -17.60
CA GLN C 788 59.56 -9.23 -19.01
C GLN C 788 58.80 -10.24 -19.84
N MET C 789 58.55 -9.90 -21.09
CA MET C 789 57.95 -10.81 -22.03
C MET C 789 59.04 -11.53 -22.79
N TYR C 790 58.78 -12.79 -23.12
CA TYR C 790 59.71 -13.56 -23.90
C TYR C 790 59.10 -13.94 -25.23
N LYS C 791 59.94 -14.18 -26.22
CA LYS C 791 59.47 -14.61 -27.51
C LYS C 791 59.74 -16.08 -27.67
N THR C 792 58.97 -16.73 -28.52
CA THR C 792 59.10 -18.15 -28.72
C THR C 792 60.32 -18.47 -29.60
N PRO C 793 61.18 -19.40 -29.16
CA PRO C 793 62.32 -19.94 -29.88
C PRO C 793 61.89 -20.63 -31.17
N THR C 794 62.81 -20.67 -32.12
CA THR C 794 62.60 -21.40 -33.37
C THR C 794 62.48 -22.89 -33.11
N LEU C 795 63.36 -23.39 -32.24
CA LEU C 795 63.35 -24.80 -31.90
C LEU C 795 62.19 -25.13 -31.00
N LYS C 796 61.52 -26.22 -31.31
CA LYS C 796 60.43 -26.74 -30.48
C LYS C 796 60.81 -28.12 -29.94
N TYR C 797 62.01 -28.55 -30.30
CA TYR C 797 62.50 -29.88 -29.99
C TYR C 797 63.68 -29.80 -29.06
N PHE C 798 63.50 -30.20 -27.81
CA PHE C 798 64.57 -30.07 -26.83
C PHE C 798 64.84 -31.35 -26.09
N GLY C 799 65.96 -32.00 -26.41
CA GLY C 799 66.34 -33.21 -25.72
C GLY C 799 65.45 -34.38 -26.09
N GLY C 800 64.68 -34.22 -27.15
CA GLY C 800 63.72 -35.23 -27.57
C GLY C 800 62.29 -34.85 -27.23
N PHE C 801 62.14 -33.81 -26.41
CA PHE C 801 60.82 -33.37 -25.99
C PHE C 801 60.19 -32.41 -26.98
N ASN C 802 58.95 -32.72 -27.37
CA ASN C 802 58.20 -31.96 -28.36
C ASN C 802 57.22 -30.99 -27.71
N PHE C 803 57.50 -29.69 -27.82
CA PHE C 803 56.66 -28.68 -27.17
C PHE C 803 55.85 -27.85 -28.15
N SER C 804 55.79 -28.28 -29.41
CA SER C 804 55.15 -27.50 -30.46
C SER C 804 53.65 -27.31 -30.27
N GLN C 805 53.03 -28.14 -29.47
CA GLN C 805 51.59 -28.08 -29.29
C GLN C 805 51.20 -27.13 -28.16
N ILE C 806 52.17 -26.83 -27.31
CA ILE C 806 51.96 -26.00 -26.12
C ILE C 806 52.28 -24.55 -26.45
N LEU C 807 53.34 -24.36 -27.22
CA LEU C 807 53.77 -23.06 -27.67
C LEU C 807 52.94 -22.60 -28.87
N PRO C 808 52.79 -21.30 -29.07
CA PRO C 808 52.21 -20.68 -30.24
C PRO C 808 53.14 -20.85 -31.41
N ASP C 809 52.59 -20.88 -32.62
CA ASP C 809 53.39 -21.00 -33.82
C ASP C 809 53.20 -19.79 -34.74
N PRO C 810 54.19 -18.87 -34.78
CA PRO C 810 54.19 -17.62 -35.54
C PRO C 810 53.92 -17.85 -37.02
N LEU C 811 54.14 -19.07 -37.49
CA LEU C 811 53.88 -19.40 -38.87
C LEU C 811 52.48 -18.97 -39.28
N LYS C 812 51.51 -19.20 -38.39
CA LYS C 812 50.13 -18.90 -38.71
C LYS C 812 49.70 -17.56 -38.10
N PRO C 813 48.71 -16.88 -38.71
CA PRO C 813 48.09 -15.63 -38.27
C PRO C 813 47.63 -15.62 -36.81
N THR C 814 47.23 -16.77 -36.28
CA THR C 814 46.74 -16.82 -34.90
C THR C 814 47.89 -16.99 -33.92
N LYS C 815 48.02 -16.04 -33.00
CA LYS C 815 49.10 -16.08 -32.02
C LYS C 815 48.71 -16.88 -30.79
N ARG C 816 48.42 -18.16 -31.01
CA ARG C 816 48.01 -19.05 -29.93
C ARG C 816 48.54 -20.46 -30.18
N SER C 817 48.55 -21.27 -29.14
CA SER C 817 48.94 -22.67 -29.30
C SER C 817 47.77 -23.45 -29.86
N PHE C 818 48.04 -24.65 -30.38
CA PHE C 818 46.96 -25.50 -30.85
C PHE C 818 46.09 -25.93 -29.69
N ILE C 819 46.71 -26.24 -28.56
CA ILE C 819 45.95 -26.63 -27.38
C ILE C 819 45.02 -25.50 -26.95
N GLU C 820 45.53 -24.27 -26.91
CA GLU C 820 44.71 -23.14 -26.50
C GLU C 820 43.50 -22.97 -27.42
N ASP C 821 43.70 -23.04 -28.73
CA ASP C 821 42.58 -22.86 -29.63
C ASP C 821 41.51 -23.89 -29.36
N LEU C 822 41.95 -25.12 -29.12
CA LEU C 822 41.02 -26.19 -28.83
C LEU C 822 40.21 -25.88 -27.58
N LEU C 823 40.89 -25.40 -26.53
CA LEU C 823 40.20 -25.08 -25.29
C LEU C 823 39.15 -23.99 -25.49
N PHE C 824 39.50 -22.96 -26.25
CA PHE C 824 38.55 -21.87 -26.48
C PHE C 824 37.34 -22.34 -27.28
N ASN C 825 37.55 -23.30 -28.16
CA ASN C 825 36.48 -23.82 -29.01
C ASN C 825 35.46 -24.63 -28.22
N LYS C 826 35.77 -24.97 -26.96
CA LYS C 826 34.85 -25.78 -26.17
C LYS C 826 33.92 -24.94 -25.32
N VAL C 827 34.05 -23.63 -25.37
CA VAL C 827 33.21 -22.76 -24.56
C VAL C 827 32.59 -21.65 -25.41
N TYR C 838 21.28 -7.97 -23.24
CA TYR C 838 22.10 -6.85 -22.77
C TYR C 838 22.84 -6.20 -23.93
N GLY C 839 23.24 -4.94 -23.76
CA GLY C 839 24.00 -4.22 -24.78
C GLY C 839 25.47 -4.64 -24.80
N GLU C 840 26.08 -4.57 -25.99
CA GLU C 840 27.46 -4.98 -26.19
C GLU C 840 27.99 -4.33 -27.47
N CYS C 841 29.26 -4.58 -27.79
CA CYS C 841 29.83 -4.11 -29.04
C CYS C 841 31.04 -4.94 -29.44
N LEU C 842 31.05 -5.38 -30.70
CA LEU C 842 32.12 -6.24 -31.19
C LEU C 842 32.98 -5.54 -32.24
N ILE C 851 30.43 -3.93 -34.94
CA ILE C 851 29.32 -3.02 -34.71
C ILE C 851 28.78 -3.11 -33.30
N CYS C 852 28.14 -2.04 -32.85
CA CYS C 852 27.60 -1.95 -31.50
C CYS C 852 26.09 -2.16 -31.50
N ALA C 853 25.55 -2.60 -30.36
CA ALA C 853 24.10 -2.76 -30.23
C ALA C 853 23.66 -2.55 -28.77
N GLN C 854 22.43 -2.10 -28.60
CA GLN C 854 21.90 -1.80 -27.27
C GLN C 854 20.49 -2.36 -27.09
N LYS C 855 20.22 -2.87 -25.88
CA LYS C 855 18.89 -3.37 -25.55
C LYS C 855 18.04 -2.36 -24.79
N PHE C 856 16.77 -2.72 -24.63
CA PHE C 856 15.79 -1.88 -23.95
C PHE C 856 15.75 -2.14 -22.44
N ASN C 857 16.48 -3.16 -22.00
CA ASN C 857 16.38 -3.62 -20.62
C ASN C 857 17.30 -2.87 -19.64
N GLY C 858 18.09 -1.93 -20.14
CA GLY C 858 18.97 -1.13 -19.28
C GLY C 858 20.26 -1.86 -18.91
N LEU C 859 20.47 -3.04 -19.48
CA LEU C 859 21.64 -3.85 -19.17
C LEU C 859 22.71 -3.73 -20.23
N THR C 860 23.96 -3.85 -19.81
CA THR C 860 25.10 -3.91 -20.73
C THR C 860 26.30 -4.54 -20.07
N VAL C 861 27.22 -5.04 -20.88
CA VAL C 861 28.44 -5.64 -20.35
C VAL C 861 29.70 -4.97 -20.89
N LEU C 862 30.57 -4.57 -19.98
CA LEU C 862 31.82 -3.91 -20.32
C LEU C 862 32.90 -4.92 -20.72
N PRO C 863 33.82 -4.53 -21.60
CA PRO C 863 34.99 -5.29 -21.99
C PRO C 863 36.05 -5.25 -20.90
N PRO C 864 36.92 -6.26 -20.83
CA PRO C 864 38.09 -6.35 -19.99
C PRO C 864 39.20 -5.46 -20.52
N LEU C 865 40.14 -5.12 -19.65
CA LEU C 865 41.34 -4.41 -20.07
C LEU C 865 42.22 -5.30 -20.93
N LEU C 866 42.38 -6.55 -20.52
CA LEU C 866 43.25 -7.47 -21.23
C LEU C 866 42.45 -8.44 -22.08
N THR C 867 42.69 -8.38 -23.39
CA THR C 867 42.00 -9.25 -24.33
C THR C 867 42.64 -10.63 -24.33
N ASP C 868 41.96 -11.60 -24.95
CA ASP C 868 42.45 -12.97 -24.95
C ASP C 868 43.86 -13.09 -25.55
N ASP C 869 44.14 -12.32 -26.58
CA ASP C 869 45.44 -12.39 -27.23
C ASP C 869 46.53 -11.87 -26.32
N MET C 870 46.20 -10.85 -25.53
CA MET C 870 47.15 -10.29 -24.58
C MET C 870 47.46 -11.33 -23.52
N ILE C 871 46.43 -12.05 -23.10
CA ILE C 871 46.63 -13.11 -22.14
C ILE C 871 47.48 -14.20 -22.75
N ALA C 872 47.20 -14.56 -24.00
CA ALA C 872 47.97 -15.58 -24.66
C ALA C 872 49.44 -15.21 -24.67
N ALA C 873 49.71 -13.93 -24.87
CA ALA C 873 51.08 -13.46 -24.86
C ALA C 873 51.75 -13.76 -23.52
N TYR C 874 51.00 -13.62 -22.43
CA TYR C 874 51.56 -13.89 -21.11
C TYR C 874 51.81 -15.36 -20.90
N THR C 875 50.83 -16.19 -21.27
CA THR C 875 50.98 -17.61 -21.04
C THR C 875 52.09 -18.14 -21.91
N ALA C 876 52.19 -17.63 -23.13
CA ALA C 876 53.25 -18.02 -24.03
C ALA C 876 54.59 -17.61 -23.47
N ALA C 877 54.68 -16.38 -22.94
CA ALA C 877 55.92 -15.89 -22.38
C ALA C 877 56.36 -16.75 -21.21
N LEU C 878 55.41 -17.17 -20.37
CA LEU C 878 55.76 -17.99 -19.22
C LEU C 878 56.31 -19.33 -19.65
N VAL C 879 55.68 -19.98 -20.62
CA VAL C 879 56.16 -21.27 -21.07
C VAL C 879 57.51 -21.13 -21.74
N SER C 880 57.60 -20.17 -22.64
CA SER C 880 58.83 -19.93 -23.37
C SER C 880 59.95 -19.59 -22.42
N GLY C 881 59.66 -18.71 -21.46
CA GLY C 881 60.62 -18.29 -20.48
C GLY C 881 61.13 -19.46 -19.65
N THR C 882 60.20 -20.15 -18.96
CA THR C 882 60.59 -21.23 -18.07
C THR C 882 61.29 -22.34 -18.81
N ALA C 883 60.94 -22.54 -20.07
CA ALA C 883 61.56 -23.59 -20.87
C ALA C 883 63.08 -23.47 -20.89
N THR C 884 63.61 -22.24 -20.83
CA THR C 884 65.05 -22.03 -20.88
C THR C 884 65.63 -21.51 -19.56
N ALA C 885 64.85 -20.70 -18.85
CA ALA C 885 65.31 -20.08 -17.61
C ALA C 885 65.23 -21.03 -16.42
N GLY C 886 64.34 -22.02 -16.51
CA GLY C 886 64.21 -23.01 -15.47
C GLY C 886 63.96 -22.42 -14.09
N TRP C 887 64.80 -22.83 -13.16
CA TRP C 887 64.69 -22.49 -11.74
C TRP C 887 64.81 -21.03 -11.39
N THR C 888 65.49 -20.24 -12.21
CA THR C 888 65.70 -18.85 -11.83
C THR C 888 64.72 -17.94 -12.54
N PHE C 889 63.81 -18.52 -13.30
CA PHE C 889 62.89 -17.74 -14.09
C PHE C 889 62.23 -16.62 -13.28
N GLY C 890 61.65 -16.98 -12.14
CA GLY C 890 60.98 -15.99 -11.31
C GLY C 890 61.90 -15.39 -10.25
N ALA C 891 62.90 -16.17 -9.83
CA ALA C 891 63.81 -15.76 -8.77
C ALA C 891 64.62 -14.51 -9.12
N GLY C 892 65.02 -14.39 -10.38
CA GLY C 892 65.88 -13.28 -10.79
C GLY C 892 66.12 -13.29 -12.29
N ALA C 893 67.36 -13.01 -12.68
CA ALA C 893 67.70 -13.00 -14.10
C ALA C 893 67.44 -14.38 -14.70
N ALA C 894 67.01 -14.38 -15.96
CA ALA C 894 66.76 -15.65 -16.64
C ALA C 894 68.07 -16.26 -17.10
N LEU C 895 68.47 -17.34 -16.47
CA LEU C 895 69.74 -17.96 -16.75
C LEU C 895 69.57 -19.24 -17.52
N GLN C 896 70.20 -19.31 -18.68
CA GLN C 896 70.07 -20.50 -19.51
C GLN C 896 70.51 -21.76 -18.82
N ILE C 897 69.62 -22.74 -18.82
CA ILE C 897 69.92 -24.08 -18.37
C ILE C 897 69.42 -25.05 -19.44
N PRO C 898 70.27 -25.94 -19.98
CA PRO C 898 69.90 -26.93 -20.97
C PRO C 898 68.69 -27.69 -20.47
N PHE C 899 67.72 -27.90 -21.34
CA PHE C 899 66.48 -28.55 -20.90
C PHE C 899 66.76 -29.81 -20.09
N ALA C 900 67.69 -30.63 -20.56
CA ALA C 900 68.00 -31.89 -19.91
C ALA C 900 68.50 -31.66 -18.49
N MET C 901 69.18 -30.55 -18.27
CA MET C 901 69.75 -30.26 -16.96
C MET C 901 68.66 -29.80 -16.02
N GLN C 902 67.63 -29.16 -16.56
CA GLN C 902 66.51 -28.72 -15.75
C GLN C 902 65.77 -29.94 -15.24
N MET C 903 65.57 -30.89 -16.14
CA MET C 903 64.87 -32.11 -15.79
C MET C 903 65.65 -32.91 -14.78
N ALA C 904 66.94 -33.06 -15.01
CA ALA C 904 67.78 -33.83 -14.10
C ALA C 904 67.71 -33.26 -12.70
N TYR C 905 67.76 -31.94 -12.59
CA TYR C 905 67.72 -31.30 -11.30
C TYR C 905 66.40 -31.63 -10.60
N ARG C 906 65.29 -31.49 -11.32
CA ARG C 906 63.99 -31.73 -10.73
C ARG C 906 63.77 -33.20 -10.35
N PHE C 907 64.33 -34.13 -11.12
CA PHE C 907 64.26 -35.54 -10.74
C PHE C 907 64.96 -35.77 -9.42
N ASN C 908 66.15 -35.18 -9.28
CA ASN C 908 66.90 -35.28 -8.05
C ASN C 908 66.10 -34.64 -6.91
N GLY C 909 65.39 -33.58 -7.24
CA GLY C 909 64.53 -32.89 -6.29
C GLY C 909 63.54 -33.85 -5.67
N ILE C 910 62.82 -34.59 -6.51
CA ILE C 910 61.86 -35.58 -6.04
C ILE C 910 62.54 -36.67 -5.25
N GLY C 911 63.71 -37.10 -5.70
CA GLY C 911 64.46 -38.12 -4.98
C GLY C 911 64.92 -39.25 -5.89
N VAL C 912 65.05 -38.95 -7.16
CA VAL C 912 65.52 -39.94 -8.11
C VAL C 912 66.88 -39.53 -8.68
N THR C 913 67.87 -40.39 -8.51
CA THR C 913 69.22 -40.09 -8.96
C THR C 913 69.17 -39.74 -10.43
N GLN C 914 69.83 -38.65 -10.80
CA GLN C 914 69.74 -38.15 -12.18
C GLN C 914 70.18 -39.19 -13.19
N ASN C 915 70.97 -40.15 -12.73
CA ASN C 915 71.45 -41.21 -13.58
C ASN C 915 70.29 -41.92 -14.26
N VAL C 916 69.18 -42.06 -13.54
CA VAL C 916 68.04 -42.78 -14.07
C VAL C 916 67.48 -42.04 -15.27
N LEU C 917 67.33 -40.73 -15.12
CA LEU C 917 66.82 -39.91 -16.20
C LEU C 917 67.70 -40.02 -17.42
N TYR C 918 68.99 -39.88 -17.24
CA TYR C 918 69.88 -39.90 -18.37
C TYR C 918 69.82 -41.25 -19.09
N GLU C 919 69.82 -42.34 -18.32
CA GLU C 919 69.76 -43.67 -18.93
C GLU C 919 68.51 -43.84 -19.75
N ASN C 920 67.41 -43.29 -19.25
CA ASN C 920 66.12 -43.44 -19.90
C ASN C 920 65.66 -42.17 -20.59
N GLN C 921 66.58 -41.26 -20.89
CA GLN C 921 66.17 -39.99 -21.48
C GLN C 921 65.25 -40.17 -22.67
N LYS C 922 65.62 -41.09 -23.56
CA LYS C 922 64.82 -41.34 -24.75
C LYS C 922 63.42 -41.78 -24.39
N GLN C 923 63.32 -42.73 -23.47
CA GLN C 923 62.05 -43.25 -23.02
C GLN C 923 61.18 -42.19 -22.38
N ILE C 924 61.80 -41.30 -21.62
CA ILE C 924 61.05 -40.25 -20.95
C ILE C 924 60.49 -39.27 -21.96
N ALA C 925 61.31 -38.87 -22.92
CA ALA C 925 60.86 -37.95 -23.94
C ALA C 925 59.69 -38.53 -24.71
N ASN C 926 59.76 -39.83 -25.00
CA ASN C 926 58.70 -40.47 -25.74
C ASN C 926 57.39 -40.44 -24.98
N GLN C 927 57.44 -40.77 -23.68
CA GLN C 927 56.24 -40.77 -22.88
C GLN C 927 55.63 -39.38 -22.78
N PHE C 928 56.49 -38.38 -22.62
CA PHE C 928 56.00 -37.01 -22.55
C PHE C 928 55.26 -36.66 -23.82
N ASN C 929 55.89 -36.91 -24.96
CA ASN C 929 55.31 -36.55 -26.23
C ASN C 929 53.98 -37.25 -26.44
N LYS C 930 53.93 -38.53 -26.07
CA LYS C 930 52.72 -39.32 -26.20
C LYS C 930 51.59 -38.72 -25.38
N ALA C 931 51.90 -38.36 -24.14
CA ALA C 931 50.89 -37.80 -23.24
C ALA C 931 50.27 -36.56 -23.82
N ILE C 932 51.06 -35.74 -24.49
CA ILE C 932 50.51 -34.52 -25.05
C ILE C 932 49.50 -34.84 -26.12
N SER C 933 49.84 -35.78 -27.00
CA SER C 933 48.92 -36.16 -28.05
C SER C 933 47.64 -36.72 -27.43
N GLN C 934 47.81 -37.49 -26.35
CA GLN C 934 46.68 -38.08 -25.64
C GLN C 934 45.72 -37.01 -25.16
N ILE C 935 46.26 -35.95 -24.56
CA ILE C 935 45.43 -34.87 -24.05
C ILE C 935 44.66 -34.20 -25.15
N GLN C 936 45.32 -33.94 -26.26
CA GLN C 936 44.64 -33.28 -27.37
C GLN C 936 43.40 -34.04 -27.80
N GLU C 937 43.52 -35.36 -27.97
CA GLU C 937 42.37 -36.14 -28.38
C GLU C 937 41.31 -36.14 -27.28
N SER C 938 41.75 -36.25 -26.04
CA SER C 938 40.83 -36.30 -24.91
C SER C 938 39.96 -35.06 -24.88
N LEU C 939 40.59 -33.90 -25.02
CA LEU C 939 39.85 -32.65 -25.03
C LEU C 939 38.97 -32.54 -26.25
N THR C 940 39.49 -32.92 -27.40
CA THR C 940 38.78 -32.78 -28.65
C THR C 940 37.45 -33.51 -28.66
N THR C 941 37.46 -34.75 -28.18
CA THR C 941 36.28 -35.59 -28.26
C THR C 941 35.43 -35.63 -27.00
N THR C 942 35.69 -34.74 -26.04
CA THR C 942 34.89 -34.76 -24.83
C THR C 942 33.91 -33.63 -24.77
N SER C 943 33.12 -33.62 -23.71
CA SER C 943 32.10 -32.61 -23.48
C SER C 943 32.05 -32.16 -22.03
N THR C 944 33.01 -32.63 -21.24
CA THR C 944 33.04 -32.28 -19.82
C THR C 944 34.19 -31.33 -19.50
N ALA C 945 35.15 -31.23 -20.41
CA ALA C 945 36.29 -30.36 -20.19
C ALA C 945 35.82 -28.93 -20.05
N LEU C 946 36.41 -28.21 -19.11
CA LEU C 946 36.11 -26.81 -18.88
C LEU C 946 34.66 -26.59 -18.48
N GLY C 947 33.99 -27.64 -18.00
CA GLY C 947 32.62 -27.52 -17.54
C GLY C 947 32.49 -26.43 -16.49
N LYS C 948 33.54 -26.26 -15.68
CA LYS C 948 33.56 -25.24 -14.65
C LYS C 948 33.46 -23.82 -15.22
N LEU C 949 34.01 -23.59 -16.41
CA LEU C 949 34.00 -22.26 -16.98
C LEU C 949 32.62 -22.00 -17.55
N GLN C 950 32.05 -23.02 -18.15
CA GLN C 950 30.71 -22.91 -18.71
C GLN C 950 29.72 -22.63 -17.61
N ASP C 951 29.94 -23.29 -16.47
CA ASP C 951 29.07 -23.14 -15.30
C ASP C 951 29.01 -21.70 -14.85
N VAL C 952 30.18 -21.06 -14.74
CA VAL C 952 30.20 -19.67 -14.30
C VAL C 952 29.42 -18.79 -15.27
N VAL C 953 29.65 -19.00 -16.56
CA VAL C 953 28.94 -18.22 -17.57
C VAL C 953 27.45 -18.43 -17.47
N ASN C 954 27.03 -19.67 -17.30
CA ASN C 954 25.62 -19.99 -17.20
C ASN C 954 24.99 -19.28 -16.01
N GLN C 955 25.69 -19.29 -14.88
CA GLN C 955 25.19 -18.64 -13.68
C GLN C 955 25.01 -17.15 -13.89
N ASN C 956 25.95 -16.54 -14.57
CA ASN C 956 25.89 -15.12 -14.85
C ASN C 956 24.67 -14.81 -15.69
N ALA C 957 24.45 -15.61 -16.73
CA ALA C 957 23.33 -15.41 -17.61
C ALA C 957 22.01 -15.55 -16.88
N GLN C 958 21.93 -16.54 -15.99
CA GLN C 958 20.72 -16.79 -15.25
C GLN C 958 20.36 -15.59 -14.38
N ALA C 959 21.36 -15.02 -13.73
CA ALA C 959 21.14 -13.88 -12.87
C ALA C 959 20.56 -12.71 -13.66
N LEU C 960 21.11 -12.49 -14.85
CA LEU C 960 20.67 -11.38 -15.68
C LEU C 960 19.28 -11.65 -16.23
N ASN C 961 19.03 -12.89 -16.65
CA ASN C 961 17.76 -13.25 -17.21
C ASN C 961 16.65 -13.09 -16.19
N THR C 962 16.94 -13.47 -14.95
CA THR C 962 15.97 -13.36 -13.88
C THR C 962 15.66 -11.90 -13.61
N LEU C 963 16.71 -11.08 -13.53
CA LEU C 963 16.55 -9.66 -13.27
C LEU C 963 15.62 -9.01 -14.29
N VAL C 964 15.89 -9.28 -15.57
CA VAL C 964 15.10 -8.68 -16.63
C VAL C 964 13.68 -9.22 -16.66
N LYS C 965 13.53 -10.53 -16.55
CA LYS C 965 12.21 -11.13 -16.65
C LYS C 965 11.23 -10.49 -15.68
N GLN C 966 11.68 -10.24 -14.45
CA GLN C 966 10.82 -9.69 -13.41
C GLN C 966 10.29 -8.30 -13.75
N LEU C 967 10.85 -7.64 -14.76
CA LEU C 967 10.33 -6.34 -15.19
C LEU C 967 8.90 -6.46 -15.68
N SER C 968 8.52 -7.67 -16.10
CA SER C 968 7.19 -7.93 -16.62
C SER C 968 6.19 -8.24 -15.51
N SER C 969 6.66 -8.30 -14.28
CA SER C 969 5.80 -8.58 -13.14
C SER C 969 4.98 -7.36 -12.80
N ASN C 970 3.71 -7.57 -12.47
CA ASN C 970 2.82 -6.47 -12.12
C ASN C 970 3.03 -6.00 -10.70
N PHE C 971 3.37 -6.94 -9.81
CA PHE C 971 3.54 -6.61 -8.39
C PHE C 971 2.26 -6.07 -7.79
N GLY C 972 1.12 -6.40 -8.39
CA GLY C 972 -0.18 -5.93 -7.92
C GLY C 972 -0.61 -4.63 -8.59
N ALA C 973 0.26 -4.08 -9.41
CA ALA C 973 -0.05 -2.86 -10.15
C ALA C 973 -0.99 -3.19 -11.29
N ILE C 974 -1.61 -2.17 -11.86
CA ILE C 974 -2.47 -2.34 -13.01
C ILE C 974 -1.72 -3.05 -14.13
N SER C 975 -0.47 -2.65 -14.34
CA SER C 975 0.35 -3.20 -15.38
C SER C 975 1.82 -3.07 -15.07
N SER C 976 2.62 -4.00 -15.58
CA SER C 976 4.06 -3.95 -15.47
C SER C 976 4.61 -2.90 -16.41
N VAL C 977 3.77 -2.40 -17.32
CA VAL C 977 4.18 -1.39 -18.29
C VAL C 977 3.77 -0.03 -17.75
N LEU C 978 4.76 0.81 -17.49
CA LEU C 978 4.53 2.10 -16.90
C LEU C 978 3.64 2.95 -17.82
N ASN C 979 3.90 2.88 -19.10
CA ASN C 979 3.22 3.75 -20.08
C ASN C 979 1.72 3.54 -20.07
N ASP C 980 1.25 2.38 -19.63
CA ASP C 980 -0.18 2.07 -19.66
C ASP C 980 -0.88 2.37 -18.34
N ILE C 981 -0.15 2.88 -17.37
CA ILE C 981 -0.76 3.22 -16.11
C ILE C 981 -1.30 4.63 -16.18
N LEU C 982 -0.47 5.53 -16.67
CA LEU C 982 -0.82 6.91 -16.74
C LEU C 982 -1.98 7.13 -17.69
N SER C 983 -1.93 6.48 -18.85
CA SER C 983 -2.99 6.63 -19.85
C SER C 983 -4.37 6.28 -19.28
N ARG C 984 -4.42 5.20 -18.47
CA ARG C 984 -5.67 4.67 -17.97
C ARG C 984 -6.14 5.27 -16.65
N LEU C 985 -5.23 5.48 -15.72
CA LEU C 985 -5.62 5.90 -14.39
C LEU C 985 -5.37 7.38 -14.14
N ASP C 986 -6.31 8.01 -13.46
CA ASP C 986 -6.22 9.42 -13.13
C ASP C 986 -4.81 9.73 -12.54
N PRO C 987 -4.06 10.69 -13.14
CA PRO C 987 -2.67 11.04 -12.83
C PRO C 987 -2.30 11.21 -11.33
N PRO C 988 -3.18 11.74 -10.46
CA PRO C 988 -2.98 11.80 -9.03
C PRO C 988 -2.78 10.39 -8.47
N GLU C 989 -3.84 9.60 -8.50
CA GLU C 989 -3.81 8.23 -8.00
C GLU C 989 -2.72 7.41 -8.69
N ALA C 990 -2.45 7.74 -9.95
CA ALA C 990 -1.43 7.03 -10.72
C ALA C 990 -0.10 7.00 -9.99
N GLU C 991 0.17 8.01 -9.16
CA GLU C 991 1.42 8.04 -8.43
C GLU C 991 1.52 6.85 -7.50
N VAL C 992 0.38 6.39 -6.97
CA VAL C 992 0.38 5.23 -6.10
C VAL C 992 0.78 4.02 -6.89
N GLN C 993 0.17 3.87 -8.05
CA GLN C 993 0.48 2.74 -8.92
C GLN C 993 1.93 2.73 -9.35
N ILE C 994 2.46 3.92 -9.62
CA ILE C 994 3.84 4.03 -10.07
C ILE C 994 4.79 3.74 -8.92
N ASP C 995 4.55 4.35 -7.76
CA ASP C 995 5.42 4.14 -6.61
C ASP C 995 5.45 2.67 -6.23
N ARG C 996 4.30 2.00 -6.32
CA ARG C 996 4.23 0.58 -6.03
C ARG C 996 5.14 -0.19 -6.98
N LEU C 997 5.04 0.11 -8.27
CA LEU C 997 5.86 -0.55 -9.27
C LEU C 997 7.34 -0.26 -9.04
N ILE C 998 7.65 0.99 -8.67
CA ILE C 998 9.04 1.34 -8.36
C ILE C 998 9.55 0.51 -7.21
N THR C 999 8.77 0.42 -6.15
CA THR C 999 9.18 -0.35 -4.98
C THR C 999 9.45 -1.79 -5.37
N GLY C 1000 8.53 -2.37 -6.13
CA GLY C 1000 8.66 -3.75 -6.57
C GLY C 1000 9.97 -3.95 -7.30
N ARG C 1001 10.22 -3.11 -8.30
CA ARG C 1001 11.43 -3.23 -9.09
C ARG C 1001 12.71 -2.94 -8.29
N LEU C 1002 12.66 -1.97 -7.40
CA LEU C 1002 13.83 -1.66 -6.58
C LEU C 1002 14.27 -2.88 -5.81
N GLN C 1003 13.30 -3.67 -5.37
CA GLN C 1003 13.59 -4.86 -4.64
C GLN C 1003 14.42 -5.85 -5.45
N SER C 1004 14.21 -5.89 -6.77
CA SER C 1004 14.91 -6.85 -7.60
C SER C 1004 16.34 -6.43 -7.85
N LEU C 1005 16.57 -5.11 -7.85
CA LEU C 1005 17.93 -4.61 -8.02
C LEU C 1005 18.75 -4.90 -6.79
N GLN C 1006 18.12 -4.74 -5.63
CA GLN C 1006 18.82 -4.99 -4.39
C GLN C 1006 19.21 -6.45 -4.29
N THR C 1007 18.31 -7.33 -4.72
CA THR C 1007 18.59 -8.74 -4.69
C THR C 1007 19.72 -9.08 -5.66
N TYR C 1008 19.62 -8.55 -6.87
CA TYR C 1008 20.61 -8.81 -7.90
C TYR C 1008 22.00 -8.42 -7.46
N VAL C 1009 22.16 -7.18 -6.99
CA VAL C 1009 23.48 -6.71 -6.62
C VAL C 1009 24.04 -7.50 -5.46
N THR C 1010 23.18 -7.89 -4.53
CA THR C 1010 23.62 -8.66 -3.38
C THR C 1010 24.22 -9.98 -3.84
N GLN C 1011 23.51 -10.67 -4.72
CA GLN C 1011 23.98 -11.96 -5.20
C GLN C 1011 25.31 -11.81 -5.95
N GLN C 1012 25.44 -10.72 -6.70
CA GLN C 1012 26.68 -10.51 -7.45
C GLN C 1012 27.88 -10.37 -6.52
N LEU C 1013 27.70 -9.70 -5.40
CA LEU C 1013 28.80 -9.56 -4.44
C LEU C 1013 29.20 -10.92 -3.91
N ILE C 1014 28.21 -11.75 -3.62
CA ILE C 1014 28.48 -13.09 -3.11
C ILE C 1014 29.25 -13.91 -4.14
N ARG C 1015 28.79 -13.87 -5.39
CA ARG C 1015 29.46 -14.61 -6.46
C ARG C 1015 30.90 -14.14 -6.62
N ALA C 1016 31.09 -12.83 -6.53
CA ALA C 1016 32.42 -12.25 -6.68
C ALA C 1016 33.37 -12.82 -5.64
N ALA C 1017 32.88 -13.03 -4.43
CA ALA C 1017 33.72 -13.53 -3.36
C ALA C 1017 34.28 -14.91 -3.69
N GLU C 1018 33.43 -15.77 -4.26
CA GLU C 1018 33.85 -17.11 -4.61
C GLU C 1018 34.92 -17.05 -5.69
N ILE C 1019 34.73 -16.14 -6.63
CA ILE C 1019 35.70 -15.98 -7.71
C ILE C 1019 37.04 -15.51 -7.17
N ARG C 1020 37.03 -14.54 -6.27
CA ARG C 1020 38.28 -14.08 -5.70
C ARG C 1020 39.05 -15.25 -5.11
N ALA C 1021 38.34 -16.11 -4.38
CA ALA C 1021 38.99 -17.27 -3.79
C ALA C 1021 39.64 -18.13 -4.86
N SER C 1022 38.93 -18.34 -5.97
CA SER C 1022 39.50 -19.14 -7.05
C SER C 1022 40.75 -18.48 -7.61
N ALA C 1023 40.66 -17.18 -7.88
CA ALA C 1023 41.77 -16.45 -8.46
C ALA C 1023 42.99 -16.52 -7.55
N ASN C 1024 42.76 -16.45 -6.25
CA ASN C 1024 43.86 -16.51 -5.31
C ASN C 1024 44.57 -17.84 -5.40
N LEU C 1025 43.79 -18.91 -5.50
CA LEU C 1025 44.36 -20.23 -5.64
C LEU C 1025 45.11 -20.36 -6.95
N ALA C 1026 44.52 -19.86 -8.03
CA ALA C 1026 45.14 -19.95 -9.33
C ALA C 1026 46.48 -19.23 -9.35
N ALA C 1027 46.54 -18.05 -8.73
CA ALA C 1027 47.77 -17.29 -8.68
C ALA C 1027 48.84 -18.08 -7.91
N THR C 1028 48.43 -18.70 -6.81
CA THR C 1028 49.35 -19.49 -6.01
C THR C 1028 49.90 -20.65 -6.82
N LYS C 1029 49.01 -21.36 -7.51
CA LYS C 1029 49.42 -22.48 -8.34
C LYS C 1029 50.34 -22.04 -9.44
N MET C 1030 50.06 -20.89 -10.05
CA MET C 1030 50.93 -20.42 -11.09
C MET C 1030 52.36 -20.33 -10.55
N SER C 1031 52.51 -19.66 -9.42
CA SER C 1031 53.83 -19.48 -8.85
C SER C 1031 54.49 -20.79 -8.43
N GLU C 1032 53.73 -21.67 -7.77
CA GLU C 1032 54.34 -22.86 -7.17
C GLU C 1032 54.39 -24.07 -8.10
N CYS C 1033 53.55 -24.13 -9.12
CA CYS C 1033 53.54 -25.27 -10.01
C CYS C 1033 54.29 -24.99 -11.31
N VAL C 1034 54.29 -23.73 -11.75
CA VAL C 1034 54.90 -23.37 -13.03
C VAL C 1034 56.25 -22.71 -12.84
N LEU C 1035 56.30 -21.72 -11.96
CA LEU C 1035 57.52 -20.94 -11.78
C LEU C 1035 58.49 -21.60 -10.82
N GLY C 1036 58.12 -22.76 -10.31
CA GLY C 1036 58.96 -23.51 -9.37
C GLY C 1036 58.47 -24.94 -9.25
N GLN C 1037 59.08 -25.69 -8.34
CA GLN C 1037 58.72 -27.10 -8.16
C GLN C 1037 58.11 -27.32 -6.79
N SER C 1038 56.79 -27.38 -6.74
CA SER C 1038 56.07 -27.58 -5.50
C SER C 1038 56.36 -28.96 -4.93
N LYS C 1039 56.45 -29.07 -3.61
CA LYS C 1039 56.65 -30.35 -2.97
C LYS C 1039 55.41 -30.84 -2.23
N ARG C 1040 54.54 -29.92 -1.84
CA ARG C 1040 53.33 -30.29 -1.13
C ARG C 1040 52.45 -31.21 -1.98
N VAL C 1041 52.07 -32.33 -1.38
CA VAL C 1041 51.33 -33.39 -2.07
C VAL C 1041 49.96 -32.97 -2.59
N ASP C 1042 49.66 -33.38 -3.81
CA ASP C 1042 48.36 -33.19 -4.45
C ASP C 1042 48.03 -31.73 -4.74
N PHE C 1043 49.02 -30.85 -4.67
CA PHE C 1043 48.75 -29.46 -4.99
C PHE C 1043 48.86 -29.20 -6.48
N CYS C 1044 49.84 -29.82 -7.11
CA CYS C 1044 50.07 -29.63 -8.54
C CYS C 1044 49.78 -30.91 -9.30
N GLY C 1045 48.93 -31.74 -8.74
CA GLY C 1045 48.58 -33.02 -9.36
C GLY C 1045 48.81 -34.18 -8.39
N LYS C 1046 48.15 -35.30 -8.66
CA LYS C 1046 48.23 -36.49 -7.81
C LYS C 1046 49.65 -37.03 -7.61
N GLY C 1047 50.42 -37.05 -8.69
CA GLY C 1047 51.74 -37.68 -8.64
C GLY C 1047 52.82 -36.73 -8.15
N TYR C 1048 54.08 -37.10 -8.38
CA TYR C 1048 55.19 -36.30 -7.91
C TYR C 1048 55.52 -35.22 -8.93
N HIS C 1049 55.34 -33.98 -8.53
CA HIS C 1049 55.42 -32.86 -9.45
C HIS C 1049 56.78 -32.70 -10.13
N LEU C 1050 56.78 -32.63 -11.46
CA LEU C 1050 57.99 -32.38 -12.21
C LEU C 1050 57.93 -31.06 -12.97
N MET C 1051 56.78 -30.79 -13.58
CA MET C 1051 56.66 -29.65 -14.47
C MET C 1051 55.20 -29.27 -14.70
N SER C 1052 54.94 -28.03 -15.07
CA SER C 1052 53.62 -27.66 -15.53
C SER C 1052 53.65 -26.50 -16.49
N PHE C 1053 52.59 -26.38 -17.27
CA PHE C 1053 52.46 -25.28 -18.19
C PHE C 1053 51.06 -24.69 -18.12
N PRO C 1054 50.93 -23.36 -18.09
CA PRO C 1054 49.69 -22.62 -18.17
C PRO C 1054 49.22 -22.54 -19.61
N GLN C 1055 47.92 -22.47 -19.80
CA GLN C 1055 47.32 -22.19 -21.09
C GLN C 1055 46.23 -21.14 -20.95
N ALA C 1056 46.10 -20.27 -21.94
CA ALA C 1056 45.04 -19.28 -21.95
C ALA C 1056 43.68 -19.97 -22.04
N ALA C 1057 42.68 -19.41 -21.38
CA ALA C 1057 41.36 -20.01 -21.40
C ALA C 1057 40.27 -18.95 -21.24
N PRO C 1058 39.07 -19.20 -21.77
CA PRO C 1058 37.93 -18.32 -21.76
C PRO C 1058 37.42 -18.03 -20.35
N HIS C 1059 38.05 -17.05 -19.72
CA HIS C 1059 37.70 -16.59 -18.37
C HIS C 1059 38.22 -17.53 -17.30
N GLY C 1060 39.38 -18.12 -17.55
CA GLY C 1060 39.97 -19.02 -16.57
C GLY C 1060 41.39 -19.40 -16.92
N VAL C 1061 41.91 -20.34 -16.17
CA VAL C 1061 43.26 -20.82 -16.36
C VAL C 1061 43.29 -22.32 -16.47
N VAL C 1062 43.98 -22.83 -17.46
CA VAL C 1062 44.13 -24.26 -17.60
C VAL C 1062 45.57 -24.67 -17.40
N PHE C 1063 45.79 -25.60 -16.50
CA PHE C 1063 47.13 -26.09 -16.24
C PHE C 1063 47.34 -27.49 -16.76
N LEU C 1064 48.52 -27.71 -17.30
CA LEU C 1064 48.98 -29.04 -17.66
C LEU C 1064 49.96 -29.49 -16.61
N HIS C 1065 49.61 -30.52 -15.87
CA HIS C 1065 50.45 -30.98 -14.76
C HIS C 1065 51.21 -32.24 -15.10
N VAL C 1066 52.54 -32.13 -15.11
CA VAL C 1066 53.40 -33.26 -15.46
C VAL C 1066 53.94 -33.89 -14.20
N THR C 1067 53.61 -35.16 -13.97
CA THR C 1067 54.01 -35.82 -12.75
C THR C 1067 54.67 -37.18 -12.95
N TYR C 1068 55.50 -37.54 -11.99
CA TYR C 1068 56.15 -38.84 -11.91
C TYR C 1068 55.28 -39.82 -11.16
N VAL C 1069 55.05 -40.98 -11.75
CA VAL C 1069 54.24 -42.01 -11.12
C VAL C 1069 54.98 -43.35 -11.13
N PRO C 1070 55.14 -44.01 -9.97
CA PRO C 1070 55.79 -45.28 -9.82
C PRO C 1070 54.99 -46.37 -10.51
N SER C 1071 55.67 -47.39 -11.02
CA SER C 1071 55.01 -48.50 -11.70
C SER C 1071 55.29 -49.83 -11.02
N GLN C 1072 55.06 -50.92 -11.74
CA GLN C 1072 55.16 -52.28 -11.22
C GLN C 1072 56.32 -52.45 -10.25
N GLU C 1073 56.04 -53.11 -9.12
CA GLU C 1073 57.01 -53.31 -8.08
C GLU C 1073 57.48 -54.75 -7.93
N ARG C 1074 58.39 -54.95 -6.98
CA ARG C 1074 58.93 -56.26 -6.66
C ARG C 1074 59.05 -56.44 -5.15
N ASN C 1075 58.92 -57.68 -4.70
CA ASN C 1075 59.06 -58.02 -3.30
C ASN C 1075 60.51 -58.22 -2.90
N PHE C 1076 60.94 -57.54 -1.86
CA PHE C 1076 62.26 -57.74 -1.32
C PHE C 1076 62.19 -58.00 0.17
N THR C 1077 63.17 -58.74 0.68
CA THR C 1077 63.29 -58.91 2.12
C THR C 1077 64.16 -57.79 2.66
N THR C 1078 63.86 -57.31 3.85
CA THR C 1078 64.60 -56.19 4.42
C THR C 1078 65.17 -56.46 5.79
N ALA C 1079 65.87 -55.46 6.31
CA ALA C 1079 66.47 -55.52 7.63
C ALA C 1079 66.73 -54.11 8.14
N PRO C 1080 66.19 -53.72 9.31
CA PRO C 1080 66.38 -52.44 9.95
C PRO C 1080 67.85 -52.05 10.06
N ALA C 1081 68.72 -53.02 10.33
CA ALA C 1081 70.15 -52.76 10.47
C ALA C 1081 70.93 -54.06 10.36
N ILE C 1082 72.24 -53.93 10.14
CA ILE C 1082 73.09 -55.11 10.04
C ILE C 1082 74.25 -55.06 11.03
N CYS C 1083 74.75 -56.24 11.39
CA CYS C 1083 75.87 -56.34 12.32
C CYS C 1083 77.13 -56.78 11.61
N HIS C 1084 78.21 -56.04 11.83
CA HIS C 1084 79.50 -56.37 11.24
C HIS C 1084 80.62 -56.01 12.20
N GLU C 1085 81.46 -57.00 12.50
CA GLU C 1085 82.56 -56.83 13.45
C GLU C 1085 82.07 -56.29 14.79
N GLY C 1086 80.90 -56.75 15.22
CA GLY C 1086 80.36 -56.39 16.52
C GLY C 1086 79.66 -55.03 16.56
N LYS C 1087 79.60 -54.33 15.44
CA LYS C 1087 78.97 -53.02 15.41
C LYS C 1087 77.73 -53.00 14.51
N ALA C 1088 76.76 -52.17 14.89
CA ALA C 1088 75.54 -52.05 14.09
C ALA C 1088 75.67 -50.96 13.05
N TYR C 1089 75.27 -51.29 11.82
CA TYR C 1089 75.29 -50.34 10.73
C TYR C 1089 73.89 -50.00 10.27
N PHE C 1090 73.73 -48.76 9.86
CA PHE C 1090 72.47 -48.24 9.35
C PHE C 1090 72.71 -47.61 7.99
N PRO C 1091 71.74 -47.63 7.09
CA PRO C 1091 71.82 -47.04 5.77
C PRO C 1091 71.88 -45.52 5.87
N ARG C 1092 72.56 -44.89 4.93
CA ARG C 1092 72.59 -43.42 4.92
C ARG C 1092 71.33 -42.83 4.33
N GLU C 1093 71.07 -43.13 3.06
CA GLU C 1093 69.92 -42.56 2.37
C GLU C 1093 68.86 -43.60 2.03
N GLY C 1094 69.30 -44.82 1.73
CA GLY C 1094 68.40 -45.85 1.23
C GLY C 1094 67.95 -46.83 2.31
N VAL C 1095 67.55 -48.01 1.85
CA VAL C 1095 67.06 -49.07 2.70
C VAL C 1095 67.78 -50.37 2.38
N PHE C 1096 68.08 -51.16 3.42
CA PHE C 1096 68.72 -52.45 3.21
C PHE C 1096 67.71 -53.44 2.66
N VAL C 1097 68.06 -54.10 1.57
CA VAL C 1097 67.17 -55.06 0.91
C VAL C 1097 67.89 -56.36 0.61
N PHE C 1098 67.13 -57.42 0.39
CA PHE C 1098 67.69 -58.72 0.06
C PHE C 1098 67.02 -59.38 -1.12
N ASN C 1099 67.84 -59.80 -2.07
CA ASN C 1099 67.41 -60.53 -3.25
C ASN C 1099 67.99 -61.94 -3.22
N GLY C 1100 67.89 -62.66 -4.32
CA GLY C 1100 68.43 -64.01 -4.35
C GLY C 1100 69.84 -64.04 -3.78
N THR C 1101 69.95 -64.60 -2.58
CA THR C 1101 71.22 -64.76 -1.90
C THR C 1101 72.16 -63.53 -1.89
N SER C 1102 71.62 -62.32 -1.82
CA SER C 1102 72.51 -61.16 -1.67
C SER C 1102 71.85 -59.90 -1.10
N TRP C 1103 72.54 -59.25 -0.15
CA TRP C 1103 72.07 -58.02 0.46
C TRP C 1103 72.60 -56.79 -0.25
N PHE C 1104 71.77 -55.77 -0.35
CA PHE C 1104 72.14 -54.50 -0.97
C PHE C 1104 71.51 -53.32 -0.27
N ILE C 1105 71.85 -52.14 -0.73
CA ILE C 1105 71.23 -50.91 -0.25
C ILE C 1105 70.69 -50.12 -1.44
N THR C 1106 69.46 -49.63 -1.33
CA THR C 1106 68.89 -48.89 -2.45
C THR C 1106 67.85 -47.87 -2.03
N GLN C 1107 67.60 -46.90 -2.88
CA GLN C 1107 66.58 -45.90 -2.63
C GLN C 1107 65.17 -46.48 -2.87
N ARG C 1108 64.25 -46.11 -2.00
CA ARG C 1108 62.88 -46.61 -2.06
C ARG C 1108 62.09 -46.05 -3.25
N ASN C 1109 62.61 -44.99 -3.84
CA ASN C 1109 61.93 -44.33 -4.96
C ASN C 1109 62.05 -45.11 -6.25
N PHE C 1110 63.12 -45.89 -6.40
CA PHE C 1110 63.37 -46.63 -7.62
C PHE C 1110 64.44 -47.68 -7.38
N PHE C 1111 64.06 -48.95 -7.48
CA PHE C 1111 64.98 -50.01 -7.14
C PHE C 1111 66.28 -50.00 -7.92
N SER C 1112 67.39 -49.95 -7.18
CA SER C 1112 68.72 -50.00 -7.76
C SER C 1112 69.72 -50.47 -6.68
N PRO C 1113 70.08 -51.76 -6.66
CA PRO C 1113 70.80 -52.46 -5.60
C PRO C 1113 72.28 -52.13 -5.58
N GLN C 1114 72.70 -51.28 -4.64
CA GLN C 1114 74.10 -50.91 -4.55
C GLN C 1114 74.79 -51.81 -3.53
N ILE C 1115 76.10 -51.95 -3.66
CA ILE C 1115 76.86 -52.75 -2.70
C ILE C 1115 76.91 -52.05 -1.36
N ILE C 1116 76.69 -52.81 -0.29
CA ILE C 1116 76.76 -52.22 1.02
C ILE C 1116 78.21 -51.99 1.40
N THR C 1117 78.58 -50.72 1.42
CA THR C 1117 79.95 -50.31 1.65
C THR C 1117 80.00 -49.30 2.76
N THR C 1118 81.20 -49.10 3.29
CA THR C 1118 81.42 -48.20 4.42
C THR C 1118 80.99 -46.76 4.17
N ASP C 1119 81.09 -46.29 2.94
CA ASP C 1119 80.78 -44.90 2.66
C ASP C 1119 79.34 -44.66 2.19
N ASN C 1120 78.51 -45.71 2.26
CA ASN C 1120 77.09 -45.56 1.92
C ASN C 1120 76.22 -45.88 3.13
N THR C 1121 76.89 -46.15 4.25
CA THR C 1121 76.26 -46.49 5.51
C THR C 1121 76.90 -45.71 6.63
N PHE C 1122 76.47 -45.95 7.84
CA PHE C 1122 77.15 -45.39 8.99
C PHE C 1122 77.06 -46.35 10.15
N VAL C 1123 77.94 -46.19 11.11
CA VAL C 1123 77.97 -47.10 12.23
C VAL C 1123 77.62 -46.39 13.52
N SER C 1124 76.75 -47.01 14.29
CA SER C 1124 76.35 -46.45 15.56
C SER C 1124 75.73 -47.48 16.47
N GLY C 1125 76.32 -47.66 17.64
CA GLY C 1125 75.79 -48.60 18.62
C GLY C 1125 76.25 -50.04 18.35
N ASN C 1126 75.99 -50.91 19.31
CA ASN C 1126 76.34 -52.32 19.19
C ASN C 1126 75.25 -53.10 18.48
N CYS C 1127 75.42 -54.40 18.39
CA CYS C 1127 74.49 -55.23 17.65
C CYS C 1127 73.35 -55.80 18.50
N ASP C 1128 73.29 -55.37 19.77
CA ASP C 1128 72.31 -55.91 20.71
C ASP C 1128 71.11 -54.99 20.96
N VAL C 1129 71.33 -53.68 20.93
CA VAL C 1129 70.29 -52.73 21.33
C VAL C 1129 69.01 -52.77 20.49
N VAL C 1130 69.17 -52.84 19.17
CA VAL C 1130 68.02 -52.78 18.28
C VAL C 1130 67.55 -54.15 17.81
N ILE C 1131 66.24 -54.36 17.89
CA ILE C 1131 65.64 -55.59 17.43
C ILE C 1131 65.53 -55.59 15.91
N GLY C 1132 66.02 -56.66 15.27
CA GLY C 1132 65.95 -56.76 13.81
C GLY C 1132 67.33 -56.70 13.16
N ILE C 1133 68.38 -56.72 13.97
CA ILE C 1133 69.74 -56.70 13.45
C ILE C 1133 70.15 -58.09 12.96
N ILE C 1134 70.69 -58.15 11.76
CA ILE C 1134 71.14 -59.43 11.19
C ILE C 1134 72.64 -59.39 10.90
N ASN C 1135 73.25 -60.56 10.78
CA ASN C 1135 74.68 -60.66 10.52
C ASN C 1135 74.99 -60.48 9.03
N ASN C 1136 75.88 -59.54 8.73
CA ASN C 1136 76.19 -59.18 7.35
C ASN C 1136 77.59 -58.59 7.27
N THR C 1137 78.02 -58.19 6.07
CA THR C 1137 79.33 -57.59 5.92
C THR C 1137 79.26 -56.19 5.33
N VAL C 1138 80.28 -55.40 5.61
CA VAL C 1138 80.45 -54.08 5.03
C VAL C 1138 81.80 -54.00 4.37
N TYR C 1139 81.84 -53.55 3.13
CA TYR C 1139 83.11 -53.53 2.42
C TYR C 1139 83.86 -52.21 2.53
N ASP C 1140 85.18 -52.34 2.67
CA ASP C 1140 86.09 -51.21 2.73
C ASP C 1140 87.01 -51.20 1.50
N PRO C 1141 86.78 -50.29 0.53
CA PRO C 1141 87.48 -50.17 -0.74
C PRO C 1141 88.99 -49.99 -0.56
N LEU C 1142 89.39 -49.54 0.62
CA LEU C 1142 90.80 -49.33 0.94
C LEU C 1142 91.63 -50.60 1.05
N GLN C 1143 91.07 -51.63 1.68
CA GLN C 1143 91.87 -52.78 2.08
C GLN C 1143 92.56 -53.52 0.91
N PRO C 1144 91.94 -53.64 -0.28
CA PRO C 1144 92.52 -54.22 -1.47
C PRO C 1144 93.78 -53.48 -1.94
N GLU C 1145 93.96 -52.23 -1.49
CA GLU C 1145 95.12 -51.46 -1.88
C GLU C 1145 96.26 -51.74 -0.92
N LEU C 1146 95.92 -52.04 0.32
CA LEU C 1146 96.89 -52.32 1.36
C LEU C 1146 97.39 -53.76 1.27
N ALA D 2 -57.44 42.64 33.95
CA ALA D 2 -57.34 44.03 33.48
C ALA D 2 -58.71 44.54 33.08
N GLN D 3 -59.23 45.49 33.86
CA GLN D 3 -60.57 46.03 33.61
C GLN D 3 -60.54 47.48 33.15
N LEU D 4 -61.36 47.77 32.14
CA LEU D 4 -61.51 49.11 31.62
C LEU D 4 -62.98 49.55 31.69
N VAL D 5 -63.22 50.76 32.20
CA VAL D 5 -64.59 51.25 32.33
C VAL D 5 -64.80 52.61 31.66
N GLU D 6 -65.55 52.60 30.55
CA GLU D 6 -65.80 53.81 29.78
C GLU D 6 -66.96 54.64 30.34
N SER D 7 -66.91 55.94 30.08
CA SER D 7 -67.98 56.87 30.41
C SER D 7 -67.90 58.11 29.52
N GLY D 8 -68.94 58.95 29.60
CA GLY D 8 -68.96 60.21 28.84
C GLY D 8 -69.82 60.13 27.59
N GLY D 9 -70.38 58.96 27.32
CA GLY D 9 -71.23 58.78 26.15
C GLY D 9 -72.45 59.68 26.25
N ALA D 10 -72.88 60.22 25.11
CA ALA D 10 -74.01 61.13 25.06
C ALA D 10 -74.44 61.35 23.61
N LEU D 11 -75.60 61.99 23.44
CA LEU D 11 -76.05 62.42 22.13
C LEU D 11 -75.66 63.87 21.88
N VAL D 12 -74.81 64.08 20.88
CA VAL D 12 -74.31 65.42 20.56
C VAL D 12 -74.54 65.76 19.09
N GLN D 13 -75.11 66.94 18.86
CA GLN D 13 -75.41 67.41 17.52
C GLN D 13 -74.13 67.52 16.67
N PRO D 14 -74.20 67.20 15.38
CA PRO D 14 -73.10 67.33 14.43
C PRO D 14 -72.47 68.72 14.50
N GLY D 15 -71.15 68.75 14.49
CA GLY D 15 -70.40 70.00 14.55
C GLY D 15 -69.91 70.29 15.96
N ARG D 16 -70.54 69.66 16.95
CA ARG D 16 -70.18 69.88 18.35
C ARG D 16 -69.19 68.83 18.82
N SER D 17 -68.65 69.00 20.03
CA SER D 17 -67.65 68.07 20.54
C SER D 17 -68.15 67.23 21.70
N LEU D 18 -67.48 66.10 21.91
CA LEU D 18 -67.73 65.21 23.05
C LEU D 18 -66.41 64.66 23.57
N ARG D 19 -66.29 64.57 24.89
CA ARG D 19 -65.08 64.01 25.47
C ARG D 19 -65.37 62.76 26.27
N LEU D 20 -64.71 61.67 25.91
CA LEU D 20 -64.85 60.39 26.59
C LEU D 20 -63.77 60.20 27.62
N SER D 21 -64.04 59.30 28.56
CA SER D 21 -63.05 58.90 29.54
C SER D 21 -63.12 57.40 29.76
N CYS D 22 -62.04 56.83 30.28
CA CYS D 22 -61.99 55.42 30.62
C CYS D 22 -61.11 55.14 31.82
N ALA D 23 -61.71 54.64 32.89
CA ALA D 23 -60.98 54.35 34.10
C ALA D 23 -60.38 52.95 34.03
N ALA D 24 -59.13 52.83 34.45
CA ALA D 24 -58.45 51.54 34.45
C ALA D 24 -58.27 51.01 35.86
N SER D 25 -58.39 49.70 35.99
CA SER D 25 -58.10 49.03 37.26
C SER D 25 -57.65 47.59 37.03
N GLY D 26 -56.99 47.01 38.03
CA GLY D 26 -56.53 45.62 37.94
C GLY D 26 -55.11 45.53 37.38
N PHE D 27 -54.59 46.66 36.94
CA PHE D 27 -53.24 46.73 36.39
C PHE D 27 -52.69 48.14 36.53
N THR D 28 -51.41 48.31 36.28
CA THR D 28 -50.83 49.64 36.34
C THR D 28 -51.02 50.38 35.03
N PHE D 29 -51.87 51.40 35.05
CA PHE D 29 -52.22 52.16 33.85
C PHE D 29 -50.97 52.68 33.14
N ARG D 30 -50.08 53.28 33.93
CA ARG D 30 -48.84 53.88 33.45
C ARG D 30 -47.95 52.93 32.64
N ASN D 31 -48.07 51.62 32.88
CA ASN D 31 -47.17 50.68 32.24
C ASN D 31 -47.66 50.17 30.88
N TYR D 32 -48.80 50.68 30.40
CA TYR D 32 -49.33 50.20 29.14
C TYR D 32 -49.74 51.33 28.19
N ALA D 33 -49.65 51.06 26.88
CA ALA D 33 -50.20 51.94 25.86
C ALA D 33 -51.72 51.82 25.87
N MET D 34 -52.40 52.90 25.47
CA MET D 34 -53.85 52.91 25.48
C MET D 34 -54.43 53.21 24.12
N HIS D 35 -55.52 52.52 23.78
CA HIS D 35 -56.15 52.65 22.47
C HIS D 35 -57.63 52.98 22.58
N TRP D 36 -58.16 53.62 21.54
CA TRP D 36 -59.60 53.69 21.37
C TRP D 36 -60.02 52.97 20.10
N VAL D 37 -61.07 52.17 20.22
CA VAL D 37 -61.68 51.42 19.13
C VAL D 37 -63.19 51.65 19.18
N ARG D 38 -63.83 51.90 18.05
CA ARG D 38 -65.27 52.10 18.10
C ARG D 38 -66.01 51.05 17.28
N GLN D 39 -67.24 50.76 17.68
CA GLN D 39 -68.05 49.78 17.00
C GLN D 39 -69.33 50.33 16.41
N ALA D 40 -69.53 50.02 15.14
CA ALA D 40 -70.75 50.40 14.44
C ALA D 40 -70.98 49.43 13.29
N PRO D 41 -72.23 49.15 12.92
CA PRO D 41 -72.61 48.36 11.76
C PRO D 41 -71.86 48.82 10.50
N ALA D 42 -71.63 50.12 10.41
CA ALA D 42 -70.92 50.74 9.30
C ALA D 42 -69.48 50.23 9.14
N THR D 43 -68.79 49.99 10.26
CA THR D 43 -67.37 49.69 10.22
C THR D 43 -66.97 48.41 10.94
N GLY D 44 -67.92 47.79 11.65
CA GLY D 44 -67.58 46.72 12.56
C GLY D 44 -66.71 47.31 13.65
N LEU D 45 -65.56 46.70 13.92
CA LEU D 45 -64.65 47.21 14.93
C LEU D 45 -63.56 48.05 14.27
N GLN D 46 -63.51 49.34 14.60
CA GLN D 46 -62.57 50.24 13.96
C GLN D 46 -61.61 50.89 14.93
N TRP D 47 -60.32 50.65 14.73
CA TRP D 47 -59.29 51.26 15.56
C TRP D 47 -59.17 52.74 15.22
N LEU D 48 -59.08 53.59 16.23
CA LEU D 48 -59.02 55.03 15.98
C LEU D 48 -57.67 55.63 16.31
N ALA D 49 -57.21 55.41 17.53
CA ALA D 49 -55.99 56.08 17.97
C ALA D 49 -55.32 55.36 19.12
N VAL D 50 -54.01 55.58 19.23
CA VAL D 50 -53.21 55.07 20.35
C VAL D 50 -52.35 56.13 20.96
N ILE D 51 -52.24 56.09 22.27
CA ILE D 51 -51.31 56.92 22.98
C ILE D 51 -50.35 56.01 23.75
N THR D 52 -49.06 56.27 23.62
CA THR D 52 -48.07 55.42 24.25
C THR D 52 -48.01 55.62 25.76
N SER D 53 -47.32 54.71 26.44
CA SER D 53 -47.29 54.70 27.90
C SER D 53 -46.77 55.99 28.51
N ASP D 54 -45.86 56.66 27.83
CA ASP D 54 -45.31 57.90 28.35
C ASP D 54 -46.14 59.12 27.93
N GLY D 55 -47.20 58.88 27.17
CA GLY D 55 -48.10 59.94 26.72
C GLY D 55 -47.49 60.79 25.61
N ARG D 56 -46.35 60.35 25.08
CA ARG D 56 -45.62 61.15 24.10
C ARG D 56 -46.09 60.94 22.67
N ASN D 57 -46.14 59.70 22.21
CA ASN D 57 -46.48 59.42 20.82
C ASN D 57 -47.96 59.14 20.67
N LYS D 58 -48.58 59.85 19.74
CA LYS D 58 -50.00 59.68 19.47
C LYS D 58 -50.23 59.40 17.99
N PHE D 59 -50.70 58.20 17.68
CA PHE D 59 -50.93 57.82 16.29
C PHE D 59 -52.41 57.72 16.02
N TYR D 60 -52.84 58.28 14.88
CA TYR D 60 -54.26 58.32 14.55
C TYR D 60 -54.58 57.73 13.19
N ALA D 61 -55.69 57.01 13.10
CA ALA D 61 -56.20 56.55 11.82
C ALA D 61 -56.56 57.75 10.96
N ASP D 62 -56.37 57.62 9.66
CA ASP D 62 -56.68 58.73 8.74
C ASP D 62 -58.13 59.20 8.88
N SER D 63 -59.02 58.27 9.23
CA SER D 63 -60.44 58.56 9.39
C SER D 63 -60.76 59.54 10.53
N VAL D 64 -59.82 59.69 11.47
CA VAL D 64 -60.02 60.60 12.60
C VAL D 64 -58.84 61.56 12.79
N LYS D 65 -57.79 61.33 12.03
CA LYS D 65 -56.58 62.14 12.12
C LYS D 65 -56.91 63.62 11.95
N GLY D 66 -56.66 64.40 13.00
CA GLY D 66 -56.88 65.84 12.95
C GLY D 66 -58.23 66.26 13.53
N ARG D 67 -59.10 65.29 13.79
CA ARG D 67 -60.41 65.58 14.36
C ARG D 67 -60.49 65.09 15.79
N PHE D 68 -59.90 63.92 16.03
CA PHE D 68 -59.88 63.33 17.36
C PHE D 68 -58.50 63.51 18.00
N THR D 69 -58.49 63.72 19.30
CA THR D 69 -57.24 63.75 20.06
C THR D 69 -57.26 62.75 21.21
N ILE D 70 -56.21 61.94 21.30
CA ILE D 70 -56.13 60.94 22.36
C ILE D 70 -55.18 61.43 23.44
N SER D 71 -55.61 61.29 24.70
CA SER D 71 -54.80 61.76 25.82
C SER D 71 -55.02 60.88 27.05
N ARG D 72 -54.14 61.02 28.04
CA ARG D 72 -54.24 60.19 29.24
C ARG D 72 -53.78 60.91 30.49
N GLU D 73 -54.42 60.59 31.61
CA GLU D 73 -54.02 61.09 32.92
C GLU D 73 -53.56 59.94 33.80
N ASP D 74 -52.25 59.72 33.87
CA ASP D 74 -51.73 58.58 34.61
C ASP D 74 -52.08 58.68 36.09
N SER D 75 -52.13 59.90 36.60
CA SER D 75 -52.42 60.14 38.02
C SER D 75 -53.84 59.72 38.40
N LYS D 76 -54.71 59.54 37.41
CA LYS D 76 -56.08 59.15 37.65
C LYS D 76 -56.38 57.80 37.02
N ASN D 77 -55.34 57.15 36.50
CA ASN D 77 -55.49 55.89 35.78
C ASN D 77 -56.60 55.99 34.74
N THR D 78 -56.65 57.13 34.04
CA THR D 78 -57.76 57.36 33.12
C THR D 78 -57.34 57.77 31.72
N LEU D 79 -57.94 57.10 30.74
CA LEU D 79 -57.76 57.38 29.32
C LEU D 79 -58.88 58.28 28.81
N TYR D 80 -58.53 59.26 27.97
CA TYR D 80 -59.53 60.16 27.41
C TYR D 80 -59.51 60.21 25.89
N LEU D 81 -60.64 60.61 25.31
CA LEU D 81 -60.71 60.89 23.88
C LEU D 81 -61.49 62.16 23.61
N GLN D 82 -60.82 63.12 22.99
CA GLN D 82 -61.45 64.38 22.65
C GLN D 82 -61.88 64.38 21.20
N MET D 83 -63.19 64.37 20.96
CA MET D 83 -63.68 64.31 19.60
C MET D 83 -64.32 65.62 19.20
N ASP D 84 -63.70 66.33 18.26
CA ASP D 84 -64.21 67.62 17.84
C ASP D 84 -64.91 67.50 16.50
N SER D 85 -65.82 68.45 16.22
CA SER D 85 -66.53 68.48 14.95
C SER D 85 -67.14 67.13 14.62
N LEU D 86 -67.89 66.56 15.57
CA LEU D 86 -68.51 65.25 15.38
C LEU D 86 -69.45 65.23 14.20
N ARG D 87 -69.47 64.12 13.49
CA ARG D 87 -70.38 63.92 12.38
C ARG D 87 -71.36 62.79 12.69
N GLY D 88 -72.43 62.68 11.91
CA GLY D 88 -73.38 61.58 12.10
C GLY D 88 -72.70 60.23 11.96
N GLU D 89 -71.70 60.17 11.06
CA GLU D 89 -70.93 58.96 10.79
C GLU D 89 -70.11 58.48 11.99
N ASP D 90 -69.94 59.34 13.00
CA ASP D 90 -69.15 58.98 14.16
C ASP D 90 -69.99 58.25 15.20
N THR D 91 -71.25 58.01 14.91
CA THR D 91 -72.10 57.26 15.82
C THR D 91 -71.54 55.85 15.98
N ALA D 92 -71.22 55.48 17.21
CA ALA D 92 -70.60 54.18 17.48
C ALA D 92 -70.49 53.92 18.97
N VAL D 93 -70.24 52.67 19.32
CA VAL D 93 -69.88 52.35 20.69
C VAL D 93 -68.38 52.43 20.86
N TYR D 94 -67.93 53.31 21.73
CA TYR D 94 -66.51 53.54 21.91
C TYR D 94 -65.95 52.70 23.01
N TYR D 95 -64.98 51.87 22.64
CA TYR D 95 -64.35 50.95 23.58
C TYR D 95 -62.97 51.42 23.97
N CYS D 96 -62.70 51.28 25.24
CA CYS D 96 -61.40 51.49 25.81
C CYS D 96 -60.62 50.20 25.68
N VAL D 97 -59.46 50.25 25.04
CA VAL D 97 -58.69 49.05 24.78
C VAL D 97 -57.20 49.17 25.18
N THR D 98 -56.68 48.12 25.80
CA THR D 98 -55.24 48.05 26.10
C THR D 98 -54.75 46.61 26.01
N GLN D 99 -53.57 46.35 26.56
CA GLN D 99 -52.99 45.01 26.50
C GLN D 99 -52.55 44.53 27.87
N ARG D 100 -52.53 43.21 28.04
CA ARG D 100 -51.98 42.62 29.26
C ARG D 100 -50.48 42.40 29.16
N ASP D 101 -50.00 42.15 27.94
CA ASP D 101 -48.60 41.85 27.69
C ASP D 101 -47.83 43.06 27.15
N ASN D 102 -46.95 43.62 27.98
CA ASN D 102 -46.16 44.79 27.60
C ASN D 102 -44.68 44.43 27.49
N SER D 103 -44.40 43.17 27.16
CA SER D 103 -43.02 42.71 27.00
C SER D 103 -42.27 43.54 25.96
N ARG D 104 -42.97 43.95 24.92
CA ARG D 104 -42.40 44.78 23.87
C ARG D 104 -43.17 46.09 23.79
N ASP D 105 -42.97 46.96 24.77
CA ASP D 105 -43.76 48.18 24.84
C ASP D 105 -43.19 49.28 23.94
N TYR D 106 -43.27 49.05 22.64
CA TYR D 106 -42.77 49.98 21.64
C TYR D 106 -43.42 49.72 20.28
N PHE D 107 -43.39 50.71 19.42
CA PHE D 107 -44.04 50.64 18.12
C PHE D 107 -43.50 49.48 17.30
N PRO D 108 -44.38 48.73 16.61
CA PRO D 108 -45.85 48.72 16.58
C PRO D 108 -46.44 47.61 17.44
N HIS D 109 -45.71 47.17 18.44
CA HIS D 109 -46.04 45.91 19.07
C HIS D 109 -47.23 46.02 19.98
N TYR D 110 -47.64 47.24 20.29
CA TYR D 110 -48.80 47.44 21.12
C TYR D 110 -50.11 47.38 20.34
N PHE D 111 -50.02 46.99 19.07
CA PHE D 111 -51.21 46.76 18.25
C PHE D 111 -51.41 45.26 18.03
N HIS D 112 -50.49 44.46 18.56
CA HIS D 112 -50.47 43.04 18.23
C HIS D 112 -51.44 42.18 19.02
N ASP D 113 -51.70 42.54 20.29
CA ASP D 113 -52.59 41.72 21.11
C ASP D 113 -53.97 42.34 21.29
N MET D 114 -54.00 43.59 21.74
CA MET D 114 -55.27 44.29 22.03
C MET D 114 -56.26 43.37 22.76
N ASP D 115 -55.82 42.73 23.84
CA ASP D 115 -56.63 41.71 24.51
C ASP D 115 -57.46 42.22 25.69
N VAL D 116 -57.36 43.52 26.01
CA VAL D 116 -58.13 44.06 27.13
C VAL D 116 -59.17 45.06 26.65
N TRP D 117 -60.44 44.73 26.83
CA TRP D 117 -61.52 45.60 26.37
C TRP D 117 -62.43 46.01 27.50
N GLY D 118 -62.95 47.22 27.44
CA GLY D 118 -63.95 47.68 28.40
C GLY D 118 -65.36 47.31 27.92
N GLN D 119 -66.37 47.77 28.66
CA GLN D 119 -67.76 47.48 28.33
C GLN D 119 -68.24 48.27 27.11
N GLY D 120 -67.63 49.43 26.89
CA GLY D 120 -67.97 50.30 25.76
C GLY D 120 -69.07 51.31 26.12
N THR D 121 -68.98 52.50 25.54
CA THR D 121 -70.00 53.54 25.78
C THR D 121 -70.50 54.11 24.45
N THR D 122 -71.80 54.34 24.37
CA THR D 122 -72.40 54.81 23.12
C THR D 122 -72.24 56.31 22.92
N VAL D 123 -71.77 56.67 21.72
CA VAL D 123 -71.68 58.05 21.30
C VAL D 123 -72.53 58.26 20.07
N ALA D 124 -73.43 59.23 20.12
CA ALA D 124 -74.31 59.50 18.99
C ALA D 124 -74.33 60.98 18.67
N VAL E 3 -57.15 45.62 5.60
CA VAL E 3 -58.49 45.21 5.25
C VAL E 3 -58.66 43.70 5.38
N LEU E 4 -59.61 43.29 6.22
CA LEU E 4 -59.91 41.87 6.42
C LEU E 4 -61.37 41.57 6.05
N THR E 5 -61.57 40.47 5.34
CA THR E 5 -62.92 40.04 4.96
C THR E 5 -63.20 38.65 5.52
N GLN E 6 -64.32 38.51 6.21
CA GLN E 6 -64.67 37.22 6.79
C GLN E 6 -65.81 36.53 6.06
N SER E 7 -65.86 35.20 6.19
CA SER E 7 -66.89 34.39 5.57
C SER E 7 -67.17 33.12 6.38
N PRO E 8 -68.44 32.72 6.50
CA PRO E 8 -69.65 33.36 6.03
C PRO E 8 -69.99 34.55 6.89
N LEU E 9 -70.86 35.43 6.41
CA LEU E 9 -71.34 36.52 7.26
C LEU E 9 -72.05 35.98 8.50
N SER E 10 -72.77 34.88 8.33
CA SER E 10 -73.53 34.25 9.40
C SER E 10 -73.43 32.73 9.28
N LEU E 11 -73.15 32.08 10.39
CA LEU E 11 -72.91 30.63 10.41
C LEU E 11 -73.99 29.88 11.22
N PRO E 12 -74.91 29.14 10.55
CA PRO E 12 -76.02 28.38 11.10
C PRO E 12 -75.60 26.97 11.54
N VAL E 13 -75.04 26.84 12.74
CA VAL E 13 -74.51 25.56 13.19
C VAL E 13 -75.36 24.90 14.26
N THR E 14 -75.75 23.66 14.00
CA THR E 14 -76.56 22.89 14.94
C THR E 14 -75.80 22.67 16.25
N LEU E 15 -76.49 22.82 17.37
CA LEU E 15 -75.85 22.64 18.67
C LEU E 15 -75.10 21.32 18.74
N GLY E 16 -73.83 21.39 19.16
CA GLY E 16 -73.00 20.21 19.33
C GLY E 16 -72.17 19.90 18.08
N GLN E 17 -72.45 20.60 16.99
CA GLN E 17 -71.73 20.39 15.75
C GLN E 17 -70.60 21.40 15.61
N PRO E 18 -69.53 21.07 14.88
CA PRO E 18 -68.37 21.89 14.58
C PRO E 18 -68.70 23.06 13.68
N ALA E 19 -67.85 24.08 13.72
CA ALA E 19 -67.96 25.25 12.86
C ALA E 19 -66.60 25.86 12.61
N SER E 20 -66.48 26.62 11.54
CA SER E 20 -65.24 27.32 11.27
C SER E 20 -65.52 28.66 10.62
N ILE E 21 -64.71 29.65 10.97
CA ILE E 21 -64.86 31.00 10.44
C ILE E 21 -63.61 31.40 9.67
N SER E 22 -63.81 31.81 8.41
CA SER E 22 -62.70 32.20 7.56
C SER E 22 -62.44 33.69 7.61
N CYS E 23 -61.17 34.06 7.49
CA CYS E 23 -60.75 35.45 7.35
C CYS E 23 -59.71 35.59 6.26
N ARG E 24 -59.94 36.53 5.34
CA ARG E 24 -59.04 36.72 4.22
C ARG E 24 -58.55 38.16 4.18
N SER E 25 -57.23 38.33 4.18
CA SER E 25 -56.64 39.65 4.13
C SER E 25 -56.34 40.10 2.72
N SER E 26 -56.36 41.42 2.52
CA SER E 26 -56.00 42.01 1.23
C SER E 26 -54.48 41.98 1.02
N GLN E 27 -53.73 41.71 2.08
CA GLN E 27 -52.28 41.66 2.02
C GLN E 27 -51.74 40.66 3.01
N SER E 28 -50.57 40.11 2.73
CA SER E 28 -49.95 39.18 3.68
C SER E 28 -49.86 39.82 5.05
N LEU E 29 -50.22 39.07 6.08
CA LEU E 29 -50.19 39.57 7.44
C LEU E 29 -48.91 39.17 8.16
N VAL E 30 -47.93 38.71 7.41
CA VAL E 30 -46.65 38.37 8.00
C VAL E 30 -45.90 39.67 8.26
N TYR E 31 -45.44 39.85 9.49
CA TYR E 31 -44.80 41.09 9.87
C TYR E 31 -43.30 41.05 9.57
N SER E 32 -42.60 42.14 9.84
CA SER E 32 -41.18 42.25 9.53
C SER E 32 -40.30 41.28 10.31
N ASP E 33 -40.81 40.76 11.41
CA ASP E 33 -40.03 39.84 12.23
C ASP E 33 -40.34 38.38 11.91
N GLY E 34 -41.15 38.16 10.87
CA GLY E 34 -41.49 36.82 10.42
C GLY E 34 -42.74 36.24 11.09
N ASP E 35 -43.25 36.91 12.13
CA ASP E 35 -44.44 36.38 12.79
C ASP E 35 -45.70 36.82 12.05
N THR E 36 -46.85 36.38 12.51
CA THR E 36 -48.12 36.79 11.92
C THR E 36 -49.10 37.23 12.98
N TYR E 37 -49.48 38.49 12.96
CA TYR E 37 -50.33 39.01 14.00
C TYR E 37 -51.78 39.05 13.59
N LEU E 38 -52.34 37.84 13.42
CA LEU E 38 -53.75 37.65 13.10
C LEU E 38 -54.46 36.99 14.28
N ASN E 39 -55.30 37.75 14.95
CA ASN E 39 -55.99 37.29 16.15
C ASN E 39 -57.48 37.09 15.89
N TRP E 40 -58.13 36.31 16.74
CA TRP E 40 -59.56 36.12 16.68
C TRP E 40 -60.25 36.48 17.98
N PHE E 41 -61.33 37.26 17.87
CA PHE E 41 -62.11 37.70 19.02
C PHE E 41 -63.56 37.26 18.89
N GLN E 42 -64.21 37.02 20.01
CA GLN E 42 -65.64 36.74 20.00
C GLN E 42 -66.39 37.74 20.85
N GLN E 43 -67.38 38.37 20.23
CA GLN E 43 -68.23 39.29 20.96
C GLN E 43 -69.61 38.69 21.19
N ARG E 44 -69.94 38.43 22.43
CA ARG E 44 -71.24 37.89 22.81
C ARG E 44 -72.21 39.05 22.95
N PRO E 45 -73.47 38.94 22.52
CA PRO E 45 -74.48 39.96 22.63
C PRO E 45 -74.55 40.48 24.06
N GLY E 46 -74.59 41.81 24.20
CA GLY E 46 -74.63 42.44 25.51
C GLY E 46 -73.24 42.60 26.14
N GLN E 47 -72.22 42.08 25.45
CA GLN E 47 -70.86 42.11 25.97
C GLN E 47 -69.87 42.69 24.95
N SER E 48 -68.70 43.08 25.45
CA SER E 48 -67.61 43.56 24.59
C SER E 48 -66.90 42.34 23.98
N PRO E 49 -66.04 42.54 22.96
CA PRO E 49 -65.19 41.52 22.38
C PRO E 49 -64.17 40.95 23.38
N ARG E 50 -63.88 39.66 23.23
CA ARG E 50 -62.82 38.98 23.99
C ARG E 50 -61.97 38.15 23.06
N ARG E 51 -60.68 38.09 23.33
CA ARG E 51 -59.79 37.31 22.46
C ARG E 51 -59.87 35.84 22.79
N LEU E 52 -59.90 35.01 21.76
CA LEU E 52 -59.89 33.57 21.93
C LEU E 52 -58.58 32.99 21.43
N ILE E 53 -58.24 33.37 20.20
CA ILE E 53 -57.07 32.85 19.52
C ILE E 53 -56.15 33.99 19.12
N TYR E 54 -54.85 33.77 19.26
CA TYR E 54 -53.88 34.77 18.89
C TYR E 54 -52.72 34.17 18.12
N GLN E 55 -52.04 34.99 17.34
CA GLN E 55 -50.95 34.48 16.52
C GLN E 55 -51.44 33.28 15.73
N VAL E 56 -52.60 33.43 15.09
CA VAL E 56 -53.21 32.45 14.21
C VAL E 56 -53.82 31.22 14.92
N SER E 57 -53.06 30.58 15.82
CA SER E 57 -53.50 29.30 16.37
C SER E 57 -53.39 29.13 17.90
N ASN E 58 -52.82 30.10 18.61
CA ASN E 58 -52.63 29.93 20.06
C ASN E 58 -53.87 30.39 20.79
N ARG E 59 -54.18 29.78 21.93
CA ARG E 59 -55.35 30.24 22.67
C ARG E 59 -54.97 30.89 23.99
N ASP E 60 -55.78 31.85 24.40
CA ASP E 60 -55.57 32.53 25.68
C ASP E 60 -55.95 31.66 26.85
N SER E 61 -55.31 31.90 27.99
CA SER E 61 -55.69 31.20 29.20
C SER E 61 -57.15 31.45 29.50
N GLY E 62 -57.87 30.40 29.87
CA GLY E 62 -59.28 30.51 30.19
C GLY E 62 -60.16 30.17 28.97
N VAL E 63 -59.55 30.09 27.79
CA VAL E 63 -60.26 29.74 26.59
C VAL E 63 -60.38 28.22 26.48
N PRO E 64 -61.60 27.69 26.27
CA PRO E 64 -61.90 26.28 26.10
C PRO E 64 -61.06 25.65 24.99
N ASP E 65 -60.65 24.42 25.22
CA ASP E 65 -59.82 23.66 24.29
C ASP E 65 -60.50 23.37 22.96
N ARG E 66 -61.80 23.61 22.90
CA ARG E 66 -62.56 23.43 21.67
C ARG E 66 -62.25 24.52 20.64
N PHE E 67 -61.57 25.58 21.09
CA PHE E 67 -61.17 26.65 20.18
C PHE E 67 -59.74 26.48 19.71
N SER E 68 -59.54 26.56 18.40
CA SER E 68 -58.22 26.44 17.78
C SER E 68 -58.21 27.15 16.44
N GLY E 69 -57.11 27.10 15.72
CA GLY E 69 -57.06 27.76 14.42
C GLY E 69 -55.79 27.46 13.67
N SER E 70 -55.73 27.95 12.44
CA SER E 70 -54.59 27.77 11.56
C SER E 70 -54.60 28.80 10.44
N GLY E 71 -53.48 28.93 9.74
CA GLY E 71 -53.44 29.83 8.59
C GLY E 71 -52.08 30.47 8.40
N SER E 72 -51.92 31.13 7.26
CA SER E 72 -50.68 31.81 6.91
C SER E 72 -50.91 32.80 5.79
N GLY E 73 -49.99 33.73 5.60
CA GLY E 73 -50.10 34.66 4.49
C GLY E 73 -51.32 35.55 4.64
N THR E 74 -52.33 35.30 3.81
CA THR E 74 -53.55 36.07 3.81
C THR E 74 -54.75 35.25 4.29
N ASP E 75 -54.58 33.94 4.38
CA ASP E 75 -55.72 33.04 4.59
C ASP E 75 -55.71 32.38 5.97
N PHE E 76 -56.68 32.77 6.81
CA PHE E 76 -56.72 32.28 8.18
C PHE E 76 -58.09 31.72 8.55
N THR E 77 -58.09 30.68 9.40
CA THR E 77 -59.34 30.08 9.84
C THR E 77 -59.40 29.89 11.36
N LEU E 78 -60.56 30.22 11.94
CA LEU E 78 -60.86 29.92 13.33
C LEU E 78 -61.72 28.69 13.40
N LYS E 79 -61.29 27.70 14.16
CA LYS E 79 -62.05 26.46 14.22
C LYS E 79 -62.62 26.20 15.58
N ILE E 80 -63.86 25.71 15.60
CA ILE E 80 -64.52 25.32 16.84
C ILE E 80 -64.91 23.85 16.70
N SER E 81 -64.32 22.98 17.54
CA SER E 81 -64.56 21.54 17.39
C SER E 81 -66.04 21.18 17.58
N ARG E 82 -66.73 21.93 18.42
CA ARG E 82 -68.16 21.78 18.65
C ARG E 82 -68.71 23.12 19.14
N VAL E 83 -69.79 23.59 18.57
CA VAL E 83 -70.35 24.86 18.99
C VAL E 83 -71.44 24.68 20.03
N GLU E 84 -71.25 25.31 21.18
CA GLU E 84 -72.20 25.22 22.29
C GLU E 84 -73.12 26.44 22.31
N ALA E 85 -74.15 26.39 23.15
CA ALA E 85 -75.09 27.51 23.24
C ALA E 85 -74.38 28.79 23.67
N GLU E 86 -73.39 28.64 24.53
CA GLU E 86 -72.65 29.77 25.08
C GLU E 86 -71.64 30.33 24.08
N ASP E 87 -71.52 29.70 22.92
CA ASP E 87 -70.58 30.15 21.90
C ASP E 87 -71.25 31.12 20.92
N VAL E 88 -72.52 31.42 21.16
CA VAL E 88 -73.22 32.36 20.30
C VAL E 88 -72.53 33.71 20.34
N GLY E 89 -72.33 34.31 19.19
CA GLY E 89 -71.70 35.63 19.13
C GLY E 89 -71.07 35.92 17.79
N VAL E 90 -70.44 37.08 17.68
CA VAL E 90 -69.80 37.48 16.45
C VAL E 90 -68.30 37.33 16.53
N TYR E 91 -67.76 36.51 15.64
CA TYR E 91 -66.34 36.22 15.63
C TYR E 91 -65.60 37.12 14.66
N TYR E 92 -64.69 37.92 15.20
CA TYR E 92 -63.92 38.88 14.42
C TYR E 92 -62.49 38.44 14.24
N CYS E 93 -61.94 38.70 13.07
CA CYS E 93 -60.50 38.54 12.90
C CYS E 93 -59.86 39.91 12.95
N MET E 94 -58.66 39.97 13.51
CA MET E 94 -57.95 41.24 13.67
C MET E 94 -56.49 41.12 13.26
N GLN E 95 -56.01 42.11 12.52
CA GLN E 95 -54.60 42.10 12.17
C GLN E 95 -53.89 43.30 12.77
N GLY E 96 -52.74 43.05 13.39
CA GLY E 96 -51.93 44.12 13.96
C GLY E 96 -50.62 44.27 13.22
N SER E 97 -50.43 43.49 12.17
CA SER E 97 -49.19 43.48 11.41
C SER E 97 -48.95 44.80 10.67
N HIS E 98 -50.01 45.38 10.13
CA HIS E 98 -49.88 46.59 9.34
C HIS E 98 -50.71 47.71 9.92
N TRP E 99 -50.03 48.79 10.31
CA TRP E 99 -50.71 49.94 10.89
C TRP E 99 -51.48 50.70 9.81
N PRO E 100 -52.68 51.21 10.13
CA PRO E 100 -53.50 51.00 11.31
C PRO E 100 -53.95 49.54 11.37
N PRO E 101 -54.14 48.99 12.56
CA PRO E 101 -54.65 47.65 12.78
C PRO E 101 -56.09 47.62 12.31
N THR E 102 -56.54 46.48 11.83
CA THR E 102 -57.89 46.39 11.31
C THR E 102 -58.60 45.13 11.78
N PHE E 103 -59.93 45.17 11.70
CA PHE E 103 -60.77 44.03 12.01
C PHE E 103 -61.61 43.65 10.81
N GLY E 104 -62.05 42.39 10.76
CA GLY E 104 -62.99 41.97 9.74
C GLY E 104 -64.38 42.45 10.12
N GLN E 105 -65.38 42.13 9.31
CA GLN E 105 -66.74 42.62 9.59
C GLN E 105 -67.39 41.79 10.70
N GLY E 106 -66.81 40.63 10.98
CA GLY E 106 -67.30 39.73 12.00
C GLY E 106 -68.28 38.70 11.44
N THR E 107 -68.20 37.48 11.97
CA THR E 107 -69.10 36.40 11.58
C THR E 107 -70.06 36.06 12.69
N LYS E 108 -71.34 36.17 12.42
CA LYS E 108 -72.33 35.85 13.42
C LYS E 108 -72.60 34.37 13.46
N VAL E 109 -72.17 33.72 14.52
CA VAL E 109 -72.37 32.30 14.66
C VAL E 109 -73.54 32.06 15.59
N GLU E 110 -74.52 31.33 15.10
CA GLU E 110 -75.73 31.07 15.84
C GLU E 110 -75.95 29.58 15.96
N ILE E 111 -76.66 29.20 17.00
CA ILE E 111 -76.91 27.80 17.28
C ILE E 111 -78.29 27.36 16.83
N LYS E 112 -78.33 26.29 16.05
CA LYS E 112 -79.59 25.76 15.54
C LYS E 112 -80.02 24.51 16.30
N ALA F 2 -84.05 -16.84 -4.35
CA ALA F 2 -84.53 -16.64 -2.99
C ALA F 2 -85.86 -15.91 -3.01
N GLN F 3 -86.93 -16.63 -2.69
CA GLN F 3 -88.27 -16.06 -2.73
C GLN F 3 -88.90 -15.93 -1.35
N LEU F 4 -89.55 -14.79 -1.12
CA LEU F 4 -90.25 -14.54 0.12
C LEU F 4 -91.73 -14.23 -0.15
N VAL F 5 -92.63 -14.88 0.59
CA VAL F 5 -94.06 -14.66 0.39
C VAL F 5 -94.78 -14.26 1.67
N GLU F 6 -95.19 -12.98 1.73
CA GLU F 6 -95.87 -12.44 2.89
C GLU F 6 -97.36 -12.76 2.92
N SER F 7 -97.92 -12.78 4.13
CA SER F 7 -99.35 -12.93 4.34
C SER F 7 -99.75 -12.39 5.71
N GLY F 8 -101.06 -12.31 5.96
CA GLY F 8 -101.57 -11.86 7.25
C GLY F 8 -102.04 -10.41 7.25
N GLY F 9 -101.80 -9.71 6.14
CA GLY F 9 -102.22 -8.31 6.04
C GLY F 9 -103.72 -8.21 6.19
N ALA F 10 -104.17 -7.14 6.84
CA ALA F 10 -105.58 -6.92 7.10
C ALA F 10 -105.82 -5.50 7.61
N LEU F 11 -107.08 -5.10 7.70
CA LEU F 11 -107.46 -3.84 8.32
C LEU F 11 -107.82 -4.05 9.78
N VAL F 12 -107.04 -3.44 10.67
CA VAL F 12 -107.22 -3.58 12.10
C VAL F 12 -107.34 -2.22 12.78
N GLN F 13 -108.37 -2.06 13.59
CA GLN F 13 -108.62 -0.83 14.31
C GLN F 13 -107.45 -0.48 15.25
N PRO F 14 -107.10 0.80 15.40
CA PRO F 14 -106.08 1.29 16.29
C PRO F 14 -106.26 0.71 17.69
N GLY F 15 -105.16 0.27 18.29
CA GLY F 15 -105.18 -0.29 19.62
C GLY F 15 -105.16 -1.82 19.58
N ARG F 16 -105.56 -2.39 18.45
CA ARG F 16 -105.63 -3.83 18.31
C ARG F 16 -104.35 -4.38 17.69
N SER F 17 -104.22 -5.71 17.65
CA SER F 17 -103.01 -6.33 17.14
C SER F 17 -103.21 -7.04 15.79
N LEU F 18 -102.09 -7.22 15.09
CA LEU F 18 -102.06 -8.00 13.85
C LEU F 18 -100.76 -8.78 13.77
N ARG F 19 -100.84 -10.02 13.30
CA ARG F 19 -99.65 -10.84 13.16
C ARG F 19 -99.40 -11.22 11.70
N LEU F 20 -98.23 -10.86 11.20
CA LEU F 20 -97.83 -11.18 9.84
C LEU F 20 -97.00 -12.43 9.79
N SER F 21 -96.93 -13.02 8.61
CA SER F 21 -96.09 -14.17 8.37
C SER F 21 -95.41 -14.02 7.00
N CYS F 22 -94.33 -14.76 6.82
CA CYS F 22 -93.63 -14.78 5.54
C CYS F 22 -92.96 -16.12 5.28
N ALA F 23 -93.42 -16.80 4.24
CA ALA F 23 -92.88 -18.10 3.90
C ALA F 23 -91.65 -17.94 3.02
N ALA F 24 -90.62 -18.72 3.32
CA ALA F 24 -89.40 -18.66 2.53
C ALA F 24 -89.25 -19.90 1.67
N SER F 25 -88.73 -19.71 0.47
CA SER F 25 -88.40 -20.81 -0.43
C SER F 25 -87.26 -20.41 -1.37
N GLY F 26 -86.60 -21.40 -1.95
CA GLY F 26 -85.51 -21.15 -2.89
C GLY F 26 -84.16 -21.06 -2.18
N PHE F 27 -84.19 -21.07 -0.86
CA PHE F 27 -82.99 -21.01 -0.04
C PHE F 27 -83.26 -21.63 1.33
N THR F 28 -82.21 -21.84 2.11
CA THR F 28 -82.40 -22.38 3.44
C THR F 28 -82.69 -21.27 4.44
N PHE F 29 -83.93 -21.25 4.93
CA PHE F 29 -84.39 -20.21 5.84
C PHE F 29 -83.48 -20.09 7.05
N ARG F 30 -83.17 -21.23 7.65
CA ARG F 30 -82.34 -21.32 8.84
C ARG F 30 -80.97 -20.66 8.72
N ASN F 31 -80.45 -20.54 7.50
CA ASN F 31 -79.09 -20.03 7.32
C ASN F 31 -79.02 -18.52 7.15
N TYR F 32 -80.15 -17.82 7.25
CA TYR F 32 -80.13 -16.38 7.05
C TYR F 32 -80.88 -15.62 8.14
N ALA F 33 -80.43 -14.40 8.41
CA ALA F 33 -81.16 -13.46 9.25
C ALA F 33 -82.40 -12.97 8.49
N MET F 34 -83.44 -12.65 9.23
CA MET F 34 -84.69 -12.22 8.63
C MET F 34 -85.10 -10.83 9.09
N HIS F 35 -85.61 -10.02 8.17
CA HIS F 35 -85.97 -8.65 8.47
C HIS F 35 -87.40 -8.32 8.07
N TRP F 36 -87.98 -7.34 8.76
CA TRP F 36 -89.22 -6.71 8.29
C TRP F 36 -88.96 -5.25 7.96
N VAL F 37 -89.47 -4.84 6.81
CA VAL F 37 -89.40 -3.47 6.32
C VAL F 37 -90.79 -3.05 5.87
N ARG F 38 -91.22 -1.84 6.19
CA ARG F 38 -92.55 -1.45 5.73
C ARG F 38 -92.50 -0.22 4.83
N GLN F 39 -93.44 -0.14 3.92
CA GLN F 39 -93.50 0.97 2.99
C GLN F 39 -94.75 1.83 3.12
N ALA F 40 -94.54 3.12 3.21
CA ALA F 40 -95.63 4.09 3.25
C ALA F 40 -95.13 5.43 2.75
N PRO F 41 -95.97 6.25 2.10
CA PRO F 41 -95.68 7.61 1.69
C PRO F 41 -95.07 8.41 2.83
N ALA F 42 -95.53 8.13 4.05
CA ALA F 42 -95.06 8.78 5.26
C ALA F 42 -93.56 8.58 5.51
N THR F 43 -93.05 7.38 5.22
CA THR F 43 -91.69 7.02 5.59
C THR F 43 -90.84 6.52 4.42
N GLY F 44 -91.45 6.33 3.26
CA GLY F 44 -90.78 5.63 2.18
C GLY F 44 -90.54 4.20 2.64
N LEU F 45 -89.31 3.71 2.53
CA LEU F 45 -88.99 2.37 2.99
C LEU F 45 -88.37 2.44 4.39
N GLN F 46 -89.06 1.84 5.37
CA GLN F 46 -88.62 1.92 6.75
C GLN F 46 -88.30 0.55 7.34
N TRP F 47 -87.06 0.36 7.77
CA TRP F 47 -86.66 -0.89 8.40
C TRP F 47 -87.24 -0.96 9.80
N LEU F 48 -87.78 -2.11 10.18
CA LEU F 48 -88.41 -2.25 11.47
C LEU F 48 -87.62 -3.13 12.43
N ALA F 49 -87.34 -4.36 12.03
CA ALA F 49 -86.73 -5.30 12.95
C ALA F 49 -86.01 -6.43 12.24
N VAL F 50 -85.03 -7.01 12.95
CA VAL F 50 -84.32 -8.18 12.45
C VAL F 50 -84.22 -9.26 13.50
N ILE F 51 -84.34 -10.50 13.06
CA ILE F 51 -84.07 -11.63 13.89
C ILE F 51 -82.95 -12.44 13.27
N THR F 52 -81.95 -12.79 14.07
CA THR F 52 -80.79 -13.50 13.54
C THR F 52 -81.11 -14.95 13.22
N SER F 53 -80.20 -15.60 12.50
CA SER F 53 -80.42 -16.96 11.99
C SER F 53 -80.74 -17.97 13.08
N ASP F 54 -80.16 -17.79 14.27
CA ASP F 54 -80.41 -18.73 15.35
C ASP F 54 -81.65 -18.38 16.16
N GLY F 55 -82.32 -17.28 15.79
CA GLY F 55 -83.53 -16.83 16.45
C GLY F 55 -83.25 -16.20 17.81
N ARG F 56 -81.98 -15.97 18.11
CA ARG F 56 -81.60 -15.50 19.44
C ARG F 56 -81.64 -13.98 19.58
N ASN F 57 -80.98 -13.26 18.67
CA ASN F 57 -80.89 -11.81 18.78
C ASN F 57 -81.97 -11.12 17.98
N LYS F 58 -82.71 -10.23 18.63
CA LYS F 58 -83.78 -9.49 17.99
C LYS F 58 -83.57 -7.99 18.17
N PHE F 59 -83.38 -7.28 17.06
CA PHE F 59 -83.13 -5.85 17.14
C PHE F 59 -84.27 -5.07 16.51
N TYR F 60 -84.67 -3.97 17.15
CA TYR F 60 -85.81 -3.19 16.68
C TYR F 60 -85.50 -1.71 16.53
N ALA F 61 -86.07 -1.10 15.49
CA ALA F 61 -85.99 0.34 15.33
C ALA F 61 -86.72 1.02 16.48
N ASP F 62 -86.23 2.17 16.91
CA ASP F 62 -86.86 2.89 18.01
C ASP F 62 -88.34 3.17 17.74
N SER F 63 -88.70 3.34 16.47
CA SER F 63 -90.06 3.63 16.07
C SER F 63 -91.06 2.49 16.37
N VAL F 64 -90.55 1.28 16.57
CA VAL F 64 -91.40 0.13 16.87
C VAL F 64 -90.93 -0.64 18.10
N LYS F 65 -89.76 -0.27 18.60
CA LYS F 65 -89.17 -0.94 19.75
C LYS F 65 -90.14 -0.97 20.92
N GLY F 66 -90.53 -2.16 21.34
CA GLY F 66 -91.44 -2.34 22.48
C GLY F 66 -92.88 -2.54 22.06
N ARG F 67 -93.19 -2.30 20.79
CA ARG F 67 -94.55 -2.49 20.30
C ARG F 67 -94.62 -3.69 19.36
N PHE F 68 -93.56 -3.85 18.56
CA PHE F 68 -93.49 -4.96 17.62
C PHE F 68 -92.54 -6.03 18.13
N THR F 69 -92.87 -7.30 17.85
CA THR F 69 -91.98 -8.42 18.15
C THR F 69 -91.69 -9.24 16.90
N ILE F 70 -90.42 -9.52 16.65
CA ILE F 70 -90.05 -10.30 15.48
C ILE F 70 -89.69 -11.72 15.92
N SER F 71 -90.19 -12.71 15.19
CA SER F 71 -89.94 -14.10 15.54
C SER F 71 -89.91 -14.99 14.30
N ARG F 72 -89.39 -16.20 14.44
CA ARG F 72 -89.30 -17.10 13.31
C ARG F 72 -89.52 -18.55 13.69
N GLU F 73 -90.13 -19.31 12.80
CA GLU F 73 -90.29 -20.74 12.95
C GLU F 73 -89.50 -21.47 11.89
N ASP F 74 -88.30 -21.91 12.24
CA ASP F 74 -87.42 -22.53 11.26
C ASP F 74 -88.04 -23.80 10.68
N SER F 75 -88.80 -24.51 11.50
CA SER F 75 -89.43 -25.76 11.09
C SER F 75 -90.47 -25.56 9.98
N LYS F 76 -90.92 -24.32 9.80
CA LYS F 76 -91.91 -24.00 8.78
C LYS F 76 -91.35 -23.03 7.75
N ASN F 77 -90.05 -22.76 7.84
CA ASN F 77 -89.40 -21.78 6.98
C ASN F 77 -90.18 -20.48 6.96
N THR F 78 -90.68 -20.06 8.11
CA THR F 78 -91.55 -18.89 8.14
C THR F 78 -91.14 -17.81 9.15
N LEU F 79 -91.12 -16.58 8.65
CA LEU F 79 -90.85 -15.39 9.46
C LEU F 79 -92.16 -14.75 9.89
N TYR F 80 -92.22 -14.29 11.15
CA TYR F 80 -93.42 -13.63 11.65
C TYR F 80 -93.15 -12.24 12.21
N LEU F 81 -94.20 -11.42 12.25
CA LEU F 81 -94.13 -10.13 12.95
C LEU F 81 -95.39 -9.92 13.78
N GLN F 82 -95.21 -9.78 15.09
CA GLN F 82 -96.31 -9.56 15.99
C GLN F 82 -96.41 -8.08 16.32
N MET F 83 -97.46 -7.43 15.84
CA MET F 83 -97.60 -6.00 16.05
C MET F 83 -98.74 -5.70 17.01
N ASP F 84 -98.40 -5.18 18.17
CA ASP F 84 -99.42 -4.87 19.17
C ASP F 84 -99.71 -3.39 19.22
N SER F 85 -100.89 -3.02 19.70
CA SER F 85 -101.27 -1.63 19.85
C SER F 85 -101.03 -0.84 18.56
N LEU F 86 -101.55 -1.35 17.44
CA LEU F 86 -101.36 -0.70 16.16
C LEU F 86 -101.94 0.69 16.15
N ARG F 87 -101.28 1.59 15.43
CA ARG F 87 -101.75 2.94 15.27
C ARG F 87 -102.04 3.24 13.80
N GLY F 88 -102.76 4.33 13.53
CA GLY F 88 -103.02 4.71 12.14
C GLY F 88 -101.72 4.92 11.36
N GLU F 89 -100.70 5.41 12.05
CA GLU F 89 -99.39 5.67 11.48
C GLU F 89 -98.67 4.40 11.03
N ASP F 90 -99.14 3.24 11.46
CA ASP F 90 -98.52 1.98 11.11
C ASP F 90 -99.03 1.44 9.79
N THR F 91 -99.93 2.19 9.15
CA THR F 91 -100.43 1.78 7.85
C THR F 91 -99.28 1.75 6.86
N ALA F 92 -99.03 0.58 6.28
CA ALA F 92 -97.90 0.42 5.37
C ALA F 92 -97.96 -0.95 4.70
N VAL F 93 -97.18 -1.10 3.61
CA VAL F 93 -96.97 -2.42 3.04
C VAL F 93 -95.78 -3.08 3.70
N TYR F 94 -96.00 -4.22 4.32
CA TYR F 94 -94.96 -4.89 5.06
C TYR F 94 -94.25 -5.92 4.20
N TYR F 95 -92.96 -5.71 4.02
CA TYR F 95 -92.14 -6.57 3.20
C TYR F 95 -91.29 -7.49 4.03
N CYS F 96 -91.21 -8.71 3.59
CA CYS F 96 -90.33 -9.71 4.13
C CYS F 96 -89.00 -9.56 3.41
N VAL F 97 -87.93 -9.37 4.17
CA VAL F 97 -86.63 -9.12 3.57
C VAL F 97 -85.52 -10.00 4.17
N THR F 98 -84.67 -10.55 3.30
CA THR F 98 -83.49 -11.29 3.76
C THR F 98 -82.34 -11.06 2.80
N GLN F 99 -81.30 -11.89 2.91
CA GLN F 99 -80.14 -11.72 2.07
C GLN F 99 -79.75 -13.02 1.38
N ARG F 100 -79.10 -12.89 0.23
CA ARG F 100 -78.56 -14.07 -0.45
C ARG F 100 -77.15 -14.41 0.06
N ASP F 101 -76.42 -13.38 0.49
CA ASP F 101 -75.04 -13.53 0.92
C ASP F 101 -74.91 -13.56 2.45
N ASN F 102 -74.60 -14.73 3.00
CA ASN F 102 -74.44 -14.88 4.44
C ASN F 102 -72.99 -15.20 4.81
N SER F 103 -72.04 -14.70 3.99
CA SER F 103 -70.62 -14.90 4.24
C SER F 103 -70.21 -14.39 5.61
N ARG F 104 -70.81 -13.28 6.03
CA ARG F 104 -70.54 -12.70 7.33
C ARG F 104 -71.83 -12.65 8.14
N ASP F 105 -72.26 -13.80 8.64
CA ASP F 105 -73.56 -13.89 9.31
C ASP F 105 -73.46 -13.45 10.76
N TYR F 106 -73.20 -12.16 10.95
CA TYR F 106 -73.10 -11.57 12.28
C TYR F 106 -73.28 -10.05 12.22
N PHE F 107 -73.57 -9.46 13.37
CA PHE F 107 -73.86 -8.03 13.44
C PHE F 107 -72.69 -7.18 12.96
N PRO F 108 -72.95 -6.12 12.18
CA PRO F 108 -74.20 -5.64 11.58
C PRO F 108 -74.32 -6.03 10.11
N HIS F 109 -73.67 -7.09 9.72
CA HIS F 109 -73.45 -7.33 8.31
C HIS F 109 -74.72 -7.78 7.60
N TYR F 110 -75.71 -8.19 8.37
CA TYR F 110 -76.96 -8.61 7.79
C TYR F 110 -77.88 -7.43 7.45
N PHE F 111 -77.35 -6.22 7.59
CA PHE F 111 -78.09 -5.03 7.16
C PHE F 111 -77.45 -4.44 5.91
N HIS F 112 -76.37 -5.06 5.44
CA HIS F 112 -75.58 -4.47 4.38
C HIS F 112 -76.12 -4.71 2.97
N ASP F 113 -76.74 -5.86 2.72
CA ASP F 113 -77.22 -6.15 1.37
C ASP F 113 -78.74 -6.02 1.24
N MET F 114 -79.48 -6.70 2.12
CA MET F 114 -80.94 -6.72 2.05
C MET F 114 -81.43 -6.86 0.61
N ASP F 115 -80.90 -7.86 -0.11
CA ASP F 115 -81.18 -7.99 -1.54
C ASP F 115 -82.35 -8.92 -1.88
N VAL F 116 -82.96 -9.54 -0.87
CA VAL F 116 -84.07 -10.45 -1.14
C VAL F 116 -85.37 -9.88 -0.57
N TRP F 117 -86.31 -9.55 -1.45
CA TRP F 117 -87.56 -8.95 -1.03
C TRP F 117 -88.75 -9.79 -1.46
N GLY F 118 -89.80 -9.80 -0.64
CA GLY F 118 -91.05 -10.43 -1.02
C GLY F 118 -91.95 -9.44 -1.74
N GLN F 119 -93.16 -9.87 -2.08
CA GLN F 119 -94.12 -9.01 -2.78
C GLN F 119 -94.70 -7.91 -1.90
N GLY F 120 -94.75 -8.18 -0.60
CA GLY F 120 -95.28 -7.23 0.39
C GLY F 120 -96.76 -7.45 0.65
N THR F 121 -97.18 -7.25 1.90
CA THR F 121 -98.58 -7.39 2.28
C THR F 121 -99.07 -6.14 3.00
N THR F 122 -100.27 -5.69 2.68
CA THR F 122 -100.78 -4.44 3.22
C THR F 122 -101.36 -4.59 4.63
N VAL F 123 -100.91 -3.71 5.52
CA VAL F 123 -101.43 -3.63 6.87
C VAL F 123 -102.02 -2.25 7.10
N ALA F 124 -103.28 -2.20 7.52
CA ALA F 124 -103.94 -0.92 7.74
C ALA F 124 -104.65 -0.91 9.07
N ALA G 2 -48.38 57.40 -37.92
CA ALA G 2 -49.37 56.57 -38.59
C ALA G 2 -50.77 57.13 -38.40
N GLN G 3 -51.31 57.71 -39.47
CA GLN G 3 -52.62 58.35 -39.43
C GLN G 3 -53.68 57.61 -40.24
N LEU G 4 -54.87 57.48 -39.66
CA LEU G 4 -55.99 56.85 -40.32
C LEU G 4 -57.17 57.82 -40.39
N VAL G 5 -57.77 57.96 -41.57
CA VAL G 5 -58.90 58.88 -41.74
C VAL G 5 -60.14 58.20 -42.31
N GLU G 6 -61.16 58.03 -41.48
CA GLU G 6 -62.40 57.37 -41.87
C GLU G 6 -63.36 58.30 -42.60
N SER G 7 -64.21 57.71 -43.44
CA SER G 7 -65.28 58.42 -44.10
C SER G 7 -66.38 57.45 -44.53
N GLY G 8 -67.50 57.99 -45.02
CA GLY G 8 -68.60 57.15 -45.51
C GLY G 8 -69.74 57.02 -44.51
N GLY G 9 -69.54 57.52 -43.30
CA GLY G 9 -70.56 57.43 -42.27
C GLY G 9 -71.82 58.17 -42.73
N ALA G 10 -72.98 57.62 -42.38
CA ALA G 10 -74.26 58.19 -42.77
C ALA G 10 -75.40 57.52 -42.01
N LEU G 11 -76.60 58.08 -42.14
CA LEU G 11 -77.81 57.47 -41.60
C LEU G 11 -78.49 56.62 -42.67
N VAL G 12 -78.56 55.32 -42.43
CA VAL G 12 -79.15 54.39 -43.37
C VAL G 12 -80.23 53.53 -42.71
N GLN G 13 -81.38 53.48 -43.36
CA GLN G 13 -82.52 52.71 -42.85
C GLN G 13 -82.17 51.23 -42.71
N PRO G 14 -82.66 50.55 -41.67
CA PRO G 14 -82.51 49.13 -41.45
C PRO G 14 -82.82 48.31 -42.69
N GLY G 15 -81.99 47.34 -43.00
CA GLY G 15 -82.18 46.50 -44.16
C GLY G 15 -81.30 46.94 -45.33
N ARG G 16 -80.88 48.20 -45.31
CA ARG G 16 -80.08 48.76 -46.40
C ARG G 16 -78.59 48.63 -46.08
N SER G 17 -77.74 48.96 -47.05
CA SER G 17 -76.31 48.82 -46.87
C SER G 17 -75.57 50.17 -46.80
N LEU G 18 -74.39 50.13 -46.21
CA LEU G 18 -73.49 51.28 -46.17
C LEU G 18 -72.06 50.82 -46.33
N ARG G 19 -71.27 51.59 -47.09
CA ARG G 19 -69.87 51.25 -47.27
C ARG G 19 -68.94 52.32 -46.73
N LEU G 20 -68.08 51.93 -45.81
CA LEU G 20 -67.10 52.83 -45.21
C LEU G 20 -65.77 52.75 -45.90
N SER G 21 -64.98 53.78 -45.71
CA SER G 21 -63.62 53.80 -46.21
C SER G 21 -62.70 54.42 -45.17
N CYS G 22 -61.41 54.13 -45.30
CA CYS G 22 -60.39 54.71 -44.42
C CYS G 22 -59.07 54.90 -45.13
N ALA G 23 -58.66 56.15 -45.26
CA ALA G 23 -57.41 56.47 -45.94
C ALA G 23 -56.25 56.39 -44.97
N ALA G 24 -55.15 55.81 -45.41
CA ALA G 24 -53.98 55.70 -44.57
C ALA G 24 -52.87 56.62 -45.06
N SER G 25 -52.14 57.20 -44.11
CA SER G 25 -50.97 57.99 -44.42
C SER G 25 -49.97 57.95 -43.26
N GLY G 26 -48.72 58.29 -43.53
CA GLY G 26 -47.68 58.31 -42.49
C GLY G 26 -46.98 56.97 -42.37
N PHE G 27 -47.49 55.97 -43.08
CA PHE G 27 -46.92 54.63 -43.08
C PHE G 27 -47.30 53.91 -44.37
N THR G 28 -46.70 52.76 -44.62
CA THR G 28 -47.05 52.00 -45.81
C THR G 28 -48.24 51.09 -45.54
N PHE G 29 -49.37 51.43 -46.15
CA PHE G 29 -50.62 50.70 -45.95
C PHE G 29 -50.43 49.22 -46.22
N ARG G 30 -49.80 48.90 -47.34
CA ARG G 30 -49.57 47.54 -47.80
C ARG G 30 -48.86 46.65 -46.78
N ASN G 31 -48.07 47.24 -45.88
CA ASN G 31 -47.27 46.44 -44.98
C ASN G 31 -47.95 46.11 -43.65
N TYR G 32 -49.23 46.48 -43.51
CA TYR G 32 -49.92 46.21 -42.26
C TYR G 32 -51.31 45.60 -42.46
N ALA G 33 -51.73 44.78 -41.49
CA ALA G 33 -53.10 44.29 -41.42
C ALA G 33 -54.02 45.44 -41.02
N MET G 34 -55.25 45.41 -41.49
CA MET G 34 -56.20 46.49 -41.22
C MET G 34 -57.47 46.00 -40.52
N HIS G 35 -57.89 46.72 -39.48
CA HIS G 35 -59.03 46.32 -38.67
C HIS G 35 -60.14 47.36 -38.67
N TRP G 36 -61.37 46.90 -38.43
CA TRP G 36 -62.46 47.80 -38.08
C TRP G 36 -62.96 47.48 -36.68
N VAL G 37 -63.15 48.54 -35.91
CA VAL G 37 -63.67 48.47 -34.55
C VAL G 37 -64.79 49.50 -34.43
N ARG G 38 -65.91 49.16 -33.80
CA ARG G 38 -66.96 50.15 -33.66
C ARG G 38 -67.27 50.47 -32.21
N GLN G 39 -67.69 51.70 -31.97
CA GLN G 39 -68.00 52.15 -30.62
C GLN G 39 -69.45 52.54 -30.41
N ALA G 40 -70.04 51.99 -29.37
CA ALA G 40 -71.39 52.33 -28.98
C ALA G 40 -71.56 52.05 -27.50
N PRO G 41 -72.41 52.80 -26.77
CA PRO G 41 -72.79 52.57 -25.39
C PRO G 41 -73.19 51.11 -25.17
N ALA G 42 -73.83 50.53 -26.19
CA ALA G 42 -74.28 49.15 -26.17
C ALA G 42 -73.13 48.14 -25.98
N THR G 43 -71.99 48.41 -26.62
CA THR G 43 -70.91 47.43 -26.67
C THR G 43 -69.57 47.96 -26.18
N GLY G 44 -69.50 49.26 -25.91
CA GLY G 44 -68.21 49.90 -25.68
C GLY G 44 -67.42 49.80 -26.98
N LEU G 45 -66.20 49.31 -26.91
CA LEU G 45 -65.38 49.14 -28.11
C LEU G 45 -65.47 47.70 -28.58
N GLN G 46 -66.00 47.51 -29.78
CA GLN G 46 -66.23 46.17 -30.31
C GLN G 46 -65.46 45.93 -31.60
N TRP G 47 -64.57 44.94 -31.57
CA TRP G 47 -63.81 44.58 -32.76
C TRP G 47 -64.72 43.87 -33.74
N LEU G 48 -64.61 44.23 -35.02
CA LEU G 48 -65.47 43.64 -36.03
C LEU G 48 -64.75 42.72 -36.99
N ALA G 49 -63.71 43.23 -37.64
CA ALA G 49 -63.07 42.45 -38.68
C ALA G 49 -61.66 42.90 -38.95
N VAL G 50 -60.84 41.97 -39.47
CA VAL G 50 -59.50 42.31 -39.93
C VAL G 50 -59.21 41.69 -41.27
N ILE G 51 -58.52 42.44 -42.10
CA ILE G 51 -58.02 41.95 -43.35
C ILE G 51 -56.49 41.99 -43.30
N THR G 52 -55.87 40.89 -43.65
CA THR G 52 -54.42 40.79 -43.55
C THR G 52 -53.72 41.63 -44.61
N SER G 53 -52.41 41.83 -44.45
CA SER G 53 -51.66 42.73 -45.32
C SER G 53 -51.75 42.37 -46.79
N ASP G 54 -51.85 41.08 -47.10
CA ASP G 54 -51.93 40.66 -48.48
C ASP G 54 -53.35 40.67 -49.01
N GLY G 55 -54.30 41.04 -48.16
CA GLY G 55 -55.71 41.13 -48.52
C GLY G 55 -56.36 39.75 -48.66
N ARG G 56 -55.66 38.71 -48.23
CA ARG G 56 -56.12 37.34 -48.43
C ARG G 56 -57.06 36.81 -47.35
N ASN G 57 -56.65 36.91 -46.09
CA ASN G 57 -57.43 36.37 -44.98
C ASN G 57 -58.33 37.44 -44.37
N LYS G 58 -59.63 37.14 -44.25
CA LYS G 58 -60.59 38.08 -43.69
C LYS G 58 -61.36 37.45 -42.53
N PHE G 59 -61.11 37.93 -41.33
CA PHE G 59 -61.73 37.35 -40.14
C PHE G 59 -62.84 38.25 -39.64
N TYR G 60 -63.93 37.65 -39.16
CA TYR G 60 -65.07 38.44 -38.69
C TYR G 60 -65.57 38.03 -37.32
N ALA G 61 -65.91 39.02 -36.51
CA ALA G 61 -66.54 38.83 -35.22
C ALA G 61 -67.92 38.23 -35.38
N ASP G 62 -68.34 37.44 -34.41
CA ASP G 62 -69.68 36.86 -34.41
C ASP G 62 -70.77 37.90 -34.64
N SER G 63 -70.59 39.08 -34.04
CA SER G 63 -71.61 40.13 -34.10
C SER G 63 -71.90 40.63 -35.52
N VAL G 64 -71.01 40.31 -36.47
CA VAL G 64 -71.18 40.74 -37.86
C VAL G 64 -70.99 39.55 -38.83
N LYS G 65 -71.07 38.32 -38.31
CA LYS G 65 -70.76 37.14 -39.09
C LYS G 65 -71.69 36.95 -40.28
N GLY G 66 -71.15 37.00 -41.50
CA GLY G 66 -71.95 36.81 -42.71
C GLY G 66 -72.71 38.07 -43.11
N ARG G 67 -72.47 39.17 -42.41
CA ARG G 67 -73.19 40.39 -42.71
C ARG G 67 -72.24 41.47 -43.21
N PHE G 68 -71.06 41.55 -42.62
CA PHE G 68 -70.08 42.55 -43.03
C PHE G 68 -68.98 41.91 -43.85
N THR G 69 -68.45 42.66 -44.81
CA THR G 69 -67.28 42.24 -45.59
C THR G 69 -66.18 43.29 -45.50
N ILE G 70 -64.97 42.84 -45.20
CA ILE G 70 -63.84 43.76 -45.10
C ILE G 70 -62.95 43.62 -46.33
N SER G 71 -62.51 44.74 -46.87
CA SER G 71 -61.68 44.73 -48.07
C SER G 71 -60.72 45.91 -48.08
N ARG G 72 -59.73 45.86 -48.97
CA ARG G 72 -58.74 46.92 -49.03
C ARG G 72 -58.25 47.16 -50.44
N GLU G 73 -57.93 48.42 -50.74
CA GLU G 73 -57.31 48.81 -52.00
C GLU G 73 -55.92 49.38 -51.75
N ASP G 74 -54.91 48.54 -51.91
CA ASP G 74 -53.55 48.95 -51.60
C ASP G 74 -53.11 50.12 -52.47
N SER G 75 -53.57 50.14 -53.71
CA SER G 75 -53.20 51.19 -54.66
C SER G 75 -53.69 52.57 -54.24
N LYS G 76 -54.65 52.62 -53.32
CA LYS G 76 -55.20 53.89 -52.85
C LYS G 76 -54.93 54.06 -51.36
N ASN G 77 -54.14 53.15 -50.78
CA ASN G 77 -53.88 53.15 -49.35
C ASN G 77 -55.18 53.26 -48.56
N THR G 78 -56.22 52.55 -49.01
CA THR G 78 -57.51 52.70 -48.39
C THR G 78 -58.17 51.39 -47.96
N LEU G 79 -58.66 51.40 -46.73
CA LEU G 79 -59.40 50.29 -46.14
C LEU G 79 -60.90 50.52 -46.28
N TYR G 80 -61.65 49.46 -46.60
CA TYR G 80 -63.10 49.57 -46.74
C TYR G 80 -63.86 48.59 -45.86
N LEU G 81 -65.11 48.93 -45.56
CA LEU G 81 -66.02 48.00 -44.89
C LEU G 81 -67.40 48.03 -45.54
N GLN G 82 -67.82 46.88 -46.05
CA GLN G 82 -69.11 46.76 -46.68
C GLN G 82 -70.11 46.15 -45.72
N MET G 83 -71.07 46.94 -45.27
CA MET G 83 -72.02 46.46 -44.28
C MET G 83 -73.40 46.30 -44.90
N ASP G 84 -73.85 45.06 -45.02
CA ASP G 84 -75.13 44.79 -45.63
C ASP G 84 -76.18 44.48 -44.59
N SER G 85 -77.45 44.67 -44.94
CA SER G 85 -78.56 44.38 -44.05
C SER G 85 -78.36 45.03 -42.68
N LEU G 86 -78.07 46.33 -42.67
CA LEU G 86 -77.83 47.04 -41.42
C LEU G 86 -79.02 46.98 -40.50
N ARG G 87 -78.74 46.90 -39.21
CA ARG G 87 -79.78 46.90 -38.19
C ARG G 87 -79.63 48.12 -37.28
N GLY G 88 -80.65 48.41 -36.49
CA GLY G 88 -80.56 49.52 -35.53
C GLY G 88 -79.41 49.31 -34.55
N GLU G 89 -79.15 48.05 -34.22
CA GLU G 89 -78.09 47.66 -33.29
C GLU G 89 -76.70 47.97 -33.82
N ASP G 90 -76.58 48.26 -35.11
CA ASP G 90 -75.28 48.55 -35.71
C ASP G 90 -74.90 50.01 -35.57
N THR G 91 -75.76 50.80 -34.92
CA THR G 91 -75.44 52.20 -34.71
C THR G 91 -74.20 52.30 -33.84
N ALA G 92 -73.16 52.94 -34.38
CA ALA G 92 -71.88 53.04 -33.68
C ALA G 92 -70.92 53.96 -34.42
N VAL G 93 -69.86 54.37 -33.74
CA VAL G 93 -68.77 55.07 -34.41
C VAL G 93 -67.75 54.05 -34.90
N TYR G 94 -67.52 54.03 -36.19
CA TYR G 94 -66.63 53.07 -36.79
C TYR G 94 -65.22 53.59 -36.92
N TYR G 95 -64.30 52.91 -36.26
CA TYR G 95 -62.91 53.30 -36.24
C TYR G 95 -62.08 52.43 -37.13
N CYS G 96 -61.18 53.08 -37.84
CA CYS G 96 -60.17 52.43 -38.62
C CYS G 96 -58.98 52.18 -37.71
N VAL G 97 -58.56 50.92 -37.59
CA VAL G 97 -57.50 50.57 -36.67
C VAL G 97 -56.41 49.71 -37.30
N THR G 98 -55.15 50.03 -37.01
CA THR G 98 -54.03 49.20 -37.45
C THR G 98 -52.92 49.22 -36.41
N GLN G 99 -51.74 48.77 -36.79
CA GLN G 99 -50.62 48.72 -35.86
C GLN G 99 -49.40 49.42 -36.41
N ARG G 100 -48.54 49.91 -35.51
CA ARG G 100 -47.27 50.48 -35.93
C ARG G 100 -46.20 49.39 -36.06
N ASP G 101 -46.32 48.34 -35.24
CA ASP G 101 -45.34 47.27 -35.20
C ASP G 101 -45.80 46.04 -35.99
N ASN G 102 -45.15 45.80 -37.13
CA ASN G 102 -45.48 44.65 -37.97
C ASN G 102 -44.36 43.62 -37.96
N SER G 103 -43.61 43.57 -36.85
CA SER G 103 -42.52 42.61 -36.69
C SER G 103 -43.03 41.19 -36.80
N ARG G 104 -44.26 40.97 -36.32
CA ARG G 104 -44.89 39.66 -36.39
C ARG G 104 -46.20 39.76 -37.17
N ASP G 105 -46.10 39.95 -38.48
CA ASP G 105 -47.30 40.20 -39.27
C ASP G 105 -47.97 38.89 -39.68
N TYR G 106 -48.52 38.21 -38.69
CA TYR G 106 -49.19 36.94 -38.90
C TYR G 106 -50.11 36.62 -37.73
N PHE G 107 -51.07 35.73 -37.97
CA PHE G 107 -52.07 35.38 -36.97
C PHE G 107 -51.44 34.82 -35.70
N PRO G 108 -51.94 35.21 -34.52
CA PRO G 108 -52.91 36.25 -34.17
C PRO G 108 -52.23 37.54 -33.71
N HIS G 109 -51.05 37.81 -34.20
CA HIS G 109 -50.21 38.82 -33.59
C HIS G 109 -50.63 40.23 -33.97
N TYR G 110 -51.46 40.34 -35.00
CA TYR G 110 -51.94 41.65 -35.40
C TYR G 110 -53.16 42.10 -34.59
N PHE G 111 -53.48 41.33 -33.55
CA PHE G 111 -54.53 41.72 -32.62
C PHE G 111 -53.93 42.13 -31.29
N HIS G 112 -52.61 42.04 -31.18
CA HIS G 112 -51.95 42.22 -29.90
C HIS G 112 -51.72 43.67 -29.51
N ASP G 113 -51.49 44.55 -30.50
CA ASP G 113 -51.21 45.94 -30.17
C ASP G 113 -52.38 46.88 -30.50
N MET G 114 -52.86 46.82 -31.74
CA MET G 114 -53.92 47.73 -32.20
C MET G 114 -53.70 49.16 -31.70
N ASP G 115 -52.50 49.70 -31.91
CA ASP G 115 -52.14 50.98 -31.33
C ASP G 115 -52.40 52.19 -32.25
N VAL G 116 -52.88 51.96 -33.46
CA VAL G 116 -53.13 53.07 -34.39
C VAL G 116 -54.62 53.22 -34.64
N TRP G 117 -55.19 54.34 -34.23
CA TRP G 117 -56.63 54.57 -34.38
C TRP G 117 -56.90 55.83 -35.18
N GLY G 118 -57.96 55.80 -35.99
CA GLY G 118 -58.41 56.99 -36.69
C GLY G 118 -59.38 57.79 -35.83
N GLN G 119 -59.94 58.86 -36.39
CA GLN G 119 -60.86 59.72 -35.66
C GLN G 119 -62.23 59.06 -35.45
N GLY G 120 -62.60 58.16 -36.35
CA GLY G 120 -63.87 57.44 -36.28
C GLY G 120 -64.97 58.16 -37.06
N THR G 121 -65.86 57.38 -37.67
CA THR G 121 -66.98 57.95 -38.42
C THR G 121 -68.30 57.33 -37.96
N THR G 122 -69.32 58.17 -37.80
CA THR G 122 -70.59 57.69 -37.26
C THR G 122 -71.46 57.01 -38.31
N VAL G 123 -71.95 55.83 -37.95
CA VAL G 123 -72.89 55.08 -38.76
C VAL G 123 -74.17 54.87 -37.96
N ALA G 124 -75.30 55.26 -38.55
CA ALA G 124 -76.57 55.12 -37.87
C ALA G 124 -77.60 54.50 -38.79
N VAL H 3 -80.11 8.86 7.99
CA VAL H 3 -81.00 9.68 7.18
C VAL H 3 -80.40 9.94 5.80
N LEU H 4 -81.15 9.54 4.76
CA LEU H 4 -80.74 9.76 3.39
C LEU H 4 -81.75 10.63 2.65
N THR H 5 -81.26 11.59 1.87
CA THR H 5 -82.11 12.45 1.06
C THR H 5 -81.75 12.33 -0.41
N GLN H 6 -82.75 12.09 -1.25
CA GLN H 6 -82.50 11.94 -2.68
C GLN H 6 -82.99 13.14 -3.49
N SER H 7 -82.37 13.32 -4.65
CA SER H 7 -82.72 14.41 -5.56
C SER H 7 -82.43 14.04 -7.02
N PRO H 8 -83.33 14.41 -7.94
CA PRO H 8 -84.61 15.08 -7.77
C PRO H 8 -85.64 14.13 -7.22
N LEU H 9 -86.75 14.65 -6.70
CA LEU H 9 -87.85 13.79 -6.29
C LEU H 9 -88.42 13.00 -7.47
N SER H 10 -88.45 13.63 -8.64
CA SER H 10 -88.97 13.03 -9.86
C SER H 10 -88.10 13.42 -11.04
N LEU H 11 -87.74 12.44 -11.85
CA LEU H 11 -86.80 12.64 -12.95
C LEU H 11 -87.48 12.41 -14.33
N PRO H 12 -87.76 13.48 -15.09
CA PRO H 12 -88.40 13.51 -16.40
C PRO H 12 -87.42 13.28 -17.54
N VAL H 13 -87.09 12.03 -17.84
CA VAL H 13 -86.06 11.73 -18.83
C VAL H 13 -86.63 11.16 -20.12
N THR H 14 -86.29 11.81 -21.23
CA THR H 14 -86.74 11.36 -22.55
C THR H 14 -86.22 9.96 -22.85
N LEU H 15 -87.07 9.10 -23.41
CA LEU H 15 -86.67 7.74 -23.73
C LEU H 15 -85.39 7.72 -24.54
N GLY H 16 -84.43 6.90 -24.07
CA GLY H 16 -83.15 6.73 -24.77
C GLY H 16 -82.07 7.67 -24.24
N GLN H 17 -82.47 8.63 -23.41
CA GLN H 17 -81.52 9.58 -22.84
C GLN H 17 -81.06 9.11 -21.47
N PRO H 18 -79.85 9.51 -21.04
CA PRO H 18 -79.24 9.23 -19.76
C PRO H 18 -79.94 9.93 -18.61
N ALA H 19 -79.75 9.40 -17.41
CA ALA H 19 -80.28 10.00 -16.20
C ALA H 19 -79.42 9.65 -15.01
N SER H 20 -79.48 10.47 -13.98
CA SER H 20 -78.78 10.14 -12.74
C SER H 20 -79.60 10.55 -11.54
N ILE H 21 -79.47 9.76 -10.47
CA ILE H 21 -80.17 10.01 -9.22
C ILE H 21 -79.18 10.25 -8.10
N SER H 22 -79.33 11.37 -7.40
CA SER H 22 -78.43 11.72 -6.32
C SER H 22 -78.96 11.27 -4.97
N CYS H 23 -78.06 10.88 -4.08
CA CYS H 23 -78.39 10.58 -2.69
C CYS H 23 -77.36 11.20 -1.74
N ARG H 24 -77.86 11.92 -0.76
CA ARG H 24 -76.99 12.62 0.18
C ARG H 24 -77.29 12.19 1.60
N SER H 25 -76.27 11.73 2.31
CA SER H 25 -76.44 11.29 3.67
C SER H 25 -76.15 12.40 4.67
N SER H 26 -76.79 12.32 5.82
CA SER H 26 -76.54 13.26 6.91
C SER H 26 -75.20 12.98 7.61
N GLN H 27 -74.62 11.80 7.33
CA GLN H 27 -73.36 11.41 7.93
C GLN H 27 -72.57 10.54 6.97
N SER H 28 -71.25 10.52 7.12
CA SER H 28 -70.43 9.64 6.30
C SER H 28 -70.92 8.22 6.42
N LEU H 29 -71.04 7.53 5.29
CA LEU H 29 -71.51 6.15 5.28
C LEU H 29 -70.36 5.16 5.23
N VAL H 30 -69.17 5.62 5.55
CA VAL H 30 -68.03 4.72 5.62
C VAL H 30 -68.12 3.95 6.92
N TYR H 31 -68.05 2.63 6.83
CA TYR H 31 -68.21 1.77 8.00
C TYR H 31 -66.87 1.55 8.69
N SER H 32 -66.89 0.80 9.80
CA SER H 32 -65.69 0.58 10.60
C SER H 32 -64.61 -0.22 9.87
N ASP H 33 -64.99 -0.96 8.82
CA ASP H 33 -64.02 -1.74 8.08
C ASP H 33 -63.49 -1.00 6.86
N GLY H 34 -63.86 0.27 6.73
CA GLY H 34 -63.39 1.11 5.64
C GLY H 34 -64.28 1.05 4.39
N ASP H 35 -65.24 0.13 4.37
CA ASP H 35 -66.09 0.02 3.19
C ASP H 35 -67.23 1.02 3.28
N THR H 36 -68.07 1.05 2.25
CA THR H 36 -69.24 1.93 2.26
C THR H 36 -70.48 1.17 1.84
N TYR H 37 -71.43 1.03 2.75
CA TYR H 37 -72.60 0.23 2.45
C TYR H 37 -73.76 1.06 2.01
N LEU H 38 -73.58 1.65 0.82
CA LEU H 38 -74.61 2.46 0.17
C LEU H 38 -75.11 1.75 -1.08
N ASN H 39 -76.33 1.25 -1.03
CA ASN H 39 -76.91 0.47 -2.11
C ASN H 39 -78.01 1.24 -2.82
N TRP H 40 -78.34 0.81 -4.03
CA TRP H 40 -79.46 1.38 -4.76
C TRP H 40 -80.45 0.32 -5.19
N PHE H 41 -81.73 0.61 -4.94
CA PHE H 41 -82.83 -0.28 -5.28
C PHE H 41 -83.80 0.39 -6.22
N GLN H 42 -84.44 -0.40 -7.08
CA GLN H 42 -85.51 0.14 -7.91
C GLN H 42 -86.80 -0.60 -7.67
N GLN H 43 -87.85 0.16 -7.36
CA GLN H 43 -89.16 -0.41 -7.19
C GLN H 43 -90.08 -0.02 -8.33
N ARG H 44 -90.49 -1.01 -9.11
CA ARG H 44 -91.38 -0.79 -10.23
C ARG H 44 -92.81 -0.81 -9.68
N PRO H 45 -93.73 0.06 -10.15
CA PRO H 45 -95.10 0.11 -9.70
C PRO H 45 -95.72 -1.28 -9.74
N GLY H 46 -96.41 -1.64 -8.67
CA GLY H 46 -97.04 -2.95 -8.55
C GLY H 46 -96.08 -4.03 -8.06
N GLN H 47 -94.80 -3.68 -7.92
CA GLN H 47 -93.77 -4.63 -7.52
C GLN H 47 -93.01 -4.17 -6.29
N SER H 48 -92.26 -5.09 -5.69
CA SER H 48 -91.41 -4.77 -4.54
C SER H 48 -90.09 -4.17 -5.06
N PRO H 49 -89.26 -3.57 -4.19
CA PRO H 49 -87.91 -3.12 -4.48
C PRO H 49 -86.98 -4.27 -4.88
N ARG H 50 -86.06 -3.97 -5.79
CA ARG H 50 -84.99 -4.89 -6.18
C ARG H 50 -83.67 -4.14 -6.21
N ARG H 51 -82.60 -4.80 -5.81
CA ARG H 51 -81.31 -4.13 -5.79
C ARG H 51 -80.70 -4.10 -7.18
N LEU H 52 -80.13 -2.95 -7.54
CA LEU H 52 -79.41 -2.81 -8.81
C LEU H 52 -77.93 -2.65 -8.56
N ILE H 53 -77.61 -1.69 -7.69
CA ILE H 53 -76.23 -1.34 -7.40
C ILE H 53 -75.95 -1.50 -5.92
N TYR H 54 -74.77 -2.01 -5.59
CA TYR H 54 -74.39 -2.19 -4.21
C TYR H 54 -72.97 -1.73 -3.97
N GLN H 55 -72.67 -1.41 -2.71
CA GLN H 55 -71.34 -0.89 -2.40
C GLN H 55 -71.01 0.26 -3.35
N VAL H 56 -71.96 1.18 -3.49
CA VAL H 56 -71.83 2.40 -4.28
C VAL H 56 -71.85 2.20 -5.80
N SER H 57 -71.04 1.26 -6.32
CA SER H 57 -70.87 1.15 -7.77
C SER H 57 -70.96 -0.26 -8.39
N ASN H 58 -71.11 -1.30 -7.58
CA ASN H 58 -71.12 -2.67 -8.13
C ASN H 58 -72.53 -3.05 -8.52
N ARG H 59 -72.69 -3.89 -9.54
CA ARG H 59 -74.04 -4.30 -9.91
C ARG H 59 -74.29 -5.77 -9.66
N ASP H 60 -75.53 -6.09 -9.34
CA ASP H 60 -75.93 -7.48 -9.11
C ASP H 60 -76.06 -8.28 -10.39
N SER H 61 -75.89 -9.58 -10.28
CA SER H 61 -76.10 -10.45 -11.42
C SER H 61 -77.53 -10.26 -11.92
N GLY H 62 -77.68 -10.16 -13.23
CA GLY H 62 -78.99 -9.97 -13.85
C GLY H 62 -79.29 -8.48 -14.10
N VAL H 63 -78.48 -7.60 -13.52
CA VAL H 63 -78.65 -6.18 -13.72
C VAL H 63 -77.95 -5.73 -15.01
N PRO H 64 -78.65 -5.02 -15.91
CA PRO H 64 -78.15 -4.47 -17.14
C PRO H 64 -76.92 -3.60 -16.93
N ASP H 65 -75.98 -3.67 -17.87
CA ASP H 65 -74.73 -2.92 -17.82
C ASP H 65 -74.92 -1.42 -17.92
N ARG H 66 -76.14 -1.00 -18.26
CA ARG H 66 -76.44 0.42 -18.33
C ARG H 66 -76.56 1.04 -16.94
N PHE H 67 -76.62 0.19 -15.91
CA PHE H 67 -76.66 0.67 -14.53
C PHE H 67 -75.27 0.67 -13.90
N SER H 68 -74.91 1.80 -13.31
CA SER H 68 -73.63 1.97 -12.64
C SER H 68 -73.75 3.06 -11.59
N GLY H 69 -72.65 3.36 -10.91
CA GLY H 69 -72.70 4.40 -9.89
C GLY H 69 -71.33 4.75 -9.36
N SER H 70 -71.30 5.76 -8.49
CA SER H 70 -70.08 6.24 -7.87
C SER H 70 -70.39 7.06 -6.64
N GLY H 71 -69.38 7.35 -5.84
CA GLY H 71 -69.57 8.21 -4.68
C GLY H 71 -68.71 7.81 -3.49
N SER H 72 -68.70 8.68 -2.49
CA SER H 72 -67.92 8.46 -1.27
C SER H 72 -68.41 9.39 -0.17
N GLY H 73 -68.06 9.07 1.08
CA GLY H 73 -68.41 9.95 2.18
C GLY H 73 -69.93 10.01 2.36
N THR H 74 -70.50 11.16 2.01
CA THR H 74 -71.93 11.39 2.13
C THR H 74 -72.62 11.51 0.77
N ASP H 75 -71.83 11.66 -0.29
CA ASP H 75 -72.38 12.01 -1.59
C ASP H 75 -72.29 10.87 -2.60
N PHE H 76 -73.45 10.33 -2.98
CA PHE H 76 -73.50 9.18 -3.88
C PHE H 76 -74.44 9.40 -5.06
N THR H 77 -74.11 8.78 -6.20
CA THR H 77 -74.94 8.90 -7.40
C THR H 77 -75.19 7.56 -8.10
N LEU H 78 -76.44 7.36 -8.52
CA LEU H 78 -76.80 6.24 -9.39
C LEU H 78 -76.92 6.72 -10.81
N LYS H 79 -76.21 6.08 -11.73
CA LYS H 79 -76.24 6.53 -13.11
C LYS H 79 -76.85 5.49 -14.04
N ILE H 80 -77.65 5.98 -14.98
CA ILE H 80 -78.22 5.14 -16.01
C ILE H 80 -77.77 5.70 -17.36
N SER H 81 -76.98 4.93 -18.11
CA SER H 81 -76.41 5.45 -19.36
C SER H 81 -77.49 5.84 -20.37
N ARG H 82 -78.62 5.14 -20.33
CA ARG H 82 -79.79 5.43 -21.15
C ARG H 82 -80.99 4.87 -20.44
N VAL H 83 -82.04 5.67 -20.28
CA VAL H 83 -83.22 5.19 -19.58
C VAL H 83 -84.25 4.62 -20.55
N GLU H 84 -84.62 3.37 -20.31
CA GLU H 84 -85.58 2.68 -21.17
C GLU H 84 -86.97 2.69 -20.54
N ALA H 85 -87.97 2.25 -21.30
CA ALA H 85 -89.35 2.24 -20.81
C ALA H 85 -89.47 1.35 -19.58
N GLU H 86 -88.70 0.27 -19.55
CA GLU H 86 -88.74 -0.71 -18.47
C GLU H 86 -88.02 -0.20 -17.23
N ASP H 87 -87.38 0.96 -17.32
CA ASP H 87 -86.65 1.51 -16.21
C ASP H 87 -87.54 2.43 -15.37
N VAL H 88 -88.80 2.56 -15.76
CA VAL H 88 -89.73 3.37 -14.99
C VAL H 88 -89.86 2.80 -13.58
N GLY H 89 -89.81 3.68 -12.59
CA GLY H 89 -89.96 3.23 -11.22
C GLY H 89 -89.31 4.18 -10.23
N VAL H 90 -89.33 3.79 -8.96
CA VAL H 90 -88.77 4.64 -7.91
C VAL H 90 -87.44 4.09 -7.43
N TYR H 91 -86.40 4.90 -7.57
CA TYR H 91 -85.06 4.50 -7.20
C TYR H 91 -84.72 4.97 -5.79
N TYR H 92 -84.42 4.02 -4.93
CA TYR H 92 -84.11 4.30 -3.54
C TYR H 92 -82.64 4.10 -3.25
N CYS H 93 -82.09 4.96 -2.41
CA CYS H 93 -80.75 4.70 -1.89
C CYS H 93 -80.89 4.14 -0.49
N MET H 94 -80.00 3.21 -0.13
CA MET H 94 -80.06 2.56 1.18
C MET H 94 -78.70 2.51 1.84
N GLN H 95 -78.65 2.81 3.13
CA GLN H 95 -77.40 2.68 3.84
C GLN H 95 -77.52 1.64 4.95
N GLY H 96 -76.54 0.75 5.01
CA GLY H 96 -76.51 -0.26 6.07
C GLY H 96 -75.34 -0.04 7.02
N SER H 97 -74.58 1.03 6.78
CA SER H 97 -73.39 1.33 7.56
C SER H 97 -73.73 1.66 9.01
N HIS H 98 -74.82 2.40 9.22
CA HIS H 98 -75.18 2.83 10.56
C HIS H 98 -76.57 2.34 10.95
N TRP H 99 -76.63 1.56 12.00
CA TRP H 99 -77.88 0.99 12.49
C TRP H 99 -78.74 2.10 13.12
N PRO H 100 -80.07 2.05 12.94
CA PRO H 100 -80.86 1.23 12.04
C PRO H 100 -80.53 1.61 10.61
N PRO H 101 -80.61 0.68 9.66
CA PRO H 101 -80.42 0.92 8.25
C PRO H 101 -81.54 1.83 7.77
N THR H 102 -81.24 2.68 6.81
CA THR H 102 -82.24 3.63 6.33
C THR H 102 -82.29 3.71 4.82
N PHE H 103 -83.41 4.21 4.32
CA PHE H 103 -83.60 4.44 2.90
C PHE H 103 -83.91 5.91 2.64
N GLY H 104 -83.65 6.36 1.43
CA GLY H 104 -84.05 7.70 1.03
C GLY H 104 -85.55 7.70 0.72
N GLN H 105 -86.09 8.84 0.31
CA GLN H 105 -87.52 8.91 0.05
C GLN H 105 -87.88 8.27 -1.29
N GLY H 106 -86.85 8.06 -2.12
CA GLY H 106 -87.03 7.46 -3.43
C GLY H 106 -87.21 8.51 -4.53
N THR H 107 -86.62 8.24 -5.69
CA THR H 107 -86.75 9.12 -6.85
C THR H 107 -87.56 8.48 -7.94
N LYS H 108 -88.66 9.12 -8.32
CA LYS H 108 -89.50 8.58 -9.36
C LYS H 108 -88.97 8.96 -10.72
N VAL H 109 -88.48 7.96 -11.45
CA VAL H 109 -87.95 8.20 -12.77
C VAL H 109 -88.99 7.79 -13.79
N GLU H 110 -89.33 8.72 -14.65
CA GLU H 110 -90.34 8.48 -15.65
C GLU H 110 -89.81 8.77 -17.02
N ILE H 111 -90.40 8.13 -18.02
CA ILE H 111 -89.94 8.26 -19.38
C ILE H 111 -90.82 9.20 -20.20
N LYS H 112 -90.17 10.17 -20.83
CA LYS H 112 -90.87 11.16 -21.65
C LYS H 112 -90.73 10.87 -23.13
N VAL I 3 -64.10 38.29 -22.89
CA VAL I 3 -64.92 39.20 -22.09
C VAL I 3 -64.11 39.83 -20.97
N LEU I 4 -64.08 41.16 -20.97
CA LEU I 4 -63.38 41.91 -19.92
C LEU I 4 -64.35 42.81 -19.16
N THR I 5 -64.20 42.85 -17.84
CA THR I 5 -65.02 43.73 -17.01
C THR I 5 -64.14 44.67 -16.20
N GLN I 6 -64.46 45.97 -16.25
CA GLN I 6 -63.67 46.95 -15.53
C GLN I 6 -64.38 47.51 -14.31
N SER I 7 -63.58 47.98 -13.34
CA SER I 7 -64.11 48.57 -12.12
C SER I 7 -63.16 49.63 -11.55
N PRO I 8 -63.70 50.75 -11.07
CA PRO I 8 -65.09 51.17 -11.03
C PRO I 8 -65.53 51.61 -12.41
N LEU I 9 -66.83 51.71 -12.63
CA LEU I 9 -67.34 52.28 -13.87
C LEU I 9 -66.92 53.74 -14.01
N SER I 10 -66.91 54.45 -12.89
CA SER I 10 -66.56 55.87 -12.84
C SER I 10 -65.68 56.15 -11.63
N LEU I 11 -64.56 56.83 -11.86
CA LEU I 11 -63.56 57.07 -10.82
C LEU I 11 -63.43 58.58 -10.48
N PRO I 12 -63.94 59.00 -9.31
CA PRO I 12 -63.95 60.38 -8.78
C PRO I 12 -62.65 60.75 -8.06
N VAL I 13 -61.63 61.14 -8.80
CA VAL I 13 -60.32 61.40 -8.19
C VAL I 13 -59.98 62.89 -8.13
N THR I 14 -59.66 63.36 -6.94
CA THR I 14 -59.28 64.75 -6.74
C THR I 14 -58.01 65.08 -7.51
N LEU I 15 -57.98 66.24 -8.15
CA LEU I 15 -56.82 66.65 -8.92
C LEU I 15 -55.53 66.52 -8.11
N GLY I 16 -54.54 65.86 -8.69
CA GLY I 16 -53.24 65.70 -8.06
C GLY I 16 -53.14 64.41 -7.24
N GLN I 17 -54.26 63.72 -7.07
CA GLN I 17 -54.28 62.48 -6.33
C GLN I 17 -54.18 61.29 -7.28
N PRO I 18 -53.65 60.15 -6.81
CA PRO I 18 -53.50 58.89 -7.51
C PRO I 18 -54.83 58.22 -7.79
N ALA I 19 -54.83 57.33 -8.78
CA ALA I 19 -56.00 56.53 -9.11
C ALA I 19 -55.59 55.22 -9.76
N SER I 20 -56.44 54.23 -9.68
CA SER I 20 -56.20 52.97 -10.37
C SER I 20 -57.47 52.40 -10.95
N ILE I 21 -57.33 51.73 -12.09
CA ILE I 21 -58.46 51.10 -12.77
C ILE I 21 -58.25 49.60 -12.86
N SER I 22 -59.24 48.84 -12.42
CA SER I 22 -59.15 47.38 -12.43
C SER I 22 -59.80 46.80 -13.68
N CYS I 23 -59.24 45.70 -14.17
CA CYS I 23 -59.83 44.93 -15.25
C CYS I 23 -59.75 43.43 -14.95
N ARG I 24 -60.87 42.75 -15.09
CA ARG I 24 -60.96 41.34 -14.77
C ARG I 24 -61.48 40.56 -15.97
N SER I 25 -60.72 39.55 -16.38
CA SER I 25 -61.10 38.74 -17.52
C SER I 25 -61.85 37.48 -17.10
N SER I 26 -62.72 37.00 -17.98
CA SER I 26 -63.44 35.76 -17.76
C SER I 26 -62.53 34.54 -17.94
N GLN I 27 -61.36 34.74 -18.53
CA GLN I 27 -60.41 33.66 -18.77
C GLN I 27 -59.00 34.17 -18.69
N SER I 28 -58.05 33.30 -18.37
CA SER I 28 -56.65 33.70 -18.36
C SER I 28 -56.27 34.31 -19.69
N LEU I 29 -55.55 35.42 -19.65
CA LEU I 29 -55.13 36.10 -20.87
C LEU I 29 -53.71 35.76 -21.25
N VAL I 30 -53.17 34.70 -20.67
CA VAL I 30 -51.85 34.25 -21.04
C VAL I 30 -51.92 33.50 -22.36
N TYR I 31 -51.07 33.89 -23.30
CA TYR I 31 -51.11 33.32 -24.63
C TYR I 31 -50.17 32.11 -24.72
N SER I 32 -50.14 31.47 -25.90
CA SER I 32 -49.38 30.24 -26.09
C SER I 32 -47.87 30.42 -25.95
N ASP I 33 -47.39 31.67 -26.06
CA ASP I 33 -45.96 31.93 -25.94
C ASP I 33 -45.59 32.38 -24.53
N GLY I 34 -46.56 32.32 -23.61
CA GLY I 34 -46.33 32.66 -22.22
C GLY I 34 -46.54 34.15 -21.94
N ASP I 35 -46.75 34.95 -22.98
CA ASP I 35 -46.93 36.39 -22.76
C ASP I 35 -48.37 36.68 -22.37
N THR I 36 -48.66 37.94 -22.10
CA THR I 36 -50.03 38.35 -21.79
C THR I 36 -50.39 39.59 -22.57
N TYR I 37 -51.36 39.48 -23.46
CA TYR I 37 -51.68 40.61 -24.31
C TYR I 37 -52.86 41.38 -23.78
N LEU I 38 -52.62 42.02 -22.63
CA LEU I 38 -53.60 42.88 -21.98
C LEU I 38 -53.12 44.32 -22.02
N ASN I 39 -53.78 45.14 -22.83
CA ASN I 39 -53.38 46.52 -23.05
C ASN I 39 -54.37 47.48 -22.41
N TRP I 40 -53.93 48.71 -22.20
CA TRP I 40 -54.82 49.77 -21.71
C TRP I 40 -54.82 50.97 -22.65
N PHE I 41 -56.02 51.44 -22.96
CA PHE I 41 -56.22 52.59 -23.83
C PHE I 41 -56.99 53.68 -23.10
N GLN I 42 -56.73 54.93 -23.47
CA GLN I 42 -57.52 56.03 -22.94
C GLN I 42 -58.17 56.82 -24.05
N GLN I 43 -59.47 56.98 -23.97
CA GLN I 43 -60.19 57.79 -24.92
C GLN I 43 -60.67 59.10 -24.30
N ARG I 44 -60.14 60.20 -24.80
CA ARG I 44 -60.51 61.52 -24.32
C ARG I 44 -61.76 61.95 -25.09
N PRO I 45 -62.74 62.61 -24.46
CA PRO I 45 -63.94 63.10 -25.10
C PRO I 45 -63.59 63.90 -26.34
N GLY I 46 -64.30 63.61 -27.43
CA GLY I 46 -64.06 64.27 -28.71
C GLY I 46 -62.92 63.64 -29.50
N GLN I 47 -62.26 62.64 -28.91
CA GLN I 47 -61.11 62.00 -29.54
C GLN I 47 -61.26 60.48 -29.59
N SER I 48 -60.45 59.84 -30.43
CA SER I 48 -60.42 58.38 -30.53
C SER I 48 -59.57 57.82 -29.38
N PRO I 49 -59.61 56.51 -29.11
CA PRO I 49 -58.75 55.80 -28.17
C PRO I 49 -57.27 55.88 -28.54
N ARG I 50 -56.42 55.94 -27.53
CA ARG I 50 -54.97 55.86 -27.68
C ARG I 50 -54.40 54.90 -26.65
N ARG I 51 -53.36 54.16 -27.03
CA ARG I 51 -52.78 53.21 -26.09
C ARG I 51 -51.84 53.91 -25.12
N LEU I 52 -51.90 53.51 -23.85
CA LEU I 52 -50.99 54.02 -22.85
C LEU I 52 -50.06 52.93 -22.37
N ILE I 53 -50.65 51.81 -21.98
CA ILE I 53 -49.92 50.69 -21.41
C ILE I 53 -50.16 49.44 -22.23
N TYR I 54 -49.13 48.65 -22.43
CA TYR I 54 -49.25 47.43 -23.19
C TYR I 54 -48.53 46.28 -22.52
N GLN I 55 -48.94 45.06 -22.84
CA GLN I 55 -48.33 43.91 -22.21
C GLN I 55 -48.35 44.10 -20.69
N VAL I 56 -49.51 44.49 -20.18
CA VAL I 56 -49.79 44.67 -18.76
C VAL I 56 -49.14 45.91 -18.12
N SER I 57 -47.82 46.10 -18.33
CA SER I 57 -47.10 47.13 -17.57
C SER I 57 -46.18 48.07 -18.37
N ASN I 58 -46.01 47.85 -19.68
CA ASN I 58 -45.08 48.67 -20.44
C ASN I 58 -45.79 49.90 -20.98
N ARG I 59 -45.09 51.02 -21.15
CA ARG I 59 -45.75 52.20 -21.69
C ARG I 59 -45.21 52.57 -23.05
N ASP I 60 -46.08 53.15 -23.87
CA ASP I 60 -45.70 53.62 -25.20
C ASP I 60 -44.88 54.88 -25.17
N SER I 61 -44.05 55.07 -26.19
CA SER I 61 -43.30 56.30 -26.31
C SER I 61 -44.26 57.47 -26.36
N GLY I 62 -43.93 58.53 -25.61
CA GLY I 62 -44.76 59.73 -25.57
C GLY I 62 -45.73 59.70 -24.38
N VAL I 63 -45.85 58.53 -23.74
CA VAL I 63 -46.71 58.38 -22.57
C VAL I 63 -45.96 58.84 -21.32
N PRO I 64 -46.54 59.73 -20.51
CA PRO I 64 -46.01 60.23 -19.27
C PRO I 64 -45.66 59.11 -18.30
N ASP I 65 -44.57 59.29 -17.57
CA ASP I 65 -44.05 58.31 -16.62
C ASP I 65 -45.01 58.06 -15.44
N ARG I 66 -46.04 58.88 -15.32
CA ARG I 66 -47.02 58.71 -14.27
C ARG I 66 -47.95 57.53 -14.56
N PHE I 67 -47.89 57.00 -15.79
CA PHE I 67 -48.69 55.84 -16.16
C PHE I 67 -47.88 54.55 -16.07
N SER I 68 -48.46 53.56 -15.40
CA SER I 68 -47.83 52.25 -15.24
C SER I 68 -48.90 51.20 -14.99
N GLY I 69 -48.50 49.96 -14.77
CA GLY I 69 -49.48 48.92 -14.51
C GLY I 69 -48.85 47.60 -14.09
N SER I 70 -49.70 46.65 -13.74
CA SER I 70 -49.28 45.32 -13.30
C SER I 70 -50.43 44.34 -13.40
N GLY I 71 -50.12 43.05 -13.29
CA GLY I 71 -51.17 42.04 -13.30
C GLY I 71 -50.76 40.75 -13.98
N SER I 72 -51.60 39.74 -13.83
CA SER I 72 -51.36 38.42 -14.41
C SER I 72 -52.63 37.59 -14.43
N GLY I 73 -52.64 36.53 -15.24
CA GLY I 73 -53.78 35.64 -15.25
C GLY I 73 -55.02 36.34 -15.77
N THR I 74 -55.95 36.62 -14.86
CA THR I 74 -57.21 37.28 -15.19
C THR I 74 -57.30 38.67 -14.58
N ASP I 75 -56.40 38.97 -13.64
CA ASP I 75 -56.53 40.18 -12.82
C ASP I 75 -55.48 41.24 -13.14
N PHE I 76 -55.90 42.36 -13.73
CA PHE I 76 -54.97 43.40 -14.15
C PHE I 76 -55.36 44.78 -13.63
N THR I 77 -54.35 45.63 -13.40
CA THR I 77 -54.59 46.99 -12.93
C THR I 77 -53.78 48.05 -13.71
N LEU I 78 -54.45 49.16 -14.04
CA LEU I 78 -53.79 50.34 -14.59
C LEU I 78 -53.62 51.37 -13.49
N LYS I 79 -52.41 51.86 -13.31
CA LYS I 79 -52.16 52.81 -12.24
C LYS I 79 -51.70 54.16 -12.75
N ILE I 80 -52.21 55.21 -12.12
CA ILE I 80 -51.79 56.57 -12.40
C ILE I 80 -51.28 57.19 -11.10
N SER I 81 -49.99 57.54 -11.06
CA SER I 81 -49.40 58.02 -9.81
C SER I 81 -50.07 59.30 -9.30
N ARG I 82 -50.54 60.13 -10.23
CA ARG I 82 -51.29 61.35 -9.93
C ARG I 82 -52.16 61.66 -11.14
N VAL I 83 -53.44 61.91 -10.91
CA VAL I 83 -54.31 62.21 -12.04
C VAL I 83 -54.42 63.71 -12.29
N GLU I 84 -54.07 64.11 -13.51
CA GLU I 84 -54.09 65.51 -13.90
C GLU I 84 -55.38 65.84 -14.65
N ALA I 85 -55.60 67.12 -14.90
CA ALA I 85 -56.80 67.55 -15.61
C ALA I 85 -56.85 66.94 -17.01
N GLU I 86 -55.69 66.80 -17.62
CA GLU I 86 -55.57 66.27 -18.98
C GLU I 86 -55.76 64.76 -19.03
N ASP I 87 -55.90 64.13 -17.87
CA ASP I 87 -56.05 62.69 -17.82
C ASP I 87 -57.53 62.29 -17.84
N VAL I 88 -58.41 63.28 -17.92
CA VAL I 88 -59.83 62.98 -18.00
C VAL I 88 -60.13 62.14 -19.23
N GLY I 89 -60.94 61.11 -19.06
CA GLY I 89 -61.30 60.26 -20.19
C GLY I 89 -61.71 58.87 -19.76
N VAL I 90 -61.98 58.00 -20.72
CA VAL I 90 -62.41 56.65 -20.43
C VAL I 90 -61.29 55.66 -20.70
N TYR I 91 -60.90 54.94 -19.67
CA TYR I 91 -59.83 53.98 -19.74
C TYR I 91 -60.35 52.59 -20.03
N TYR I 92 -59.90 52.01 -21.13
CA TYR I 92 -60.34 50.68 -21.55
C TYR I 92 -59.24 49.67 -21.39
N CYS I 93 -59.61 48.46 -21.00
CA CYS I 93 -58.66 47.36 -21.06
C CYS I 93 -58.98 46.52 -22.30
N MET I 94 -57.93 46.01 -22.95
CA MET I 94 -58.11 45.23 -24.17
C MET I 94 -57.30 43.96 -24.15
N GLN I 95 -57.89 42.86 -24.58
CA GLN I 95 -57.15 41.62 -24.69
C GLN I 95 -57.06 41.14 -26.12
N GLY I 96 -55.85 40.78 -26.55
CA GLY I 96 -55.64 40.25 -27.89
C GLY I 96 -55.26 38.78 -27.85
N SER I 97 -55.22 38.21 -26.65
CA SER I 97 -54.80 36.82 -26.48
C SER I 97 -55.77 35.83 -27.12
N HIS I 98 -57.06 36.10 -27.01
CA HIS I 98 -58.06 35.18 -27.51
C HIS I 98 -58.97 35.84 -28.54
N TRP I 99 -58.95 35.33 -29.76
CA TRP I 99 -59.76 35.87 -30.84
C TRP I 99 -61.24 35.53 -30.63
N PRO I 100 -62.15 36.46 -30.94
CA PRO I 100 -61.98 37.86 -31.29
C PRO I 100 -61.41 38.61 -30.12
N PRO I 101 -60.62 39.66 -30.35
CA PRO I 101 -60.09 40.54 -29.33
C PRO I 101 -61.25 41.27 -28.71
N THR I 102 -61.14 41.60 -27.43
CA THR I 102 -62.23 42.26 -26.75
C THR I 102 -61.77 43.43 -25.91
N PHE I 103 -62.71 44.30 -25.59
CA PHE I 103 -62.46 45.44 -24.72
C PHE I 103 -63.40 45.40 -23.53
N GLY I 104 -63.00 46.04 -22.44
CA GLY I 104 -63.90 46.20 -21.30
C GLY I 104 -64.89 47.31 -21.61
N GLN I 105 -65.77 47.62 -20.65
CA GLN I 105 -66.78 48.64 -20.91
C GLN I 105 -66.19 50.04 -20.80
N GLY I 106 -65.00 50.13 -20.21
CA GLY I 106 -64.31 51.39 -20.02
C GLY I 106 -64.61 52.03 -18.68
N THR I 107 -63.60 52.66 -18.09
CA THR I 107 -63.74 53.38 -16.82
C THR I 107 -63.61 54.86 -17.02
N LYS I 108 -64.64 55.60 -16.66
CA LYS I 108 -64.59 57.04 -16.79
C LYS I 108 -63.90 57.67 -15.61
N VAL I 109 -62.74 58.24 -15.85
CA VAL I 109 -61.98 58.89 -14.81
C VAL I 109 -62.17 60.38 -14.90
N GLU I 110 -62.64 60.97 -13.82
CA GLU I 110 -62.91 62.39 -13.80
C GLU I 110 -62.17 63.05 -12.67
N ILE I 111 -61.90 64.33 -12.82
CA ILE I 111 -61.14 65.08 -11.85
C ILE I 111 -62.01 65.93 -10.94
N LYS I 112 -61.84 65.76 -9.64
CA LYS I 112 -62.60 66.50 -8.65
C LYS I 112 -61.80 67.66 -8.05
C1 NAG J . -3.10 56.42 -13.74
C2 NAG J . -4.55 56.12 -14.00
C3 NAG J . -4.81 56.55 -15.39
C4 NAG J . -4.57 58.10 -15.54
C5 NAG J . -3.10 58.43 -15.07
C6 NAG J . -2.82 59.91 -15.01
C7 NAG J . -5.46 54.23 -12.80
C8 NAG J . -5.60 52.76 -12.68
N2 NAG J . -4.80 54.70 -13.84
O3 NAG J . -6.16 56.20 -15.74
O4 NAG J . -4.68 58.38 -16.91
O5 NAG J . -2.87 57.95 -13.74
O6 NAG J . -2.16 60.40 -16.17
O7 NAG J . -5.96 55.00 -11.97
C1 NAG J . -5.65 59.44 -17.18
C2 NAG J . -5.49 59.81 -18.62
C3 NAG J . -6.43 60.87 -19.03
C4 NAG J . -7.88 60.27 -18.77
C5 NAG J . -8.10 59.93 -17.25
C6 NAG J . -9.44 59.31 -16.98
C7 NAG J . -3.30 59.60 -19.62
C8 NAG J . -1.92 60.15 -19.77
N2 NAG J . -4.13 60.27 -18.84
O3 NAG J . -6.23 61.18 -20.43
O4 NAG J . -8.87 61.10 -19.33
O5 NAG J . -7.10 58.94 -16.94
O6 NAG J . -9.78 59.33 -15.60
O7 NAG J . -3.66 58.57 -20.20
C1 BMA J . -8.95 62.44 -18.70
C2 BMA J . -8.67 63.50 -19.77
C3 BMA J . -8.71 64.87 -19.19
C4 BMA J . -10.10 65.07 -18.63
C5 BMA J . -10.39 63.99 -17.54
C6 BMA J . -11.86 64.11 -16.99
O2 BMA J . -9.64 63.40 -20.69
O3 BMA J . -8.42 65.84 -20.22
O4 BMA J . -10.18 66.34 -18.06
O5 BMA J . -10.27 62.69 -18.15
O6 BMA J . -12.32 65.48 -16.76
C1 NAG K . 13.68 60.71 2.39
C2 NAG K . 12.88 61.95 2.17
C3 NAG K . 12.64 62.56 3.49
C4 NAG K . 11.82 61.62 4.44
C5 NAG K . 12.66 60.29 4.55
C6 NAG K . 11.99 59.21 5.36
C7 NAG K . 13.30 63.13 0.09
C8 NAG K . 14.20 64.03 -0.70
N2 NAG K . 13.65 62.87 1.34
O3 NAG K . 11.95 63.81 3.31
O4 NAG K . 11.79 62.28 5.68
O5 NAG K . 12.88 59.72 3.25
O6 NAG K . 12.23 59.35 6.74
O7 NAG K . 12.27 62.64 -0.39
C1 NAG K . 10.54 62.06 6.41
C2 NAG K . 10.68 62.75 7.73
C3 NAG K . 9.49 62.53 8.57
C4 NAG K . 8.26 63.10 7.77
C5 NAG K . 8.10 62.36 6.39
C6 NAG K . 6.96 62.89 5.56
C7 NAG K . 13.01 62.85 8.36
C8 NAG K . 14.17 62.20 9.04
N2 NAG K . 11.86 62.23 8.40
O3 NAG K . 9.67 63.23 9.83
O4 NAG K . 7.07 63.08 8.56
O5 NAG K . 9.31 62.62 5.64
O6 NAG K . 6.88 62.26 4.28
O7 NAG K . 13.12 63.93 7.76
C1 BMA K . 6.67 61.72 9.02
C2 BMA K . 6.76 61.68 10.54
C3 BMA K . 6.38 60.34 11.06
C4 BMA K . 4.94 60.08 10.64
C5 BMA K . 4.86 60.13 9.09
C6 BMA K . 3.38 59.96 8.61
O2 BMA K . 5.88 62.58 11.02
O3 BMA K . 6.51 60.32 12.52
O4 BMA K . 4.56 58.82 11.11
O5 BMA K . 5.29 61.44 8.64
O6 BMA K . 2.61 58.93 9.33
C1 NAG L . 37.85 33.52 11.78
C2 NAG L . 37.87 34.64 12.78
C3 NAG L . 39.19 35.28 12.75
C4 NAG L . 40.30 34.24 13.17
C5 NAG L . 40.15 33.00 12.22
C6 NAG L . 41.09 31.88 12.60
C7 NAG L . 36.04 36.07 13.40
C8 NAG L . 34.96 37.01 12.96
N2 NAG L . 36.83 35.60 12.47
O3 NAG L . 39.19 36.42 13.65
O4 NAG L . 41.56 34.84 12.94
O5 NAG L . 38.83 32.43 12.25
O6 NAG L . 42.17 31.76 11.70
O7 NAG L . 36.18 35.74 14.58
C1 NAG L . 42.16 35.47 14.14
C2 NAG L . 42.62 36.84 13.74
C3 NAG L . 43.31 37.53 14.84
C4 NAG L . 42.28 37.66 16.02
C5 NAG L . 41.78 36.24 16.47
C6 NAG L . 40.74 36.30 17.56
C7 NAG L . 43.42 37.51 11.57
C8 NAG L . 44.45 37.35 10.48
N2 NAG L . 43.54 36.74 12.61
O3 NAG L . 43.78 38.83 14.39
O4 NAG L . 42.80 38.46 17.09
O5 NAG L . 41.17 35.62 15.33
O6 NAG L . 39.71 37.23 17.28
O7 NAG L . 42.51 38.32 11.48
C1 BMA L . 44.03 37.89 17.70
C2 BMA L . 45.19 38.87 17.47
C3 BMA L . 46.46 38.33 18.04
C4 BMA L . 46.25 38.16 19.54
C5 BMA L . 45.06 37.18 19.77
C6 BMA L . 44.73 37.03 21.30
O2 BMA L . 44.89 40.01 18.10
O3 BMA L . 47.54 39.26 17.76
O4 BMA L . 47.41 37.64 20.09
O5 BMA L . 43.87 37.72 19.14
O6 BMA L . 45.92 36.89 22.17
C1 NAG M . -4.31 3.46 -47.36
C2 NAG M . -3.82 4.83 -47.72
C3 NAG M . -3.66 4.75 -49.21
C4 NAG M . -2.58 3.73 -49.74
C5 NAG M . -3.01 2.36 -49.07
C6 NAG M . -1.94 1.31 -49.19
C7 NAG M . -4.41 7.11 -47.27
C8 NAG M . -5.46 8.12 -46.92
N2 NAG M . -4.77 5.85 -47.38
O3 NAG M . -3.35 6.07 -49.71
O4 NAG M . -2.74 3.66 -51.16
O5 NAG M . -3.21 2.45 -47.67
O6 NAG M . -2.22 0.35 -50.20
O7 NAG M . -3.24 7.44 -47.45
C1 NAG M . -1.45 3.63 -51.90
C2 NAG M . -1.68 2.93 -53.20
C3 NAG M . -0.46 2.88 -54.05
C4 NAG M . -0.09 4.39 -54.36
C5 NAG M . 0.24 5.14 -53.02
C6 NAG M . 0.51 6.60 -53.25
C7 NAG M . -3.04 1.00 -53.72
C8 NAG M . -3.39 -0.41 -53.39
N2 NAG M . -2.13 1.58 -52.96
O3 NAG M . -0.73 2.14 -55.27
O4 NAG M . 0.93 4.48 -55.37
O5 NAG M . -0.97 5.05 -52.24
O6 NAG M . -0.23 7.14 -54.34
O7 NAG M . -3.55 1.62 -54.66
C1 BMA M . 2.25 3.95 -54.96
C2 BMA M . 2.65 2.85 -55.93
C3 BMA M . 3.99 2.28 -55.58
C4 BMA M . 4.99 3.40 -55.65
C5 BMA M . 4.58 4.53 -54.67
C6 BMA M . 5.55 5.77 -54.80
O2 BMA M . 2.73 3.39 -57.16
O3 BMA M . 4.32 1.22 -56.52
O4 BMA M . 6.24 2.89 -55.30
O5 BMA M . 3.26 5.00 -55.05
O6 BMA M . 6.99 5.41 -54.94
C1 NAG N . -22.16 16.52 -54.10
C2 NAG N . -21.09 15.47 -54.26
C3 NAG N . -19.78 16.15 -54.15
C4 NAG N . -19.55 17.23 -55.25
C5 NAG N . -20.75 18.23 -55.14
C6 NAG N . -20.76 19.24 -56.27
C7 NAG N . -21.42 13.19 -53.50
C8 NAG N . -21.45 12.23 -52.37
N2 NAG N . -21.18 14.45 -53.23
O3 NAG N . -18.72 15.16 -54.17
O4 NAG N . -18.35 17.88 -54.90
O5 NAG N . -22.02 17.56 -55.22
O6 NAG N . -22.08 19.70 -56.58
O7 NAG N . -21.63 12.84 -54.67
C1 NAG N . -17.46 18.10 -56.07
C2 NAG N . -16.40 19.06 -55.61
C3 NAG N . -15.41 19.33 -56.68
C4 NAG N . -14.78 17.92 -57.04
C5 NAG N . -15.86 16.93 -57.59
C6 NAG N . -15.31 15.56 -57.90
C7 NAG N . -17.32 20.58 -53.98
C8 NAG N . -17.93 21.90 -53.66
N2 NAG N . -17.01 20.32 -55.23
O3 NAG N . -14.41 20.26 -56.18
O4 NAG N . -13.62 18.05 -57.87
O5 NAG N . -16.80 16.78 -56.51
O6 NAG N . -14.15 15.25 -57.17
O7 NAG N . -17.10 19.74 -53.10
C1 BMA N . -13.91 18.66 -59.19
C2 BMA N . -13.19 20.01 -59.28
C3 BMA N . -13.43 20.68 -60.57
C4 BMA N . -12.86 19.78 -61.65
C5 BMA N . -13.58 18.39 -61.58
C6 BMA N . -12.94 17.39 -62.61
O2 BMA N . -11.88 19.77 -59.15
O3 BMA N . -12.77 21.98 -60.58
O4 BMA N . -13.06 20.37 -62.89
O5 BMA N . -13.37 17.83 -60.27
O6 BMA N . -12.62 17.98 -63.93
C1 NAG O . 29.06 4.25 -36.45
C2 NAG O . 29.60 2.95 -36.93
C3 NAG O . 30.36 3.27 -38.16
C4 NAG O . 29.44 3.90 -39.26
C5 NAG O . 28.79 5.18 -38.65
C6 NAG O . 27.78 5.81 -39.57
C7 NAG O . 30.32 1.15 -35.48
C8 NAG O . 31.28 0.65 -34.45
N2 NAG O . 30.50 2.37 -35.93
O3 NAG O . 30.99 2.04 -38.66
O4 NAG O . 30.27 4.28 -40.34
O5 NAG O . 28.08 4.86 -37.47
O6 NAG O . 26.81 4.89 -40.03
O7 NAG O . 29.41 0.44 -35.91
C1 NAG O . 29.93 3.55 -41.58
C2 NAG O . 30.40 4.40 -42.72
C3 NAG O . 30.14 3.76 -44.02
C4 NAG O . 30.96 2.41 -44.01
C5 NAG O . 30.46 1.45 -42.87
C6 NAG O . 31.26 0.18 -42.74
C7 NAG O . 30.37 6.82 -42.58
C8 NAG O . 29.56 8.07 -42.50
N2 NAG O . 29.72 5.68 -42.69
O3 NAG O . 30.57 4.64 -45.10
O4 NAG O . 30.98 1.82 -45.30
O5 NAG O . 30.68 2.20 -41.65
O6 NAG O . 32.53 0.40 -42.14
O7 NAG O . 31.60 6.83 -42.53
C1 BMA O . 29.67 1.30 -45.75
C2 BMA O . 29.29 1.98 -47.07
C3 BMA O . 27.96 1.50 -47.54
C4 BMA O . 28.09 0.00 -47.75
C5 BMA O . 28.48 -0.69 -46.41
C6 BMA O . 28.70 -2.23 -46.62
O2 BMA O . 30.23 1.66 -47.97
O3 BMA O . 27.62 2.17 -48.78
O4 BMA O . 26.87 -0.49 -48.20
O5 BMA O . 29.74 -0.13 -45.98
O6 BMA O . 27.66 -2.91 -47.41
C1 NAG P . 73.26 -28.70 -29.14
C2 NAG P . 73.97 -29.92 -29.60
C3 NAG P . 74.79 -29.47 -30.74
C4 NAG P . 73.91 -28.89 -31.91
C5 NAG P . 73.02 -27.74 -31.30
C6 NAG P . 72.01 -27.21 -32.28
C7 NAG P . 74.89 -31.72 -28.26
C8 NAG P . 75.79 -32.16 -27.16
N2 NAG P . 74.83 -30.44 -28.53
O3 NAG P . 75.60 -30.56 -31.21
O4 NAG P . 74.78 -28.32 -32.84
O5 NAG P . 72.26 -28.22 -30.19
O6 NAG P . 70.94 -28.12 -32.50
O7 NAG P . 74.24 -32.54 -28.92
C1 NAG P . 74.81 -29.04 -34.13
C2 NAG P . 75.39 -28.12 -35.14
C3 NAG P . 75.41 -28.71 -36.49
C4 NAG P . 76.35 -29.98 -36.44
C5 NAG P . 75.75 -30.94 -35.34
C6 NAG P . 76.62 -32.17 -35.14
C7 NAG P . 75.18 -25.75 -34.79
C8 NAG P . 74.32 -24.54 -34.80
N2 NAG P . 74.63 -26.88 -35.14
O3 NAG P . 75.87 -27.67 -37.39
O4 NAG P . 76.36 -30.74 -37.65
O5 NAG P . 75.69 -30.30 -34.06
O6 NAG P . 77.46 -32.45 -36.26
O7 NAG P . 76.38 -25.70 -34.46
C1 BMA P . 76.80 -29.99 -38.87
C2 BMA P . 78.19 -29.35 -38.68
C3 BMA P . 78.62 -28.63 -39.91
C4 BMA P . 78.65 -29.64 -41.06
C5 BMA P . 77.23 -30.27 -41.25
C6 BMA P . 77.23 -31.40 -42.35
O2 BMA P . 79.08 -30.32 -38.38
O3 BMA P . 79.95 -28.08 -39.71
O4 BMA P . 79.04 -28.98 -42.22
O5 BMA P . 76.87 -30.89 -40.00
O6 BMA P . 78.51 -32.13 -42.52
C1 MAN P . 79.86 -26.66 -39.33
C2 MAN P . 79.82 -25.78 -40.58
C3 MAN P . 81.04 -25.89 -41.43
C4 MAN P . 82.18 -25.41 -40.53
C5 MAN P . 82.25 -26.31 -39.26
C6 MAN P . 83.37 -25.81 -38.27
O2 MAN P . 79.70 -24.52 -40.17
O3 MAN P . 80.89 -25.05 -42.60
O4 MAN P . 83.37 -25.51 -41.25
O5 MAN P . 81.01 -26.22 -38.53
O6 MAN P . 84.66 -25.47 -38.92
C1 MAN P . 78.61 -33.27 -41.60
C2 MAN P . 80.04 -33.80 -41.65
C3 MAN P . 80.41 -34.36 -42.97
C4 MAN P . 79.42 -35.48 -43.26
C5 MAN P . 77.98 -34.92 -43.26
C6 MAN P . 76.92 -36.07 -43.50
O2 MAN P . 80.13 -34.78 -40.73
O3 MAN P . 81.77 -34.86 -42.91
O4 MAN P . 79.72 -36.01 -44.51
O5 MAN P . 77.71 -34.36 -41.96
O6 MAN P . 77.26 -36.99 -44.59
C1 NAG Q . 79.21 -8.27 -5.59
C2 NAG Q . 80.59 -8.51 -5.06
C3 NAG Q . 80.81 -7.53 -3.98
C4 NAG Q . 80.71 -6.05 -4.47
C5 NAG Q . 79.32 -5.90 -5.16
C6 NAG Q . 79.14 -4.55 -5.80
C7 NAG Q . 81.53 -10.73 -4.97
C8 NAG Q . 81.51 -12.08 -4.35
N2 NAG Q . 80.69 -9.84 -4.49
O3 NAG Q . 82.10 -7.77 -3.38
O4 NAG Q . 80.76 -5.26 -3.32
O5 NAG Q . 79.13 -6.86 -6.20
O6 NAG Q . 78.14 -4.55 -6.80
O7 NAG Q . 82.29 -10.44 -5.89
C1 NAG Q . 81.72 -4.15 -3.44
C2 NAG Q . 81.38 -3.18 -2.35
C3 NAG Q . 82.25 -1.99 -2.34
C4 NAG Q . 83.68 -2.60 -2.04
C5 NAG Q . 84.15 -3.57 -3.19
C6 NAG Q . 85.48 -4.21 -2.89
C7 NAG Q . 79.26 -2.56 -1.43
C8 NAG Q . 77.83 -2.20 -1.65
N2 NAG Q . 80.00 -2.76 -2.49
O3 NAG Q . 81.84 -1.06 -1.31
O4 NAG Q . 84.60 -1.58 -1.70
O5 NAG Q . 83.17 -4.61 -3.20
O6 NAG Q . 86.06 -4.82 -4.02
O7 NAG Q . 79.74 -2.68 -0.29
C1 BMA Q . 84.91 -0.66 -2.82
C2 BMA Q . 84.50 0.76 -2.42
C3 BMA Q . 84.79 1.73 -3.53
C4 BMA Q . 86.29 1.68 -3.75
C5 BMA Q . 86.72 0.23 -4.16
C6 BMA Q . 88.28 0.13 -4.31
O2 BMA Q . 85.23 1.10 -1.36
O3 BMA Q . 84.37 3.06 -3.12
O4 BMA Q . 86.61 2.57 -4.76
O5 BMA Q . 86.34 -0.66 -3.09
O6 BMA Q . 88.94 1.33 -4.86
C1 NAG R . 71.56 1.58 13.72
C2 NAG R . 72.44 1.79 14.92
C3 NAG R . 71.99 3.03 15.56
C4 NAG R . 72.12 4.28 14.64
C5 NAG R . 71.25 3.96 13.36
C6 NAG R . 71.34 5.00 12.28
C7 NAG R . 73.21 -0.23 15.97
C8 NAG R . 72.89 -1.34 16.91
N2 NAG R . 72.29 0.70 15.85
O3 NAG R . 72.74 3.24 16.77
O4 NAG R . 71.58 5.34 15.38
O5 NAG R . 71.71 2.75 12.75
O6 NAG R . 71.13 4.45 10.99
O7 NAG R . 74.25 -0.17 15.33
C1 NAG R . 72.29 6.60 15.12
C2 NAG R . 71.29 7.70 15.24
C3 NAG R . 71.87 9.00 14.85
C4 NAG R . 73.05 9.34 15.85
C5 NAG R . 74.03 8.13 15.79
C6 NAG R . 75.16 8.28 16.77
C7 NAG R . 69.05 6.88 14.87
C8 NAG R . 67.93 6.64 13.91
N2 NAG R . 70.15 7.43 14.40
O3 NAG R . 70.78 9.96 14.90
O4 NAG R . 73.80 10.52 15.49
O5 NAG R . 73.42 6.88 16.12
O6 NAG R . 76.44 8.19 16.17
O7 NAG R . 68.96 6.58 16.07
C1 BMA R . 73.00 11.77 15.38
C2 BMA R . 72.31 12.12 16.72
C3 BMA R . 71.46 13.34 16.56
C4 BMA R . 72.41 14.49 16.21
C5 BMA R . 73.17 14.14 14.88
C6 BMA R . 74.28 15.20 14.56
O2 BMA R . 73.26 12.38 17.63
O3 BMA R . 70.76 13.60 17.79
O4 BMA R . 71.63 15.65 16.06
O5 BMA R . 73.85 12.90 15.03
O6 BMA R . 74.91 15.85 15.73
C1 MAN R . 69.41 12.97 17.75
C2 MAN R . 68.39 13.98 17.20
C3 MAN R . 68.22 15.19 18.05
C4 MAN R . 67.73 14.70 19.40
C5 MAN R . 68.77 13.70 19.97
C6 MAN R . 68.31 13.10 21.36
O2 MAN R . 67.21 13.36 17.12
O3 MAN R . 67.25 16.08 17.44
O4 MAN R . 67.59 15.79 20.25
O5 MAN R . 68.92 12.57 19.07
O6 MAN R . 67.73 14.09 22.30
C1 MAN R . 76.19 15.20 16.10
C2 MAN R . 76.81 15.97 17.26
C3 MAN R . 77.21 17.35 16.90
C4 MAN R . 78.22 17.23 15.78
C5 MAN R . 77.57 16.49 14.58
C6 MAN R . 78.61 16.28 13.42
O2 MAN R . 77.91 15.29 17.62
O3 MAN R . 77.81 17.99 18.07
O4 MAN R . 78.63 18.51 15.40
O5 MAN R . 77.17 15.18 15.02
O6 MAN R . 79.51 17.42 13.18
C1 NAG S . 76.56 -15.85 -22.55
C2 NAG S . 76.73 -14.36 -22.39
C3 NAG S . 75.77 -13.61 -23.23
C4 NAG S . 76.04 -14.04 -24.71
C5 NAG S . 75.67 -15.55 -24.88
C6 NAG S . 75.85 -16.09 -26.27
C7 NAG S . 77.52 -13.81 -20.16
C8 NAG S . 77.18 -13.54 -18.73
N2 NAG S . 76.52 -14.01 -20.99
O3 NAG S . 75.96 -12.19 -23.07
O4 NAG S . 75.30 -13.22 -25.59
O5 NAG S . 76.61 -16.21 -24.05
O6 NAG S . 75.78 -17.50 -26.32
O7 NAG S . 78.69 -13.85 -20.56
C1 NAG S . 76.24 -12.59 -26.52
C2 NAG S . 75.49 -12.07 -27.71
C3 NAG S . 76.47 -11.57 -28.72
C4 NAG S . 77.35 -10.40 -28.11
C5 NAG S . 77.96 -10.94 -26.77
C6 NAG S . 78.75 -9.88 -26.04
C7 NAG S . 73.42 -13.27 -28.06
C8 NAG S . 72.71 -14.41 -28.72
N2 NAG S . 74.72 -13.15 -28.29
O3 NAG S . 75.68 -11.12 -29.84
O4 NAG S . 78.51 -10.08 -28.89
O5 NAG S . 76.99 -11.43 -25.86
O6 NAG S . 79.71 -9.27 -26.88
O7 NAG S . 72.83 -12.46 -27.33
C1 BMA S . 78.24 -9.69 -30.28
C2 BMA S . 77.57 -8.32 -30.32
C3 BMA S . 77.32 -7.87 -31.72
C4 BMA S . 78.68 -7.80 -32.42
C5 BMA S . 79.35 -9.22 -32.40
C6 BMA S . 80.80 -9.19 -33.01
O2 BMA S . 78.41 -7.45 -29.75
O3 BMA S . 76.68 -6.57 -31.69
O4 BMA S . 78.51 -7.36 -33.72
O5 BMA S . 79.48 -9.62 -31.02
O6 BMA S . 81.54 -7.93 -32.85
C1 MAN S . 75.22 -6.71 -31.85
C2 MAN S . 74.88 -6.65 -33.33
C3 MAN S . 75.22 -5.34 -33.94
C4 MAN S . 74.41 -4.30 -33.19
C5 MAN S . 74.77 -4.34 -31.67
C6 MAN S . 73.91 -3.33 -30.84
O2 MAN S . 73.55 -6.83 -33.45
O3 MAN S . 74.89 -5.36 -35.35
O4 MAN S . 74.68 -3.04 -33.71
O5 MAN S . 74.47 -5.65 -31.17
O6 MAN S . 73.71 -2.02 -31.47
C1 MAN S . 82.34 -7.93 -31.61
C2 MAN S . 82.86 -6.50 -31.38
C3 MAN S . 83.81 -6.07 -32.43
C4 MAN S . 84.98 -7.04 -32.40
C5 MAN S . 84.46 -8.48 -32.69
C6 MAN S . 85.63 -9.54 -32.61
O2 MAN S . 83.50 -6.51 -30.19
O3 MAN S . 84.27 -4.71 -32.16
O4 MAN S . 85.91 -6.67 -33.36
O5 MAN S . 83.51 -8.82 -31.67
O6 MAN S . 86.91 -9.09 -33.18
C1 NAG T . 90.05 -21.04 -14.66
C2 NAG T . 90.65 -19.68 -14.74
C3 NAG T . 92.10 -19.79 -14.59
C4 NAG T . 92.41 -20.37 -13.16
C5 NAG T . 91.73 -21.78 -13.03
C6 NAG T . 91.87 -22.37 -11.66
C7 NAG T . 89.39 -18.17 -16.15
C8 NAG T . 89.16 -17.59 -17.51
N2 NAG T . 90.36 -19.05 -16.02
O3 NAG T . 92.72 -18.50 -14.78
O4 NAG T . 93.82 -20.51 -13.06
O5 NAG T . 90.33 -21.62 -13.25
O6 NAG T . 90.69 -22.23 -10.89
O7 NAG T . 88.69 -17.85 -15.18
C1 NAG T . 94.36 -19.75 -11.91
C2 NAG T . 95.60 -20.42 -11.47
C3 NAG T . 96.15 -19.76 -10.27
C4 NAG T . 96.57 -18.29 -10.69
C5 NAG T . 95.27 -17.59 -11.20
C6 NAG T . 95.54 -16.19 -11.68
C7 NAG T . 95.80 -22.78 -11.90
C8 NAG T . 95.49 -24.18 -11.47
N2 NAG T . 95.34 -21.81 -11.15
O3 NAG T . 97.27 -20.55 -9.77
O4 NAG T . 97.07 -17.59 -9.59
O5 NAG T . 94.73 -18.30 -12.31
O6 NAG T . 95.38 -15.22 -10.65
O7 NAG T . 96.46 -22.54 -12.91
C1 BMA T . 98.55 -17.76 -9.46
C2 BMA T . 99.25 -16.68 -10.30
C3 BMA T . 100.72 -16.87 -10.20
C4 BMA T . 101.11 -16.67 -8.73
C5 BMA T . 100.37 -17.76 -7.89
C6 BMA T . 100.64 -17.56 -6.34
O2 BMA T . 98.92 -15.49 -9.77
O3 BMA T . 101.41 -15.90 -11.06
O4 BMA T . 102.49 -16.79 -8.61
O5 BMA T . 98.96 -17.61 -8.09
O6 BMA T . 101.00 -16.19 -5.94
C1 MAN T . 101.71 -16.53 -12.36
C2 MAN T . 103.09 -17.21 -12.28
C3 MAN T . 104.18 -16.23 -12.05
C4 MAN T . 104.18 -15.25 -13.22
C5 MAN T . 102.79 -14.56 -13.28
C6 MAN T . 102.69 -13.57 -14.50
O2 MAN T . 103.29 -17.82 -13.45
O3 MAN T . 105.44 -16.95 -12.00
O4 MAN T . 105.18 -14.32 -13.03
O5 MAN T . 101.76 -15.57 -13.46
O6 MAN T . 103.90 -12.77 -14.75
C1 NAG U . 88.12 -40.59 -24.21
C2 NAG U . 87.35 -40.48 -25.51
C3 NAG U . 87.19 -41.83 -26.06
C4 NAG U . 88.59 -42.48 -26.33
C5 NAG U . 89.36 -42.52 -24.98
C6 NAG U . 90.74 -43.08 -25.11
C7 NAG U . 85.75 -38.68 -25.60
C8 NAG U . 84.39 -38.17 -25.22
N2 NAG U . 86.03 -39.91 -25.25
O3 NAG U . 86.39 -41.74 -27.27
O4 NAG U . 88.40 -43.81 -26.77
O5 NAG U . 89.51 -41.20 -24.47
O6 NAG U . 91.61 -42.24 -25.84
O7 NAG U . 86.56 -37.98 -26.20
C1 NAG U . 88.27 -43.90 -28.23
C2 NAG U . 89.03 -45.10 -28.68
C3 NAG U . 88.95 -45.26 -30.15
C4 NAG U . 87.44 -45.53 -30.51
C5 NAG U . 86.60 -44.29 -30.04
C6 NAG U . 85.12 -44.49 -30.27
C7 NAG U . 91.04 -45.97 -27.70
C8 NAG U . 92.48 -45.75 -27.34
N2 NAG U . 90.41 -44.99 -28.29
O3 NAG U . 89.80 -46.37 -30.57
O4 NAG U . 87.31 -45.68 -31.90
O5 NAG U . 86.79 -44.13 -28.64
O6 NAG U . 84.70 -43.91 -31.49
O7 NAG U . 90.47 -47.03 -27.45
C1 BMA U . 87.39 -47.10 -32.29
C2 BMA U . 85.98 -47.68 -32.37
C3 BMA U . 86.03 -49.12 -32.74
C4 BMA U . 86.69 -49.19 -34.12
C5 BMA U . 88.13 -48.61 -34.02
C6 BMA U . 88.87 -48.60 -35.43
O2 BMA U . 85.29 -47.01 -33.30
O3 BMA U . 84.68 -49.65 -32.82
O4 BMA U . 86.74 -50.53 -34.52
O5 BMA U . 88.03 -47.24 -33.60
O6 BMA U . 87.99 -48.47 -36.60
C1 MAN U . 84.29 -50.25 -31.53
C2 MAN U . 84.62 -51.75 -31.57
C3 MAN U . 83.83 -52.49 -32.60
C4 MAN U . 82.37 -52.30 -32.22
C5 MAN U . 82.04 -50.78 -32.21
C6 MAN U . 80.54 -50.54 -31.78
O2 MAN U . 84.29 -52.25 -30.36
O3 MAN U . 84.19 -53.89 -32.60
O4 MAN U . 81.58 -52.96 -33.16
O5 MAN U . 82.87 -50.12 -31.24
O6 MAN U . 79.58 -51.52 -32.32
C1 MAN U . 87.92 -47.09 -37.06
C2 MAN U . 86.81 -46.98 -38.10
C3 MAN U . 87.10 -47.78 -39.32
C4 MAN U . 88.40 -47.23 -39.90
C5 MAN U . 89.54 -47.37 -38.85
C6 MAN U . 90.87 -46.73 -39.39
O2 MAN U . 86.73 -45.68 -38.46
O3 MAN U . 86.01 -47.64 -40.27
O4 MAN U . 88.71 -47.95 -41.05
O5 MAN U . 89.17 -46.63 -37.68
O6 MAN U . 91.19 -47.06 -40.80
C1 NAG V . -30.78 5.12 47.17
C2 NAG V . -31.03 6.49 46.59
C3 NAG V . -31.12 7.43 47.72
C4 NAG V . -32.32 7.08 48.68
C5 NAG V . -32.10 5.59 49.16
C6 NAG V . -33.27 5.06 49.98
C7 NAG V . -30.12 7.18 44.47
C8 NAG V . -28.92 7.56 43.68
N2 NAG V . -29.92 6.88 45.74
O3 NAG V . -31.25 8.77 47.20
O4 NAG V . -32.21 7.97 49.76
O5 NAG V . -31.98 4.71 48.04
O6 NAG V . -33.17 5.39 51.35
O7 NAG V . -31.25 7.14 43.98
C1 NAG V . -33.51 8.54 50.17
C2 NAG V . -33.30 9.14 51.51
C3 NAG V . -34.57 9.70 52.04
C4 NAG V . -35.02 10.81 51.00
C5 NAG V . -35.27 10.18 49.59
C6 NAG V . -35.64 11.22 48.55
C7 NAG V . -31.83 8.37 53.26
C8 NAG V . -31.39 7.24 54.14
N2 NAG V . -32.81 8.12 52.42
O3 NAG V . -34.34 10.27 53.35
O4 NAG V . -36.12 11.55 51.50
O5 NAG V . -34.01 9.61 49.18
O6 NAG V . -34.73 12.30 48.52
O7 NAG V . -31.30 9.49 53.32
C1 BMA V . -37.34 10.73 51.75
C2 BMA V . -37.71 10.83 53.24
C3 BMA V . -38.90 10.01 53.55
C4 BMA V . -40.05 10.56 52.72
C5 BMA V . -39.68 10.49 51.21
C6 BMA V . -40.81 11.13 50.33
O2 BMA V . -37.99 12.11 53.50
O3 BMA V . -39.20 10.08 54.97
O4 BMA V . -41.19 9.81 52.99
O5 BMA V . -38.48 11.26 50.99
O6 BMA V . -42.19 10.77 50.72
C1 NAG W . -28.89 -17.77 49.89
C2 NAG W . -29.92 -16.77 49.46
C3 NAG W . -31.27 -17.33 49.65
C4 NAG W . -31.48 -18.59 48.74
C5 NAG W . -30.33 -19.60 49.15
C6 NAG W . -30.33 -20.86 48.33
C7 NAG W . -29.58 -14.38 49.66
C8 NAG W . -29.44 -13.19 50.56
N2 NAG W . -29.78 -15.55 50.24
O3 NAG W . -32.25 -16.30 49.34
O4 NAG W . -32.74 -19.09 49.07
O5 NAG W . -29.05 -19.01 48.98
O6 NAG W . -30.12 -20.62 46.95
O7 NAG W . -29.53 -14.28 48.43
C1 NAG W . -33.45 -19.63 47.89
C2 NAG W . -34.50 -20.57 48.41
C3 NAG W . -35.26 -21.17 47.30
C4 NAG W . -35.90 -19.98 46.48
C5 NAG W . -34.80 -19.02 45.91
C6 NAG W . -35.37 -17.84 45.17
C7 NAG W . -33.66 -21.53 50.47
C8 NAG W . -33.00 -22.67 51.15
N2 NAG W . -33.87 -21.63 49.17
O3 NAG W . -36.27 -22.06 47.85
O4 NAG W . -36.80 -20.46 45.49
O5 NAG W . -34.10 -18.50 47.06
O6 NAG W . -34.37 -17.09 44.50
O7 NAG W . -34.02 -20.51 51.08
C1 NAG X . 1.42 -35.51 35.53
C2 NAG X . 0.35 -36.39 36.11
C3 NAG X . 0.98 -37.11 37.23
C4 NAG X . 2.19 -38.00 36.80
C5 NAG X . 3.17 -37.08 35.99
C6 NAG X . 4.27 -37.88 35.32
C7 NAG X . -1.99 -35.82 36.21
C8 NAG X . -3.06 -34.96 36.78
N2 NAG X . -0.76 -35.60 36.60
O3 NAG X . -0.03 -37.92 37.89
O4 NAG X . 2.79 -38.34 38.01
O5 NAG X . 2.52 -36.39 34.91
O6 NAG X . 5.49 -37.80 36.04
O7 NAG X . -2.24 -36.72 35.40
C1 NAG X . 3.07 -39.76 38.17
C2 NAG X . 3.69 -39.90 39.52
C3 NAG X . 4.08 -41.28 39.87
C4 NAG X . 2.72 -42.08 39.84
C5 NAG X . 2.04 -42.03 38.42
C6 NAG X . 0.71 -42.74 38.40
C7 NAG X . 4.83 -37.90 40.23
C8 NAG X . 6.08 -37.09 40.23
N2 NAG X . 4.86 -39.05 39.59
O3 NAG X . 4.69 -41.28 41.18
O4 NAG X . 2.89 -43.41 40.34
O5 NAG X . 1.79 -40.63 38.17
O6 NAG X . 0.12 -42.82 39.69
O7 NAG X . 3.80 -37.52 40.81
C1 BMA X . 3.88 -44.21 39.57
C2 BMA X . 5.11 -44.45 40.45
C3 BMA X . 6.13 -45.25 39.74
C4 BMA X . 5.50 -46.59 39.41
C5 BMA X . 4.24 -46.36 38.52
C6 BMA X . 3.49 -47.71 38.24
O2 BMA X . 4.70 -45.14 41.53
O3 BMA X . 7.30 -45.41 40.59
O4 BMA X . 6.43 -47.38 38.74
O5 BMA X . 3.31 -45.51 39.24
O6 BMA X . 4.38 -48.85 37.93
C1 NAG Y . 14.55 41.44 26.24
C2 NAG Y . 15.97 41.67 25.79
C3 NAG Y . 16.85 41.21 26.88
C4 NAG Y . 16.57 42.01 28.20
C5 NAG Y . 15.06 41.89 28.57
C6 NAG Y . 14.69 42.80 29.73
C7 NAG Y . 16.22 41.49 23.39
C8 NAG Y . 16.50 40.63 22.21
N2 NAG Y . 16.26 40.92 24.58
O3 NAG Y . 18.23 41.38 26.47
O4 NAG Y . 17.29 41.34 29.20
O5 NAG Y . 14.24 42.30 27.48
O6 NAG Y . 14.15 42.09 30.83
O7 NAG Y . 15.95 42.69 23.27
C1 NAG Y . 18.33 42.18 29.81
C2 NAG Y . 18.67 41.52 31.10
C3 NAG Y . 19.74 42.22 31.83
C4 NAG Y . 20.97 42.17 30.84
C5 NAG Y . 20.71 42.94 29.50
C6 NAG Y . 21.86 42.83 28.52
C7 NAG Y . 17.06 40.32 32.43
C8 NAG Y . 15.80 40.35 33.23
N2 NAG Y . 17.49 41.46 31.93
O3 NAG Y . 20.00 41.54 33.08
O4 NAG Y . 22.16 42.57 31.50
O5 NAG Y . 19.60 42.23 28.93
O6 NAG Y . 22.36 41.50 28.41
O7 NAG Y . 17.68 39.27 32.22
C1 BMA Y . 22.14 43.98 31.94
C2 BMA Y . 22.27 44.00 33.47
C3 BMA Y . 22.24 45.39 33.99
C4 BMA Y . 23.42 46.12 33.36
C5 BMA Y . 23.27 46.09 31.81
C6 BMA Y . 24.53 46.76 31.12
O2 BMA Y . 23.45 43.46 33.78
O3 BMA Y . 22.34 45.37 35.43
O4 BMA Y . 23.43 47.43 33.83
O5 BMA Y . 23.25 44.72 31.38
O6 BMA Y . 25.00 47.99 31.77
C1 NAG Z . -7.45 51.89 31.72
C2 NAG Z . -7.27 50.41 31.83
C3 NAG Z . -7.16 50.07 33.26
C4 NAG Z . -5.94 50.77 33.96
C5 NAG Z . -6.15 52.31 33.76
C6 NAG Z . -5.00 53.12 34.30
C7 NAG Z . -8.32 48.78 30.38
C8 NAG Z . -9.59 48.12 29.95
N2 NAG Z . -8.43 49.72 31.29
O3 NAG Z . -7.05 48.63 33.41
O4 NAG Z . -6.02 50.43 35.31
O5 NAG Z . -6.24 52.61 32.36
O6 NAG Z . -5.01 54.47 33.84
O7 NAG Z . -7.22 48.48 29.92
C1 NAG Z . -4.72 50.01 35.86
C2 NAG Z . -4.93 49.73 37.30
C3 NAG Z . -3.67 49.34 37.98
C4 NAG Z . -3.19 48.03 37.23
C5 NAG Z . -2.92 48.30 35.71
C6 NAG Z . -2.52 47.05 34.96
C7 NAG Z . -6.73 51.00 38.31
C8 NAG Z . -7.18 52.27 38.97
N2 NAG Z . -5.46 50.92 37.95
O3 NAG Z . -3.93 49.10 39.38
O4 NAG Z . -2.10 47.42 37.91
O5 NAG Z . -4.18 48.74 35.16
O6 NAG Z . -3.26 45.92 35.37
O7 NAG Z . -7.50 50.05 38.12
C1 BMA Z . -0.90 48.28 37.99
C2 BMA Z . -0.61 48.59 39.46
C3 BMA Z . 0.57 49.46 39.61
C4 BMA Z . 1.76 48.71 39.04
C5 BMA Z . 1.48 48.38 37.54
C6 BMA Z . 2.64 47.52 36.92
O2 BMA Z . -0.37 47.42 40.08
O3 BMA Z . 0.78 49.79 41.01
O4 BMA Z . 2.90 49.50 39.16
O5 BMA Z . 0.28 47.59 37.46
O6 BMA Z . 4.00 47.96 37.29
C1 NAG AA . 32.18 12.91 33.41
C2 NAG AA . 33.52 13.01 32.73
C3 NAG AA . 34.49 13.44 33.75
C4 NAG AA . 34.10 14.86 34.31
C5 NAG AA . 32.64 14.79 34.85
C6 NAG AA . 32.13 16.15 35.26
C7 NAG AA . 33.69 11.48 30.87
C8 NAG AA . 34.09 10.14 30.34
N2 NAG AA . 33.91 11.74 32.15
O3 NAG AA . 35.81 13.46 33.16
O4 NAG AA . 34.95 15.11 35.39
O5 NAG AA . 31.72 14.31 33.86
O6 NAG AA . 30.72 16.27 35.14
O7 NAG AA . 33.16 12.34 30.16
C1 NAG AA . 35.66 16.40 35.28
C2 NAG AA . 36.13 16.74 36.65
C3 NAG AA . 36.96 17.97 36.69
C4 NAG AA . 38.20 17.66 35.78
C5 NAG AA . 37.78 17.38 34.28
C6 NAG AA . 38.94 16.96 33.40
C7 NAG AA . 34.80 16.21 38.60
C8 NAG AA . 33.57 16.47 39.40
N2 NAG AA . 34.98 16.93 37.51
O3 NAG AA . 37.35 18.24 38.06
O4 NAG AA . 39.22 18.63 35.94
O5 NAG AA . 36.91 16.25 34.39
O6 NAG AA . 39.54 15.76 33.85
O7 NAG AA . 35.63 15.35 38.92
C1 BMA AA . 38.86 19.99 35.46
C2 BMA AA . 38.88 20.96 36.65
C3 BMA AA . 38.53 22.34 36.22
C4 BMA AA . 39.57 22.77 35.21
C5 BMA AA . 39.54 21.80 33.99
C6 BMA AA . 40.68 22.16 32.97
O2 BMA AA . 40.14 20.97 37.12
O3 BMA AA . 38.53 23.21 37.39
O4 BMA AA . 39.27 24.07 34.79
O5 BMA AA . 39.82 20.47 34.48
O6 BMA AA . 40.83 23.60 32.69
C1 NAG BA . 80.23 -11.38 22.48
C2 NAG BA . 81.71 -11.42 22.18
C3 NAG BA . 82.36 -11.03 23.43
C4 NAG BA . 81.97 -9.55 23.85
C5 NAG BA . 80.41 -9.48 23.92
C6 NAG BA . 79.91 -8.08 24.16
C7 NAG BA . 82.28 -13.06 20.51
C8 NAG BA . 82.62 -14.48 20.18
N2 NAG BA . 82.11 -12.76 21.77
O3 NAG BA . 83.80 -11.15 23.28
O4 NAG BA . 82.47 -9.36 25.14
O5 NAG BA . 79.78 -9.92 22.71
O6 NAG BA . 80.12 -7.24 23.03
O7 NAG BA . 82.16 -12.21 19.63
C1 NAG BA . 83.54 -8.35 25.19
C2 NAG BA . 83.93 -8.19 26.63
C3 NAG BA . 85.02 -7.22 26.81
C4 NAG BA . 86.26 -7.78 26.03
C5 NAG BA . 85.92 -7.93 24.52
C6 NAG BA . 87.05 -8.56 23.74
C7 NAG BA . 82.13 -8.55 28.21
C8 NAG BA . 80.95 -7.99 28.94
N2 NAG BA . 82.77 -7.75 27.38
O3 NAG BA . 85.29 -7.05 28.22
O4 NAG BA . 87.32 -6.91 26.22
O5 NAG BA . 84.80 -8.83 24.43
O6 NAG BA . 87.83 -9.44 24.55
O7 NAG BA . 82.50 -9.72 28.36
C1 NAG CA . 64.25 -39.14 28.23
C2 NAG CA . 64.88 -39.81 29.40
C3 NAG CA . 64.29 -41.16 29.53
C4 NAG CA . 62.74 -41.06 29.77
C5 NAG CA . 62.12 -40.30 28.56
C6 NAG CA . 60.63 -40.07 28.72
C7 NAG CA . 67.17 -39.62 30.11
C8 NAG CA . 68.62 -39.76 29.76
N2 NAG CA . 66.31 -39.94 29.18
O3 NAG CA . 64.92 -41.88 30.60
O4 NAG CA . 62.22 -42.36 29.84
O5 NAG CA . 62.73 -39.01 28.45
O6 NAG CA . 60.23 -38.77 28.29
O7 NAG CA . 66.81 -39.20 31.21
C1 NAG CA . 61.57 -42.61 31.14
C2 NAG CA . 60.60 -43.72 30.95
C3 NAG CA . 59.87 -43.96 32.20
C4 NAG CA . 60.90 -44.39 33.31
C5 NAG CA . 61.94 -43.24 33.47
C6 NAG CA . 63.03 -43.59 34.46
C7 NAG CA . 59.27 -44.24 28.99
C8 NAG CA . 58.31 -43.77 27.94
N2 NAG CA . 59.65 -43.37 29.90
O3 NAG CA . 58.86 -44.98 32.00
O4 NAG CA . 60.19 -44.59 34.51
O5 NAG CA . 62.60 -43.00 32.21
O6 NAG CA . 64.19 -42.78 34.29
O7 NAG CA . 59.70 -45.40 29.01
C1 BMA CA . 60.39 -45.96 35.03
C2 BMA CA . 60.02 -45.97 36.51
C3 BMA CA . 60.22 -47.31 37.11
C4 BMA CA . 59.32 -48.27 36.36
C5 BMA CA . 59.70 -48.27 34.84
C6 BMA CA . 58.71 -49.19 34.02
O2 BMA CA . 58.72 -45.65 36.59
O3 BMA CA . 59.88 -47.27 38.52
O4 BMA CA . 59.47 -49.55 36.89
O5 BMA CA . 59.54 -46.92 34.34
O6 BMA CA . 58.35 -50.46 34.69
C1 NAG DA . 45.64 -51.96 23.27
C2 NAG DA . 45.95 -53.29 23.90
C3 NAG DA . 44.63 -53.84 24.28
C4 NAG DA . 43.89 -52.91 25.32
C5 NAG DA . 43.75 -51.49 24.70
C6 NAG DA . 43.25 -50.46 25.69
C7 NAG DA . 47.64 -54.88 23.26
C8 NAG DA . 48.21 -55.77 22.20
N2 NAG DA . 46.59 -54.16 22.94
O3 NAG DA . 44.82 -55.17 24.84
O4 NAG DA . 42.59 -53.45 25.47
O5 NAG DA . 45.01 -51.01 24.29
O6 NAG DA . 43.80 -50.66 26.99
O7 NAG DA . 48.12 -54.82 24.39
C1 NAG DA . 42.35 -53.93 26.85
C2 NAG DA . 40.91 -53.74 27.15
C3 NAG DA . 40.60 -54.13 28.54
C4 NAG DA . 40.85 -55.68 28.72
C5 NAG DA . 42.35 -55.90 28.29
C6 NAG DA . 42.67 -57.38 28.24
C7 NAG DA . 39.73 -51.98 25.98
C8 NAG DA . 39.39 -50.53 25.88
N2 NAG DA . 40.53 -52.36 26.95
O3 NAG DA . 39.22 -53.73 28.78
O4 NAG DA . 40.73 -56.13 30.07
O5 NAG DA . 42.62 -55.44 26.96
O6 NAG DA . 41.65 -58.17 28.81
O7 NAG DA . 39.28 -52.81 25.18
C1 BMA DA . 39.52 -55.68 30.80
C2 BMA DA . 38.24 -56.16 30.09
C3 BMA DA . 37.03 -55.69 30.81
C4 BMA DA . 37.08 -56.27 32.21
C5 BMA DA . 38.38 -55.78 32.92
C6 BMA DA . 38.55 -56.38 34.36
O2 BMA DA . 38.27 -57.52 30.14
O3 BMA DA . 35.83 -56.13 30.12
O4 BMA DA . 35.95 -55.85 32.90
O5 BMA DA . 39.50 -56.20 32.14
O6 BMA DA . 37.99 -57.74 34.55
C1 MAN DA . 35.31 -55.07 29.23
C2 MAN DA . 34.39 -54.14 30.01
C3 MAN DA . 33.16 -54.79 30.52
C4 MAN DA . 32.42 -55.29 29.28
C5 MAN DA . 33.33 -56.28 28.51
C6 MAN DA . 32.62 -56.79 27.18
O2 MAN DA . 34.03 -53.16 29.17
O3 MAN DA . 32.37 -53.84 31.27
O4 MAN DA . 31.25 -55.92 29.68
O5 MAN DA . 34.53 -55.58 28.10
O6 MAN DA . 31.17 -57.03 27.31
C1 MAN DA . 38.94 -58.78 34.18
C2 MAN DA . 38.27 -60.15 34.38
C3 MAN DA . 37.95 -60.40 35.80
C4 MAN DA . 39.26 -60.37 36.57
C5 MAN DA . 39.92 -58.98 36.40
C6 MAN DA . 41.32 -58.94 37.12
O2 MAN DA . 39.12 -61.09 33.97
O3 MAN DA . 37.30 -61.70 35.93
O4 MAN DA . 39.00 -60.62 37.91
O5 MAN DA . 40.16 -58.77 35.00
O6 MAN DA . 41.33 -59.50 38.48
C1 NAG EA . 72.64 -21.95 30.44
C2 NAG EA . 71.68 -22.62 31.38
C3 NAG EA . 70.71 -21.62 31.88
C4 NAG EA . 71.44 -20.46 32.65
C5 NAG EA . 72.41 -19.79 31.63
C6 NAG EA . 73.25 -18.70 32.26
C7 NAG EA . 71.23 -24.95 30.85
C8 NAG EA . 70.47 -25.91 30.00
N2 NAG EA . 70.97 -23.66 30.67
O3 NAG EA . 69.75 -22.30 32.71
O4 NAG EA . 70.48 -19.55 33.08
O5 NAG EA . 73.33 -20.77 31.16
O6 NAG EA . 74.35 -18.34 31.44
O7 NAG EA . 72.05 -25.32 31.70
C1 NAG EA . 70.61 -19.24 34.52
C2 NAG EA . 69.45 -18.37 34.88
C3 NAG EA . 69.47 -18.06 36.33
C4 NAG EA . 69.37 -19.44 37.09
C5 NAG EA . 70.64 -20.33 36.78
C6 NAG EA . 70.59 -21.70 37.41
C7 NAG EA . 68.86 -16.99 33.00
C8 NAG EA . 68.99 -15.67 32.30
N2 NAG EA . 69.51 -17.14 34.13
O3 NAG EA . 68.34 -17.20 36.66
O4 NAG EA . 69.10 -19.27 38.47
O5 NAG EA . 70.57 -20.54 35.35
O6 NAG EA . 69.74 -22.59 36.71
O7 NAG EA . 68.19 -17.91 32.53
C1 BMA EA . 70.19 -18.62 39.23
C2 BMA EA . 69.64 -17.34 39.85
C3 BMA EA . 70.69 -16.63 40.64
C4 BMA EA . 71.13 -17.58 41.75
C5 BMA EA . 71.68 -18.88 41.12
C6 BMA EA . 72.06 -19.92 42.26
O2 BMA EA . 68.65 -17.68 40.68
O3 BMA EA . 70.15 -15.40 41.19
O4 BMA EA . 72.11 -16.95 42.51
O5 BMA EA . 70.63 -19.49 40.33
O6 BMA EA . 72.71 -19.33 43.44
C1 NAG FA . 83.08 -34.79 27.38
C2 NAG FA . 82.52 -35.60 28.51
C3 NAG FA . 83.60 -36.39 29.11
C4 NAG FA . 84.17 -37.37 28.01
C5 NAG FA . 84.72 -36.47 26.86
C6 NAG FA . 85.33 -37.28 25.74
C7 NAG FA . 80.65 -34.52 29.57
C8 NAG FA . 80.15 -33.57 30.61
N2 NAG FA . 81.95 -34.72 29.51
O3 NAG FA . 83.12 -37.10 30.27
O4 NAG FA . 85.20 -38.16 28.55
O5 NAG FA . 83.67 -35.71 26.30
O6 NAG FA . 84.42 -38.25 25.24
O7 NAG FA . 79.89 -35.10 28.80
C1 NAG FA . 84.76 -39.57 28.72
C2 NAG FA . 85.96 -40.44 28.68
C3 NAG FA . 85.56 -41.86 28.81
C4 NAG FA . 84.87 -42.04 30.22
C5 NAG FA . 83.62 -41.10 30.24
C6 NAG FA . 82.89 -41.17 31.55
C7 NAG FA . 87.93 -39.91 27.38
C8 NAG FA . 88.57 -39.77 26.04
N2 NAG FA . 86.66 -40.27 27.42
O3 NAG FA . 86.72 -42.70 28.65
O4 NAG FA . 84.43 -43.36 30.40
O5 NAG FA . 84.03 -39.74 30.06
O6 NAG FA . 81.65 -41.86 31.44
O7 NAG FA . 88.56 -39.69 28.42
C1 BMA FA . 85.47 -44.20 31.04
C2 BMA FA . 85.41 -44.02 32.56
C3 BMA FA . 86.44 -44.86 33.23
C4 BMA FA . 86.15 -46.31 32.90
C5 BMA FA . 86.17 -46.50 31.35
C6 BMA FA . 85.69 -47.96 30.95
O2 BMA FA . 84.21 -44.43 32.98
O3 BMA FA . 86.40 -44.63 34.66
O4 BMA FA . 87.12 -47.10 33.50
O5 BMA FA . 85.22 -45.61 30.75
O6 BMA FA . 84.71 -48.61 31.85
C1 MAN FA . 83.35 -48.11 31.62
C2 MAN FA . 82.47 -48.49 32.82
C3 MAN FA . 82.28 -49.94 32.98
C4 MAN FA . 81.61 -50.43 31.69
C5 MAN FA . 82.54 -50.10 30.48
C6 MAN FA . 81.87 -50.54 29.12
O2 MAN FA . 81.28 -47.91 32.63
O3 MAN FA . 81.44 -50.20 34.13
O4 MAN FA . 81.41 -51.79 31.78
O5 MAN FA . 82.72 -48.67 30.43
O6 MAN FA . 81.15 -51.83 29.17
C1 NAG GA . 95.51 -20.94 16.55
C2 NAG GA . 95.40 -19.58 17.12
C3 NAG GA . 96.21 -18.67 16.29
C4 NAG GA . 97.71 -19.11 16.28
C5 NAG GA . 97.78 -20.59 15.75
C6 NAG GA . 99.15 -21.20 15.82
C7 NAG GA . 93.40 -18.75 18.20
C8 NAG GA . 91.97 -18.34 18.07
N2 NAG GA . 94.01 -19.14 17.10
O3 NAG GA . 96.06 -17.32 16.77
O4 NAG GA . 98.39 -18.23 15.41
O5 NAG GA . 96.97 -21.43 16.58
O6 NAG GA . 99.76 -21.08 17.10
O7 NAG GA . 93.99 -18.73 19.28
C1 NAG GA . 99.66 -17.78 15.99
C2 NAG GA . 100.59 -17.45 14.87
C3 NAG GA . 101.92 -17.10 15.36
C4 NAG GA . 101.86 -15.81 16.27
C5 NAG GA . 100.77 -16.12 17.36
C6 NAG GA . 100.51 -14.92 18.23
C7 NAG GA . 100.12 -18.58 12.79
C8 NAG GA . 100.28 -19.81 11.95
N2 NAG GA . 100.71 -18.58 13.97
O3 NAG GA . 102.75 -16.91 14.18
O4 NAG GA . 103.05 -15.54 17.00
O5 NAG GA . 99.50 -16.50 16.82
O6 NAG GA . 99.76 -13.92 17.55
O7 NAG GA . 99.46 -17.61 12.42
C1 BMA GA . 104.27 -15.35 16.17
C2 BMA GA . 104.19 -14.02 15.41
C3 BMA GA . 105.41 -13.85 14.58
C4 BMA GA . 106.63 -13.85 15.48
C5 BMA GA . 106.66 -15.21 16.25
C6 BMA GA . 107.84 -15.28 17.31
O2 BMA GA . 104.16 -13.02 16.32
O3 BMA GA . 105.33 -12.59 13.85
O4 BMA GA . 107.77 -13.71 14.69
O5 BMA GA . 105.45 -15.33 17.01
O6 BMA GA . 108.27 -13.99 17.91
C1 MAN GA . 107.52 -13.72 19.15
C2 MAN GA . 107.95 -12.35 19.68
C3 MAN GA . 109.38 -12.32 20.11
C4 MAN GA . 109.52 -13.37 21.20
C5 MAN GA . 109.12 -14.77 20.63
C6 MAN GA . 109.23 -15.89 21.74
O2 MAN GA . 107.18 -12.08 20.75
O3 MAN GA . 109.71 -11.01 20.61
O4 MAN GA . 110.83 -13.39 21.65
O5 MAN GA . 107.75 -14.70 20.20
O6 MAN GA . 110.44 -15.80 22.58
C1 NAG HA . -40.64 -19.81 -33.02
C2 NAG HA . -41.69 -19.03 -32.29
C3 NAG HA . -42.65 -19.98 -31.72
C4 NAG HA . -43.36 -20.77 -32.91
C5 NAG HA . -42.21 -21.48 -33.71
C6 NAG HA . -42.74 -22.23 -34.89
C7 NAG HA . -41.01 -16.92 -31.34
C8 NAG HA . -40.27 -16.19 -30.27
N2 NAG HA . -41.09 -18.23 -31.25
O3 NAG HA . -43.62 -19.26 -30.92
O4 NAG HA . -44.19 -21.76 -32.33
O5 NAG HA . -41.25 -20.53 -34.22
O6 NAG HA . -43.51 -23.34 -34.46
O7 NAG HA . -41.54 -16.33 -32.29
C1 NAG HA . -45.62 -21.48 -32.57
C2 NAG HA . -46.39 -22.58 -31.91
C3 NAG HA . -47.85 -22.40 -32.04
C4 NAG HA . -48.17 -21.04 -31.30
C5 NAG HA . -47.45 -19.81 -31.98
C6 NAG HA . -47.63 -18.53 -31.22
C7 NAG HA . -45.32 -24.74 -31.85
C8 NAG HA . -44.96 -26.00 -32.56
N2 NAG HA . -46.01 -23.84 -32.52
O3 NAG HA . -48.54 -23.52 -31.41
O4 NAG HA . -49.57 -20.86 -31.13
O5 NAG HA . -46.05 -20.16 -31.89
O6 NAG HA . -47.10 -17.41 -31.91
O7 NAG HA . -44.99 -24.54 -30.67
C1 BMA HA . -50.31 -20.74 -32.40
C2 BMA HA . -51.32 -21.89 -32.51
C3 BMA HA . -52.07 -21.83 -33.78
C4 BMA HA . -52.81 -20.50 -33.80
C5 BMA HA . -51.78 -19.33 -33.69
C6 BMA HA . -52.53 -17.94 -33.61
O2 BMA HA . -52.19 -21.76 -31.49
O3 BMA HA . -53.00 -22.94 -33.86
O4 BMA HA . -53.52 -20.40 -35.00
O5 BMA HA . -51.05 -19.49 -32.45
O6 BMA HA . -53.66 -17.78 -34.54
C1 NAG IA . -25.63 -17.37 -51.33
C2 NAG IA . -26.73 -16.54 -50.73
C3 NAG IA . -27.43 -15.72 -51.75
C4 NAG IA . -26.39 -14.73 -52.35
C5 NAG IA . -25.25 -15.57 -52.98
C6 NAG IA . -24.17 -14.72 -53.59
C7 NAG IA . -28.12 -17.13 -48.83
C8 NAG IA . -29.09 -18.08 -48.22
N2 NAG IA . -27.70 -17.39 -50.05
O3 NAG IA . -28.56 -15.02 -51.16
O4 NAG IA . -27.04 -13.94 -53.32
O5 NAG IA . -24.63 -16.38 -51.96
O6 NAG IA . -23.67 -13.75 -52.69
O7 NAG IA . -27.71 -16.13 -48.22
C1 NAG IA . -26.74 -12.52 -53.10
C2 NAG IA . -27.06 -11.80 -54.38
C3 NAG IA . -26.73 -10.37 -54.22
C4 NAG IA . -27.63 -9.79 -53.05
C5 NAG IA . -27.29 -10.56 -51.73
C6 NAG IA . -28.15 -10.11 -50.57
C7 NAG IA . -26.68 -13.31 -56.24
C8 NAG IA . -25.74 -13.84 -57.28
N2 NAG IA . -26.24 -12.35 -55.45
O3 NAG IA . -26.96 -9.67 -55.47
O4 NAG IA . -27.32 -8.43 -52.91
O5 NAG IA . -27.59 -11.95 -51.94
O6 NAG IA . -28.84 -11.19 -49.95
O7 NAG IA . -27.82 -13.76 -56.11
C1 NAG JA . -27.07 -18.79 -21.75
C2 NAG JA . -26.65 -18.44 -20.36
C3 NAG JA . -26.93 -19.59 -19.47
C4 NAG JA . -28.47 -19.88 -19.44
C5 NAG JA . -28.88 -20.19 -20.92
C6 NAG JA . -30.36 -20.46 -21.09
C7 NAG JA . -24.79 -16.88 -20.22
C8 NAG JA . -23.31 -16.65 -20.25
N2 NAG JA . -25.23 -18.12 -20.32
O3 NAG JA . -26.42 -19.30 -18.14
O4 NAG JA . -28.71 -21.00 -18.62
O5 NAG JA . -28.58 -19.09 -21.77
O6 NAG JA . -30.77 -21.66 -20.46
O7 NAG JA . -25.59 -15.95 -20.10
C1 NAG JA . -29.43 -20.62 -17.38
C2 NAG JA . -29.76 -21.89 -16.64
C3 NAG JA . -30.43 -21.63 -15.35
C4 NAG JA . -29.41 -20.78 -14.49
C5 NAG JA . -29.10 -19.40 -15.18
C6 NAG JA . -28.04 -18.59 -14.44
C7 NAG JA . -30.31 -23.92 -17.83
C8 NAG JA . -31.28 -24.65 -18.71
N2 NAG JA . -30.64 -22.70 -17.47
O3 NAG JA . -30.75 -22.89 -14.71
O4 NAG JA . -29.83 -20.68 -13.14
O5 NAG JA . -28.54 -19.77 -16.44
O6 NAG JA . -26.93 -19.38 -14.05
O7 NAG JA . -29.25 -24.43 -17.46
C1 BMA JA . -31.09 -19.95 -12.94
C2 BMA JA . -32.11 -20.87 -12.25
C3 BMA JA . -33.41 -20.19 -12.02
C4 BMA JA . -33.13 -19.00 -11.12
C5 BMA JA . -32.12 -18.05 -11.83
C6 BMA JA . -31.73 -16.84 -10.89
O2 BMA JA . -31.59 -21.22 -11.06
O3 BMA JA . -34.34 -21.11 -11.39
O4 BMA JA . -34.33 -18.33 -10.89
O5 BMA JA . -30.90 -18.79 -12.06
O6 BMA JA . -32.86 -16.26 -10.13
C1 NAG KA . 11.80 -19.54 -44.01
C2 NAG KA . 11.21 -19.19 -45.33
C3 NAG KA . 11.62 -20.14 -46.38
C4 NAG KA . 13.18 -19.99 -46.47
C5 NAG KA . 13.78 -20.21 -45.04
C6 NAG KA . 15.27 -20.09 -45.11
C7 NAG KA . 9.12 -18.11 -45.78
C8 NAG KA . 7.66 -18.04 -45.53
N2 NAG KA . 9.77 -19.10 -45.25
O3 NAG KA . 10.94 -19.80 -47.60
O4 NAG KA . 13.65 -20.97 -47.33
O5 NAG KA . 13.31 -19.29 -44.04
O6 NAG KA . 15.82 -21.15 -45.85
O7 NAG KA . 9.71 -17.26 -46.47
C1 NAG KA . 13.87 -20.46 -48.70
C2 NAG KA . 13.59 -21.57 -49.65
C3 NAG KA . 13.95 -21.17 -51.03
C4 NAG KA . 13.00 -19.98 -51.40
C5 NAG KA . 13.22 -18.80 -50.39
C6 NAG KA . 12.30 -17.63 -50.64
C7 NAG KA . 13.73 -23.84 -48.90
C8 NAG KA . 14.59 -24.99 -48.49
N2 NAG KA . 14.35 -22.73 -49.28
O3 NAG KA . 13.80 -22.31 -51.92
O4 NAG KA . 13.31 -19.57 -52.69
O5 NAG KA . 12.94 -19.28 -49.08
O6 NAG KA . 11.16 -18.02 -51.39
O7 NAG KA . 12.50 -23.90 -48.88
C1 NAG LA . -23.19 -35.28 24.78
C2 NAG LA . -22.50 -35.91 25.94
C3 NAG LA . -22.49 -37.36 25.70
C4 NAG LA . -23.98 -37.90 25.60
C5 NAG LA . -24.74 -37.07 24.52
C6 NAG LA . -26.20 -37.39 24.55
C7 NAG LA . -20.72 -34.92 27.19
C8 NAG LA . -19.30 -34.42 27.19
N2 NAG LA . -21.16 -35.40 26.05
O3 NAG LA . -21.76 -38.03 26.76
O4 NAG LA . -23.94 -39.23 25.13
O5 NAG LA . -24.66 -35.67 24.75
O6 NAG LA . -26.47 -38.78 24.44
O7 NAG LA . -21.42 -34.87 28.18
C1 NAG LA . -23.92 -40.23 26.21
C2 NAG LA . -23.06 -41.36 25.74
C3 NAG LA . -22.99 -42.43 26.75
C4 NAG LA . -22.34 -41.76 28.03
C5 NAG LA . -23.24 -40.61 28.59
C6 NAG LA . -22.63 -39.87 29.76
C7 NAG LA . -23.06 -41.73 23.33
C8 NAG LA . -23.70 -42.38 22.14
N2 NAG LA . -23.63 -41.92 24.51
O3 NAG LA . -22.17 -43.53 26.23
O4 NAG LA . -21.98 -42.72 28.99
O5 NAG LA . -23.33 -39.67 27.51
O6 NAG LA . -21.22 -39.97 29.78
O7 NAG LA . -22.05 -41.04 23.23
C1 BMA LA . -23.12 -43.49 29.52
C2 BMA LA . -22.92 -44.96 29.15
C3 BMA LA . -24.02 -45.82 29.65
C4 BMA LA . -24.03 -45.68 31.16
C5 BMA LA . -24.24 -44.19 31.55
C6 BMA LA . -24.15 -44.00 33.11
O2 BMA LA . -21.77 -45.36 29.71
O3 BMA LA . -23.77 -47.19 29.26
O4 BMA LA . -25.05 -46.47 31.68
O5 BMA LA . -23.18 -43.41 30.98
O6 BMA LA . -24.98 -44.93 33.90
C1 NAG MA . -45.17 -31.83 25.70
C2 NAG MA . -43.70 -31.77 25.46
C3 NAG MA . -43.43 -32.79 24.42
C4 NAG MA . -43.86 -34.26 24.80
C5 NAG MA . -45.37 -34.19 25.16
C6 NAG MA . -45.94 -35.48 25.66
C7 NAG MA . -42.17 -29.93 25.21
C8 NAG MA . -41.94 -28.57 24.66
N2 NAG MA . -43.34 -30.46 24.98
O3 NAG MA . -42.02 -32.78 24.10
O4 NAG MA . -43.66 -35.01 23.65
O5 NAG MA . -45.59 -33.22 26.20
O6 NAG MA . -45.14 -36.07 26.68
O7 NAG MA . -41.30 -30.54 25.84
C1 NAG MA . -43.03 -36.32 23.92
C2 NAG MA . -42.98 -37.04 22.61
C3 NAG MA . -42.34 -38.36 22.74
C4 NAG MA . -40.89 -38.12 23.33
C5 NAG MA . -40.97 -37.44 24.74
C6 NAG MA . -39.62 -37.11 25.34
C7 NAG MA . -44.75 -36.71 20.98
C8 NAG MA . -46.18 -36.93 20.59
N2 NAG MA . -44.34 -37.22 22.12
O3 NAG MA . -42.30 -38.99 21.43
O4 NAG MA . -40.10 -39.31 23.31
O5 NAG MA . -41.62 -36.18 24.50
O6 NAG MA . -39.21 -35.78 25.03
O7 NAG MA . -43.98 -36.06 20.27
C1 BMA MA . -40.70 -40.44 24.07
C2 BMA MA . -41.04 -41.57 23.08
C3 BMA MA . -41.67 -42.71 23.78
C4 BMA MA . -40.66 -43.24 24.78
C5 BMA MA . -40.32 -42.09 25.79
C6 BMA MA . -39.20 -42.56 26.80
O2 BMA MA . -39.87 -41.98 22.54
O3 BMA MA . -42.03 -43.74 22.81
O4 BMA MA . -41.22 -44.33 25.45
O5 BMA MA . -39.76 -40.97 25.04
O6 BMA MA . -39.32 -43.96 27.26
C1 NAG NA . 4.28 -46.74 6.08
C2 NAG NA . 5.32 -47.02 7.13
C3 NAG NA . 5.25 -48.46 7.46
C4 NAG NA . 3.84 -48.80 8.07
C5 NAG NA . 2.77 -48.42 7.00
C6 NAG NA . 1.35 -48.59 7.51
C7 NAG NA . 7.25 -45.57 6.99
C8 NAG NA . 8.61 -45.32 6.44
N2 NAG NA . 6.65 -46.69 6.63
O3 NAG NA . 6.32 -48.78 8.38
O4 NAG NA . 3.82 -50.19 8.32
O5 NAG NA . 2.89 -47.04 6.66
O6 NAG NA . 1.07 -47.72 8.59
O7 NAG NA . 6.69 -44.80 7.77
C1 NAG NA . 3.48 -50.46 9.74
C2 NAG NA . 3.17 -51.92 9.84
C3 NAG NA . 2.81 -52.29 11.22
C4 NAG NA . 4.05 -51.94 12.13
C5 NAG NA . 4.40 -50.41 12.05
C6 NAG NA . 5.63 -50.04 12.84
C7 NAG NA . 2.12 -53.19 8.06
C8 NAG NA . 0.90 -53.44 7.22
N2 NAG NA . 2.04 -52.24 8.97
O3 NAG NA . 2.48 -53.69 11.28
O4 NAG NA . 3.87 -52.43 13.45
O5 NAG NA . 4.67 -50.14 10.67
O6 NAG NA . 5.71 -48.64 13.09
O7 NAG NA . 3.16 -53.84 7.90
C1 BMA NA . 2.74 -51.81 14.18
C2 BMA NA . 1.73 -52.90 14.53
C3 BMA NA . 0.55 -52.33 15.25
C4 BMA NA . 1.07 -51.70 16.52
C5 BMA NA . 2.10 -50.59 16.16
C6 BMA NA . 2.72 -49.96 17.46
O2 BMA NA . 2.35 -53.78 15.35
O3 BMA NA . -0.40 -53.39 15.54
O4 BMA NA . -0.01 -51.15 17.21
O5 BMA NA . 3.19 -51.19 15.42
O6 BMA NA . 1.77 -49.74 18.56
C1 NAG OA . 56.68 -60.91 12.51
C2 NAG OA . 57.85 -61.71 12.98
C3 NAG OA . 57.45 -63.13 12.94
C4 NAG OA . 56.24 -63.37 13.91
C5 NAG OA . 55.08 -62.44 13.47
C6 NAG OA . 53.91 -62.55 14.41
C7 NAG OA . 60.06 -60.83 12.50
C8 NAG OA . 61.14 -60.63 11.49
N2 NAG OA . 59.00 -61.51 12.11
O3 NAG OA . 58.59 -63.95 13.30
O4 NAG OA . 55.84 -64.71 13.75
O5 NAG OA . 55.49 -61.06 13.49
O6 NAG OA . 53.19 -63.75 14.17
O7 NAG OA . 60.13 -60.39 13.65
C1 NAG OA . 56.10 -65.49 14.96
C2 NAG OA . 55.67 -66.89 14.70
C3 NAG OA . 55.89 -67.73 15.89
C4 NAG OA . 57.44 -67.72 16.18
C5 NAG OA . 57.93 -66.26 16.48
C6 NAG OA . 59.42 -66.16 16.66
C7 NAG OA . 53.87 -67.10 13.10
C8 NAG OA . 52.39 -67.09 12.83
N2 NAG OA . 54.26 -66.91 14.35
O3 NAG OA . 55.39 -69.07 15.65
O4 NAG OA . 57.68 -68.55 17.28
O5 NAG OA . 57.60 -65.50 15.31
O6 NAG OA . 60.14 -67.06 15.81
O7 NAG OA . 54.69 -67.27 12.20
C1 NAG PA . 59.00 -49.93 -17.76
C2 NAG PA . 60.35 -50.32 -18.31
C3 NAG PA . 60.43 -49.84 -19.71
C4 NAG PA . 59.32 -50.50 -20.60
C5 NAG PA . 57.94 -50.11 -19.95
C6 NAG PA . 56.75 -50.74 -20.64
C7 NAG PA . 62.23 -50.36 -16.81
C8 NAG PA . 63.24 -49.60 -16.01
N2 NAG PA . 61.41 -49.67 -17.56
O3 NAG PA . 61.74 -50.14 -20.24
O4 NAG PA . 59.44 -49.96 -21.89
O5 NAG PA . 57.89 -50.58 -18.59
O6 NAG PA . 56.45 -50.09 -21.86
O7 NAG PA . 62.17 -51.60 -16.77
C1 NAG PA . 59.37 -51.00 -22.92
C2 NAG PA . 59.14 -50.33 -24.22
C3 NAG PA . 58.93 -51.31 -25.31
C4 NAG PA . 60.28 -52.12 -25.41
C5 NAG PA . 60.58 -52.82 -24.06
C6 NAG PA . 61.92 -53.54 -24.09
C7 NAG PA . 58.00 -48.26 -24.63
C8 NAG PA . 56.76 -47.43 -24.47
N2 NAG PA . 57.98 -49.47 -24.12
O3 NAG PA . 58.58 -50.63 -26.53
O4 NAG PA . 60.13 -53.06 -26.44
O5 NAG PA . 60.68 -51.81 -23.04
O6 NAG PA . 63.01 -52.64 -24.27
O7 NAG PA . 58.99 -47.83 -25.23
C1 NAG QA . 55.65 -32.63 -32.46
C2 NAG QA . 56.58 -32.32 -33.59
C3 NAG QA . 55.76 -31.86 -34.73
C4 NAG QA . 54.76 -32.95 -35.23
C5 NAG QA . 53.85 -33.30 -34.00
C6 NAG QA . 52.91 -34.46 -34.25
C7 NAG QA . 58.73 -31.46 -32.89
C8 NAG QA . 59.51 -30.28 -32.43
N2 NAG QA . 57.47 -31.24 -33.19
O3 NAG QA . 56.62 -31.44 -35.80
O4 NAG QA . 54.02 -32.34 -36.27
O5 NAG QA . 54.66 -33.73 -32.90
O6 NAG QA . 52.42 -35.03 -33.04
O7 NAG QA . 59.22 -32.59 -32.98
C1 NAG QA . 53.58 -33.31 -37.29
C2 NAG QA . 52.25 -32.86 -37.82
C3 NAG QA . 51.69 -33.88 -38.73
C4 NAG QA . 52.64 -34.04 -40.02
C5 NAG QA . 54.04 -34.38 -39.43
C6 NAG QA . 55.07 -34.40 -40.52
C7 NAG QA . 51.24 -31.45 -36.15
C8 NAG QA . 50.23 -31.30 -35.05
N2 NAG QA . 51.32 -32.62 -36.74
O3 NAG QA . 50.34 -33.44 -39.07
O4 NAG QA . 52.27 -35.06 -40.95
O5 NAG QA . 54.52 -33.40 -38.50
O6 NAG QA . 55.90 -35.55 -40.47
O7 NAG QA . 51.97 -30.52 -36.49
C1 BMA QA . 50.91 -34.89 -41.51
C2 BMA QA . 50.75 -33.51 -42.15
C3 BMA QA . 49.41 -33.31 -42.77
C4 BMA QA . 49.25 -34.38 -43.84
C5 BMA QA . 49.37 -35.79 -43.18
C6 BMA QA . 49.33 -36.95 -44.24
O2 BMA QA . 51.69 -33.42 -43.11
O3 BMA QA . 49.32 -31.98 -43.35
O4 BMA QA . 48.01 -34.20 -44.42
O5 BMA QA . 50.65 -35.87 -42.53
O6 BMA QA . 49.95 -36.63 -45.55
C1 MAN QA . 48.87 -30.99 -42.35
C2 MAN QA . 47.34 -30.88 -42.36
C3 MAN QA . 46.83 -30.37 -43.66
C4 MAN QA . 47.45 -28.99 -43.85
C5 MAN QA . 49.00 -29.11 -43.88
C6 MAN QA . 49.68 -27.68 -44.03
O2 MAN QA . 46.99 -30.01 -41.39
O3 MAN QA . 45.38 -30.26 -43.64
O4 MAN QA . 46.99 -28.45 -45.05
O5 MAN QA . 49.41 -29.66 -42.61
O6 MAN QA . 49.09 -26.81 -45.06
C1 MAN QA . 51.39 -36.92 -45.56
C2 MAN QA . 51.96 -36.54 -46.93
C3 MAN QA . 51.40 -37.38 -48.01
C4 MAN QA . 51.77 -38.82 -47.70
C5 MAN QA . 51.16 -39.21 -46.31
C6 MAN QA . 51.58 -40.68 -45.92
O2 MAN QA . 53.29 -36.75 -46.88
O3 MAN QA . 51.98 -36.97 -49.29
O4 MAN QA . 51.24 -39.65 -48.68
O5 MAN QA . 51.71 -38.33 -45.31
O6 MAN QA . 51.43 -41.67 -47.00
C1 NAG RA . 54.71 -59.95 -2.32
C2 NAG RA . 54.01 -60.02 -3.64
C3 NAG RA . 52.56 -60.01 -3.42
C4 NAG RA . 52.10 -61.24 -2.54
C5 NAG RA . 52.86 -61.13 -1.19
C6 NAG RA . 52.60 -62.29 -0.26
C7 NAG RA . 55.26 -58.91 -5.41
C8 NAG RA . 55.58 -57.64 -6.12
N2 NAG RA . 54.37 -58.86 -4.44
O3 NAG RA . 51.88 -59.99 -4.69
O4 NAG RA . 50.71 -61.12 -2.36
O5 NAG RA . 54.27 -61.14 -1.43
O6 NAG RA . 52.87 -63.55 -0.87
O7 NAG RA . 55.80 -59.99 -5.71
C1 NAG RA . 50.03 -62.40 -2.59
C2 NAG RA . 48.56 -62.12 -2.56
C3 NAG RA . 47.77 -63.36 -2.78
C4 NAG RA . 48.20 -63.88 -4.20
C5 NAG RA . 49.73 -64.25 -4.23
C6 NAG RA . 50.19 -64.71 -5.60
C7 NAG RA . 47.94 -60.26 -1.14
C8 NAG RA . 47.59 -59.74 0.21
N2 NAG RA . 48.20 -61.55 -1.27
O3 NAG RA . 46.35 -63.05 -2.71
O4 NAG RA . 47.35 -64.92 -4.66
O5 NAG RA . 50.39 -63.01 -3.96
O6 NAG RA . 49.97 -63.75 -6.60
O7 NAG RA . 48.00 -59.52 -2.13
C1 BMA RA . 47.40 -66.15 -3.83
C2 BMA RA . 46.00 -66.41 -3.28
C3 BMA RA . 45.97 -67.63 -2.43
C4 BMA RA . 46.37 -68.79 -3.32
C5 BMA RA . 47.80 -68.53 -3.89
C6 BMA RA . 48.20 -69.68 -4.90
O2 BMA RA . 45.17 -66.58 -4.31
O3 BMA RA . 44.62 -67.82 -1.91
O4 BMA RA . 46.35 -69.96 -2.57
O5 BMA RA . 47.76 -67.30 -4.64
O6 BMA RA . 47.77 -71.04 -4.50
C1 NAG SA . 70.46 -60.74 -6.97
C2 NAG SA . 70.11 -61.52 -8.19
C3 NAG SA . 71.34 -62.05 -8.80
C4 NAG SA . 72.28 -60.88 -9.24
C5 NAG SA . 72.59 -60.03 -7.96
C6 NAG SA . 73.42 -58.80 -8.23
C7 NAG SA . 67.99 -62.67 -8.27
C8 NAG SA . 67.16 -63.84 -7.86
N2 NAG SA . 69.23 -62.63 -7.84
O3 NAG SA . 70.99 -62.89 -9.92
O4 NAG SA . 73.47 -61.45 -9.77
O5 NAG SA . 71.36 -59.56 -7.38
O6 NAG SA . 72.63 -57.61 -8.26
O7 NAG SA . 67.54 -61.77 -8.99
C1 NAG SA . 73.74 -60.93 -11.13
C2 NAG SA . 75.15 -61.27 -11.48
C3 NAG SA . 75.53 -60.67 -12.77
C4 NAG SA . 74.63 -61.31 -13.92
C5 NAG SA . 73.15 -61.06 -13.48
C6 NAG SA . 72.19 -61.72 -14.44
C7 NAG SA . 76.89 -61.62 -9.85
C8 NAG SA . 77.79 -61.04 -8.80
N2 NAG SA . 76.05 -60.79 -10.45
O3 NAG SA . 76.95 -60.92 -12.96
O4 NAG SA . 74.78 -60.65 -15.16
O5 NAG SA . 72.85 -61.60 -12.20
O6 NAG SA . 70.88 -61.18 -14.35
O7 NAG SA . 76.93 -62.81 -10.16
C1 BMA SA . 76.10 -60.83 -15.83
C2 BMA SA . 76.33 -62.29 -16.24
C3 BMA SA . 77.64 -62.44 -16.94
C4 BMA SA . 77.57 -61.56 -18.18
C5 BMA SA . 77.37 -60.08 -17.75
C6 BMA SA . 77.20 -59.14 -19.00
O2 BMA SA . 75.34 -62.65 -17.08
O3 BMA SA . 77.87 -63.83 -17.32
O4 BMA SA . 78.76 -61.71 -18.89
O5 BMA SA . 76.15 -60.01 -17.02
O6 BMA SA . 77.34 -59.82 -20.30
C1 MAN SA . 78.70 -64.51 -16.32
C2 MAN SA . 80.18 -64.35 -16.70
C3 MAN SA . 80.53 -65.00 -17.99
C4 MAN SA . 80.23 -66.48 -17.84
C5 MAN SA . 78.71 -66.65 -17.48
C6 MAN SA . 78.35 -68.17 -17.24
O2 MAN SA . 80.90 -64.91 -15.73
O3 MAN SA . 81.93 -64.79 -18.26
O4 MAN SA . 80.51 -67.13 -19.02
O5 MAN SA . 78.44 -65.95 -16.24
O6 MAN SA . 79.03 -69.11 -18.15
C1 NAG TA . 76.05 -63.05 14.52
C2 NAG TA . 74.82 -63.66 15.15
C3 NAG TA . 75.01 -63.59 16.61
C4 NAG TA . 76.27 -64.38 17.09
C5 NAG TA . 77.50 -63.81 16.31
C6 NAG TA . 78.77 -64.56 16.59
C7 NAG TA . 72.67 -63.43 14.08
C8 NAG TA . 71.54 -62.53 13.72
N2 NAG TA . 73.65 -62.90 14.79
O3 NAG TA . 73.81 -64.10 17.25
O4 NAG TA . 76.42 -64.12 18.46
O5 NAG TA . 77.30 -63.87 14.90
O6 NAG TA . 79.78 -64.31 15.63
O7 NAG TA . 72.70 -64.61 13.76
C1 NAG TA . 76.61 -65.35 19.25
C2 NAG TA . 76.49 -64.96 20.69
C3 NAG TA . 76.70 -66.11 21.58
C4 NAG TA . 75.59 -67.18 21.20
C5 NAG TA . 75.73 -67.62 19.70
C6 NAG TA . 74.66 -68.59 19.26
C7 NAG TA . 77.19 -62.90 21.71
C8 NAG TA . 78.29 -61.91 21.96
N2 NAG TA . 77.49 -63.95 20.99
O3 NAG TA . 76.58 -65.69 22.95
O4 NAG TA . 75.59 -68.28 22.11
O5 NAG TA . 75.54 -66.43 18.91
O6 NAG TA . 74.69 -68.83 17.86
O7 NAG TA . 76.05 -62.74 22.17
C1 BMA TA . 76.87 -69.02 22.17
C2 BMA TA . 77.45 -68.89 23.59
C3 BMA TA . 78.76 -69.58 23.71
C4 BMA TA . 78.50 -71.04 23.41
C5 BMA TA . 77.92 -71.18 21.98
C6 BMA TA . 77.57 -72.68 21.66
O2 BMA TA . 76.58 -69.46 24.43
O3 BMA TA . 79.28 -69.40 25.05
O4 BMA TA . 79.71 -71.72 23.51
O5 BMA TA . 76.68 -70.43 21.91
O6 BMA TA . 78.59 -73.66 22.10
C1 NAG UA . -9.06 22.46 -47.73
C2 NAG UA . -7.72 23.13 -47.86
C3 NAG UA . -6.83 22.37 -48.77
C4 NAG UA . -6.64 20.96 -48.12
C5 NAG UA . -8.02 20.26 -48.00
C6 NAG UA . -7.92 18.88 -47.41
C7 NAG UA . -7.72 25.55 -47.62
C8 NAG UA . -7.97 26.90 -48.21
N2 NAG UA . -7.91 24.49 -48.38
O3 NAG UA . -5.58 23.09 -48.94
O4 NAG UA . -5.78 20.21 -48.90
O5 NAG UA . -8.85 21.05 -47.15
O6 NAG UA . -6.69 18.25 -47.75
O7 NAG UA . -7.33 25.42 -46.46
C1 NAG VA . 26.64 35.04 -24.11
C2 NAG VA . 25.44 34.16 -23.79
C3 NAG VA . 25.30 33.14 -24.84
C4 NAG VA . 25.09 33.82 -26.24
C5 NAG VA . 26.35 34.68 -26.56
C6 NAG VA . 26.21 35.44 -27.86
C7 NAG VA . 24.68 33.27 -21.68
C8 NAG VA . 25.02 32.53 -20.43
N2 NAG VA . 25.66 33.49 -22.52
O3 NAG VA . 24.20 32.25 -24.51
O4 NAG VA . 24.92 32.83 -27.20
O5 NAG VA . 26.46 35.65 -25.51
O6 NAG VA . 25.60 34.64 -28.86
O7 NAG VA . 23.54 33.67 -21.91
C1 NAG WA . 30.61 63.10 -21.13
C2 NAG WA . 30.55 64.61 -21.16
C3 NAG WA . 31.90 65.17 -20.97
C4 NAG WA . 32.40 64.71 -19.56
C5 NAG WA . 32.44 63.15 -19.50
C6 NAG WA . 32.87 62.64 -18.15
C7 NAG WA . 28.79 65.52 -22.55
C8 NAG WA . 28.31 65.89 -23.91
N2 NAG WA . 30.02 65.05 -22.44
O3 NAG WA . 31.85 66.61 -21.09
O4 NAG WA . 33.67 65.23 -19.34
O5 NAG WA . 31.13 62.65 -19.74
O6 NAG WA . 33.95 63.41 -17.61
O7 NAG WA . 28.07 65.65 -21.56
C1 NAG XA . -7.14 48.50 -3.41
C2 NAG XA . -8.08 48.84 -4.53
C3 NAG XA . -9.35 48.10 -4.33
C4 NAG XA . -9.04 46.56 -4.35
C5 NAG XA . -8.04 46.22 -3.20
C6 NAG XA . -7.65 44.77 -3.19
C7 NAG XA . -7.91 51.05 -5.48
C8 NAG XA . -8.24 52.51 -5.38
N2 NAG XA . -8.36 50.26 -4.53
O3 NAG XA . -10.30 48.49 -5.37
O4 NAG XA . -10.23 45.86 -4.18
O5 NAG XA . -6.85 46.98 -3.43
O6 NAG XA . -8.75 43.93 -3.51
O7 NAG XA . -7.25 50.59 -6.42
C1 NAG YA . 2.28 36.64 -9.41
C2 NAG YA . 0.98 36.47 -8.69
C3 NAG YA . 0.62 35.04 -8.64
C4 NAG YA . 0.48 34.54 -10.12
C5 NAG YA . 1.83 34.73 -10.87
C6 NAG YA . 1.75 34.30 -12.31
C7 NAG YA . 0.55 38.10 -6.96
C8 NAG YA . 0.81 38.57 -5.57
N2 NAG YA . 1.12 36.98 -7.33
O3 NAG YA . -0.61 34.87 -7.89
O4 NAG YA . 0.10 33.21 -10.11
O5 NAG YA . 2.17 36.12 -10.86
O6 NAG YA . 0.99 33.11 -12.46
O7 NAG YA . -0.18 38.72 -7.73
C1 NAG ZA . 51.79 18.18 -5.57
C2 NAG ZA . 52.65 18.64 -6.70
C3 NAG ZA . 54.01 18.92 -6.20
C4 NAG ZA . 53.91 20.04 -5.10
C5 NAG ZA . 53.01 19.53 -3.93
C6 NAG ZA . 52.84 20.57 -2.87
C7 NAG ZA . 52.77 17.90 -9.00
C8 NAG ZA . 52.86 16.76 -9.96
N2 NAG ZA . 52.72 17.61 -7.72
O3 NAG ZA . 54.88 19.31 -7.30
O4 NAG ZA . 55.18 20.33 -4.64
O5 NAG ZA . 51.71 19.26 -4.46
O6 NAG ZA . 54.02 21.34 -2.66
O7 NAG ZA . 52.76 19.07 -9.39
C1 NAG AB . -4.52 39.16 36.75
C2 NAG AB . -4.12 38.12 37.80
C3 NAG AB . -2.71 38.36 38.20
C4 NAG AB . -1.86 38.17 36.96
C5 NAG AB . -2.25 39.23 35.89
C6 NAG AB . -1.38 39.15 34.67
C7 NAG AB . -5.46 37.12 39.55
C8 NAG AB . -6.11 37.33 40.87
N2 NAG AB . -4.91 38.20 39.00
O3 NAG AB . -2.34 37.49 39.32
O4 NAG AB . -0.53 38.33 37.33
O5 NAG AB . -3.61 38.99 35.52
O6 NAG AB . -0.02 39.51 34.96
O7 NAG AB . -5.44 36.02 38.97
C1 NAG BB . 0.03 -0.17 61.61
C2 NAG BB . 1.37 -0.70 61.19
C3 NAG BB . 2.43 0.25 61.61
C4 NAG BB . 2.17 1.61 60.87
C5 NAG BB . 0.78 2.17 61.30
C6 NAG BB . 0.44 3.45 60.58
C7 NAG BB . 2.44 -2.87 61.37
C8 NAG BB . 2.55 -4.17 62.10
N2 NAG BB . 1.59 -1.99 61.84
O3 NAG BB . 3.74 -0.30 61.30
O4 NAG BB . 3.17 2.51 61.23
O5 NAG BB . -0.20 1.20 60.92
O6 NAG BB . 1.56 4.31 60.46
O7 NAG BB . 3.11 -2.62 60.37
C1 NAG CB . 7.12 -1.02 50.31
C2 NAG CB . 7.39 0.40 49.93
C3 NAG CB . 8.56 0.89 50.67
C4 NAG CB . 8.25 0.81 52.21
C5 NAG CB . 7.96 -0.67 52.60
C6 NAG CB . 7.57 -0.82 54.05
C7 NAG CB . 6.81 1.04 47.66
C8 NAG CB . 7.19 1.08 46.21
N2 NAG CB . 7.66 0.49 48.50
O3 NAG CB . 8.89 2.24 50.26
O4 NAG CB . 9.35 1.28 52.92
O5 NAG CB . 6.84 -1.12 51.83
O6 NAG CB . 8.42 -0.06 54.91
O7 NAG CB . 5.74 1.51 48.07
C1 NAG DB . -31.48 1.19 34.24
C2 NAG DB . -31.97 2.57 34.57
C3 NAG DB . -32.31 3.28 33.32
C4 NAG DB . -31.00 3.37 32.47
C5 NAG DB . -30.47 1.94 32.14
C6 NAG DB . -29.17 1.96 31.37
C7 NAG DB . -33.09 2.80 36.70
C8 NAG DB . -34.35 2.61 37.50
N2 NAG DB . -33.15 2.48 35.42
O3 NAG DB . -32.85 4.59 33.64
O4 NAG DB . -31.30 4.06 31.29
O5 NAG DB . -30.20 1.28 33.37
O6 NAG DB . -28.44 0.76 31.49
O7 NAG DB . -32.05 3.23 37.20
C1 NAG EB . -15.93 4.69 35.51
C2 NAG EB . -16.00 5.25 34.11
C3 NAG EB . -14.90 6.21 33.90
C4 NAG EB . -15.05 7.38 34.93
C5 NAG EB . -14.98 6.79 36.37
C6 NAG EB . -15.17 7.87 37.42
C7 NAG EB . -16.93 3.81 32.40
C8 NAG EB . -16.73 2.67 31.46
N2 NAG EB . -15.91 4.17 33.14
O3 NAG EB . -14.94 6.68 32.52
O4 NAG EB . -14.02 8.29 34.72
O5 NAG EB . -16.05 5.85 36.54
O6 NAG EB . -14.53 9.07 37.05
O7 NAG EB . -18.01 4.41 32.48
C1 NAG FB . 27.69 -27.66 37.74
C2 NAG FB . 28.47 -27.40 38.99
C3 NAG FB . 29.07 -28.66 39.46
C4 NAG FB . 27.91 -29.67 39.75
C5 NAG FB . 27.11 -29.93 38.43
C6 NAG FB . 25.96 -30.88 38.64
C7 NAG FB . 29.96 -25.61 39.62
C8 NAG FB . 31.06 -24.67 39.23
N2 NAG FB . 29.53 -26.44 38.70
O3 NAG FB . 29.89 -28.41 40.64
O4 NAG FB . 28.45 -30.85 40.23
O5 NAG FB . 26.57 -28.70 37.99
O6 NAG FB . 26.29 -31.94 39.53
O7 NAG FB . 29.48 -25.62 40.76
C1 NAG GB . -38.09 -36.73 14.63
C2 NAG GB . -37.55 -37.28 13.34
C3 NAG GB . -37.22 -38.75 13.53
C4 NAG GB . -36.08 -38.81 14.57
C5 NAG GB . -36.61 -38.29 15.92
C6 NAG GB . -35.56 -38.30 17.01
C7 NAG GB . -38.10 -36.82 11.03
C8 NAG GB . -39.15 -36.86 9.94
N2 NAG GB . -38.49 -37.18 12.27
O3 NAG GB . -36.88 -39.33 12.21
O4 NAG GB . -35.58 -40.08 14.69
O5 NAG GB . -37.01 -36.92 15.72
O6 NAG GB . -34.78 -39.50 17.04
O7 NAG GB . -36.92 -36.50 10.81
C1 NAG HB . -10.58 -41.69 -24.01
C2 NAG HB . -11.33 -41.80 -22.70
C3 NAG HB . -11.29 -43.17 -22.20
C4 NAG HB . -12.02 -44.06 -23.27
C5 NAG HB . -11.24 -43.99 -24.63
C6 NAG HB . -11.93 -44.78 -25.72
C7 NAG HB . -11.36 -39.82 -21.28
C8 NAG HB . -10.63 -38.94 -20.30
N2 NAG HB . -10.72 -40.89 -21.74
O3 NAG HB . -11.92 -43.24 -20.91
O4 NAG HB . -12.07 -45.39 -22.78
O5 NAG HB . -11.21 -42.64 -25.06
O6 NAG HB . -12.28 -46.10 -25.32
O7 NAG HB . -12.50 -39.57 -21.64
C1 NAG IB . -25.07 -49.52 -45.35
C2 NAG IB . -26.13 -50.27 -46.11
C3 NAG IB . -25.56 -51.60 -46.41
C4 NAG IB . -24.21 -51.43 -47.21
C5 NAG IB . -23.19 -50.56 -46.43
C6 NAG IB . -21.96 -50.26 -47.24
C7 NAG IB . -28.47 -49.86 -45.64
C8 NAG IB . -29.60 -49.97 -44.68
N2 NAG IB . -27.31 -50.35 -45.25
O3 NAG IB . -26.54 -52.38 -47.17
O4 NAG IB . -23.66 -52.70 -47.44
O5 NAG IB . -23.80 -49.33 -46.15
O6 NAG IB . -21.22 -51.42 -47.58
O7 NAG IB . -28.58 -49.32 -46.75
C1 NAG JB . 22.89 -37.31 -29.13
C2 NAG JB . 23.07 -38.80 -29.04
C3 NAG JB . 23.98 -39.26 -30.10
C4 NAG JB . 23.31 -38.87 -31.47
C5 NAG JB . 23.13 -37.33 -31.55
C6 NAG JB . 22.46 -36.91 -32.84
C7 NAG JB . 23.21 -40.19 -27.06
C8 NAG JB . 23.78 -40.40 -25.70
N2 NAG JB . 23.61 -39.14 -27.72
O3 NAG JB . 24.21 -40.68 -29.98
O4 NAG JB . 24.12 -39.32 -32.51
O5 NAG JB . 22.28 -36.91 -30.49
O6 NAG JB . 22.88 -37.71 -33.94
O7 NAG JB . 22.40 -40.99 -27.55
#